data_8ZMP
#
_entry.id   8ZMP
#
_cell.length_a   1.00
_cell.length_b   1.00
_cell.length_c   1.00
_cell.angle_alpha   90.00
_cell.angle_beta   90.00
_cell.angle_gamma   90.00
#
_symmetry.space_group_name_H-M   'P 1'
#
loop_
_entity.id
_entity.type
_entity.pdbx_description
1 polymer 'Spike glycoprotein'
2 branched 2-acetamido-2-deoxy-beta-D-glucopyranose-(1-4)-2-acetamido-2-deoxy-beta-D-glucopyranose
3 branched beta-D-mannopyranose-(1-4)-2-acetamido-2-deoxy-beta-D-glucopyranose-(1-4)-2-acetamido-2-deoxy-beta-D-glucopyranose
4 branched alpha-D-mannopyranose-(1-3)-beta-D-mannopyranose-(1-4)-2-acetamido-2-deoxy-beta-D-glucopyranose-(1-4)-2-acetamido-2-deoxy-beta-D-glucopyranose
5 non-polymer 'LINOLEIC ACID'
6 non-polymer 2-acetamido-2-deoxy-beta-D-glucopyranose
#
_entity_poly.entity_id   1
_entity_poly.type   'polypeptide(L)'
_entity_poly.pdbx_seq_one_letter_code
;MKCLDFDDRTPPANTQFLSSHRGVYYPDDIFRSNVLHLVQDHFLPFDSNVTRFITFGLNFDNPIIPFKDGIYFAATEKSN
VIRGWVFGSTMNNKSQSVIIMNNSTNLVIRACNFELCDNPFFVVLKSNNTQIPSYIFNNAFNCTFEYVSKDFNLDLGEKP
GNFKDLREFVFRNKDGFLHVYSGYQPISAASGLPTGFNALKPIFKLPLGINITNFRTLLTAFPPRPDYWGTSAAAYFVGY
LKPTTFMLKYDENGTITDAVDCSQNPLAELKCSVKSFEIDKGIYQTSNFRVAPSKEVVRFPNITNLCPFGEVFNATTFPS
VYAWERKRISNCVADYSVLYNSTSFSTFKCYGVSATKLNDLCFSNVYADSFVVKGDDVRQIAPGQTGVIADYNYKLPDDF
TGCVLAWNTRNIDATQTGNYNYKYRSLRHGKLRPFERDISNVPFSPDGKPCTPPAFNCYWPLNDYGFYITNGIGYQPYRV
VVLSFELLNAPATVCGPKLSTDLIKNQCVNFNFNGLTGTGVLTPSSKRFQPFQQFGRDVSDFTDSVRDPKTSEILDISPC
SFGGVSVITPGTNTSSEVAVLYQDVNCTDVPVAIHADQLTPSWRVHSTGNNVFQTQAGCLIGAEHVDTSYECDIPIGAGI
CASYHTVSSLRSTSQKSIVAYTMSLGADSSIAYSNNTIAIPTNFSISITTEVMPVSMAKTSVDCNMYICGDSTECANLLL
QYGSFCTQLNRALSGIAVEQDRNTREVFAQVKQMYKTPTLKDFGGFNFSQILPDPLKPTKRSFIEDLLFNKVTLADAGFM
KQYGECLGDINARDLICAQKFNGLTVLPPLLTDDMIAAYTAALVSGTATAGWTFGAGAALQIPFAMQMAYRFNGIGVTQN
VLYENQKQIANQFNKAISQIQESLTTTSTALGKLQDVVNQNAQALNTLVKQLSSNFGAISSVLNDILSRLDKVEAEVQID
RLITGRLQSLQTYVTQQLIRAAEIRASANLAATKMSECVLGQSKRVDFCGKGYHLMSFPQAAPHGVVFLHVTYVPSQERN
FTTAPAICHEGKAYFPREGVFVFNGTSWFITQRNFFSPQIITTDNTFVSGSCDVVIGIINNTVYDPLQPELDSFKEELDK
YFKNHTSPDVDLGDISGINASVVNIQKEIDRLNEVAKNLNESLIDLQELGKYEQYIKGGSGYIPEAPRDGQAYVRKDGEW
VLLSTFLHHHHHH
;
_entity_poly.pdbx_strand_id   A,B,C
#
# COMPACT_ATOMS: atom_id res chain seq x y z
N CYS A 3 -40.23 -53.38 27.65
CA CYS A 3 -41.52 -52.86 28.08
C CYS A 3 -41.52 -52.57 29.57
N LEU A 4 -41.26 -51.31 29.93
CA LEU A 4 -41.25 -50.89 31.32
C LEU A 4 -41.58 -49.40 31.39
N ASP A 5 -42.06 -48.98 32.55
CA ASP A 5 -42.44 -47.59 32.76
C ASP A 5 -42.48 -47.31 34.26
N PHE A 6 -42.62 -46.04 34.60
CA PHE A 6 -42.70 -45.60 35.98
C PHE A 6 -44.03 -44.87 36.20
N ASP A 7 -44.79 -45.30 37.21
CA ASP A 7 -46.05 -44.66 37.54
C ASP A 7 -45.86 -43.53 38.55
N ASP A 8 -45.07 -43.75 39.60
CA ASP A 8 -44.76 -42.70 40.54
C ASP A 8 -43.82 -41.69 39.89
N ARG A 9 -44.19 -40.41 39.98
CA ARG A 9 -43.45 -39.35 39.31
C ARG A 9 -43.13 -38.23 40.29
N THR A 10 -42.07 -37.49 39.99
CA THR A 10 -41.66 -36.33 40.76
C THR A 10 -41.30 -35.21 39.79
N PRO A 11 -41.78 -33.99 40.02
CA PRO A 11 -41.53 -32.89 39.08
C PRO A 11 -40.04 -32.61 38.96
N PRO A 12 -39.56 -32.31 37.75
CA PRO A 12 -38.14 -31.99 37.58
C PRO A 12 -37.76 -30.72 38.34
N ALA A 13 -36.54 -30.73 38.90
CA ALA A 13 -36.07 -29.56 39.63
C ALA A 13 -35.76 -28.41 38.68
N ASN A 14 -35.03 -28.68 37.60
CA ASN A 14 -34.65 -27.68 36.61
C ASN A 14 -33.95 -26.49 37.27
N THR A 15 -32.99 -26.80 38.13
CA THR A 15 -32.22 -25.78 38.84
C THR A 15 -31.16 -25.20 37.92
N GLN A 16 -31.07 -23.87 37.88
CA GLN A 16 -30.12 -23.17 37.04
C GLN A 16 -28.95 -22.70 37.89
N PHE A 17 -27.73 -22.93 37.41
CA PHE A 17 -26.51 -22.52 38.08
C PHE A 17 -25.62 -21.77 37.09
N LEU A 18 -24.39 -21.47 37.53
CA LEU A 18 -23.43 -20.73 36.75
C LEU A 18 -22.17 -21.55 36.54
N SER A 19 -21.55 -21.39 35.37
CA SER A 19 -20.32 -22.07 35.02
C SER A 19 -19.16 -21.08 35.11
N SER A 20 -18.12 -21.45 35.85
CA SER A 20 -16.99 -20.56 36.08
C SER A 20 -15.96 -20.73 34.95
N HIS A 21 -16.33 -20.19 33.79
CA HIS A 21 -15.48 -20.13 32.60
C HIS A 21 -14.83 -21.49 32.30
N ARG A 22 -15.63 -22.54 32.31
CA ARG A 22 -15.19 -23.89 32.01
C ARG A 22 -15.90 -24.41 30.76
N GLY A 23 -15.24 -25.32 30.06
CA GLY A 23 -15.85 -25.96 28.90
C GLY A 23 -15.17 -25.68 27.58
N VAL A 24 -13.85 -25.52 27.59
CA VAL A 24 -13.09 -25.30 26.38
C VAL A 24 -12.52 -26.64 25.90
N TYR A 25 -12.18 -26.69 24.61
CA TYR A 25 -11.62 -27.90 24.01
C TYR A 25 -10.57 -27.51 22.99
N TYR A 26 -9.74 -28.48 22.62
CA TYR A 26 -8.68 -28.24 21.65
C TYR A 26 -9.30 -28.03 20.27
N PRO A 27 -9.04 -26.91 19.60
CA PRO A 27 -9.68 -26.65 18.30
C PRO A 27 -9.21 -27.59 17.20
N ASP A 28 -7.90 -27.69 17.01
CA ASP A 28 -7.34 -28.48 15.92
C ASP A 28 -6.24 -29.38 16.46
N ASP A 29 -5.79 -30.29 15.60
CA ASP A 29 -4.76 -31.28 15.96
C ASP A 29 -3.37 -30.77 15.54
N ILE A 30 -3.00 -29.61 16.06
CA ILE A 30 -1.72 -28.98 15.78
C ILE A 30 -1.07 -28.59 17.11
N PHE A 31 0.19 -28.98 17.28
CA PHE A 31 0.93 -28.70 18.51
C PHE A 31 1.37 -27.24 18.53
N ARG A 32 0.96 -26.51 19.56
CA ARG A 32 1.37 -25.13 19.77
C ARG A 32 1.74 -24.93 21.22
N SER A 33 2.90 -24.33 21.47
CA SER A 33 3.40 -24.12 22.81
C SER A 33 3.91 -22.70 22.97
N ASN A 34 3.69 -22.12 24.16
CA ASN A 34 4.14 -20.78 24.51
C ASN A 34 3.65 -19.75 23.49
N VAL A 35 2.35 -19.80 23.20
CA VAL A 35 1.73 -18.87 22.25
C VAL A 35 0.28 -18.66 22.66
N LEU A 36 -0.20 -17.43 22.48
CA LEU A 36 -1.59 -17.08 22.73
C LEU A 36 -2.35 -17.11 21.41
N HIS A 37 -3.29 -18.04 21.28
CA HIS A 37 -4.00 -18.27 20.04
C HIS A 37 -5.42 -17.74 20.14
N LEU A 38 -5.88 -17.08 19.08
CA LEU A 38 -7.24 -16.56 19.01
C LEU A 38 -8.03 -17.40 18.02
N VAL A 39 -9.16 -17.95 18.48
CA VAL A 39 -9.98 -18.84 17.68
C VAL A 39 -11.43 -18.37 17.72
N GLN A 40 -12.20 -18.79 16.72
CA GLN A 40 -13.61 -18.47 16.61
C GLN A 40 -14.36 -19.74 16.24
N ASP A 41 -15.11 -20.29 17.19
CA ASP A 41 -15.84 -21.53 16.99
C ASP A 41 -17.01 -21.54 17.97
N HIS A 42 -17.72 -22.66 18.04
CA HIS A 42 -18.84 -22.82 18.97
C HIS A 42 -18.30 -23.19 20.34
N PHE A 43 -18.37 -22.24 21.28
CA PHE A 43 -17.86 -22.44 22.63
C PHE A 43 -18.97 -22.15 23.63
N LEU A 44 -18.80 -22.68 24.83
CA LEU A 44 -19.73 -22.40 25.92
C LEU A 44 -19.48 -21.00 26.46
N PRO A 45 -20.47 -20.11 26.45
CA PRO A 45 -20.24 -18.74 26.94
C PRO A 45 -19.84 -18.73 28.41
N PHE A 46 -18.97 -17.80 28.75
CA PHE A 46 -18.49 -17.68 30.12
C PHE A 46 -19.61 -17.19 31.03
N ASP A 47 -19.74 -17.82 32.20
CA ASP A 47 -20.76 -17.47 33.19
C ASP A 47 -22.16 -17.53 32.58
N SER A 48 -22.54 -18.73 32.15
CA SER A 48 -23.83 -18.98 31.52
C SER A 48 -24.66 -19.93 32.36
N ASN A 49 -25.96 -19.94 32.08
CA ASN A 49 -26.86 -20.84 32.78
C ASN A 49 -26.54 -22.29 32.48
N VAL A 50 -26.70 -23.15 33.48
CA VAL A 50 -26.62 -24.60 33.31
C VAL A 50 -27.78 -25.24 34.05
N THR A 51 -28.55 -26.06 33.35
CA THR A 51 -29.73 -26.71 33.92
C THR A 51 -29.30 -28.03 34.55
N ARG A 52 -29.53 -28.18 35.85
CA ARG A 52 -29.12 -29.37 36.58
C ARG A 52 -30.30 -30.29 36.80
N PHE A 53 -30.05 -31.59 36.67
CA PHE A 53 -31.04 -32.63 36.95
C PHE A 53 -30.46 -33.57 37.99
N ILE A 54 -31.21 -33.80 39.06
CA ILE A 54 -30.72 -34.49 40.25
C ILE A 54 -31.58 -35.73 40.51
N THR A 55 -30.93 -36.82 40.85
CA THR A 55 -31.60 -38.09 41.19
C THR A 55 -31.52 -38.31 42.71
N PHE A 56 -32.04 -39.48 43.12
CA PHE A 56 -32.01 -39.95 44.50
C PHE A 56 -32.99 -39.18 45.38
N GLY A 57 -33.54 -38.08 44.87
CA GLY A 57 -34.58 -37.37 45.58
C GLY A 57 -35.95 -37.75 45.06
N LEU A 58 -36.11 -39.05 44.78
CA LEU A 58 -37.29 -39.61 44.11
C LEU A 58 -37.49 -39.04 42.72
N ASN A 59 -36.48 -38.35 42.17
CA ASN A 59 -36.59 -37.66 40.89
C ASN A 59 -35.83 -38.45 39.83
N PHE A 60 -36.52 -39.43 39.23
CA PHE A 60 -35.99 -40.12 38.06
C PHE A 60 -36.44 -39.34 36.84
N ASP A 61 -35.63 -38.34 36.46
CA ASP A 61 -36.04 -37.37 35.45
C ASP A 61 -36.01 -37.97 34.05
N ASN A 62 -34.82 -38.34 33.57
CA ASN A 62 -34.53 -38.86 32.24
C ASN A 62 -35.37 -38.25 31.11
N PRO A 63 -35.53 -36.91 31.06
CA PRO A 63 -36.41 -36.33 30.05
C PRO A 63 -35.69 -36.09 28.73
N ILE A 64 -36.40 -35.50 27.76
CA ILE A 64 -35.80 -35.11 26.49
C ILE A 64 -35.35 -33.66 26.59
N ILE A 65 -34.13 -33.39 26.12
CA ILE A 65 -33.52 -32.06 26.18
C ILE A 65 -33.19 -31.65 24.76
N PRO A 66 -33.56 -30.44 24.32
CA PRO A 66 -33.24 -30.01 22.96
C PRO A 66 -31.73 -29.97 22.72
N PHE A 67 -31.35 -30.28 21.49
CA PHE A 67 -29.94 -30.31 21.07
C PHE A 67 -29.78 -29.24 19.98
N LYS A 68 -29.52 -28.01 20.40
CA LYS A 68 -29.36 -26.89 19.48
C LYS A 68 -27.88 -26.48 19.46
N ASP A 69 -27.23 -26.66 18.32
CA ASP A 69 -25.84 -26.29 18.10
C ASP A 69 -24.90 -26.95 19.09
N GLY A 70 -25.24 -28.15 19.57
CA GLY A 70 -24.40 -28.86 20.49
C GLY A 70 -24.73 -28.55 21.95
N ILE A 71 -24.30 -29.44 22.83
CA ILE A 71 -24.51 -29.31 24.26
C ILE A 71 -23.20 -29.58 24.98
N TYR A 72 -23.13 -29.13 26.24
CA TYR A 72 -22.01 -29.41 27.12
C TYR A 72 -22.54 -30.23 28.29
N PHE A 73 -22.16 -31.52 28.33
CA PHE A 73 -22.67 -32.46 29.32
C PHE A 73 -21.61 -32.67 30.38
N ALA A 74 -21.88 -32.16 31.58
CA ALA A 74 -20.99 -32.33 32.74
C ALA A 74 -21.78 -33.06 33.82
N ALA A 75 -21.32 -34.25 34.19
CA ALA A 75 -21.98 -35.09 35.17
C ALA A 75 -21.06 -35.34 36.35
N THR A 76 -21.55 -35.07 37.56
CA THR A 76 -20.82 -35.35 38.79
C THR A 76 -21.55 -36.45 39.55
N GLU A 77 -20.83 -37.50 39.91
CA GLU A 77 -21.43 -38.66 40.55
C GLU A 77 -20.35 -39.50 41.22
N LYS A 78 -20.59 -39.89 42.47
CA LYS A 78 -19.69 -40.80 43.16
C LYS A 78 -19.93 -42.26 42.78
N SER A 79 -21.07 -42.56 42.16
CA SER A 79 -21.38 -43.90 41.69
C SER A 79 -21.84 -43.82 40.24
N ASN A 80 -21.63 -44.90 39.50
CA ASN A 80 -21.96 -44.95 38.08
C ASN A 80 -23.47 -45.09 37.93
N VAL A 81 -24.15 -43.95 37.84
CA VAL A 81 -25.59 -43.91 37.64
C VAL A 81 -25.93 -43.50 36.21
N ILE A 82 -25.12 -42.65 35.60
CA ILE A 82 -25.30 -42.23 34.22
C ILE A 82 -24.32 -43.03 33.36
N ARG A 83 -24.83 -43.70 32.33
CA ARG A 83 -24.03 -44.65 31.57
C ARG A 83 -24.18 -44.48 30.07
N GLY A 84 -24.56 -43.31 29.60
CA GLY A 84 -24.60 -43.05 28.17
C GLY A 84 -25.75 -42.13 27.82
N TRP A 85 -25.96 -41.97 26.52
CA TRP A 85 -26.98 -41.06 25.99
C TRP A 85 -27.64 -41.70 24.78
N VAL A 86 -28.73 -41.09 24.33
CA VAL A 86 -29.38 -41.44 23.08
C VAL A 86 -29.68 -40.16 22.32
N PHE A 87 -29.28 -40.11 21.05
CA PHE A 87 -29.45 -38.94 20.21
C PHE A 87 -30.36 -39.30 19.05
N GLY A 88 -31.38 -38.47 18.81
CA GLY A 88 -32.31 -38.71 17.74
C GLY A 88 -33.13 -37.47 17.44
N SER A 89 -33.95 -37.58 16.39
CA SER A 89 -34.80 -36.47 15.99
C SER A 89 -36.17 -36.56 16.64
N THR A 90 -36.89 -37.66 16.42
CA THR A 90 -38.22 -37.85 16.97
C THR A 90 -38.28 -38.92 18.05
N MET A 91 -37.19 -39.66 18.27
CA MET A 91 -37.09 -40.71 19.28
C MET A 91 -38.08 -41.86 19.05
N ASN A 92 -38.73 -41.91 17.91
CA ASN A 92 -39.62 -43.01 17.56
C ASN A 92 -38.87 -43.99 16.67
N ASN A 93 -39.59 -44.98 16.12
CA ASN A 93 -39.00 -45.91 15.16
C ASN A 93 -39.24 -45.48 13.72
N LYS A 94 -39.52 -44.20 13.50
CA LYS A 94 -39.66 -43.64 12.16
C LYS A 94 -38.49 -42.74 11.76
N SER A 95 -37.59 -42.45 12.68
CA SER A 95 -36.40 -41.65 12.40
C SER A 95 -35.20 -42.31 13.06
N GLN A 96 -34.08 -42.32 12.34
CA GLN A 96 -32.88 -42.98 12.85
C GLN A 96 -32.33 -42.25 14.07
N SER A 97 -31.87 -43.04 15.04
CA SER A 97 -31.29 -42.50 16.27
C SER A 97 -30.04 -43.28 16.61
N VAL A 98 -29.08 -42.59 17.21
CA VAL A 98 -27.79 -43.17 17.61
C VAL A 98 -27.74 -43.24 19.12
N ILE A 99 -27.43 -44.41 19.66
CA ILE A 99 -27.34 -44.62 21.10
C ILE A 99 -25.91 -45.02 21.45
N ILE A 100 -25.45 -44.56 22.61
CA ILE A 100 -24.14 -44.90 23.15
C ILE A 100 -24.36 -45.34 24.59
N MET A 101 -24.10 -46.60 24.87
CA MET A 101 -24.31 -47.17 26.21
C MET A 101 -22.99 -47.70 26.75
N ASN A 102 -22.72 -47.39 28.01
CA ASN A 102 -21.54 -47.92 28.70
C ASN A 102 -21.88 -49.19 29.48
N ASN A 103 -22.50 -50.16 28.81
CA ASN A 103 -22.72 -51.46 29.44
C ASN A 103 -21.37 -52.15 29.62
N SER A 104 -21.23 -52.85 30.75
CA SER A 104 -19.93 -53.35 31.17
C SER A 104 -19.32 -54.30 30.13
N THR A 105 -18.01 -54.48 30.24
CA THR A 105 -17.16 -55.35 29.42
C THR A 105 -16.98 -54.85 28.00
N ASN A 106 -17.48 -53.67 27.65
CA ASN A 106 -17.23 -53.03 26.35
C ASN A 106 -17.86 -51.64 26.37
N LEU A 107 -17.86 -50.98 25.22
CA LEU A 107 -18.60 -49.76 24.99
C LEU A 107 -19.26 -49.85 23.62
N VAL A 108 -20.56 -49.62 23.56
CA VAL A 108 -21.37 -49.89 22.38
C VAL A 108 -21.85 -48.58 21.79
N ILE A 109 -21.62 -48.40 20.49
CA ILE A 109 -22.16 -47.30 19.71
C ILE A 109 -22.95 -47.89 18.55
N ARG A 110 -24.21 -47.60 18.42
CA ARG A 110 -24.93 -48.22 17.36
C ARG A 110 -25.94 -47.30 16.89
N ALA A 111 -26.31 -47.33 15.64
CA ALA A 111 -27.23 -46.35 15.15
C ALA A 111 -28.19 -46.95 14.26
N CYS A 112 -29.44 -46.92 14.57
CA CYS A 112 -30.37 -47.60 13.77
C CYS A 112 -31.75 -47.15 14.11
N ASN A 113 -32.75 -47.57 13.40
CA ASN A 113 -34.14 -47.18 13.65
C ASN A 113 -34.62 -47.93 14.88
N PHE A 114 -34.45 -47.31 16.05
CA PHE A 114 -34.65 -47.97 17.33
C PHE A 114 -36.06 -47.72 17.85
N GLU A 115 -36.66 -48.77 18.40
CA GLU A 115 -37.96 -48.67 19.06
C GLU A 115 -37.72 -48.28 20.52
N LEU A 116 -37.65 -46.98 20.75
CA LEU A 116 -37.41 -46.47 22.10
C LEU A 116 -38.58 -46.84 23.02
N CYS A 117 -38.25 -47.25 24.24
CA CYS A 117 -39.26 -47.64 25.21
C CYS A 117 -39.87 -46.45 25.95
N ASP A 118 -39.46 -45.23 25.61
CA ASP A 118 -40.01 -43.99 26.17
C ASP A 118 -39.53 -43.80 27.60
N ASN A 119 -38.86 -44.81 28.16
CA ASN A 119 -38.34 -44.75 29.52
C ASN A 119 -37.11 -45.64 29.61
N PRO A 120 -35.93 -45.10 29.29
CA PRO A 120 -34.71 -45.91 29.34
C PRO A 120 -34.45 -46.43 30.75
N PHE A 121 -33.84 -47.62 30.82
CA PHE A 121 -33.68 -48.31 32.09
C PHE A 121 -32.32 -48.97 32.15
N PHE A 122 -31.78 -49.07 33.37
CA PHE A 122 -30.56 -49.81 33.64
C PHE A 122 -30.62 -50.27 35.08
N VAL A 123 -30.94 -51.55 35.27
CA VAL A 123 -31.29 -52.09 36.58
C VAL A 123 -30.08 -52.82 37.16
N VAL A 124 -29.75 -52.51 38.41
CA VAL A 124 -28.75 -53.23 39.16
C VAL A 124 -29.18 -53.23 40.62
N LEU A 125 -29.12 -54.41 41.25
CA LEU A 125 -29.59 -54.58 42.62
C LEU A 125 -28.46 -54.33 43.61
N LYS A 126 -28.80 -53.70 44.74
CA LYS A 126 -27.79 -53.37 45.73
C LYS A 126 -27.47 -54.55 46.64
N SER A 127 -28.22 -55.65 46.53
CA SER A 127 -27.98 -56.80 47.40
C SER A 127 -26.64 -57.46 47.07
N ASN A 128 -26.40 -57.73 45.79
CA ASN A 128 -25.15 -58.36 45.36
C ASN A 128 -24.32 -57.46 44.46
N ASN A 129 -24.78 -56.23 44.19
CA ASN A 129 -24.07 -55.28 43.33
C ASN A 129 -23.75 -55.88 41.97
N THR A 130 -24.74 -56.58 41.41
CA THR A 130 -24.59 -57.26 40.13
C THR A 130 -25.63 -56.71 39.15
N GLN A 131 -25.19 -56.47 37.91
CA GLN A 131 -26.07 -55.94 36.88
C GLN A 131 -26.89 -57.06 36.26
N ILE A 132 -28.18 -56.78 36.05
CA ILE A 132 -29.09 -57.74 35.43
C ILE A 132 -29.64 -57.11 34.16
N PRO A 133 -30.08 -57.90 33.18
CA PRO A 133 -30.49 -57.33 31.89
C PRO A 133 -31.63 -56.34 32.04
N SER A 134 -31.61 -55.30 31.21
CA SER A 134 -32.62 -54.26 31.15
C SER A 134 -33.12 -54.11 29.72
N TYR A 135 -34.09 -53.22 29.53
CA TYR A 135 -34.71 -52.98 28.23
C TYR A 135 -34.59 -51.50 27.90
N ILE A 136 -33.88 -51.15 26.83
CA ILE A 136 -33.87 -49.73 26.42
C ILE A 136 -34.69 -49.65 25.16
N PHE A 137 -34.65 -50.69 24.33
CA PHE A 137 -35.45 -50.72 23.10
C PHE A 137 -35.99 -52.10 22.79
N ASN A 138 -37.04 -52.14 22.00
CA ASN A 138 -37.67 -53.40 21.65
C ASN A 138 -37.38 -53.98 20.22
N ASN A 139 -36.95 -53.18 19.24
CA ASN A 139 -36.63 -53.71 17.91
C ASN A 139 -35.52 -52.88 17.30
N ALA A 140 -35.00 -53.21 16.12
CA ALA A 140 -33.87 -52.47 15.55
C ALA A 140 -34.07 -52.04 14.15
N PHE A 141 -34.75 -52.82 13.35
CA PHE A 141 -35.07 -52.36 12.06
C PHE A 141 -33.79 -52.03 11.31
N ASN A 142 -33.77 -51.01 10.46
CA ASN A 142 -32.64 -50.66 9.59
C ASN A 142 -31.38 -50.11 10.21
N CYS A 143 -30.22 -50.67 9.93
CA CYS A 143 -28.98 -50.24 10.61
C CYS A 143 -27.93 -49.56 9.76
N THR A 144 -27.04 -48.76 10.33
CA THR A 144 -26.11 -48.02 9.60
C THR A 144 -24.83 -47.69 10.27
N PHE A 145 -24.54 -48.24 11.46
CA PHE A 145 -23.25 -48.05 12.18
C PHE A 145 -23.14 -49.04 13.26
N GLU A 146 -21.96 -49.23 13.76
CA GLU A 146 -21.77 -50.17 14.81
C GLU A 146 -20.39 -50.11 15.27
N TYR A 147 -20.17 -50.30 16.54
CA TYR A 147 -18.81 -50.21 17.08
C TYR A 147 -18.81 -50.78 18.49
N VAL A 148 -17.89 -51.71 18.75
CA VAL A 148 -17.73 -52.32 20.07
C VAL A 148 -16.29 -52.11 20.51
N SER A 149 -16.11 -51.57 21.70
CA SER A 149 -14.79 -51.23 22.21
C SER A 149 -14.20 -52.40 23.01
N LYS A 150 -13.10 -52.14 23.71
CA LYS A 150 -12.44 -53.17 24.49
C LYS A 150 -13.15 -53.36 25.83
N ASP A 151 -12.73 -54.38 26.57
CA ASP A 151 -13.42 -54.82 27.78
C ASP A 151 -12.88 -54.09 29.01
N PHE A 152 -13.79 -53.65 29.87
CA PHE A 152 -13.43 -53.09 31.16
C PHE A 152 -14.60 -53.29 32.12
N ASN A 153 -14.31 -53.22 33.42
CA ASN A 153 -15.31 -53.38 34.46
C ASN A 153 -15.32 -52.15 35.35
N LEU A 154 -16.48 -51.53 35.49
CA LEU A 154 -16.67 -50.36 36.34
C LEU A 154 -17.37 -50.78 37.62
N ASP A 155 -16.93 -50.22 38.75
CA ASP A 155 -17.45 -50.64 40.04
C ASP A 155 -18.89 -50.21 40.23
N LEU A 156 -19.76 -51.19 40.45
CA LEU A 156 -21.17 -50.92 40.73
C LEU A 156 -21.47 -50.79 42.22
N GLY A 157 -20.47 -50.97 43.08
CA GLY A 157 -20.72 -50.86 44.51
C GLY A 157 -21.10 -49.45 44.90
N GLU A 158 -22.17 -49.33 45.68
CA GLU A 158 -22.64 -48.04 46.13
C GLU A 158 -21.66 -47.40 47.11
N LYS A 159 -21.49 -46.09 46.99
CA LYS A 159 -20.60 -45.34 47.84
C LYS A 159 -21.40 -44.37 48.72
N PRO A 160 -21.05 -44.28 50.01
CA PRO A 160 -21.82 -43.41 50.91
C PRO A 160 -21.33 -41.96 50.92
N GLY A 161 -20.11 -41.75 50.43
CA GLY A 161 -19.52 -40.42 50.44
C GLY A 161 -20.14 -39.49 49.41
N ASN A 162 -19.70 -38.24 49.43
CA ASN A 162 -20.18 -37.24 48.50
C ASN A 162 -19.63 -37.52 47.10
N PHE A 163 -19.97 -36.63 46.16
CA PHE A 163 -19.51 -36.79 44.79
C PHE A 163 -17.99 -36.77 44.72
N LYS A 164 -17.42 -37.75 44.02
CA LYS A 164 -15.98 -37.96 44.02
C LYS A 164 -15.28 -37.64 42.71
N ASP A 165 -16.00 -37.66 41.59
CA ASP A 165 -15.36 -37.40 40.31
C ASP A 165 -16.28 -36.56 39.44
N LEU A 166 -15.68 -35.76 38.56
CA LEU A 166 -16.39 -34.94 37.59
C LEU A 166 -16.00 -35.37 36.19
N ARG A 167 -16.99 -35.70 35.37
CA ARG A 167 -16.76 -36.10 33.98
C ARG A 167 -17.59 -35.20 33.08
N GLU A 168 -16.91 -34.46 32.20
CA GLU A 168 -17.56 -33.50 31.33
C GLU A 168 -17.31 -33.88 29.87
N PHE A 169 -18.34 -33.72 29.05
CA PHE A 169 -18.28 -34.05 27.63
C PHE A 169 -18.86 -32.91 26.81
N VAL A 170 -18.43 -32.83 25.56
CA VAL A 170 -18.93 -31.84 24.61
C VAL A 170 -19.31 -32.57 23.32
N PHE A 171 -20.53 -32.37 22.86
CA PHE A 171 -21.03 -32.98 21.64
C PHE A 171 -21.38 -31.89 20.63
N ARG A 172 -21.05 -32.15 19.36
CA ARG A 172 -21.31 -31.18 18.31
C ARG A 172 -21.53 -31.94 17.01
N ASN A 173 -22.59 -31.58 16.29
CA ASN A 173 -22.92 -32.18 15.00
C ASN A 173 -22.63 -31.18 13.90
N LYS A 174 -21.69 -31.52 13.01
CA LYS A 174 -21.29 -30.63 11.94
C LYS A 174 -20.85 -31.45 10.74
N ASP A 175 -21.45 -31.17 9.58
CA ASP A 175 -21.12 -31.83 8.32
C ASP A 175 -21.26 -33.34 8.42
N GLY A 176 -22.30 -33.79 9.13
CA GLY A 176 -22.54 -35.20 9.28
C GLY A 176 -21.61 -35.93 10.24
N PHE A 177 -20.83 -35.20 11.03
CA PHE A 177 -19.90 -35.79 11.99
C PHE A 177 -20.29 -35.33 13.38
N LEU A 178 -20.29 -36.26 14.33
CA LEU A 178 -20.60 -35.96 15.73
C LEU A 178 -19.30 -35.99 16.52
N HIS A 179 -18.69 -34.82 16.71
CA HIS A 179 -17.44 -34.70 17.45
C HIS A 179 -17.71 -34.83 18.95
N VAL A 180 -16.91 -35.64 19.62
CA VAL A 180 -17.05 -35.88 21.05
C VAL A 180 -15.71 -35.57 21.72
N TYR A 181 -15.74 -34.73 22.75
CA TYR A 181 -14.57 -34.40 23.55
C TYR A 181 -14.82 -34.83 24.98
N SER A 182 -13.78 -35.36 25.64
CA SER A 182 -13.92 -35.94 26.97
C SER A 182 -12.89 -35.32 27.91
N GLY A 183 -13.26 -35.27 29.18
CA GLY A 183 -12.38 -34.77 30.22
C GLY A 183 -12.88 -35.18 31.59
N TYR A 184 -11.94 -35.33 32.52
CA TYR A 184 -12.27 -35.80 33.86
C TYR A 184 -11.29 -35.20 34.85
N GLN A 185 -11.80 -34.83 36.03
CA GLN A 185 -10.99 -34.27 37.10
C GLN A 185 -11.60 -34.64 38.44
N PRO A 186 -10.78 -34.91 39.46
CA PRO A 186 -11.32 -35.22 40.79
C PRO A 186 -11.99 -34.01 41.41
N ILE A 187 -12.96 -34.27 42.28
CA ILE A 187 -13.72 -33.22 42.94
C ILE A 187 -14.38 -33.83 44.17
N SER A 188 -14.53 -33.02 45.22
CA SER A 188 -15.16 -33.43 46.47
C SER A 188 -16.11 -32.32 46.92
N ALA A 189 -17.38 -32.44 46.53
CA ALA A 189 -18.39 -31.46 46.91
C ALA A 189 -19.77 -32.07 46.74
N ALA A 190 -20.78 -31.33 47.14
CA ALA A 190 -22.11 -31.86 47.04
C ALA A 190 -23.05 -30.94 46.36
N SER A 191 -22.54 -29.94 45.68
CA SER A 191 -23.47 -28.94 45.12
C SER A 191 -22.96 -28.03 44.01
N GLY A 192 -23.83 -27.71 43.06
CA GLY A 192 -23.45 -26.82 41.99
C GLY A 192 -22.34 -27.46 41.20
N LEU A 193 -21.58 -26.68 40.46
CA LEU A 193 -20.58 -27.25 39.62
C LEU A 193 -19.29 -26.75 40.03
N PRO A 194 -18.44 -27.64 40.40
CA PRO A 194 -17.12 -27.23 40.81
C PRO A 194 -16.48 -26.07 40.01
N THR A 195 -16.03 -25.00 40.66
CA THR A 195 -15.28 -23.88 40.07
C THR A 195 -13.86 -24.34 39.74
N GLY A 196 -13.44 -24.06 38.52
CA GLY A 196 -12.10 -24.44 38.08
C GLY A 196 -11.98 -24.32 36.57
N PHE A 197 -10.89 -24.90 36.06
CA PHE A 197 -10.59 -24.89 34.63
C PHE A 197 -10.14 -26.28 34.20
N ASN A 198 -10.54 -26.67 33.00
CA ASN A 198 -10.17 -27.98 32.47
C ASN A 198 -10.29 -27.96 30.96
N ALA A 199 -9.31 -28.55 30.29
CA ALA A 199 -9.28 -28.62 28.83
C ALA A 199 -9.76 -30.00 28.39
N LEU A 200 -10.62 -30.02 27.37
CA LEU A 200 -11.21 -31.26 26.86
C LEU A 200 -10.46 -31.70 25.61
N LYS A 201 -10.10 -32.99 25.56
CA LYS A 201 -9.37 -33.58 24.46
C LYS A 201 -10.31 -34.32 23.52
N PRO A 202 -10.02 -34.31 22.21
CA PRO A 202 -10.85 -35.05 21.26
C PRO A 202 -10.78 -36.55 21.50
N ILE A 203 -11.94 -37.20 21.48
CA ILE A 203 -12.00 -38.64 21.71
C ILE A 203 -12.78 -39.40 20.64
N PHE A 204 -13.66 -38.75 19.87
CA PHE A 204 -14.45 -39.46 18.88
C PHE A 204 -14.84 -38.53 17.75
N LYS A 205 -15.03 -39.11 16.57
CA LYS A 205 -15.60 -38.42 15.40
C LYS A 205 -16.46 -39.46 14.68
N LEU A 206 -17.75 -39.51 15.04
CA LEU A 206 -18.62 -40.55 14.54
C LEU A 206 -19.24 -40.14 13.20
N PRO A 207 -19.02 -40.91 12.13
CA PRO A 207 -19.58 -40.58 10.80
C PRO A 207 -21.01 -41.09 10.59
N LEU A 208 -21.96 -40.38 11.19
CA LEU A 208 -23.37 -40.71 11.07
C LEU A 208 -24.15 -39.47 10.64
N GLY A 209 -24.96 -39.62 9.60
CA GLY A 209 -25.78 -38.52 9.11
C GLY A 209 -27.17 -38.53 9.68
N ILE A 210 -27.38 -37.74 10.74
CA ILE A 210 -28.67 -37.65 11.42
C ILE A 210 -28.94 -36.19 11.78
N ASN A 211 -30.17 -35.75 11.55
CA ASN A 211 -30.59 -34.41 11.99
C ASN A 211 -30.80 -34.43 13.51
N ILE A 212 -29.68 -34.51 14.22
CA ILE A 212 -29.71 -34.62 15.67
C ILE A 212 -30.24 -33.31 16.24
N THR A 213 -31.42 -33.37 16.87
CA THR A 213 -32.05 -32.20 17.45
C THR A 213 -32.52 -32.41 18.89
N ASN A 214 -32.70 -33.66 19.33
CA ASN A 214 -33.11 -33.96 20.69
C ASN A 214 -32.15 -34.98 21.27
N PHE A 215 -31.95 -34.89 22.59
CA PHE A 215 -31.04 -35.80 23.27
C PHE A 215 -31.65 -36.17 24.61
N ARG A 216 -31.31 -37.38 25.06
CA ARG A 216 -31.80 -37.89 26.34
C ARG A 216 -30.74 -38.79 26.94
N THR A 217 -30.54 -38.67 28.26
CA THR A 217 -29.52 -39.44 28.95
C THR A 217 -30.07 -40.79 29.38
N LEU A 218 -29.15 -41.69 29.72
CA LEU A 218 -29.48 -43.03 30.22
C LEU A 218 -29.08 -43.10 31.69
N LEU A 219 -30.04 -43.46 32.54
CA LEU A 219 -29.82 -43.51 33.98
C LEU A 219 -29.88 -44.95 34.47
N THR A 220 -29.33 -45.16 35.66
CA THR A 220 -29.29 -46.47 36.31
C THR A 220 -30.10 -46.40 37.60
N ALA A 221 -31.03 -47.35 37.76
CA ALA A 221 -31.92 -47.38 38.92
C ALA A 221 -31.62 -48.58 39.79
N PHE A 222 -31.66 -48.36 41.12
CA PHE A 222 -31.45 -49.43 42.07
C PHE A 222 -32.79 -49.80 42.70
N PRO A 223 -33.35 -50.98 42.42
CA PRO A 223 -34.63 -51.39 42.99
C PRO A 223 -34.49 -52.03 44.37
N TRP A 229 -37.79 -48.74 41.44
CA TRP A 229 -38.12 -47.36 41.77
C TRP A 229 -37.12 -46.79 42.77
N GLY A 230 -36.48 -45.70 42.40
CA GLY A 230 -35.45 -45.10 43.22
C GLY A 230 -34.05 -45.45 42.73
N THR A 231 -33.10 -44.57 43.06
CA THR A 231 -31.71 -44.74 42.62
C THR A 231 -30.81 -43.97 43.57
N SER A 232 -29.53 -43.89 43.23
CA SER A 232 -28.53 -43.21 44.04
C SER A 232 -28.31 -41.79 43.54
N ALA A 233 -27.42 -41.07 44.21
CA ALA A 233 -27.21 -39.65 43.94
C ALA A 233 -26.33 -39.46 42.71
N ALA A 234 -26.81 -38.64 41.78
CA ALA A 234 -26.07 -38.30 40.58
C ALA A 234 -26.68 -37.07 39.91
N ALA A 235 -25.86 -36.07 39.62
CA ALA A 235 -26.32 -34.83 39.01
C ALA A 235 -25.51 -34.57 37.74
N TYR A 236 -26.21 -34.21 36.67
CA TYR A 236 -25.59 -33.88 35.39
C TYR A 236 -26.11 -32.52 34.92
N PHE A 237 -25.21 -31.70 34.39
CA PHE A 237 -25.52 -30.35 33.96
C PHE A 237 -25.48 -30.27 32.44
N VAL A 238 -26.39 -29.49 31.87
CA VAL A 238 -26.49 -29.32 30.42
C VAL A 238 -26.27 -27.85 30.09
N GLY A 239 -25.32 -27.59 29.20
CA GLY A 239 -25.04 -26.23 28.77
C GLY A 239 -24.93 -26.11 27.26
N TYR A 240 -25.62 -25.13 26.69
CA TYR A 240 -25.65 -24.94 25.25
C TYR A 240 -24.49 -24.06 24.79
N LEU A 241 -23.88 -24.43 23.68
CA LEU A 241 -22.80 -23.65 23.09
C LEU A 241 -23.34 -22.65 22.09
N LYS A 242 -22.64 -21.54 21.95
CA LYS A 242 -23.00 -20.47 21.03
C LYS A 242 -21.74 -20.03 20.29
N PRO A 243 -21.89 -19.53 19.07
CA PRO A 243 -20.72 -19.04 18.33
C PRO A 243 -20.12 -17.81 18.99
N THR A 244 -18.89 -17.96 19.47
CA THR A 244 -18.21 -16.88 20.18
C THR A 244 -16.76 -16.83 19.70
N THR A 245 -15.97 -15.96 20.31
CA THR A 245 -14.56 -15.80 20.01
C THR A 245 -13.76 -15.95 21.31
N PHE A 246 -12.75 -16.80 21.27
CA PHE A 246 -11.96 -17.13 22.46
C PHE A 246 -10.48 -16.91 22.19
N MET A 247 -9.73 -16.75 23.27
CA MET A 247 -8.28 -16.71 23.24
C MET A 247 -7.75 -17.79 24.17
N LEU A 248 -6.89 -18.66 23.64
CA LEU A 248 -6.35 -19.78 24.41
C LEU A 248 -4.87 -19.55 24.69
N LYS A 249 -4.41 -20.02 25.84
CA LYS A 249 -3.04 -19.88 26.27
C LYS A 249 -2.38 -21.25 26.38
N TYR A 250 -1.24 -21.40 25.73
CA TYR A 250 -0.46 -22.62 25.77
C TYR A 250 0.82 -22.39 26.57
N ASP A 251 1.09 -23.29 27.51
CA ASP A 251 2.30 -23.22 28.31
C ASP A 251 3.47 -23.80 27.51
N GLU A 252 4.60 -24.04 28.19
CA GLU A 252 5.73 -24.67 27.52
C GLU A 252 5.38 -26.06 27.00
N ASN A 253 4.48 -26.75 27.69
CA ASN A 253 3.98 -28.04 27.23
C ASN A 253 2.72 -27.82 26.39
N GLY A 254 2.33 -28.87 25.67
CA GLY A 254 1.18 -28.77 24.80
C GLY A 254 -0.14 -28.93 25.52
N THR A 255 -0.51 -27.94 26.34
CA THR A 255 -1.74 -27.98 27.12
C THR A 255 -2.37 -26.60 27.16
N ILE A 256 -3.66 -26.56 27.44
CA ILE A 256 -4.37 -25.30 27.63
C ILE A 256 -4.63 -25.09 29.11
N THR A 257 -4.16 -23.96 29.64
CA THR A 257 -4.28 -23.68 31.07
C THR A 257 -5.22 -22.54 31.41
N ASP A 258 -5.54 -21.65 30.47
CA ASP A 258 -6.43 -20.54 30.74
C ASP A 258 -7.00 -20.03 29.43
N ALA A 259 -8.16 -19.37 29.52
CA ALA A 259 -8.82 -18.81 28.35
C ALA A 259 -9.74 -17.69 28.79
N VAL A 260 -9.93 -16.71 27.90
CA VAL A 260 -10.80 -15.58 28.14
C VAL A 260 -11.85 -15.52 27.05
N ASP A 261 -12.98 -14.87 27.34
CA ASP A 261 -14.06 -14.69 26.38
C ASP A 261 -14.08 -13.23 25.94
N CYS A 262 -14.09 -13.00 24.63
CA CYS A 262 -14.01 -11.66 24.07
C CYS A 262 -15.33 -10.91 24.13
N SER A 263 -16.32 -11.41 24.87
CA SER A 263 -17.59 -10.71 25.01
C SER A 263 -18.16 -10.76 26.42
N GLN A 264 -17.46 -11.35 27.39
CA GLN A 264 -17.99 -11.44 28.74
C GLN A 264 -17.98 -10.08 29.43
N ASN A 265 -16.86 -9.39 29.37
CA ASN A 265 -16.68 -8.11 30.05
C ASN A 265 -15.90 -7.17 29.14
N PRO A 266 -16.09 -5.86 29.31
CA PRO A 266 -15.26 -4.91 28.53
C PRO A 266 -13.77 -5.07 28.78
N LEU A 267 -13.37 -5.41 30.00
CA LEU A 267 -11.97 -5.70 30.28
C LEU A 267 -11.48 -6.90 29.49
N ALA A 268 -12.32 -7.94 29.40
CA ALA A 268 -11.96 -9.10 28.60
C ALA A 268 -11.90 -8.75 27.11
N GLU A 269 -12.79 -7.88 26.64
CA GLU A 269 -12.72 -7.43 25.25
C GLU A 269 -11.43 -6.68 24.98
N LEU A 270 -11.02 -5.82 25.92
CA LEU A 270 -9.74 -5.11 25.77
C LEU A 270 -8.57 -6.08 25.78
N LYS A 271 -8.62 -7.09 26.65
CA LYS A 271 -7.56 -8.09 26.69
C LYS A 271 -7.50 -8.85 25.36
N CYS A 272 -8.65 -9.14 24.77
CA CYS A 272 -8.68 -9.77 23.46
C CYS A 272 -8.07 -8.86 22.39
N SER A 273 -8.37 -7.56 22.47
CA SER A 273 -7.85 -6.63 21.47
C SER A 273 -6.33 -6.50 21.54
N VAL A 274 -5.77 -6.48 22.75
CA VAL A 274 -4.33 -6.32 22.92
C VAL A 274 -3.57 -7.64 22.90
N LYS A 275 -4.28 -8.77 23.00
CA LYS A 275 -3.67 -10.11 23.01
C LYS A 275 -2.67 -10.23 24.16
N SER A 276 -3.17 -10.05 25.37
CA SER A 276 -2.37 -10.19 26.57
C SER A 276 -3.29 -10.49 27.75
N PHE A 277 -2.71 -11.06 28.81
CA PHE A 277 -3.45 -11.40 30.01
C PHE A 277 -3.26 -10.41 31.14
N GLU A 278 -2.30 -9.50 31.02
CA GLU A 278 -2.05 -8.47 32.03
C GLU A 278 -2.16 -7.10 31.37
N ILE A 279 -2.88 -6.19 32.03
CA ILE A 279 -3.14 -4.86 31.51
C ILE A 279 -2.62 -3.84 32.52
N ASP A 280 -1.79 -2.90 32.05
CA ASP A 280 -1.29 -1.84 32.90
C ASP A 280 -2.33 -0.73 33.03
N LYS A 281 -2.01 0.24 33.89
CA LYS A 281 -2.93 1.35 34.13
C LYS A 281 -3.02 2.25 32.90
N GLY A 282 -4.16 2.93 32.77
CA GLY A 282 -4.39 3.82 31.66
C GLY A 282 -5.78 3.71 31.09
N ILE A 283 -6.06 4.48 30.03
CA ILE A 283 -7.36 4.47 29.37
C ILE A 283 -7.16 3.98 27.94
N TYR A 284 -7.87 2.92 27.57
CA TYR A 284 -7.77 2.31 26.26
C TYR A 284 -9.07 2.44 25.50
N GLN A 285 -8.98 2.37 24.18
CA GLN A 285 -10.14 2.49 23.29
C GLN A 285 -10.45 1.12 22.71
N THR A 286 -11.61 0.58 23.04
CA THR A 286 -12.07 -0.70 22.53
C THR A 286 -12.99 -0.47 21.34
N SER A 287 -13.63 -1.55 20.88
CA SER A 287 -14.59 -1.44 19.80
C SER A 287 -15.81 -0.65 20.24
N ASN A 288 -16.47 -0.01 19.27
CA ASN A 288 -17.62 0.83 19.56
C ASN A 288 -18.79 -0.02 20.05
N PHE A 289 -19.78 0.66 20.63
CA PHE A 289 -20.95 -0.01 21.18
C PHE A 289 -21.77 -0.64 20.06
N ARG A 290 -22.04 -1.94 20.18
CA ARG A 290 -22.74 -2.70 19.17
C ARG A 290 -24.08 -3.18 19.70
N VAL A 291 -25.09 -3.19 18.81
CA VAL A 291 -26.40 -3.68 19.16
C VAL A 291 -26.69 -4.93 18.32
N ALA A 292 -27.36 -5.91 18.94
CA ALA A 292 -27.60 -7.18 18.28
C ALA A 292 -28.98 -7.21 17.64
N PRO A 293 -29.09 -7.74 16.42
CA PRO A 293 -30.41 -7.85 15.78
C PRO A 293 -31.32 -8.81 16.53
N SER A 294 -32.62 -8.55 16.45
CA SER A 294 -33.60 -9.34 17.19
C SER A 294 -34.59 -10.06 16.29
N LYS A 295 -35.26 -9.36 15.39
CA LYS A 295 -36.36 -9.91 14.61
C LYS A 295 -36.06 -9.83 13.11
N GLU A 296 -37.02 -10.28 12.31
CA GLU A 296 -36.91 -10.30 10.86
C GLU A 296 -38.09 -9.55 10.26
N VAL A 297 -37.82 -8.75 9.25
CA VAL A 297 -38.84 -7.88 8.63
C VAL A 297 -38.96 -8.20 7.15
N VAL A 298 -38.86 -9.48 6.80
CA VAL A 298 -38.98 -9.90 5.41
C VAL A 298 -40.30 -9.38 4.83
N ARG A 299 -40.21 -8.69 3.70
CA ARG A 299 -41.37 -8.06 3.08
C ARG A 299 -41.29 -8.24 1.57
N PHE A 300 -42.28 -8.88 0.99
CA PHE A 300 -42.36 -9.16 -0.44
C PHE A 300 -43.64 -8.59 -1.02
N PRO A 301 -43.69 -8.35 -2.35
CA PRO A 301 -44.90 -7.75 -2.95
C PRO A 301 -46.12 -8.65 -2.87
N ASN A 302 -47.26 -8.13 -3.33
CA ASN A 302 -48.53 -8.84 -3.28
C ASN A 302 -48.67 -9.69 -4.54
N ILE A 303 -47.99 -10.83 -4.56
CA ILE A 303 -48.05 -11.77 -5.67
C ILE A 303 -48.72 -13.05 -5.19
N THR A 304 -49.82 -13.43 -5.86
CA THR A 304 -50.57 -14.61 -5.45
C THR A 304 -50.81 -15.59 -6.59
N ASN A 305 -50.09 -15.45 -7.71
CA ASN A 305 -50.28 -16.32 -8.87
C ASN A 305 -49.00 -17.08 -9.16
N LEU A 306 -49.14 -18.38 -9.41
CA LEU A 306 -47.99 -19.19 -9.80
C LEU A 306 -47.52 -18.81 -11.20
N CYS A 307 -46.22 -18.93 -11.43
CA CYS A 307 -45.66 -18.55 -12.70
C CYS A 307 -46.06 -19.55 -13.79
N PRO A 308 -46.18 -19.10 -15.03
CA PRO A 308 -46.46 -20.04 -16.13
C PRO A 308 -45.29 -20.97 -16.39
N PHE A 309 -45.40 -22.22 -15.92
CA PHE A 309 -44.41 -23.25 -16.17
C PHE A 309 -44.92 -24.31 -17.12
N GLY A 310 -46.12 -24.14 -17.68
CA GLY A 310 -46.65 -25.05 -18.67
C GLY A 310 -46.70 -24.42 -20.04
N GLU A 311 -46.97 -23.11 -20.08
CA GLU A 311 -46.90 -22.39 -21.35
C GLU A 311 -45.49 -22.41 -21.91
N VAL A 312 -44.49 -22.26 -21.05
CA VAL A 312 -43.10 -22.48 -21.40
C VAL A 312 -42.68 -23.81 -20.76
N PHE A 313 -41.65 -24.42 -21.33
CA PHE A 313 -41.11 -25.72 -20.91
C PHE A 313 -42.03 -26.86 -21.29
N ASN A 314 -43.25 -26.56 -21.75
CA ASN A 314 -44.19 -27.58 -22.20
C ASN A 314 -45.02 -27.07 -23.36
N ALA A 315 -44.43 -26.19 -24.18
CA ALA A 315 -45.13 -25.68 -25.35
C ALA A 315 -45.23 -26.74 -26.42
N THR A 316 -46.37 -26.78 -27.11
CA THR A 316 -46.57 -27.77 -28.16
C THR A 316 -45.64 -27.53 -29.34
N THR A 317 -45.40 -26.27 -29.70
CA THR A 317 -44.53 -25.91 -30.80
C THR A 317 -43.41 -25.02 -30.30
N PHE A 318 -42.19 -25.29 -30.78
CA PHE A 318 -41.03 -24.51 -30.41
C PHE A 318 -40.40 -23.89 -31.65
N PRO A 319 -40.03 -22.61 -31.62
CA PRO A 319 -39.52 -21.96 -32.82
C PRO A 319 -38.12 -22.41 -33.17
N SER A 320 -37.70 -22.07 -34.39
CA SER A 320 -36.35 -22.35 -34.83
C SER A 320 -35.37 -21.33 -34.26
N VAL A 321 -34.08 -21.62 -34.45
CA VAL A 321 -33.03 -20.75 -33.90
C VAL A 321 -33.02 -19.41 -34.62
N TYR A 322 -33.10 -19.44 -35.96
CA TYR A 322 -32.98 -18.20 -36.73
C TYR A 322 -34.12 -17.24 -36.43
N ALA A 323 -35.26 -17.75 -35.97
CA ALA A 323 -36.41 -16.92 -35.61
C ALA A 323 -36.89 -17.37 -34.22
N TRP A 324 -36.28 -16.81 -33.18
CA TRP A 324 -36.69 -17.11 -31.82
C TRP A 324 -37.65 -16.02 -31.31
N GLU A 325 -38.38 -16.35 -30.25
CA GLU A 325 -39.39 -15.47 -29.69
C GLU A 325 -39.05 -15.12 -28.26
N ARG A 326 -39.73 -14.10 -27.75
CA ARG A 326 -39.52 -13.59 -26.40
C ARG A 326 -40.87 -13.45 -25.70
N LYS A 327 -40.88 -13.73 -24.40
CA LYS A 327 -42.08 -13.61 -23.58
C LYS A 327 -41.75 -12.85 -22.31
N ARG A 328 -42.64 -11.92 -21.94
CA ARG A 328 -42.46 -11.14 -20.73
C ARG A 328 -43.09 -11.88 -19.56
N ILE A 329 -42.40 -11.89 -18.42
CA ILE A 329 -42.81 -12.60 -17.22
C ILE A 329 -43.03 -11.58 -16.11
N SER A 330 -44.20 -11.64 -15.48
CA SER A 330 -44.52 -10.74 -14.38
C SER A 330 -45.59 -11.37 -13.51
N ASN A 331 -45.63 -10.92 -12.25
CA ASN A 331 -46.61 -11.39 -11.26
C ASN A 331 -46.52 -12.91 -11.10
N CYS A 332 -45.38 -13.37 -10.59
CA CYS A 332 -45.09 -14.78 -10.46
C CYS A 332 -44.59 -15.10 -9.07
N VAL A 333 -44.84 -16.34 -8.65
CA VAL A 333 -44.18 -16.95 -7.50
C VAL A 333 -43.27 -18.03 -8.06
N ALA A 334 -42.03 -17.66 -8.38
CA ALA A 334 -41.12 -18.53 -9.12
C ALA A 334 -40.61 -19.63 -8.19
N ASP A 335 -41.31 -20.77 -8.17
CA ASP A 335 -40.87 -21.95 -7.45
C ASP A 335 -40.59 -23.04 -8.48
N TYR A 336 -39.31 -23.31 -8.70
CA TYR A 336 -38.92 -24.34 -9.67
C TYR A 336 -39.11 -25.75 -9.14
N SER A 337 -39.67 -25.90 -7.94
CA SER A 337 -39.91 -27.24 -7.41
C SER A 337 -40.98 -27.98 -8.19
N VAL A 338 -41.88 -27.24 -8.87
CA VAL A 338 -42.91 -27.88 -9.67
C VAL A 338 -42.32 -28.56 -10.90
N LEU A 339 -41.15 -28.13 -11.36
CA LEU A 339 -40.50 -28.75 -12.51
C LEU A 339 -39.76 -30.04 -12.14
N TYR A 340 -39.63 -30.34 -10.84
CA TYR A 340 -38.97 -31.57 -10.43
C TYR A 340 -39.75 -32.80 -10.86
N ASN A 341 -41.06 -32.69 -10.98
CA ASN A 341 -41.92 -33.85 -11.22
C ASN A 341 -42.05 -34.21 -12.69
N SER A 342 -41.87 -33.25 -13.60
CA SER A 342 -42.17 -33.47 -15.01
C SER A 342 -40.91 -33.42 -15.89
N THR A 343 -40.16 -32.33 -15.84
CA THR A 343 -39.09 -32.08 -16.78
C THR A 343 -37.73 -32.33 -16.15
N SER A 344 -36.83 -32.97 -16.91
CA SER A 344 -35.45 -33.18 -16.49
C SER A 344 -34.54 -32.44 -17.46
N PHE A 345 -33.70 -31.56 -16.93
CA PHE A 345 -32.84 -30.71 -17.73
C PHE A 345 -31.45 -31.33 -17.82
N SER A 346 -30.99 -31.56 -19.05
CA SER A 346 -29.67 -32.16 -19.24
C SER A 346 -28.55 -31.18 -18.90
N THR A 347 -28.76 -29.89 -19.14
CA THR A 347 -27.79 -28.86 -18.84
C THR A 347 -28.51 -27.68 -18.21
N PHE A 348 -28.17 -27.38 -16.95
CA PHE A 348 -28.71 -26.24 -16.23
C PHE A 348 -27.54 -25.55 -15.55
N LYS A 349 -26.90 -24.63 -16.29
CA LYS A 349 -25.76 -23.89 -15.80
C LYS A 349 -25.90 -22.44 -16.25
N CYS A 350 -25.70 -21.51 -15.32
CA CYS A 350 -25.88 -20.11 -15.68
C CYS A 350 -25.11 -19.16 -14.76
N TYR A 351 -25.20 -17.87 -15.05
CA TYR A 351 -24.22 -16.89 -14.60
C TYR A 351 -24.92 -15.68 -13.99
N GLY A 352 -24.15 -14.87 -13.28
CA GLY A 352 -24.63 -13.65 -12.69
C GLY A 352 -25.35 -13.83 -11.36
N VAL A 353 -25.61 -15.07 -10.96
CA VAL A 353 -26.33 -15.35 -9.72
C VAL A 353 -26.01 -16.78 -9.30
N SER A 354 -26.05 -17.02 -7.99
CA SER A 354 -25.83 -18.35 -7.44
C SER A 354 -27.11 -19.17 -7.53
N ALA A 355 -26.96 -20.46 -7.81
CA ALA A 355 -28.12 -21.33 -7.98
C ALA A 355 -28.88 -21.51 -6.68
N THR A 356 -28.17 -21.61 -5.56
CA THR A 356 -28.82 -21.86 -4.28
C THR A 356 -29.57 -20.64 -3.76
N LYS A 357 -29.24 -19.44 -4.23
CA LYS A 357 -29.86 -18.22 -3.75
C LYS A 357 -31.06 -17.80 -4.60
N LEU A 358 -31.53 -18.66 -5.50
CA LEU A 358 -32.64 -18.32 -6.37
C LEU A 358 -33.98 -18.30 -5.67
N ASN A 359 -34.07 -18.83 -4.45
CA ASN A 359 -35.33 -18.86 -3.71
C ASN A 359 -35.55 -17.63 -2.85
N ASP A 360 -34.50 -16.93 -2.46
CA ASP A 360 -34.62 -15.73 -1.64
C ASP A 360 -34.58 -14.44 -2.43
N LEU A 361 -33.96 -14.46 -3.61
CA LEU A 361 -33.77 -13.24 -4.39
C LEU A 361 -35.05 -12.86 -5.13
N CYS A 362 -35.13 -11.61 -5.54
CA CYS A 362 -36.27 -11.12 -6.30
C CYS A 362 -35.79 -10.43 -7.57
N PHE A 363 -36.27 -10.93 -8.71
CA PHE A 363 -35.82 -10.50 -10.04
C PHE A 363 -36.82 -9.53 -10.65
N SER A 364 -36.31 -8.73 -11.59
CA SER A 364 -37.14 -7.78 -12.32
C SER A 364 -36.78 -7.83 -13.80
N ASN A 365 -37.77 -7.52 -14.64
CA ASN A 365 -37.62 -7.53 -16.10
C ASN A 365 -37.15 -8.90 -16.59
N VAL A 366 -38.00 -9.90 -16.38
CA VAL A 366 -37.70 -11.28 -16.73
C VAL A 366 -38.26 -11.56 -18.13
N TYR A 367 -37.40 -12.10 -19.00
CA TYR A 367 -37.80 -12.49 -20.34
C TYR A 367 -37.30 -13.90 -20.63
N ALA A 368 -38.04 -14.63 -21.44
CA ALA A 368 -37.75 -16.03 -21.75
C ALA A 368 -37.68 -16.21 -23.25
N ASP A 369 -36.55 -16.71 -23.75
CA ASP A 369 -36.37 -17.07 -25.14
C ASP A 369 -36.50 -18.58 -25.30
N SER A 370 -36.79 -19.03 -26.51
CA SER A 370 -36.99 -20.45 -26.78
C SER A 370 -36.65 -20.76 -28.23
N PHE A 371 -35.89 -21.84 -28.43
CA PHE A 371 -35.53 -22.32 -29.75
C PHE A 371 -35.12 -23.78 -29.64
N VAL A 372 -34.81 -24.39 -30.78
CA VAL A 372 -34.44 -25.80 -30.84
C VAL A 372 -33.14 -25.92 -31.62
N VAL A 373 -32.14 -26.57 -31.02
CA VAL A 373 -30.85 -26.80 -31.67
C VAL A 373 -30.49 -28.27 -31.58
N LYS A 374 -29.37 -28.65 -32.17
CA LYS A 374 -28.90 -30.03 -32.12
C LYS A 374 -27.98 -30.23 -30.92
N GLY A 375 -27.46 -31.45 -30.78
CA GLY A 375 -26.64 -31.76 -29.62
C GLY A 375 -25.33 -31.01 -29.59
N ASP A 376 -24.64 -30.95 -30.73
CA ASP A 376 -23.35 -30.30 -30.80
C ASP A 376 -23.43 -28.77 -30.76
N ASP A 377 -24.60 -28.20 -31.03
CA ASP A 377 -24.78 -26.76 -31.02
C ASP A 377 -25.35 -26.25 -29.71
N VAL A 378 -25.54 -27.12 -28.72
CA VAL A 378 -26.07 -26.69 -27.43
C VAL A 378 -25.00 -26.06 -26.55
N ARG A 379 -23.72 -26.28 -26.85
CA ARG A 379 -22.64 -25.64 -26.10
C ARG A 379 -22.34 -24.24 -26.58
N GLN A 380 -22.86 -23.83 -27.74
CA GLN A 380 -22.59 -22.51 -28.27
C GLN A 380 -23.43 -21.42 -27.60
N ILE A 381 -24.49 -21.80 -26.90
CA ILE A 381 -25.30 -20.82 -26.19
C ILE A 381 -24.61 -20.54 -24.85
N ALA A 382 -23.73 -19.53 -24.85
CA ALA A 382 -22.95 -19.14 -23.69
C ALA A 382 -22.22 -17.84 -24.00
N PRO A 383 -21.95 -17.00 -23.00
CA PRO A 383 -21.24 -15.73 -23.26
C PRO A 383 -19.82 -15.99 -23.70
N GLY A 384 -19.47 -15.47 -24.88
CA GLY A 384 -18.12 -15.58 -25.39
C GLY A 384 -17.82 -16.90 -26.07
N GLN A 385 -18.64 -17.25 -27.07
CA GLN A 385 -18.43 -18.46 -27.85
C GLN A 385 -18.56 -18.15 -29.34
N THR A 386 -18.01 -19.03 -30.16
CA THR A 386 -18.02 -18.89 -31.60
C THR A 386 -18.64 -20.12 -32.25
N GLY A 387 -19.24 -19.91 -33.40
CA GLY A 387 -19.90 -20.99 -34.12
C GLY A 387 -21.03 -20.43 -34.98
N VAL A 388 -21.70 -21.35 -35.66
CA VAL A 388 -22.80 -20.95 -36.55
C VAL A 388 -23.94 -20.37 -35.73
N ILE A 389 -24.29 -21.02 -34.62
CA ILE A 389 -25.41 -20.56 -33.80
C ILE A 389 -25.04 -19.27 -33.07
N ALA A 390 -23.81 -19.18 -32.57
CA ALA A 390 -23.41 -18.05 -31.74
C ALA A 390 -23.02 -16.82 -32.56
N ASP A 391 -23.01 -16.91 -33.88
CA ASP A 391 -22.63 -15.78 -34.73
C ASP A 391 -23.78 -15.26 -35.58
N TYR A 392 -24.46 -16.13 -36.33
CA TYR A 392 -25.46 -15.70 -37.28
C TYR A 392 -26.89 -15.90 -36.79
N ASN A 393 -27.10 -16.64 -35.71
CA ASN A 393 -28.45 -16.96 -35.25
C ASN A 393 -28.76 -16.34 -33.90
N TYR A 394 -27.96 -16.62 -32.87
CA TYR A 394 -28.29 -16.20 -31.52
C TYR A 394 -26.99 -15.96 -30.76
N LYS A 395 -26.72 -14.70 -30.42
CA LYS A 395 -25.51 -14.32 -29.69
C LYS A 395 -25.91 -13.78 -28.33
N LEU A 396 -25.29 -14.30 -27.28
CA LEU A 396 -25.49 -13.87 -25.90
C LEU A 396 -24.52 -12.75 -25.54
N PRO A 397 -24.93 -11.78 -24.73
CA PRO A 397 -24.04 -10.68 -24.37
C PRO A 397 -22.87 -11.17 -23.53
N ASP A 398 -21.77 -10.42 -23.59
CA ASP A 398 -20.57 -10.78 -22.83
C ASP A 398 -20.87 -10.78 -21.33
N ASP A 399 -21.52 -9.72 -20.85
CA ASP A 399 -22.05 -9.71 -19.50
C ASP A 399 -23.51 -10.16 -19.55
N PHE A 400 -23.87 -11.12 -18.70
CA PHE A 400 -25.18 -11.75 -18.78
C PHE A 400 -25.64 -12.12 -17.38
N THR A 401 -26.79 -11.58 -16.99
CA THR A 401 -27.43 -11.89 -15.70
C THR A 401 -28.73 -12.63 -16.02
N GLY A 402 -28.66 -13.95 -16.00
CA GLY A 402 -29.83 -14.76 -16.31
C GLY A 402 -29.52 -16.23 -16.16
N CYS A 403 -30.43 -17.06 -16.64
CA CYS A 403 -30.23 -18.51 -16.53
C CYS A 403 -30.62 -19.20 -17.82
N VAL A 404 -29.86 -20.22 -18.18
CA VAL A 404 -29.99 -20.95 -19.44
C VAL A 404 -30.37 -22.39 -19.12
N LEU A 405 -31.41 -22.89 -19.78
CA LEU A 405 -31.88 -24.25 -19.58
C LEU A 405 -32.02 -24.95 -20.92
N ALA A 406 -31.85 -26.27 -20.92
CA ALA A 406 -31.95 -27.07 -22.13
C ALA A 406 -32.17 -28.53 -21.78
N TRP A 407 -33.02 -29.21 -22.55
CA TRP A 407 -33.29 -30.62 -22.36
C TRP A 407 -33.42 -31.29 -23.72
N ASN A 408 -33.33 -32.62 -23.72
CA ASN A 408 -33.37 -33.41 -24.94
C ASN A 408 -34.80 -33.83 -25.24
N THR A 409 -35.23 -33.62 -26.49
CA THR A 409 -36.56 -34.00 -26.95
C THR A 409 -36.42 -34.76 -28.27
N ARG A 410 -36.22 -36.07 -28.17
CA ARG A 410 -36.16 -36.92 -29.35
C ARG A 410 -37.49 -37.59 -29.67
N ASN A 411 -38.26 -37.97 -28.66
CA ASN A 411 -39.54 -38.62 -28.89
C ASN A 411 -40.59 -37.67 -29.46
N ILE A 412 -40.35 -36.38 -29.42
CA ILE A 412 -41.32 -35.38 -29.86
C ILE A 412 -40.90 -34.73 -31.17
N ASP A 413 -39.63 -34.37 -31.31
CA ASP A 413 -39.15 -33.60 -32.46
C ASP A 413 -38.35 -34.47 -33.43
N ALA A 414 -38.72 -35.74 -33.54
CA ALA A 414 -38.06 -36.64 -34.49
C ALA A 414 -39.04 -37.69 -34.97
N THR A 415 -38.79 -38.21 -36.16
CA THR A 415 -39.63 -39.23 -36.77
C THR A 415 -38.75 -40.24 -37.49
N GLN A 416 -39.38 -41.30 -37.99
CA GLN A 416 -38.64 -42.28 -38.79
C GLN A 416 -38.04 -41.64 -40.03
N THR A 417 -38.80 -40.78 -40.69
CA THR A 417 -38.29 -39.96 -41.78
C THR A 417 -37.75 -38.65 -41.21
N GLY A 418 -37.20 -37.80 -42.08
CA GLY A 418 -36.64 -36.55 -41.64
C GLY A 418 -37.71 -35.58 -41.16
N ASN A 419 -37.35 -34.78 -40.17
CA ASN A 419 -38.25 -33.75 -39.67
C ASN A 419 -38.27 -32.54 -40.60
N TYR A 420 -37.11 -31.90 -40.76
CA TYR A 420 -36.91 -30.82 -41.73
C TYR A 420 -37.85 -29.64 -41.50
N ASN A 421 -38.28 -29.45 -40.25
CA ASN A 421 -39.13 -28.33 -39.89
C ASN A 421 -38.39 -27.23 -39.13
N TYR A 422 -37.14 -27.46 -38.76
CA TYR A 422 -36.33 -26.50 -38.04
C TYR A 422 -35.17 -26.05 -38.91
N LYS A 423 -34.98 -24.74 -39.03
CA LYS A 423 -33.98 -24.17 -39.91
C LYS A 423 -33.02 -23.28 -39.13
N TYR A 424 -31.89 -22.98 -39.76
CA TYR A 424 -30.87 -22.14 -39.15
C TYR A 424 -30.03 -21.51 -40.26
N ARG A 425 -29.48 -20.32 -39.97
CA ARG A 425 -28.63 -19.64 -40.92
C ARG A 425 -27.19 -20.12 -40.80
N SER A 426 -26.52 -20.28 -41.95
CA SER A 426 -25.11 -20.60 -41.99
C SER A 426 -24.30 -19.65 -42.86
N LEU A 427 -24.96 -18.79 -43.65
CA LEU A 427 -24.29 -17.82 -44.49
C LEU A 427 -24.84 -16.44 -44.16
N ARG A 428 -23.97 -15.54 -43.73
CA ARG A 428 -24.37 -14.18 -43.38
C ARG A 428 -23.17 -13.26 -43.45
N HIS A 429 -23.43 -11.98 -43.61
CA HIS A 429 -22.40 -10.95 -43.63
C HIS A 429 -22.27 -10.38 -42.22
N GLY A 430 -21.07 -10.47 -41.66
CA GLY A 430 -20.83 -9.98 -40.32
C GLY A 430 -21.37 -10.92 -39.25
N LYS A 431 -21.44 -10.38 -38.04
CA LYS A 431 -21.90 -11.13 -36.88
C LYS A 431 -23.03 -10.38 -36.19
N LEU A 432 -23.93 -11.13 -35.57
CA LEU A 432 -25.07 -10.52 -34.88
C LEU A 432 -24.62 -9.84 -33.60
N ARG A 433 -25.31 -8.75 -33.27
CA ARG A 433 -25.15 -8.10 -31.98
C ARG A 433 -25.92 -8.89 -30.91
N PRO A 434 -25.52 -8.77 -29.65
CA PRO A 434 -26.18 -9.55 -28.60
C PRO A 434 -27.68 -9.28 -28.54
N PHE A 435 -28.45 -10.37 -28.42
CA PHE A 435 -29.91 -10.31 -28.34
C PHE A 435 -30.52 -9.59 -29.54
N GLU A 436 -30.30 -10.17 -30.72
CA GLU A 436 -30.86 -9.63 -31.95
C GLU A 436 -31.35 -10.77 -32.82
N ARG A 437 -32.19 -10.42 -33.80
CA ARG A 437 -32.85 -11.39 -34.65
C ARG A 437 -32.69 -11.01 -36.11
N ASP A 438 -32.69 -12.02 -36.97
CA ASP A 438 -32.57 -11.82 -38.43
C ASP A 438 -33.42 -12.90 -39.10
N ILE A 439 -34.63 -12.52 -39.52
CA ILE A 439 -35.57 -13.45 -40.13
C ILE A 439 -35.69 -13.24 -41.62
N SER A 440 -34.83 -12.41 -42.21
CA SER A 440 -34.89 -12.17 -43.65
C SER A 440 -34.39 -13.38 -44.42
N ASN A 441 -35.03 -13.65 -45.55
CA ASN A 441 -34.68 -14.77 -46.42
C ASN A 441 -34.41 -14.21 -47.81
N VAL A 442 -33.14 -13.87 -48.07
CA VAL A 442 -32.72 -13.35 -49.37
C VAL A 442 -31.50 -14.13 -49.83
N PRO A 443 -31.30 -14.28 -51.15
CA PRO A 443 -30.12 -15.00 -51.63
C PRO A 443 -28.83 -14.31 -51.19
N PHE A 444 -27.82 -15.12 -50.89
CA PHE A 444 -26.55 -14.63 -50.37
C PHE A 444 -25.45 -14.91 -51.38
N SER A 445 -24.59 -13.92 -51.60
CA SER A 445 -23.43 -14.04 -52.47
C SER A 445 -22.21 -13.48 -51.77
N PRO A 446 -21.03 -14.08 -52.00
CA PRO A 446 -19.81 -13.56 -51.34
C PRO A 446 -19.50 -12.12 -51.71
N ASP A 447 -19.77 -11.71 -52.95
CA ASP A 447 -19.50 -10.34 -53.34
C ASP A 447 -20.48 -9.37 -52.70
N GLY A 448 -21.75 -9.77 -52.58
CA GLY A 448 -22.78 -8.92 -52.01
C GLY A 448 -23.81 -8.44 -53.01
N LYS A 449 -23.58 -8.64 -54.29
CA LYS A 449 -24.55 -8.20 -55.30
C LYS A 449 -25.79 -9.10 -55.27
N PRO A 450 -26.98 -8.53 -55.41
CA PRO A 450 -28.18 -9.37 -55.51
C PRO A 450 -28.12 -10.29 -56.71
N CYS A 451 -28.62 -11.50 -56.55
CA CYS A 451 -28.51 -12.50 -57.60
C CYS A 451 -29.62 -13.54 -57.45
N THR A 452 -29.86 -14.26 -58.53
CA THR A 452 -30.78 -15.37 -58.53
C THR A 452 -30.11 -16.62 -57.95
N PRO A 453 -30.89 -17.50 -57.32
CA PRO A 453 -30.29 -18.68 -56.67
C PRO A 453 -29.61 -19.67 -57.61
N PRO A 454 -30.05 -19.87 -58.86
CA PRO A 454 -29.32 -20.84 -59.70
C PRO A 454 -27.94 -20.37 -60.15
N ALA A 455 -27.64 -19.08 -60.03
CA ALA A 455 -26.35 -18.56 -60.48
C ALA A 455 -25.22 -19.04 -59.58
N PHE A 456 -24.00 -18.98 -60.10
CA PHE A 456 -22.83 -19.38 -59.34
C PHE A 456 -22.59 -18.43 -58.17
N ASN A 457 -22.04 -18.98 -57.09
CA ASN A 457 -21.77 -18.23 -55.87
C ASN A 457 -23.03 -17.56 -55.33
N CYS A 458 -24.14 -18.28 -55.37
CA CYS A 458 -25.43 -17.77 -54.90
C CYS A 458 -26.16 -18.91 -54.22
N TYR A 459 -26.26 -18.85 -52.90
CA TYR A 459 -26.88 -19.90 -52.11
C TYR A 459 -27.98 -19.32 -51.23
N TRP A 460 -28.87 -20.19 -50.77
CA TRP A 460 -29.89 -19.80 -49.81
C TRP A 460 -29.31 -19.84 -48.40
N PRO A 461 -29.46 -18.78 -47.60
CA PRO A 461 -28.78 -18.74 -46.30
C PRO A 461 -29.36 -19.68 -45.27
N LEU A 462 -30.53 -20.25 -45.50
CA LEU A 462 -31.20 -21.10 -44.51
C LEU A 462 -31.09 -22.56 -44.93
N ASN A 463 -30.56 -23.39 -44.03
CA ASN A 463 -30.53 -24.83 -44.22
C ASN A 463 -31.49 -25.51 -43.24
N ASP A 464 -31.74 -26.79 -43.48
CA ASP A 464 -32.72 -27.55 -42.72
C ASP A 464 -32.03 -28.52 -41.79
N TYR A 465 -32.48 -28.56 -40.53
CA TYR A 465 -32.01 -29.55 -39.57
C TYR A 465 -32.64 -30.90 -39.87
N GLY A 466 -31.81 -31.89 -40.20
CA GLY A 466 -32.30 -33.22 -40.46
C GLY A 466 -32.31 -34.08 -39.21
N PHE A 467 -33.48 -34.18 -38.57
CA PHE A 467 -33.62 -34.93 -37.32
C PHE A 467 -34.23 -36.29 -37.62
N TYR A 468 -33.51 -37.35 -37.25
CA TYR A 468 -33.99 -38.71 -37.37
C TYR A 468 -33.93 -39.41 -36.03
N ILE A 469 -34.76 -40.44 -35.86
CA ILE A 469 -34.73 -41.23 -34.64
C ILE A 469 -33.43 -42.02 -34.55
N THR A 470 -32.96 -42.56 -35.66
CA THR A 470 -31.73 -43.35 -35.70
C THR A 470 -30.51 -42.42 -35.84
N ASN A 471 -30.30 -41.62 -34.80
CA ASN A 471 -29.18 -40.70 -34.73
C ASN A 471 -28.53 -40.79 -33.35
N GLY A 472 -27.27 -40.42 -33.28
CA GLY A 472 -26.55 -40.42 -32.03
C GLY A 472 -27.00 -39.27 -31.14
N ILE A 473 -26.25 -39.08 -30.05
CA ILE A 473 -26.53 -37.97 -29.14
C ILE A 473 -26.39 -36.64 -29.88
N GLY A 474 -25.35 -36.50 -30.68
CA GLY A 474 -25.27 -35.37 -31.59
C GLY A 474 -26.29 -35.49 -32.70
N TYR A 475 -26.59 -34.35 -33.32
CA TYR A 475 -27.63 -34.26 -34.36
C TYR A 475 -28.99 -34.71 -33.86
N GLN A 476 -29.27 -34.53 -32.57
CA GLN A 476 -30.55 -34.81 -31.96
C GLN A 476 -31.18 -33.53 -31.44
N PRO A 477 -32.51 -33.43 -31.48
CA PRO A 477 -33.17 -32.18 -31.06
C PRO A 477 -32.95 -31.87 -29.58
N TYR A 478 -32.74 -30.59 -29.29
CA TYR A 478 -32.57 -30.11 -27.93
C TYR A 478 -33.31 -28.79 -27.79
N ARG A 479 -34.37 -28.77 -26.99
CA ARG A 479 -35.13 -27.56 -26.73
C ARG A 479 -34.40 -26.72 -25.68
N VAL A 480 -34.17 -25.44 -25.99
CA VAL A 480 -33.39 -24.55 -25.16
C VAL A 480 -34.27 -23.38 -24.75
N VAL A 481 -34.26 -23.06 -23.45
CA VAL A 481 -34.97 -21.91 -22.92
C VAL A 481 -33.98 -21.06 -22.13
N VAL A 482 -33.88 -19.78 -22.49
CA VAL A 482 -32.94 -18.86 -21.88
C VAL A 482 -33.73 -17.78 -21.15
N LEU A 483 -33.43 -17.59 -19.87
CA LEU A 483 -34.07 -16.58 -19.05
C LEU A 483 -33.07 -15.48 -18.72
N SER A 484 -33.51 -14.23 -18.78
CA SER A 484 -32.69 -13.08 -18.45
C SER A 484 -33.46 -12.15 -17.52
N PHE A 485 -32.78 -11.61 -16.51
CA PHE A 485 -33.44 -10.77 -15.53
C PHE A 485 -32.42 -9.83 -14.89
N GLU A 486 -32.94 -8.76 -14.28
CA GLU A 486 -32.14 -7.80 -13.53
C GLU A 486 -32.71 -7.68 -12.13
N LEU A 487 -31.82 -7.68 -11.13
CA LEU A 487 -32.22 -7.76 -9.75
C LEU A 487 -31.53 -6.67 -8.93
N LEU A 488 -32.24 -6.20 -7.90
CA LEU A 488 -31.72 -5.21 -6.94
C LEU A 488 -31.35 -3.90 -7.63
N ASN A 489 -32.03 -3.57 -8.72
CA ASN A 489 -31.83 -2.31 -9.42
C ASN A 489 -33.13 -1.55 -9.66
N ALA A 490 -34.21 -2.25 -9.94
CA ALA A 490 -35.50 -1.67 -10.28
C ALA A 490 -36.60 -2.36 -9.49
N PRO A 491 -37.78 -1.74 -9.38
CA PRO A 491 -38.90 -2.42 -8.71
C PRO A 491 -39.23 -3.73 -9.40
N ALA A 492 -39.55 -4.74 -8.60
CA ALA A 492 -39.74 -6.10 -9.08
C ALA A 492 -41.15 -6.59 -8.76
N THR A 493 -41.64 -7.50 -9.61
CA THR A 493 -42.95 -8.12 -9.42
C THR A 493 -42.92 -9.64 -9.55
N VAL A 494 -41.74 -10.26 -9.47
CA VAL A 494 -41.60 -11.69 -9.69
C VAL A 494 -40.43 -12.22 -8.84
N CYS A 495 -40.72 -13.19 -7.97
CA CYS A 495 -39.70 -13.91 -7.23
C CYS A 495 -40.35 -15.08 -6.49
N GLY A 496 -39.52 -15.79 -5.72
CA GLY A 496 -39.89 -17.09 -5.19
C GLY A 496 -40.73 -17.01 -3.94
N PRO A 497 -41.04 -18.19 -3.39
CA PRO A 497 -41.97 -18.26 -2.25
C PRO A 497 -41.31 -17.97 -0.91
N LYS A 498 -41.19 -16.70 -0.54
CA LYS A 498 -40.74 -16.31 0.79
C LYS A 498 -41.89 -15.61 1.50
N LEU A 499 -42.25 -16.11 2.67
CA LEU A 499 -43.39 -15.58 3.42
C LEU A 499 -43.00 -14.26 4.07
N SER A 500 -43.74 -13.20 3.73
CA SER A 500 -43.46 -11.89 4.31
C SER A 500 -43.91 -11.83 5.76
N THR A 501 -43.34 -10.86 6.49
CA THR A 501 -43.66 -10.64 7.89
C THR A 501 -44.15 -9.20 8.07
N ASP A 502 -44.40 -8.84 9.32
CA ASP A 502 -44.87 -7.50 9.64
C ASP A 502 -43.69 -6.55 9.85
N LEU A 503 -44.00 -5.26 9.87
CA LEU A 503 -42.98 -4.23 9.98
C LEU A 503 -42.58 -4.02 11.44
N ILE A 504 -41.27 -3.98 11.67
CA ILE A 504 -40.70 -3.67 12.98
C ILE A 504 -39.87 -2.40 12.81
N LYS A 505 -40.21 -1.37 13.57
CA LYS A 505 -39.59 -0.05 13.43
C LYS A 505 -38.87 0.34 14.71
N ASN A 506 -37.83 1.17 14.54
CA ASN A 506 -37.04 1.70 15.66
C ASN A 506 -36.44 0.58 16.50
N GLN A 507 -35.85 -0.40 15.82
CA GLN A 507 -35.22 -1.53 16.50
C GLN A 507 -34.27 -2.22 15.55
N CYS A 508 -33.12 -2.66 16.06
CA CYS A 508 -32.15 -3.39 15.25
C CYS A 508 -32.76 -4.70 14.78
N VAL A 509 -32.99 -4.81 13.48
CA VAL A 509 -33.69 -5.95 12.90
C VAL A 509 -32.94 -6.41 11.66
N ASN A 510 -33.17 -7.67 11.27
CA ASN A 510 -32.62 -8.22 10.04
C ASN A 510 -33.69 -8.16 8.95
N PHE A 511 -33.64 -7.13 8.13
CA PHE A 511 -34.66 -6.90 7.11
C PHE A 511 -34.32 -7.66 5.83
N ASN A 512 -35.34 -7.81 4.98
CA ASN A 512 -35.17 -8.43 3.66
C ASN A 512 -36.22 -7.79 2.75
N PHE A 513 -35.79 -6.78 1.99
CA PHE A 513 -36.66 -6.02 1.11
C PHE A 513 -36.37 -6.41 -0.34
N ASN A 514 -37.23 -7.26 -0.90
CA ASN A 514 -37.12 -7.70 -2.29
C ASN A 514 -35.74 -8.30 -2.58
N GLY A 515 -35.29 -9.14 -1.66
CA GLY A 515 -34.03 -9.85 -1.79
C GLY A 515 -32.84 -9.13 -1.20
N LEU A 516 -32.97 -7.85 -0.86
CA LEU A 516 -31.88 -7.08 -0.27
C LEU A 516 -31.81 -7.36 1.22
N THR A 517 -30.77 -8.06 1.65
CA THR A 517 -30.58 -8.43 3.04
C THR A 517 -29.71 -7.40 3.74
N GLY A 518 -29.64 -7.51 5.07
CA GLY A 518 -28.83 -6.61 5.85
C GLY A 518 -29.44 -6.41 7.22
N THR A 519 -28.70 -5.70 8.06
CA THR A 519 -29.12 -5.38 9.41
C THR A 519 -29.12 -3.86 9.60
N GLY A 520 -30.19 -3.33 10.17
CA GLY A 520 -30.30 -1.90 10.38
C GLY A 520 -31.57 -1.56 11.13
N VAL A 521 -31.73 -0.26 11.38
CA VAL A 521 -32.90 0.26 12.09
C VAL A 521 -33.78 0.98 11.10
N LEU A 522 -35.05 0.58 11.02
CA LEU A 522 -36.01 1.15 10.09
C LEU A 522 -36.70 2.35 10.75
N THR A 523 -36.76 3.46 10.02
CA THR A 523 -37.32 4.71 10.52
C THR A 523 -38.16 5.35 9.43
N PRO A 524 -39.29 5.96 9.80
CA PRO A 524 -40.06 6.72 8.81
C PRO A 524 -39.23 7.84 8.21
N SER A 525 -39.44 8.09 6.92
CA SER A 525 -38.64 9.03 6.16
C SER A 525 -39.51 10.19 5.67
N SER A 526 -38.87 11.09 4.91
CA SER A 526 -39.55 12.22 4.30
C SER A 526 -39.20 12.38 2.83
N LYS A 527 -38.36 11.52 2.27
CA LYS A 527 -37.98 11.62 0.87
C LYS A 527 -39.15 11.20 -0.02
N ARG A 528 -39.20 11.78 -1.21
CA ARG A 528 -40.23 11.49 -2.20
C ARG A 528 -39.61 10.70 -3.34
N PHE A 529 -40.10 9.49 -3.56
CA PHE A 529 -39.56 8.61 -4.58
C PHE A 529 -40.40 8.69 -5.84
N GLN A 530 -39.74 8.87 -6.98
CA GLN A 530 -40.43 8.85 -8.26
C GLN A 530 -40.90 7.42 -8.56
N PRO A 531 -41.96 7.28 -9.38
CA PRO A 531 -42.56 5.96 -9.57
C PRO A 531 -41.69 4.95 -10.30
N PHE A 532 -40.48 5.33 -10.73
CA PHE A 532 -39.61 4.40 -11.46
C PHE A 532 -38.36 4.03 -10.66
N GLN A 533 -38.28 4.41 -9.39
CA GLN A 533 -37.14 4.06 -8.55
C GLN A 533 -37.62 3.41 -7.27
N GLN A 534 -36.83 2.46 -6.76
CA GLN A 534 -37.16 1.69 -5.57
C GLN A 534 -36.17 1.87 -4.43
N PHE A 535 -34.88 1.83 -4.72
CA PHE A 535 -33.86 1.93 -3.69
C PHE A 535 -33.26 3.33 -3.66
N GLY A 536 -32.45 3.59 -2.64
CA GLY A 536 -31.73 4.84 -2.52
C GLY A 536 -30.29 4.59 -2.14
N ARG A 537 -29.45 5.60 -2.36
CA ARG A 537 -28.02 5.48 -2.13
C ARG A 537 -27.48 6.78 -1.56
N ASP A 538 -26.32 6.68 -0.92
CA ASP A 538 -25.65 7.81 -0.29
C ASP A 538 -24.46 8.25 -1.12
N VAL A 539 -23.69 9.19 -0.56
CA VAL A 539 -22.44 9.63 -1.18
C VAL A 539 -21.47 8.47 -1.17
N SER A 540 -21.62 7.57 -0.19
CA SER A 540 -20.94 6.28 -0.20
C SER A 540 -21.98 5.21 -0.45
N ASP A 541 -21.67 4.29 -1.38
CA ASP A 541 -22.66 3.32 -1.84
C ASP A 541 -23.20 2.50 -0.68
N PHE A 542 -24.46 2.76 -0.31
CA PHE A 542 -25.12 2.09 0.79
C PHE A 542 -26.60 2.47 0.74
N THR A 543 -27.46 1.47 0.91
CA THR A 543 -28.91 1.68 0.81
C THR A 543 -29.41 2.32 2.09
N ASP A 544 -29.96 3.53 1.98
CA ASP A 544 -30.54 4.22 3.12
C ASP A 544 -32.06 4.35 3.04
N SER A 545 -32.64 4.37 1.85
CA SER A 545 -34.07 4.51 1.68
C SER A 545 -34.59 3.40 0.78
N VAL A 546 -35.59 2.67 1.27
CA VAL A 546 -36.19 1.57 0.53
C VAL A 546 -37.71 1.71 0.57
N ARG A 547 -38.33 1.66 -0.60
CA ARG A 547 -39.78 1.74 -0.68
C ARG A 547 -40.40 0.39 -0.31
N ASP A 548 -41.40 0.42 0.56
CA ASP A 548 -42.05 -0.80 1.01
C ASP A 548 -42.87 -1.40 -0.12
N PRO A 549 -42.59 -2.66 -0.40
CA PRO A 549 -43.30 -3.30 -1.47
C PRO A 549 -44.71 -3.16 -1.24
N LYS A 550 -45.21 -3.73 -0.18
CA LYS A 550 -46.60 -3.56 0.20
C LYS A 550 -46.70 -2.16 0.72
N THR A 551 -47.86 -1.59 0.85
CA THR A 551 -47.96 -0.28 1.47
C THR A 551 -46.91 0.72 1.10
N SER A 552 -46.78 1.05 -0.17
CA SER A 552 -45.68 1.92 -0.52
C SER A 552 -45.54 3.04 0.46
N GLU A 553 -44.38 3.22 1.03
CA GLU A 553 -44.15 4.21 2.03
C GLU A 553 -42.68 4.20 2.09
N ILE A 554 -41.99 5.33 2.15
CA ILE A 554 -40.54 5.30 2.06
C ILE A 554 -39.87 5.17 3.42
N LEU A 555 -39.05 4.16 3.60
CA LEU A 555 -38.47 3.89 4.91
C LEU A 555 -36.98 4.21 4.90
N ASP A 556 -36.48 4.72 6.02
CA ASP A 556 -35.06 5.03 6.16
C ASP A 556 -34.36 3.87 6.87
N ILE A 557 -33.15 3.56 6.42
CA ILE A 557 -32.32 2.51 7.00
C ILE A 557 -31.07 3.16 7.58
N SER A 558 -30.80 2.88 8.85
CA SER A 558 -29.66 3.44 9.55
C SER A 558 -28.85 2.34 10.23
N PRO A 559 -27.55 2.53 10.40
CA PRO A 559 -26.73 1.51 11.07
C PRO A 559 -27.15 1.34 12.53
N CYS A 560 -27.03 0.11 13.02
CA CYS A 560 -27.41 -0.19 14.39
C CYS A 560 -26.39 0.35 15.40
N SER A 561 -25.10 0.17 15.11
CA SER A 561 -24.04 0.57 16.02
C SER A 561 -23.64 2.02 15.76
N PHE A 562 -23.45 2.78 16.84
CA PHE A 562 -23.11 4.20 16.72
C PHE A 562 -22.58 4.72 18.05
N GLY A 563 -21.43 5.40 18.01
CA GLY A 563 -20.87 5.98 19.21
C GLY A 563 -19.43 5.58 19.48
N GLY A 564 -19.03 5.62 20.75
CA GLY A 564 -17.68 5.23 21.13
C GLY A 564 -17.62 4.91 22.60
N VAL A 565 -16.73 3.99 22.96
CA VAL A 565 -16.59 3.53 24.33
C VAL A 565 -15.11 3.29 24.63
N SER A 566 -14.67 3.78 25.78
CA SER A 566 -13.30 3.58 26.25
C SER A 566 -13.33 2.92 27.62
N VAL A 567 -12.22 2.25 27.95
CA VAL A 567 -12.11 1.50 29.20
C VAL A 567 -10.97 2.09 30.02
N ILE A 568 -11.25 2.41 31.28
CA ILE A 568 -10.25 2.91 32.21
C ILE A 568 -9.99 1.84 33.26
N THR A 569 -8.74 1.44 33.42
CA THR A 569 -8.38 0.39 34.36
C THR A 569 -7.18 0.84 35.19
N PRO A 570 -7.20 0.58 36.51
CA PRO A 570 -6.02 0.93 37.34
C PRO A 570 -4.84 0.01 37.13
N GLY A 571 -4.99 -1.07 36.38
CA GLY A 571 -3.91 -2.04 36.19
C GLY A 571 -4.37 -3.40 36.69
N THR A 572 -4.09 -4.43 35.89
CA THR A 572 -4.53 -5.78 36.23
C THR A 572 -3.90 -6.25 37.54
N ASN A 573 -2.63 -5.91 37.76
CA ASN A 573 -1.95 -6.33 39.00
C ASN A 573 -2.63 -5.75 40.23
N THR A 574 -3.14 -4.52 40.14
CA THR A 574 -3.74 -3.88 41.30
C THR A 574 -5.17 -4.37 41.53
N SER A 575 -6.03 -4.26 40.51
CA SER A 575 -7.43 -4.63 40.66
C SER A 575 -7.99 -5.01 39.30
N SER A 576 -9.14 -5.70 39.34
CA SER A 576 -9.83 -6.13 38.12
C SER A 576 -11.02 -5.25 37.77
N GLU A 577 -11.29 -4.20 38.55
CA GLU A 577 -12.38 -3.30 38.25
C GLU A 577 -12.00 -2.32 37.15
N VAL A 578 -12.99 -1.92 36.35
CA VAL A 578 -12.79 -1.01 35.24
C VAL A 578 -13.88 0.04 35.23
N ALA A 579 -13.59 1.16 34.58
CA ALA A 579 -14.56 2.24 34.38
C ALA A 579 -14.75 2.47 32.90
N VAL A 580 -16.01 2.47 32.45
CA VAL A 580 -16.36 2.58 31.04
C VAL A 580 -16.86 3.99 30.77
N LEU A 581 -16.34 4.61 29.72
CA LEU A 581 -16.73 5.96 29.32
C LEU A 581 -17.32 5.91 27.91
N TYR A 582 -18.59 6.27 27.78
CA TYR A 582 -19.28 6.30 26.51
C TYR A 582 -19.26 7.73 25.96
N GLN A 583 -18.81 7.88 24.71
CA GLN A 583 -18.58 9.20 24.16
C GLN A 583 -19.88 9.95 23.86
N ASP A 584 -20.84 9.30 23.22
CA ASP A 584 -22.04 9.98 22.74
C ASP A 584 -23.27 9.39 23.42
N VAL A 585 -23.53 9.85 24.64
CA VAL A 585 -24.72 9.49 25.41
C VAL A 585 -25.06 10.66 26.32
N ASN A 586 -26.35 10.82 26.61
CA ASN A 586 -26.75 11.78 27.63
C ASN A 586 -26.88 11.15 29.00
N CYS A 587 -27.38 9.91 29.08
CA CYS A 587 -27.50 9.16 30.32
C CYS A 587 -28.15 9.95 31.44
N ASN A 611 -22.81 4.12 39.45
CA ASN A 611 -22.45 5.50 39.79
C ASN A 611 -22.12 6.30 38.55
N VAL A 612 -23.16 6.67 37.79
CA VAL A 612 -22.96 7.45 36.57
C VAL A 612 -22.52 8.87 36.93
N PHE A 613 -21.80 9.50 36.02
CA PHE A 613 -21.34 10.88 36.22
C PHE A 613 -21.06 11.46 34.84
N GLN A 614 -21.72 12.57 34.52
CA GLN A 614 -21.67 13.11 33.17
C GLN A 614 -20.50 14.07 33.02
N THR A 615 -19.72 13.88 31.97
CA THR A 615 -18.61 14.76 31.61
C THR A 615 -18.93 15.48 30.31
N GLN A 616 -18.00 16.34 29.88
CA GLN A 616 -18.11 16.95 28.56
C GLN A 616 -17.77 15.95 27.46
N ALA A 617 -16.96 14.94 27.79
CA ALA A 617 -16.64 13.89 26.82
C ALA A 617 -17.76 12.87 26.72
N GLY A 618 -18.48 12.64 27.82
CA GLY A 618 -19.57 11.68 27.80
C GLY A 618 -19.97 11.29 29.21
N CYS A 619 -20.74 10.21 29.30
CA CYS A 619 -21.19 9.66 30.58
C CYS A 619 -20.22 8.57 31.02
N LEU A 620 -19.59 8.77 32.16
CA LEU A 620 -18.63 7.80 32.70
C LEU A 620 -19.27 7.03 33.85
N ILE A 621 -19.19 5.71 33.78
CA ILE A 621 -19.77 4.84 34.79
C ILE A 621 -18.67 4.03 35.44
N GLY A 622 -18.97 3.50 36.63
CA GLY A 622 -18.03 2.68 37.37
C GLY A 622 -17.11 3.43 38.30
N ALA A 623 -17.16 4.76 38.33
CA ALA A 623 -16.30 5.56 39.18
C ALA A 623 -17.15 6.54 39.99
N GLU A 624 -16.52 7.12 41.01
CA GLU A 624 -17.17 8.03 41.93
C GLU A 624 -16.65 9.45 41.74
N HIS A 625 -17.53 10.43 41.91
CA HIS A 625 -17.15 11.83 41.76
C HIS A 625 -16.43 12.33 43.00
N VAL A 626 -15.41 13.16 42.79
CA VAL A 626 -14.61 13.74 43.87
C VAL A 626 -14.51 15.24 43.61
N ASP A 627 -14.78 16.04 44.65
CA ASP A 627 -14.85 17.49 44.51
C ASP A 627 -13.52 18.20 44.72
N THR A 628 -12.48 17.48 45.13
CA THR A 628 -11.16 18.07 45.29
C THR A 628 -10.29 17.71 44.08
N SER A 629 -9.34 18.59 43.77
CA SER A 629 -8.58 18.51 42.54
C SER A 629 -7.15 18.06 42.85
N TYR A 630 -6.74 16.94 42.26
CA TYR A 630 -5.37 16.48 42.29
C TYR A 630 -4.71 16.73 40.93
N GLU A 631 -3.50 16.22 40.77
CA GLU A 631 -2.87 16.21 39.46
C GLU A 631 -3.45 15.09 38.60
N CYS A 632 -3.14 15.12 37.32
CA CYS A 632 -3.70 14.17 36.37
C CYS A 632 -2.73 13.01 36.15
N ASP A 633 -3.25 11.79 36.28
CA ASP A 633 -2.48 10.57 36.02
C ASP A 633 -3.08 9.73 34.89
N ILE A 634 -4.40 9.68 34.78
CA ILE A 634 -5.09 9.05 33.66
C ILE A 634 -5.83 10.13 32.89
N PRO A 635 -5.28 10.58 31.76
CA PRO A 635 -5.84 11.76 31.09
C PRO A 635 -7.13 11.49 30.33
N ILE A 636 -8.27 11.54 31.03
CA ILE A 636 -9.55 11.55 30.36
C ILE A 636 -9.77 12.91 29.70
N GLY A 637 -10.50 12.93 28.60
CA GLY A 637 -10.70 14.15 27.86
C GLY A 637 -11.50 15.19 28.63
N ALA A 638 -11.41 16.44 28.15
CA ALA A 638 -12.20 17.56 28.66
C ALA A 638 -11.89 17.88 30.12
N GLY A 639 -10.63 17.76 30.51
CA GLY A 639 -10.18 18.21 31.82
C GLY A 639 -10.46 17.28 32.98
N ILE A 640 -11.12 16.15 32.74
CA ILE A 640 -11.41 15.20 33.80
C ILE A 640 -10.28 14.19 33.87
N CYS A 641 -9.99 13.70 35.07
CA CYS A 641 -8.94 12.71 35.27
C CYS A 641 -9.40 11.69 36.29
N ALA A 642 -8.91 10.46 36.16
CA ALA A 642 -9.29 9.36 37.03
C ALA A 642 -8.06 8.77 37.70
N SER A 643 -8.25 8.26 38.92
CA SER A 643 -7.15 7.67 39.66
C SER A 643 -7.70 6.67 40.67
N TYR A 644 -6.81 5.83 41.19
CA TYR A 644 -7.15 4.84 42.20
C TYR A 644 -6.86 5.44 43.58
N HIS A 645 -7.91 5.70 44.35
CA HIS A 645 -7.78 6.35 45.64
C HIS A 645 -8.51 5.54 46.70
N THR A 646 -8.10 5.74 47.95
CA THR A 646 -8.70 5.04 49.10
C THR A 646 -9.92 5.82 49.54
N VAL A 647 -11.09 5.40 49.06
CA VAL A 647 -12.34 6.05 49.41
C VAL A 647 -13.14 5.18 50.38
N GLN A 655 -10.48 -0.12 51.59
CA GLN A 655 -10.79 -0.42 50.19
C GLN A 655 -10.51 0.78 49.30
N LYS A 656 -10.31 0.52 48.01
CA LYS A 656 -10.02 1.55 47.03
C LYS A 656 -11.01 1.48 45.89
N SER A 657 -11.09 2.58 45.13
CA SER A 657 -12.00 2.67 43.99
C SER A 657 -11.49 3.73 43.04
N ILE A 658 -12.06 3.75 41.84
CA ILE A 658 -11.71 4.74 40.83
C ILE A 658 -12.50 6.01 41.10
N VAL A 659 -11.81 7.15 41.16
CA VAL A 659 -12.42 8.44 41.42
C VAL A 659 -12.10 9.39 40.28
N ALA A 660 -13.08 10.20 39.90
CA ALA A 660 -12.94 11.17 38.83
C ALA A 660 -12.94 12.58 39.41
N TYR A 661 -12.14 13.46 38.80
CA TYR A 661 -12.00 14.83 39.30
C TYR A 661 -11.49 15.71 38.17
N THR A 662 -11.56 17.02 38.42
CA THR A 662 -10.99 17.99 37.49
C THR A 662 -9.53 18.23 37.82
N MET A 663 -8.69 18.27 36.79
CA MET A 663 -7.25 18.43 37.00
C MET A 663 -6.94 19.82 37.55
N SER A 664 -5.91 19.88 38.37
CA SER A 664 -5.45 21.13 38.97
C SER A 664 -4.41 21.77 38.05
N LEU A 665 -4.70 23.00 37.60
CA LEU A 665 -3.79 23.68 36.68
C LEU A 665 -2.46 24.03 37.36
N GLY A 666 -2.53 24.51 38.59
CA GLY A 666 -1.31 24.88 39.29
C GLY A 666 -1.61 25.33 40.70
N ALA A 667 -0.60 25.95 41.32
CA ALA A 667 -0.70 26.45 42.68
C ALA A 667 -1.11 27.92 42.66
N ASP A 668 -2.16 28.24 43.40
CA ASP A 668 -2.65 29.61 43.44
C ASP A 668 -1.67 30.49 44.22
N SER A 669 -1.42 31.68 43.70
CA SER A 669 -0.51 32.62 44.35
C SER A 669 -0.85 34.03 43.88
N SER A 670 -0.66 35.00 44.77
CA SER A 670 -0.92 36.40 44.47
C SER A 670 0.26 37.25 44.92
N ILE A 671 0.60 38.26 44.11
CA ILE A 671 1.69 39.17 44.41
C ILE A 671 1.14 40.59 44.41
N ALA A 672 1.41 41.33 45.47
CA ALA A 672 0.95 42.70 45.59
C ALA A 672 1.76 43.62 44.68
N TYR A 673 1.07 44.46 43.92
CA TYR A 673 1.71 45.39 43.01
C TYR A 673 1.85 46.75 43.68
N SER A 674 3.08 47.25 43.75
CA SER A 674 3.36 48.56 44.34
C SER A 674 4.27 49.34 43.40
N ASN A 675 4.06 50.65 43.36
CA ASN A 675 4.82 51.53 42.47
C ASN A 675 6.11 52.06 43.10
N ASN A 676 6.37 51.78 44.37
CA ASN A 676 7.51 52.32 45.06
C ASN A 676 8.42 51.27 45.69
N THR A 677 8.03 49.99 45.69
CA THR A 677 8.78 48.95 46.36
C THR A 677 9.27 47.92 45.36
N ILE A 678 10.43 47.34 45.64
CA ILE A 678 11.03 46.28 44.84
C ILE A 678 11.51 45.19 45.77
N ALA A 679 11.76 44.01 45.18
CA ALA A 679 12.30 42.87 45.89
C ALA A 679 13.64 42.50 45.29
N ILE A 680 14.67 42.41 46.13
CA ILE A 680 16.03 42.12 45.71
C ILE A 680 16.50 40.87 46.45
N PRO A 681 17.01 39.86 45.76
CA PRO A 681 17.50 38.67 46.46
C PRO A 681 18.71 38.97 47.35
N THR A 682 18.82 38.21 48.43
CA THR A 682 19.93 38.34 49.36
C THR A 682 20.79 37.09 49.48
N ASN A 683 20.28 35.93 49.06
CA ASN A 683 21.05 34.70 49.11
C ASN A 683 20.77 33.91 47.83
N PHE A 684 21.69 33.01 47.50
CA PHE A 684 21.61 32.23 46.27
C PHE A 684 21.81 30.75 46.57
N SER A 685 21.49 29.93 45.58
CA SER A 685 21.67 28.49 45.66
C SER A 685 22.12 27.97 44.32
N ILE A 686 22.86 26.86 44.34
CA ILE A 686 23.37 26.21 43.14
C ILE A 686 22.56 24.94 42.91
N SER A 687 21.88 24.86 41.77
CA SER A 687 21.03 23.74 41.43
C SER A 687 21.54 23.07 40.16
N ILE A 688 21.54 21.74 40.15
CA ILE A 688 21.99 20.94 39.01
C ILE A 688 20.80 20.12 38.51
N THR A 689 20.44 20.31 37.25
CA THR A 689 19.33 19.61 36.63
C THR A 689 19.85 18.64 35.58
N THR A 690 18.97 17.74 35.16
CA THR A 690 19.30 16.72 34.17
C THR A 690 18.38 16.86 32.96
N GLU A 691 18.92 16.59 31.77
CA GLU A 691 18.17 16.62 30.54
C GLU A 691 18.55 15.42 29.69
N VAL A 692 17.56 14.67 29.23
CA VAL A 692 17.77 13.44 28.47
C VAL A 692 17.28 13.66 27.05
N MET A 693 18.18 13.43 26.07
CA MET A 693 17.86 13.63 24.67
C MET A 693 18.34 12.42 23.87
N PRO A 694 17.48 11.74 23.13
CA PRO A 694 17.93 10.67 22.25
C PRO A 694 18.73 11.23 21.08
N VAL A 695 19.69 10.43 20.60
CA VAL A 695 20.50 10.82 19.45
C VAL A 695 20.44 9.81 18.31
N SER A 696 20.13 8.54 18.54
CA SER A 696 20.07 7.55 17.48
C SER A 696 19.24 6.38 17.95
N MET A 697 18.78 5.57 17.00
CA MET A 697 17.97 4.40 17.30
C MET A 697 18.69 3.15 16.81
N ALA A 698 17.99 2.03 16.84
CA ALA A 698 18.55 0.78 16.34
C ALA A 698 18.73 0.85 14.83
N LYS A 699 19.86 0.34 14.35
CA LYS A 699 20.18 0.31 12.92
C LYS A 699 19.89 -1.09 12.40
N THR A 700 18.95 -1.19 11.46
CA THR A 700 18.42 -2.47 11.01
C THR A 700 18.50 -2.58 9.50
N SER A 701 18.43 -3.83 9.02
CA SER A 701 18.37 -4.13 7.61
C SER A 701 17.54 -5.40 7.42
N VAL A 702 16.95 -5.54 6.24
CA VAL A 702 16.04 -6.64 5.96
C VAL A 702 16.47 -7.32 4.66
N ASP A 703 16.33 -8.65 4.62
CA ASP A 703 16.52 -9.44 3.42
C ASP A 703 15.14 -9.91 2.97
N CYS A 704 14.61 -9.26 1.92
CA CYS A 704 13.27 -9.56 1.46
C CYS A 704 13.16 -10.99 0.93
N ASN A 705 14.17 -11.46 0.21
CA ASN A 705 14.12 -12.77 -0.41
C ASN A 705 13.94 -13.89 0.60
N MET A 706 14.27 -13.66 1.88
CA MET A 706 14.04 -14.65 2.93
C MET A 706 12.78 -14.37 3.74
N TYR A 707 12.46 -13.10 4.01
CA TYR A 707 11.23 -12.78 4.72
C TYR A 707 10.04 -13.22 3.89
N ILE A 708 9.87 -12.62 2.71
CA ILE A 708 8.92 -13.14 1.74
C ILE A 708 9.60 -14.24 0.94
N CYS A 709 8.80 -15.21 0.48
CA CYS A 709 9.29 -16.23 -0.43
C CYS A 709 10.46 -17.01 0.17
N GLY A 710 10.24 -17.58 1.36
CA GLY A 710 11.32 -18.20 2.11
C GLY A 710 11.69 -19.60 1.66
N ASP A 711 12.87 -19.73 1.02
CA ASP A 711 13.47 -21.01 0.66
C ASP A 711 12.57 -21.87 -0.22
N SER A 712 11.73 -21.23 -1.05
CA SER A 712 10.79 -22.00 -1.86
C SER A 712 11.45 -22.53 -3.13
N THR A 713 12.40 -21.77 -3.68
CA THR A 713 13.18 -22.08 -4.90
C THR A 713 12.26 -22.24 -6.11
N GLU A 714 10.95 -22.10 -5.90
CA GLU A 714 10.00 -22.02 -6.99
C GLU A 714 9.22 -20.72 -7.00
N CYS A 715 8.87 -20.22 -5.81
CA CYS A 715 8.28 -18.89 -5.71
C CYS A 715 9.28 -17.81 -6.12
N ALA A 716 10.58 -18.06 -5.90
CA ALA A 716 11.59 -17.05 -6.24
C ALA A 716 11.55 -16.69 -7.71
N ASN A 717 11.09 -17.60 -8.57
CA ASN A 717 10.90 -17.26 -9.98
C ASN A 717 9.80 -16.22 -10.16
N LEU A 718 8.72 -16.32 -9.36
CA LEU A 718 7.66 -15.33 -9.45
C LEU A 718 8.05 -14.01 -8.78
N LEU A 719 8.95 -14.05 -7.79
CA LEU A 719 9.37 -12.82 -7.14
C LEU A 719 10.14 -11.92 -8.10
N LEU A 720 10.87 -12.51 -9.04
CA LEU A 720 11.56 -11.72 -10.05
C LEU A 720 10.57 -11.02 -10.98
N GLN A 721 9.45 -11.66 -11.29
CA GLN A 721 8.46 -11.08 -12.18
C GLN A 721 7.77 -9.88 -11.56
N TYR A 722 7.67 -9.84 -10.23
CA TYR A 722 7.02 -8.71 -9.55
C TYR A 722 7.84 -7.44 -9.64
N GLY A 723 9.09 -7.50 -10.07
CA GLY A 723 9.91 -6.32 -10.24
C GLY A 723 10.94 -6.16 -9.14
N SER A 724 11.77 -5.13 -9.30
CA SER A 724 12.82 -4.81 -8.34
C SER A 724 12.29 -3.93 -7.22
N PHE A 725 11.29 -4.48 -6.50
CA PHE A 725 10.71 -3.77 -5.37
C PHE A 725 11.60 -3.79 -4.13
N CYS A 726 12.62 -4.64 -4.12
CA CYS A 726 13.47 -4.83 -2.95
C CYS A 726 14.62 -3.82 -2.90
N THR A 727 15.16 -3.45 -4.05
CA THR A 727 16.29 -2.51 -4.08
C THR A 727 15.88 -1.18 -3.47
N GLN A 728 14.67 -0.71 -3.75
CA GLN A 728 14.21 0.55 -3.18
C GLN A 728 14.14 0.48 -1.66
N LEU A 729 13.60 -0.62 -1.12
CA LEU A 729 13.51 -0.76 0.33
C LEU A 729 14.89 -0.81 0.98
N ASN A 730 15.79 -1.60 0.41
CA ASN A 730 17.14 -1.70 0.96
C ASN A 730 17.89 -0.37 0.88
N ARG A 731 17.75 0.37 -0.23
CA ARG A 731 18.38 1.67 -0.37
C ARG A 731 17.81 2.67 0.62
N ALA A 732 16.49 2.63 0.84
CA ALA A 732 15.89 3.51 1.84
C ALA A 732 16.37 3.18 3.24
N LEU A 733 16.53 1.89 3.55
CA LEU A 733 17.02 1.49 4.86
C LEU A 733 18.49 1.81 5.08
N SER A 734 19.32 1.77 4.03
CA SER A 734 20.73 2.11 4.17
C SER A 734 20.96 3.58 4.50
N GLY A 735 20.12 4.48 3.96
CA GLY A 735 20.23 5.89 4.32
C GLY A 735 20.00 6.14 5.79
N ILE A 736 19.03 5.46 6.40
CA ILE A 736 18.82 5.58 7.83
C ILE A 736 20.02 5.05 8.59
N ALA A 737 20.61 3.96 8.12
CA ALA A 737 21.80 3.40 8.77
C ALA A 737 22.95 4.39 8.76
N VAL A 738 23.14 5.10 7.64
CA VAL A 738 24.19 6.10 7.57
C VAL A 738 23.87 7.30 8.45
N GLU A 739 22.59 7.70 8.48
CA GLU A 739 22.21 8.90 9.21
C GLU A 739 22.32 8.69 10.72
N GLN A 740 22.01 7.48 11.20
CA GLN A 740 22.12 7.23 12.63
C GLN A 740 23.57 7.21 13.12
N ASP A 741 24.53 7.02 12.23
CA ASP A 741 25.93 7.17 12.59
C ASP A 741 26.39 8.62 12.44
N ARG A 742 25.87 9.33 11.43
CA ARG A 742 26.18 10.74 11.28
C ARG A 742 25.70 11.53 12.49
N ASN A 743 24.54 11.17 13.03
CA ASN A 743 24.01 11.86 14.20
C ASN A 743 24.95 11.72 15.39
N THR A 744 25.38 10.49 15.68
CA THR A 744 26.29 10.26 16.79
C THR A 744 27.63 10.96 16.57
N ARG A 745 28.12 10.97 15.33
CA ARG A 745 29.37 11.67 15.04
C ARG A 745 29.22 13.17 15.29
N GLU A 746 28.08 13.75 14.90
CA GLU A 746 27.89 15.19 15.05
C GLU A 746 27.71 15.58 16.51
N VAL A 747 26.98 14.76 17.28
CA VAL A 747 26.66 15.14 18.65
C VAL A 747 27.89 15.14 19.53
N PHE A 748 28.69 14.07 19.46
CA PHE A 748 29.81 13.88 20.38
C PHE A 748 31.14 14.38 19.82
N ALA A 749 31.49 13.99 18.60
CA ALA A 749 32.79 14.35 18.01
C ALA A 749 32.79 15.81 17.61
N GLN A 750 32.93 16.68 18.62
CA GLN A 750 33.02 18.11 18.41
C GLN A 750 34.38 18.67 18.74
N VAL A 751 35.09 18.08 19.69
CA VAL A 751 36.45 18.49 20.04
C VAL A 751 37.44 17.67 19.22
N LYS A 752 38.45 18.35 18.68
CA LYS A 752 39.47 17.70 17.89
C LYS A 752 40.63 17.18 18.73
N GLN A 753 41.02 17.89 19.80
CA GLN A 753 42.01 17.39 20.74
C GLN A 753 41.33 16.49 21.75
N MET A 754 41.94 15.34 22.03
CA MET A 754 41.45 14.42 23.05
C MET A 754 42.27 14.62 24.32
N TYR A 755 41.75 15.48 25.20
CA TYR A 755 42.47 15.81 26.42
C TYR A 755 42.43 14.64 27.40
N LYS A 756 43.49 14.53 28.19
CA LYS A 756 43.62 13.46 29.15
C LYS A 756 42.90 13.81 30.45
N THR A 757 42.76 12.80 31.31
CA THR A 757 42.17 13.02 32.63
C THR A 757 43.13 13.83 33.48
N PRO A 758 42.67 14.88 34.17
CA PRO A 758 43.59 15.72 34.95
C PRO A 758 44.17 15.05 36.18
N THR A 759 43.73 13.82 36.50
CA THR A 759 44.25 12.97 37.57
C THR A 759 44.26 13.65 38.94
N LEU A 760 43.63 14.83 39.03
CA LEU A 760 43.49 15.54 40.29
C LEU A 760 42.07 15.44 40.85
N LYS A 761 41.07 15.75 40.04
CA LYS A 761 39.66 15.58 40.37
C LYS A 761 39.24 16.40 41.59
N ASP A 762 39.97 17.47 41.89
CA ASP A 762 39.59 18.37 42.98
C ASP A 762 40.24 19.73 42.67
N PHE A 763 39.44 20.66 42.15
CA PHE A 763 39.92 21.97 41.75
C PHE A 763 39.23 23.02 42.62
N GLY A 764 39.98 23.59 43.56
CA GLY A 764 39.45 24.63 44.41
C GLY A 764 38.28 24.21 45.28
N GLY A 765 38.26 22.95 45.71
CA GLY A 765 37.18 22.43 46.53
C GLY A 765 36.01 21.88 45.76
N PHE A 766 35.97 22.06 44.44
CA PHE A 766 34.89 21.53 43.61
C PHE A 766 35.23 20.09 43.25
N ASN A 767 34.57 19.15 43.92
CA ASN A 767 34.84 17.73 43.69
C ASN A 767 34.32 17.31 42.33
N PHE A 768 35.23 17.00 41.41
CA PHE A 768 34.87 16.57 40.07
C PHE A 768 34.82 15.06 39.92
N SER A 769 34.97 14.32 41.03
CA SER A 769 34.86 12.87 40.97
C SER A 769 33.42 12.46 40.65
N GLN A 770 33.25 11.18 40.35
CA GLN A 770 31.99 10.55 39.96
C GLN A 770 31.50 11.01 38.61
N ILE A 771 32.19 11.96 37.96
CA ILE A 771 31.84 12.42 36.62
C ILE A 771 32.91 12.03 35.61
N LEU A 772 34.18 12.18 35.96
CA LEU A 772 35.34 11.78 35.19
C LEU A 772 35.69 10.31 35.48
N PRO A 773 36.31 9.61 34.52
CA PRO A 773 36.66 8.21 34.74
C PRO A 773 37.72 8.05 35.82
N ASP A 774 37.70 6.89 36.46
CA ASP A 774 38.66 6.54 37.49
C ASP A 774 39.63 5.51 36.93
N PRO A 775 40.94 5.78 36.93
CA PRO A 775 41.89 4.79 36.35
C PRO A 775 41.86 3.44 37.04
N LEU A 776 41.64 3.41 38.36
CA LEU A 776 41.59 2.16 39.11
C LEU A 776 40.16 1.63 39.16
N LYS A 777 39.59 1.46 37.97
CA LYS A 777 38.22 0.98 37.80
C LYS A 777 38.20 0.12 36.55
N PRO A 778 37.52 -1.04 36.58
CA PRO A 778 37.50 -1.93 35.41
C PRO A 778 36.96 -1.24 34.16
N THR A 779 35.75 -0.70 34.24
CA THR A 779 35.16 -0.02 33.10
C THR A 779 35.82 1.34 32.89
N LYS A 780 35.76 1.83 31.65
CA LYS A 780 36.33 3.12 31.28
C LYS A 780 35.33 4.26 31.45
N ARG A 781 34.14 3.98 31.98
CA ARG A 781 33.13 4.98 32.23
C ARG A 781 33.13 5.34 33.72
N SER A 782 32.64 6.55 34.01
CA SER A 782 32.57 7.00 35.39
C SER A 782 31.35 6.38 36.08
N PHE A 783 31.13 6.78 37.33
CA PHE A 783 30.08 6.16 38.13
C PHE A 783 28.70 6.54 37.61
N ILE A 784 28.51 7.81 37.22
CA ILE A 784 27.20 8.26 36.76
C ILE A 784 26.83 7.59 35.44
N GLU A 785 27.80 7.49 34.51
CA GLU A 785 27.52 6.85 33.23
C GLU A 785 27.18 5.37 33.42
N ASP A 786 27.84 4.70 34.35
CA ASP A 786 27.50 3.31 34.64
C ASP A 786 26.07 3.20 35.16
N LEU A 787 25.66 4.13 36.03
CA LEU A 787 24.30 4.14 36.53
C LEU A 787 23.30 4.36 35.39
N LEU A 788 23.62 5.27 34.47
CA LEU A 788 22.75 5.51 33.32
C LEU A 788 22.64 4.28 32.44
N PHE A 789 23.76 3.58 32.23
CA PHE A 789 23.74 2.38 31.41
C PHE A 789 22.99 1.24 32.11
N ASN A 790 22.95 1.25 33.43
CA ASN A 790 22.24 0.21 34.17
C ASN A 790 20.72 0.41 34.16
N LYS A 791 20.25 1.64 33.95
CA LYS A 791 18.81 1.89 33.99
C LYS A 791 18.12 1.32 32.75
N VAL A 792 18.71 1.54 31.58
CA VAL A 792 18.10 1.11 30.32
C VAL A 792 18.24 -0.40 30.19
N THR A 793 17.11 -1.07 29.98
CA THR A 793 17.08 -2.52 29.80
C THR A 793 17.01 -2.80 28.30
N LEU A 794 18.18 -2.86 27.66
CA LEU A 794 18.25 -3.12 26.23
C LEU A 794 17.82 -4.55 25.93
N ALA A 795 17.30 -4.76 24.72
CA ALA A 795 16.95 -6.10 24.28
C ALA A 795 18.19 -6.99 24.14
N ASP A 796 19.38 -6.39 24.15
CA ASP A 796 20.66 -7.11 24.13
C ASP A 796 20.79 -7.95 22.86
N ALA A 797 20.77 -7.26 21.73
CA ALA A 797 21.12 -7.90 20.46
C ALA A 797 22.63 -8.10 20.44
N GLY A 798 23.07 -9.34 20.68
CA GLY A 798 24.48 -9.63 20.85
C GLY A 798 25.32 -9.36 19.62
N PHE A 799 24.69 -9.10 18.47
CA PHE A 799 25.38 -8.77 17.22
C PHE A 799 26.15 -9.97 16.68
N MET A 800 26.21 -11.05 17.46
CA MET A 800 26.75 -12.34 17.04
C MET A 800 25.82 -13.42 17.58
N LYS A 801 24.78 -13.74 16.82
CA LYS A 801 23.88 -14.83 17.14
C LYS A 801 24.18 -15.94 16.15
N GLN A 802 24.98 -16.90 16.57
CA GLN A 802 25.48 -17.94 15.67
C GLN A 802 24.40 -18.99 15.42
N TYR A 803 24.63 -19.79 14.39
CA TYR A 803 23.69 -20.85 14.05
C TYR A 803 23.53 -21.87 15.16
N GLY A 804 24.58 -22.11 15.94
CA GLY A 804 24.51 -23.03 17.05
C GLY A 804 23.57 -22.60 18.15
N GLU A 805 23.50 -21.29 18.38
CA GLU A 805 22.64 -20.78 19.45
C GLU A 805 21.17 -20.81 19.06
N CYS A 806 20.87 -20.54 17.80
CA CYS A 806 19.49 -20.55 17.31
C CYS A 806 19.01 -21.94 16.92
N LEU A 807 19.92 -22.91 16.80
CA LEU A 807 19.54 -24.28 16.50
C LEU A 807 19.33 -25.12 17.76
N GLY A 808 19.97 -24.76 18.87
CA GLY A 808 19.74 -25.41 20.15
C GLY A 808 18.99 -24.50 21.09
N ASP A 809 18.52 -25.08 22.19
CA ASP A 809 17.75 -24.35 23.21
C ASP A 809 16.54 -23.67 22.58
N ILE A 810 15.87 -24.38 21.66
CA ILE A 810 14.72 -23.82 20.96
C ILE A 810 13.53 -23.62 21.88
N ASN A 811 13.50 -24.32 23.02
CA ASN A 811 12.38 -24.19 23.95
C ASN A 811 12.27 -22.78 24.53
N ALA A 812 13.36 -22.02 24.54
CA ALA A 812 13.31 -20.65 25.03
C ALA A 812 12.48 -19.76 24.13
N ARG A 813 12.43 -20.08 22.83
CA ARG A 813 11.66 -19.30 21.84
C ARG A 813 12.09 -17.84 21.85
N ASP A 814 13.39 -17.62 21.71
CA ASP A 814 13.92 -16.26 21.71
C ASP A 814 13.41 -15.49 20.49
N LEU A 815 13.04 -14.22 20.71
CA LEU A 815 12.50 -13.42 19.62
C LEU A 815 13.57 -13.12 18.57
N ILE A 816 14.81 -12.87 19.00
CA ILE A 816 15.87 -12.50 18.07
C ILE A 816 16.17 -13.66 17.12
N CYS A 817 16.21 -14.89 17.66
CA CYS A 817 16.43 -16.05 16.80
C CYS A 817 15.31 -16.22 15.80
N ALA A 818 14.08 -15.81 16.16
CA ALA A 818 12.97 -15.86 15.22
C ALA A 818 13.06 -14.78 14.15
N GLN A 819 13.61 -13.61 14.48
CA GLN A 819 13.77 -12.55 13.48
C GLN A 819 14.90 -12.83 12.52
N LYS A 820 16.03 -13.34 13.01
CA LYS A 820 17.17 -13.60 12.12
C LYS A 820 16.90 -14.76 11.18
N PHE A 821 15.94 -15.63 11.52
CA PHE A 821 15.58 -16.71 10.61
C PHE A 821 14.78 -16.18 9.41
N ASN A 822 14.19 -15.00 9.53
CA ASN A 822 13.38 -14.42 8.48
C ASN A 822 14.08 -13.28 7.75
N GLY A 823 15.40 -13.16 7.90
CA GLY A 823 16.15 -12.15 7.17
C GLY A 823 16.15 -10.77 7.80
N LEU A 824 15.66 -10.62 9.02
CA LEU A 824 15.66 -9.34 9.72
C LEU A 824 16.86 -9.30 10.67
N THR A 825 17.80 -8.40 10.39
CA THR A 825 19.02 -8.29 11.18
C THR A 825 19.18 -6.86 11.67
N VAL A 826 19.98 -6.71 12.72
CA VAL A 826 20.29 -5.41 13.32
C VAL A 826 21.79 -5.22 13.22
N LEU A 827 22.20 -4.16 12.51
CA LEU A 827 23.62 -3.87 12.34
C LEU A 827 24.19 -3.18 13.58
N PRO A 828 25.47 -3.37 13.86
CA PRO A 828 26.07 -2.72 15.03
C PRO A 828 26.50 -1.31 14.70
N PRO A 829 26.44 -0.40 15.68
CA PRO A 829 26.85 0.98 15.42
C PRO A 829 28.35 1.09 15.19
N LEU A 830 28.74 2.13 14.44
CA LEU A 830 30.15 2.33 14.13
C LEU A 830 30.94 2.71 15.37
N LEU A 831 30.40 3.63 16.18
CA LEU A 831 31.08 4.09 17.39
C LEU A 831 30.65 3.24 18.56
N THR A 832 31.61 2.54 19.18
CA THR A 832 31.31 1.70 20.32
C THR A 832 31.05 2.57 21.55
N ASP A 833 30.59 1.91 22.63
CA ASP A 833 30.27 2.64 23.85
C ASP A 833 31.52 3.16 24.54
N ASP A 834 32.67 2.54 24.32
CA ASP A 834 33.90 3.01 24.94
C ASP A 834 34.36 4.32 24.33
N MET A 835 34.23 4.47 23.00
CA MET A 835 34.68 5.69 22.34
C MET A 835 33.78 6.87 22.72
N ILE A 836 32.47 6.65 22.84
CA ILE A 836 31.58 7.71 23.28
C ILE A 836 31.93 8.14 24.70
N ALA A 837 32.22 7.17 25.57
CA ALA A 837 32.62 7.50 26.94
C ALA A 837 33.92 8.29 26.95
N ALA A 838 34.88 7.92 26.09
CA ALA A 838 36.11 8.68 26.00
C ALA A 838 35.86 10.10 25.51
N TYR A 839 34.95 10.27 24.55
CA TYR A 839 34.62 11.60 24.06
C TYR A 839 34.02 12.45 25.18
N THR A 840 33.08 11.90 25.94
CA THR A 840 32.50 12.65 27.05
C THR A 840 33.53 12.96 28.13
N ALA A 841 34.44 12.01 28.41
CA ALA A 841 35.48 12.27 29.40
C ALA A 841 36.40 13.39 28.95
N ALA A 842 36.78 13.40 27.65
CA ALA A 842 37.60 14.47 27.13
C ALA A 842 36.87 15.81 27.20
N LEU A 843 35.58 15.83 26.89
CA LEU A 843 34.82 17.07 26.98
C LEU A 843 34.78 17.59 28.42
N VAL A 844 34.53 16.71 29.38
CA VAL A 844 34.49 17.13 30.78
C VAL A 844 35.84 17.62 31.24
N SER A 845 36.92 16.93 30.84
CA SER A 845 38.26 17.36 31.23
C SER A 845 38.60 18.72 30.64
N GLY A 846 38.24 18.94 29.37
CA GLY A 846 38.48 20.24 28.77
C GLY A 846 37.68 21.35 29.43
N THR A 847 36.43 21.06 29.80
CA THR A 847 35.63 22.05 30.52
C THR A 847 36.25 22.36 31.88
N ALA A 848 36.74 21.33 32.59
CA ALA A 848 37.31 21.55 33.91
C ALA A 848 38.61 22.34 33.84
N THR A 849 39.48 22.03 32.87
CA THR A 849 40.79 22.64 32.78
C THR A 849 40.80 23.87 31.89
N ALA A 850 40.46 23.71 30.61
CA ALA A 850 40.52 24.83 29.68
C ALA A 850 39.43 25.86 29.97
N GLY A 851 38.20 25.40 30.17
CA GLY A 851 37.09 26.30 30.43
C GLY A 851 36.28 26.59 29.19
N TRP A 852 35.96 27.88 28.96
CA TRP A 852 35.20 28.27 27.79
C TRP A 852 36.08 28.52 26.58
N THR A 853 37.40 28.48 26.75
CA THR A 853 38.31 28.88 25.67
C THR A 853 38.40 27.81 24.59
N PHE A 854 38.22 26.55 24.94
CA PHE A 854 38.38 25.46 23.97
C PHE A 854 37.22 25.36 22.99
N GLY A 855 36.22 26.24 23.09
CA GLY A 855 35.20 26.30 22.07
C GLY A 855 35.76 26.69 20.72
N ALA A 856 36.79 27.52 20.71
CA ALA A 856 37.52 27.87 19.50
C ALA A 856 38.55 26.79 19.21
N GLY A 857 39.48 27.08 18.29
CA GLY A 857 40.48 26.08 17.94
C GLY A 857 41.42 25.75 19.08
N ALA A 858 41.89 26.77 19.78
CA ALA A 858 42.85 26.59 20.85
C ALA A 858 42.16 26.52 22.21
N ALA A 859 42.91 26.08 23.22
CA ALA A 859 42.42 25.97 24.58
C ALA A 859 43.41 26.66 25.51
N LEU A 860 42.90 27.54 26.38
CA LEU A 860 43.72 28.30 27.30
C LEU A 860 43.57 27.74 28.70
N GLN A 861 44.69 27.44 29.36
CA GLN A 861 44.66 26.90 30.71
C GLN A 861 44.23 27.97 31.71
N ILE A 862 43.38 27.57 32.65
CA ILE A 862 42.92 28.47 33.71
C ILE A 862 42.44 27.63 34.89
N PRO A 863 42.69 28.05 36.13
CA PRO A 863 42.13 27.31 37.26
C PRO A 863 40.62 27.45 37.33
N PHE A 864 39.99 26.50 38.02
CA PHE A 864 38.54 26.47 38.11
C PHE A 864 38.00 27.65 38.93
N ALA A 865 38.88 28.35 39.63
CA ALA A 865 38.45 29.47 40.47
C ALA A 865 37.99 30.65 39.62
N MET A 866 38.93 31.25 38.87
CA MET A 866 38.57 32.44 38.10
C MET A 866 37.71 32.09 36.89
N GLN A 867 37.70 30.83 36.47
CA GLN A 867 36.74 30.42 35.46
C GLN A 867 35.31 30.56 36.00
N MET A 868 35.06 30.05 37.20
CA MET A 868 33.77 30.25 37.84
C MET A 868 33.52 31.72 38.13
N ALA A 869 34.58 32.48 38.42
CA ALA A 869 34.40 33.92 38.65
C ALA A 869 33.94 34.62 37.37
N TYR A 870 34.53 34.25 36.22
CA TYR A 870 34.09 34.81 34.95
C TYR A 870 32.67 34.39 34.62
N ARG A 871 32.32 33.13 34.90
CA ARG A 871 30.94 32.70 34.72
C ARG A 871 29.99 33.50 35.59
N PHE A 872 30.39 33.82 36.81
CA PHE A 872 29.63 34.70 37.68
C PHE A 872 29.65 36.16 37.23
N ASN A 873 30.59 36.53 36.37
CA ASN A 873 30.64 37.89 35.86
C ASN A 873 29.66 38.13 34.73
N GLY A 874 29.46 37.15 33.85
CA GLY A 874 28.51 37.27 32.76
C GLY A 874 27.08 37.01 33.14
N ILE A 875 26.81 36.63 34.38
CA ILE A 875 25.45 36.36 34.81
C ILE A 875 24.75 37.62 35.32
N GLY A 876 25.51 38.61 35.77
CA GLY A 876 24.94 39.83 36.29
C GLY A 876 25.54 40.26 37.62
N VAL A 877 25.92 39.29 38.44
CA VAL A 877 26.54 39.58 39.73
C VAL A 877 28.02 39.86 39.53
N THR A 878 28.68 40.39 40.55
CA THR A 878 30.09 40.72 40.47
C THR A 878 30.94 39.51 40.85
N GLN A 879 32.26 39.68 40.79
CA GLN A 879 33.19 38.62 41.16
C GLN A 879 33.40 38.52 42.66
N ASN A 880 32.78 39.40 43.45
CA ASN A 880 33.02 39.42 44.88
C ASN A 880 32.37 38.22 45.57
N VAL A 881 31.23 37.76 45.06
CA VAL A 881 30.47 36.73 45.74
C VAL A 881 31.24 35.41 45.79
N LEU A 882 31.86 35.02 44.67
CA LEU A 882 32.55 33.73 44.63
C LEU A 882 33.79 33.74 45.50
N TYR A 883 34.63 34.77 45.38
CA TYR A 883 35.87 34.80 46.14
C TYR A 883 35.60 34.98 47.63
N GLU A 884 34.36 35.25 48.02
CA GLU A 884 34.01 35.39 49.41
C GLU A 884 33.21 34.21 49.96
N ASN A 885 32.55 33.44 49.09
CA ASN A 885 31.70 32.34 49.53
C ASN A 885 32.01 31.06 48.74
N GLN A 886 33.27 30.91 48.34
CA GLN A 886 33.68 29.70 47.62
C GLN A 886 33.33 28.43 48.38
N LYS A 887 33.47 28.44 49.71
CA LYS A 887 33.20 27.23 50.49
C LYS A 887 31.75 26.80 50.35
N GLN A 888 30.82 27.74 50.51
CA GLN A 888 29.39 27.42 50.40
C GLN A 888 29.05 26.94 49.00
N ILE A 889 29.60 27.59 47.97
CA ILE A 889 29.31 27.20 46.60
C ILE A 889 29.83 25.79 46.32
N ALA A 890 31.05 25.48 46.78
CA ALA A 890 31.59 24.13 46.58
C ALA A 890 30.76 23.09 47.32
N ASN A 891 30.35 23.40 48.55
CA ASN A 891 29.52 22.46 49.30
C ASN A 891 28.19 22.22 48.60
N GLN A 892 27.57 23.28 48.09
CA GLN A 892 26.31 23.12 47.37
C GLN A 892 26.49 22.33 46.09
N PHE A 893 27.60 22.54 45.38
CA PHE A 893 27.88 21.78 44.17
C PHE A 893 28.02 20.30 44.48
N ASN A 894 28.78 19.96 45.52
CA ASN A 894 28.97 18.57 45.89
C ASN A 894 27.65 17.93 46.34
N LYS A 895 26.86 18.68 47.11
CA LYS A 895 25.57 18.15 47.56
C LYS A 895 24.62 17.94 46.39
N ALA A 896 24.63 18.85 45.41
CA ALA A 896 23.80 18.68 44.23
C ALA A 896 24.22 17.47 43.42
N ILE A 897 25.53 17.24 43.28
CA ILE A 897 26.00 16.05 42.58
C ILE A 897 25.56 14.79 43.31
N SER A 898 25.67 14.78 44.64
CA SER A 898 25.24 13.62 45.41
C SER A 898 23.74 13.38 45.27
N GLN A 899 22.94 14.46 45.29
CA GLN A 899 21.51 14.32 45.13
C GLN A 899 21.15 13.80 43.74
N ILE A 900 21.87 14.25 42.71
CA ILE A 900 21.66 13.73 41.37
C ILE A 900 21.95 12.23 41.33
N GLN A 901 23.04 11.81 41.99
CA GLN A 901 23.36 10.39 42.05
C GLN A 901 22.25 9.60 42.74
N GLU A 902 21.77 10.10 43.88
CA GLU A 902 20.71 9.40 44.60
C GLU A 902 19.43 9.32 43.79
N SER A 903 19.10 10.40 43.08
CA SER A 903 17.91 10.38 42.22
C SER A 903 18.07 9.38 41.08
N LEU A 904 19.28 9.30 40.51
CA LEU A 904 19.52 8.33 39.45
C LEU A 904 19.39 6.90 39.97
N THR A 905 19.86 6.64 41.19
CA THR A 905 19.82 5.28 41.72
C THR A 905 18.40 4.90 42.16
N THR A 906 17.59 5.87 42.57
CA THR A 906 16.30 5.58 43.18
C THR A 906 15.16 5.62 42.17
N THR A 907 15.09 6.66 41.35
CA THR A 907 13.95 6.83 40.45
C THR A 907 13.85 5.68 39.45
N SER A 908 12.62 5.25 39.19
CA SER A 908 12.37 4.12 38.30
C SER A 908 12.24 4.57 36.84
N THR A 909 11.45 5.62 36.58
CA THR A 909 11.21 6.13 35.24
C THR A 909 11.99 7.44 35.07
N ALA A 910 13.26 7.31 34.69
CA ALA A 910 14.12 8.46 34.40
C ALA A 910 14.55 8.52 32.95
N LEU A 911 15.09 7.44 32.41
CA LEU A 911 15.45 7.37 30.99
C LEU A 911 14.31 6.77 30.16
N GLY A 912 13.10 7.29 30.38
CA GLY A 912 11.95 6.79 29.64
C GLY A 912 12.00 7.10 28.17
N LYS A 913 12.48 8.29 27.79
CA LYS A 913 12.59 8.64 26.38
C LYS A 913 13.58 7.74 25.66
N LEU A 914 14.64 7.31 26.35
CA LEU A 914 15.59 6.38 25.75
C LEU A 914 15.05 4.96 25.71
N GLN A 915 14.31 4.55 26.74
CA GLN A 915 13.74 3.20 26.74
C GLN A 915 12.66 3.04 25.69
N ASP A 916 11.91 4.12 25.42
CA ASP A 916 10.83 4.04 24.43
C ASP A 916 11.38 3.72 23.05
N VAL A 917 12.57 4.23 22.72
CA VAL A 917 13.15 3.98 21.40
C VAL A 917 13.36 2.48 21.20
N VAL A 918 13.97 1.82 22.19
CA VAL A 918 14.18 0.38 22.12
C VAL A 918 12.84 -0.36 22.10
N ASN A 919 11.89 0.09 22.92
CA ASN A 919 10.60 -0.57 22.99
C ASN A 919 9.85 -0.54 21.66
N GLN A 920 9.91 0.56 20.92
CA GLN A 920 9.29 0.59 19.60
C GLN A 920 10.13 -0.12 18.54
N ASN A 921 11.45 -0.02 18.59
CA ASN A 921 12.27 -0.68 17.59
C ASN A 921 12.16 -2.20 17.66
N ALA A 922 12.04 -2.76 18.87
CA ALA A 922 11.83 -4.20 18.98
C ALA A 922 10.39 -4.58 18.64
N GLN A 923 9.42 -3.72 19.01
CA GLN A 923 8.02 -4.02 18.74
C GLN A 923 7.73 -4.07 17.24
N ALA A 924 8.35 -3.16 16.47
CA ALA A 924 8.14 -3.17 15.03
C ALA A 924 8.64 -4.48 14.41
N LEU A 925 9.82 -4.93 14.80
CA LEU A 925 10.36 -6.19 14.27
C LEU A 925 9.50 -7.37 14.70
N ASN A 926 9.04 -7.38 15.95
CA ASN A 926 8.18 -8.47 16.41
C ASN A 926 6.87 -8.50 15.64
N THR A 927 6.28 -7.33 15.40
CA THR A 927 5.05 -7.26 14.60
C THR A 927 5.29 -7.76 13.18
N LEU A 928 6.41 -7.36 12.57
CA LEU A 928 6.73 -7.85 11.23
C LEU A 928 6.89 -9.37 11.22
N VAL A 929 7.47 -9.94 12.28
CA VAL A 929 7.64 -11.38 12.34
C VAL A 929 6.28 -12.07 12.46
N LYS A 930 5.42 -11.57 13.36
CA LYS A 930 4.13 -12.22 13.57
C LYS A 930 3.13 -11.96 12.45
N GLN A 931 3.46 -11.06 11.51
CA GLN A 931 2.58 -10.79 10.37
C GLN A 931 2.75 -11.81 9.25
N LEU A 932 3.55 -12.85 9.44
CA LEU A 932 3.80 -13.86 8.43
C LEU A 932 2.75 -14.97 8.41
N SER A 933 1.77 -14.91 9.30
CA SER A 933 0.73 -15.94 9.41
C SER A 933 -0.64 -15.42 9.01
N SER A 934 -0.70 -14.61 7.95
CA SER A 934 -1.95 -14.03 7.47
C SER A 934 -2.24 -14.52 6.08
N ASN A 935 -3.48 -14.96 5.85
CA ASN A 935 -3.92 -15.41 4.53
C ASN A 935 -4.36 -14.19 3.74
N PHE A 936 -3.51 -13.71 2.83
CA PHE A 936 -3.82 -12.54 2.00
C PHE A 936 -4.71 -12.95 0.82
N GLY A 937 -5.88 -13.49 1.16
CA GLY A 937 -6.81 -13.98 0.17
C GLY A 937 -6.52 -15.37 -0.34
N ALA A 938 -5.50 -16.04 0.18
CA ALA A 938 -5.13 -17.38 -0.26
C ALA A 938 -5.78 -18.43 0.63
N ILE A 939 -5.60 -19.70 0.25
CA ILE A 939 -6.17 -20.80 1.01
C ILE A 939 -5.45 -20.97 2.34
N SER A 940 -4.13 -20.81 2.35
CA SER A 940 -3.34 -20.97 3.56
C SER A 940 -2.26 -19.91 3.60
N SER A 941 -1.81 -19.59 4.82
CA SER A 941 -0.78 -18.59 5.02
C SER A 941 0.63 -19.16 4.98
N VAL A 942 0.76 -20.49 4.93
CA VAL A 942 2.07 -21.15 4.97
C VAL A 942 2.29 -21.85 3.64
N LEU A 943 3.38 -21.51 2.97
CA LEU A 943 3.73 -22.15 1.72
C LEU A 943 4.32 -23.54 2.01
N ASN A 944 4.67 -24.24 0.91
CA ASN A 944 5.02 -25.66 0.93
C ASN A 944 3.79 -26.50 1.30
N ASP A 945 2.67 -25.82 1.56
CA ASP A 945 1.36 -26.45 1.69
C ASP A 945 0.49 -26.19 0.46
N ILE A 946 0.48 -24.96 -0.04
CA ILE A 946 -0.16 -24.68 -1.32
C ILE A 946 0.57 -25.37 -2.47
N LEU A 947 1.91 -25.42 -2.41
CA LEU A 947 2.69 -26.06 -3.45
C LEU A 947 2.61 -27.58 -3.41
N SER A 948 2.18 -28.16 -2.28
CA SER A 948 2.08 -29.60 -2.15
C SER A 948 0.70 -30.14 -2.51
N ARG A 949 -0.34 -29.31 -2.42
CA ARG A 949 -1.70 -29.74 -2.72
C ARG A 949 -2.19 -29.27 -4.09
N LEU A 950 -1.52 -28.32 -4.71
CA LEU A 950 -1.94 -27.75 -5.98
C LEU A 950 -0.80 -27.83 -6.98
N ASP A 951 -1.16 -27.87 -8.26
CA ASP A 951 -0.16 -27.93 -9.32
C ASP A 951 0.48 -26.56 -9.52
N LYS A 952 1.33 -26.45 -10.54
CA LYS A 952 2.09 -25.23 -10.76
C LYS A 952 1.18 -24.06 -11.11
N VAL A 953 0.21 -24.30 -11.99
CA VAL A 953 -0.62 -23.20 -12.49
C VAL A 953 -1.54 -22.67 -11.39
N GLU A 954 -2.18 -23.57 -10.65
CA GLU A 954 -3.17 -23.15 -9.66
C GLU A 954 -2.53 -22.48 -8.45
N ALA A 955 -1.36 -22.95 -8.02
CA ALA A 955 -0.73 -22.40 -6.82
C ALA A 955 -0.11 -21.03 -7.06
N GLU A 956 0.12 -20.67 -8.33
CA GLU A 956 0.77 -19.40 -8.63
C GLU A 956 -0.09 -18.22 -8.17
N VAL A 957 -1.41 -18.33 -8.28
CA VAL A 957 -2.28 -17.24 -7.85
C VAL A 957 -2.14 -16.99 -6.36
N GLN A 958 -2.19 -18.05 -5.56
CA GLN A 958 -2.05 -17.91 -4.11
C GLN A 958 -0.66 -17.41 -3.75
N ILE A 959 0.37 -17.88 -4.45
CA ILE A 959 1.73 -17.40 -4.19
C ILE A 959 1.84 -15.91 -4.47
N ASP A 960 1.24 -15.45 -5.58
CA ASP A 960 1.26 -14.03 -5.90
C ASP A 960 0.50 -13.21 -4.86
N ARG A 961 -0.62 -13.73 -4.38
CA ARG A 961 -1.37 -13.02 -3.33
C ARG A 961 -0.52 -12.88 -2.08
N LEU A 962 0.13 -13.96 -1.65
CA LEU A 962 0.99 -13.90 -0.46
C LEU A 962 2.14 -12.93 -0.67
N ILE A 963 2.76 -12.95 -1.85
CA ILE A 963 3.86 -12.04 -2.14
C ILE A 963 3.40 -10.59 -2.05
N THR A 964 2.23 -10.30 -2.62
CA THR A 964 1.71 -8.93 -2.58
C THR A 964 1.46 -8.48 -1.13
N GLY A 965 0.83 -9.34 -0.34
CA GLY A 965 0.57 -8.97 1.04
C GLY A 965 1.83 -8.72 1.84
N ARG A 966 2.80 -9.62 1.71
CA ARG A 966 4.04 -9.47 2.48
C ARG A 966 4.86 -8.28 2.01
N LEU A 967 4.83 -7.99 0.70
CA LEU A 967 5.51 -6.79 0.20
C LEU A 967 4.86 -5.52 0.74
N GLN A 968 3.52 -5.51 0.82
CA GLN A 968 2.84 -4.37 1.43
C GLN A 968 3.25 -4.20 2.88
N SER A 969 3.35 -5.31 3.62
CA SER A 969 3.80 -5.23 5.02
C SER A 969 5.20 -4.64 5.12
N LEU A 970 6.10 -5.10 4.25
CA LEU A 970 7.47 -4.57 4.28
C LEU A 970 7.50 -3.08 3.96
N GLN A 971 6.72 -2.65 2.96
CA GLN A 971 6.67 -1.23 2.62
C GLN A 971 6.14 -0.40 3.78
N THR A 972 5.10 -0.89 4.46
CA THR A 972 4.59 -0.18 5.62
C THR A 972 5.64 -0.05 6.70
N TYR A 973 6.37 -1.13 6.97
CA TYR A 973 7.44 -1.08 7.97
C TYR A 973 8.50 -0.05 7.61
N VAL A 974 8.91 -0.03 6.34
CA VAL A 974 9.93 0.92 5.90
C VAL A 974 9.43 2.35 6.05
N THR A 975 8.17 2.60 5.70
CA THR A 975 7.62 3.95 5.82
C THR A 975 7.61 4.41 7.27
N GLN A 976 7.16 3.54 8.18
CA GLN A 976 7.15 3.90 9.60
C GLN A 976 8.56 4.15 10.11
N GLN A 977 9.53 3.35 9.66
CA GLN A 977 10.91 3.55 10.09
C GLN A 977 11.44 4.91 9.61
N LEU A 978 11.12 5.30 8.37
CA LEU A 978 11.54 6.60 7.87
C LEU A 978 10.90 7.74 8.69
N ILE A 979 9.61 7.60 8.99
CA ILE A 979 8.93 8.63 9.77
C ILE A 979 9.56 8.77 11.14
N ARG A 980 9.94 7.65 11.76
CA ARG A 980 10.60 7.72 13.06
C ARG A 980 12.00 8.32 12.93
N ALA A 981 12.71 8.00 11.84
CA ALA A 981 14.05 8.53 11.64
C ALA A 981 14.05 10.03 11.51
N ALA A 982 13.00 10.60 10.91
CA ALA A 982 12.90 12.06 10.82
C ALA A 982 12.94 12.70 12.21
N GLU A 983 12.10 12.20 13.12
CA GLU A 983 12.06 12.76 14.47
C GLU A 983 13.36 12.51 15.21
N ILE A 984 13.96 11.33 15.01
CA ILE A 984 15.24 11.04 15.67
C ILE A 984 16.31 12.01 15.19
N ARG A 985 16.33 12.32 13.89
CA ARG A 985 17.30 13.27 13.36
C ARG A 985 17.07 14.67 13.94
N ALA A 986 15.80 15.07 14.05
CA ALA A 986 15.51 16.38 14.66
C ALA A 986 16.01 16.44 16.10
N SER A 987 15.77 15.37 16.87
CA SER A 987 16.25 15.34 18.25
C SER A 987 17.76 15.37 18.33
N ALA A 988 18.43 14.66 17.40
CA ALA A 988 19.89 14.67 17.39
C ALA A 988 20.44 16.06 17.06
N ASN A 989 19.79 16.76 16.13
CA ASN A 989 20.21 18.12 15.81
C ASN A 989 20.04 19.04 17.02
N LEU A 990 18.91 18.92 17.72
CA LEU A 990 18.71 19.74 18.92
C LEU A 990 19.76 19.42 19.98
N ALA A 991 20.08 18.14 20.16
CA ALA A 991 21.09 17.76 21.14
C ALA A 991 22.47 18.30 20.77
N ALA A 992 22.81 18.25 19.49
CA ALA A 992 24.11 18.79 19.06
C ALA A 992 24.17 20.30 19.28
N THR A 993 23.09 21.02 18.98
CA THR A 993 23.07 22.46 19.22
C THR A 993 23.21 22.77 20.69
N LYS A 994 22.46 22.06 21.55
CA LYS A 994 22.56 22.30 22.98
C LYS A 994 23.95 21.98 23.52
N MET A 995 24.58 20.91 23.03
CA MET A 995 25.96 20.64 23.41
C MET A 995 26.86 21.79 23.03
N SER A 996 26.83 22.19 21.76
CA SER A 996 27.75 23.23 21.27
C SER A 996 27.55 24.54 22.01
N GLU A 997 26.32 24.82 22.47
CA GLU A 997 26.09 26.09 23.16
C GLU A 997 26.37 26.00 24.66
N CYS A 998 25.67 25.10 25.37
CA CYS A 998 25.78 25.07 26.83
C CYS A 998 27.11 24.45 27.27
N VAL A 999 27.54 23.37 26.62
CA VAL A 999 28.73 22.67 27.09
C VAL A 999 29.99 23.45 26.79
N LEU A 1000 30.09 24.01 25.59
CA LEU A 1000 31.30 24.70 25.13
C LEU A 1000 31.27 26.20 25.39
N GLY A 1001 30.31 26.69 26.18
CA GLY A 1001 30.26 28.10 26.46
C GLY A 1001 29.08 28.41 27.37
N GLN A 1002 28.99 29.69 27.75
CA GLN A 1002 27.90 30.16 28.59
C GLN A 1002 26.82 30.79 27.72
N SER A 1003 25.59 30.29 27.87
CA SER A 1003 24.47 30.74 27.05
C SER A 1003 23.61 31.73 27.82
N LYS A 1004 23.20 32.80 27.16
CA LYS A 1004 22.33 33.81 27.73
C LYS A 1004 20.89 33.68 27.23
N ARG A 1005 20.48 32.47 26.87
CA ARG A 1005 19.13 32.21 26.39
C ARG A 1005 18.28 31.70 27.55
N VAL A 1006 17.08 32.27 27.69
CA VAL A 1006 16.23 31.98 28.84
C VAL A 1006 15.67 30.57 28.70
N ASP A 1007 15.85 29.75 29.74
CA ASP A 1007 15.27 28.42 29.83
C ASP A 1007 15.72 27.51 28.69
N PHE A 1008 16.93 27.74 28.18
CA PHE A 1008 17.48 26.89 27.12
C PHE A 1008 18.32 25.76 27.71
N CYS A 1009 19.37 26.10 28.45
CA CYS A 1009 20.23 25.08 29.04
C CYS A 1009 19.59 24.49 30.28
N GLY A 1010 19.33 25.32 31.29
CA GLY A 1010 18.71 24.85 32.51
C GLY A 1010 17.72 25.86 33.04
N LYS A 1011 16.87 25.40 33.96
CA LYS A 1011 15.85 26.24 34.58
C LYS A 1011 16.55 27.21 35.53
N GLY A 1012 16.72 28.45 35.08
CA GLY A 1012 17.39 29.46 35.89
C GLY A 1012 18.44 30.22 35.09
N TYR A 1013 19.53 30.60 35.75
CA TYR A 1013 20.63 31.30 35.11
C TYR A 1013 21.76 30.31 34.85
N HIS A 1014 22.16 30.18 33.59
CA HIS A 1014 23.14 29.17 33.20
C HIS A 1014 24.53 29.56 33.69
N LEU A 1015 25.27 28.58 34.20
CA LEU A 1015 26.67 28.75 34.58
C LEU A 1015 27.59 27.84 33.78
N MET A 1016 27.32 26.54 33.75
CA MET A 1016 28.13 25.59 33.00
C MET A 1016 27.31 24.32 32.83
N SER A 1017 27.86 23.38 32.05
CA SER A 1017 27.18 22.12 31.79
C SER A 1017 28.20 21.01 31.63
N PHE A 1018 27.75 19.78 31.85
CA PHE A 1018 28.60 18.59 31.75
C PHE A 1018 27.85 17.52 30.97
N PRO A 1019 28.43 17.01 29.89
CA PRO A 1019 27.77 15.94 29.12
C PRO A 1019 28.11 14.56 29.64
N GLN A 1020 27.12 13.68 29.58
CA GLN A 1020 27.27 12.29 30.01
C GLN A 1020 26.66 11.37 28.96
N ALA A 1021 27.30 10.23 28.76
CA ALA A 1021 26.83 9.26 27.77
C ALA A 1021 25.64 8.47 28.32
N ALA A 1022 24.85 7.93 27.40
CA ALA A 1022 23.67 7.15 27.76
C ALA A 1022 23.36 6.22 26.60
N PRO A 1023 22.68 5.09 26.85
CA PRO A 1023 22.31 4.19 25.75
C PRO A 1023 21.42 4.86 24.72
N HIS A 1024 21.93 5.02 23.50
CA HIS A 1024 21.19 5.65 22.40
C HIS A 1024 20.72 7.06 22.77
N GLY A 1025 21.59 7.81 23.45
CA GLY A 1025 21.24 9.16 23.84
C GLY A 1025 22.37 9.81 24.59
N VAL A 1026 22.08 11.02 25.08
CA VAL A 1026 23.04 11.81 25.84
C VAL A 1026 22.30 12.51 26.98
N VAL A 1027 22.97 12.62 28.12
CA VAL A 1027 22.40 13.25 29.32
C VAL A 1027 23.23 14.46 29.66
N PHE A 1028 22.57 15.61 29.83
CA PHE A 1028 23.24 16.86 30.17
C PHE A 1028 23.00 17.19 31.63
N LEU A 1029 24.05 17.62 32.31
CA LEU A 1029 23.96 18.08 33.70
C LEU A 1029 24.22 19.58 33.72
N HIS A 1030 23.17 20.37 33.93
CA HIS A 1030 23.24 21.82 33.84
C HIS A 1030 23.41 22.40 35.24
N VAL A 1031 24.49 23.15 35.44
CA VAL A 1031 24.74 23.86 36.69
C VAL A 1031 24.18 25.27 36.55
N THR A 1032 23.24 25.64 37.43
CA THR A 1032 22.52 26.89 37.30
C THR A 1032 22.63 27.68 38.61
N TYR A 1033 22.19 28.93 38.54
CA TYR A 1033 22.22 29.85 39.67
C TYR A 1033 20.80 30.33 39.93
N VAL A 1034 20.32 30.14 41.17
CA VAL A 1034 18.95 30.43 41.53
C VAL A 1034 18.92 31.31 42.78
N PRO A 1035 18.39 32.53 42.72
CA PRO A 1035 18.21 33.32 43.94
C PRO A 1035 17.20 32.65 44.87
N SER A 1036 17.42 32.80 46.18
CA SER A 1036 16.63 32.09 47.18
C SER A 1036 15.82 33.03 48.07
N GLN A 1037 16.46 33.96 48.75
CA GLN A 1037 15.80 34.75 49.80
C GLN A 1037 15.57 36.17 49.33
N GLU A 1038 14.35 36.67 49.55
CA GLU A 1038 13.95 38.01 49.14
C GLU A 1038 14.02 38.98 50.32
N ARG A 1039 13.89 40.26 49.99
CA ARG A 1039 13.88 41.32 51.00
C ARG A 1039 13.20 42.55 50.41
N ASN A 1040 12.30 43.15 51.18
CA ASN A 1040 11.55 44.31 50.71
C ASN A 1040 12.42 45.56 50.75
N PHE A 1041 12.26 46.41 49.73
CA PHE A 1041 12.94 47.69 49.66
C PHE A 1041 12.07 48.69 48.91
N THR A 1042 11.89 49.86 49.49
CA THR A 1042 11.25 50.98 48.81
C THR A 1042 12.31 51.77 48.05
N THR A 1043 11.93 52.26 46.87
CA THR A 1043 12.91 52.81 45.94
C THR A 1043 12.32 54.01 45.22
N ALA A 1044 13.20 54.70 44.48
CA ALA A 1044 12.85 55.86 43.69
C ALA A 1044 13.54 55.77 42.34
N PRO A 1045 12.92 56.30 41.28
CA PRO A 1045 13.55 56.26 39.95
C PRO A 1045 14.87 57.03 39.87
N ALA A 1046 14.99 58.15 40.59
CA ALA A 1046 16.19 58.97 40.49
C ALA A 1046 16.31 59.83 41.75
N ILE A 1047 17.43 60.53 41.84
CA ILE A 1047 17.74 61.40 42.97
C ILE A 1047 18.11 62.78 42.45
N CYS A 1048 17.59 63.82 43.12
CA CYS A 1048 17.96 65.20 42.83
C CYS A 1048 19.01 65.64 43.84
N HIS A 1049 20.16 66.11 43.34
CA HIS A 1049 21.27 66.53 44.20
C HIS A 1049 21.31 68.04 44.36
N GLU A 1050 21.41 68.78 43.26
CA GLU A 1050 21.45 70.24 43.30
C GLU A 1050 20.48 70.88 42.31
N GLY A 1051 19.60 70.09 41.68
CA GLY A 1051 18.67 70.62 40.71
C GLY A 1051 18.70 69.86 39.40
N LYS A 1052 19.62 68.91 39.28
CA LYS A 1052 19.77 68.09 38.09
C LYS A 1052 19.55 66.63 38.45
N ALA A 1053 18.90 65.89 37.56
CA ALA A 1053 18.60 64.49 37.81
C ALA A 1053 19.87 63.64 37.74
N TYR A 1054 19.94 62.63 38.60
CA TYR A 1054 21.07 61.70 38.65
C TYR A 1054 20.52 60.30 38.42
N PHE A 1055 20.47 59.88 37.16
CA PHE A 1055 19.92 58.58 36.80
C PHE A 1055 20.94 57.48 37.07
N PRO A 1056 20.48 56.25 37.34
CA PRO A 1056 21.40 55.16 37.66
C PRO A 1056 22.29 54.81 36.47
N ARG A 1057 23.52 54.40 36.78
CA ARG A 1057 24.40 53.84 35.76
C ARG A 1057 23.99 52.42 35.40
N GLU A 1058 23.98 51.53 36.39
CA GLU A 1058 23.46 50.19 36.23
C GLU A 1058 23.02 49.67 37.59
N GLY A 1059 21.74 49.36 37.72
CA GLY A 1059 21.16 48.96 38.99
C GLY A 1059 19.99 49.87 39.36
N VAL A 1060 19.53 49.69 40.61
CA VAL A 1060 18.41 50.45 41.13
C VAL A 1060 18.75 50.93 42.53
N PHE A 1061 18.41 52.19 42.80
CA PHE A 1061 18.56 52.74 44.14
C PHE A 1061 17.57 52.06 45.09
N VAL A 1062 17.98 51.94 46.36
CA VAL A 1062 17.16 51.31 47.38
C VAL A 1062 17.23 52.13 48.66
N PHE A 1063 16.21 51.98 49.50
CA PHE A 1063 16.17 52.59 50.82
C PHE A 1063 16.48 51.49 51.83
N ASN A 1064 17.76 51.37 52.19
CA ASN A 1064 18.19 50.31 53.10
C ASN A 1064 17.56 50.46 54.47
N GLY A 1065 17.19 51.69 54.84
CA GLY A 1065 16.55 51.93 56.12
C GLY A 1065 17.04 53.20 56.78
N THR A 1066 18.30 53.55 56.53
CA THR A 1066 18.86 54.78 57.11
C THR A 1066 19.08 55.84 56.05
N SER A 1067 19.58 55.44 54.87
CA SER A 1067 19.85 56.37 53.78
C SER A 1067 19.57 55.65 52.46
N TRP A 1068 19.99 56.27 51.37
CA TRP A 1068 19.80 55.73 50.03
C TRP A 1068 21.08 55.09 49.53
N PHE A 1069 20.96 53.91 48.91
CA PHE A 1069 22.09 53.19 48.37
C PHE A 1069 21.71 52.60 47.01
N ILE A 1070 22.74 52.30 46.22
CA ILE A 1070 22.56 51.72 44.89
C ILE A 1070 23.12 50.30 44.90
N THR A 1071 22.37 49.36 44.33
CA THR A 1071 22.77 47.97 44.32
C THR A 1071 22.25 47.29 43.05
N GLN A 1072 22.82 46.13 42.75
CA GLN A 1072 22.45 45.37 41.57
C GLN A 1072 21.10 44.68 41.79
N ARG A 1073 20.55 44.16 40.68
CA ARG A 1073 19.25 43.51 40.69
C ARG A 1073 19.30 42.05 41.09
N ASN A 1074 20.49 41.44 41.14
CA ASN A 1074 20.61 40.02 41.43
C ASN A 1074 21.18 39.71 42.81
N PHE A 1075 21.73 40.71 43.50
CA PHE A 1075 22.29 40.49 44.83
C PHE A 1075 22.30 41.80 45.57
N PHE A 1076 21.85 41.78 46.83
CA PHE A 1076 21.80 42.98 47.65
C PHE A 1076 23.22 43.30 48.14
N SER A 1077 23.86 44.26 47.49
CA SER A 1077 25.18 44.76 47.88
C SER A 1077 25.08 46.27 48.00
N PRO A 1078 24.82 46.78 49.20
CA PRO A 1078 24.68 48.23 49.37
C PRO A 1078 25.97 48.96 49.00
N GLN A 1079 25.83 50.07 48.30
CA GLN A 1079 26.95 50.90 47.90
C GLN A 1079 26.57 52.36 48.06
N ILE A 1080 27.53 53.18 48.51
CA ILE A 1080 27.28 54.61 48.65
C ILE A 1080 27.14 55.24 47.28
N ILE A 1081 26.19 56.16 47.15
CA ILE A 1081 25.94 56.81 45.87
C ILE A 1081 27.00 57.86 45.64
N THR A 1082 27.71 57.75 44.51
CA THR A 1082 28.76 58.70 44.15
C THR A 1082 28.62 59.01 42.67
N THR A 1083 29.51 59.89 42.17
CA THR A 1083 29.45 60.28 40.77
C THR A 1083 29.83 59.16 39.83
N ASP A 1084 30.48 58.10 40.33
CA ASP A 1084 30.92 57.01 39.47
C ASP A 1084 29.74 56.12 39.05
N ASN A 1085 28.84 55.82 39.98
CA ASN A 1085 27.75 54.87 39.73
C ASN A 1085 26.46 55.54 39.27
N THR A 1086 26.53 56.79 38.80
CA THR A 1086 25.37 57.46 38.26
C THR A 1086 25.81 58.45 37.19
N PHE A 1087 24.91 58.76 36.27
CA PHE A 1087 25.16 59.70 35.19
C PHE A 1087 24.09 60.78 35.19
N VAL A 1088 24.51 62.02 34.96
CA VAL A 1088 23.63 63.18 35.06
C VAL A 1088 23.03 63.48 33.69
N SER A 1089 21.73 63.74 33.66
CA SER A 1089 21.04 64.08 32.42
C SER A 1089 19.73 64.77 32.75
N GLY A 1090 19.49 65.92 32.13
CA GLY A 1090 18.24 66.63 32.32
C GLY A 1090 18.16 67.33 33.65
N SER A 1091 16.94 67.71 34.01
CA SER A 1091 16.63 68.40 35.26
C SER A 1091 15.63 67.58 36.06
N CYS A 1092 15.28 68.10 37.24
CA CYS A 1092 14.38 67.41 38.17
C CYS A 1092 12.93 67.85 37.98
N ASP A 1093 12.45 67.84 36.74
CA ASP A 1093 11.07 68.23 36.48
C ASP A 1093 10.31 67.20 35.66
N VAL A 1094 10.97 66.52 34.72
CA VAL A 1094 10.27 65.60 33.83
C VAL A 1094 10.10 64.24 34.50
N VAL A 1095 11.16 63.73 35.14
CA VAL A 1095 11.09 62.43 35.78
C VAL A 1095 10.17 62.49 36.99
N ILE A 1096 9.39 61.43 37.20
CA ILE A 1096 8.40 61.37 38.26
C ILE A 1096 8.96 60.48 39.37
N GLY A 1097 8.96 60.99 40.59
CA GLY A 1097 9.42 60.25 41.75
C GLY A 1097 10.83 60.54 42.19
N ILE A 1098 11.35 61.75 41.92
CA ILE A 1098 12.71 62.10 42.30
C ILE A 1098 12.74 62.42 43.79
N ILE A 1099 13.45 61.60 44.56
CA ILE A 1099 13.63 61.83 45.99
C ILE A 1099 15.03 62.39 46.22
N ASN A 1100 15.10 63.51 46.94
CA ASN A 1100 16.35 64.21 47.13
C ASN A 1100 17.26 63.46 48.09
N ASN A 1101 18.56 63.50 47.79
CA ASN A 1101 19.60 62.89 48.62
C ASN A 1101 20.92 63.53 48.21
N THR A 1102 22.03 62.95 48.68
CA THR A 1102 23.35 63.46 48.39
C THR A 1102 24.20 62.37 47.73
N VAL A 1103 25.19 62.81 46.96
CA VAL A 1103 26.11 61.91 46.29
C VAL A 1103 27.51 62.05 46.86
N CYS B 3 -51.41 3.67 -50.75
CA CYS B 3 -50.83 4.10 -52.02
C CYS B 3 -51.02 5.61 -52.22
N LEU B 4 -50.00 6.38 -51.86
CA LEU B 4 -50.05 7.84 -52.01
C LEU B 4 -48.62 8.35 -52.16
N ASP B 5 -48.51 9.54 -52.76
CA ASP B 5 -47.21 10.16 -52.97
C ASP B 5 -47.42 11.65 -53.22
N PHE B 6 -46.31 12.39 -53.24
CA PHE B 6 -46.31 13.82 -53.49
C PHE B 6 -45.47 14.12 -54.72
N ASP B 7 -46.06 14.83 -55.67
CA ASP B 7 -45.33 15.23 -56.88
C ASP B 7 -44.64 16.57 -56.71
N ASP B 8 -45.31 17.56 -56.13
CA ASP B 8 -44.68 18.84 -55.84
C ASP B 8 -43.70 18.67 -54.69
N ARG B 9 -42.47 19.14 -54.89
CA ARG B 9 -41.39 18.95 -53.93
C ARG B 9 -40.72 20.28 -53.62
N THR B 10 -40.11 20.35 -52.44
CA THR B 10 -39.35 21.51 -52.01
C THR B 10 -38.07 21.02 -51.36
N PRO B 11 -36.91 21.59 -51.71
CA PRO B 11 -35.64 21.09 -51.16
C PRO B 11 -35.60 21.24 -49.65
N PRO B 12 -35.03 20.26 -48.95
CA PRO B 12 -34.93 20.36 -47.49
C PRO B 12 -34.05 21.54 -47.07
N ALA B 13 -34.44 22.19 -45.98
CA ALA B 13 -33.67 23.31 -45.47
C ALA B 13 -32.35 22.85 -44.87
N ASN B 14 -32.38 21.82 -44.01
CA ASN B 14 -31.21 21.28 -43.35
C ASN B 14 -30.43 22.36 -42.62
N THR B 15 -31.16 23.16 -41.85
CA THR B 15 -30.56 24.25 -41.09
C THR B 15 -29.93 23.70 -39.82
N GLN B 16 -28.69 24.13 -39.56
CA GLN B 16 -27.93 23.67 -38.40
C GLN B 16 -27.97 24.75 -37.33
N PHE B 17 -28.25 24.35 -36.09
CA PHE B 17 -28.29 25.25 -34.95
C PHE B 17 -27.43 24.68 -33.82
N LEU B 18 -27.51 25.33 -32.66
CA LEU B 18 -26.75 24.93 -31.49
C LEU B 18 -27.68 24.60 -30.33
N SER B 19 -27.26 23.62 -29.52
CA SER B 19 -28.00 23.20 -28.35
C SER B 19 -27.31 23.74 -27.10
N SER B 20 -28.07 24.42 -26.25
CA SER B 20 -27.52 25.05 -25.05
C SER B 20 -27.50 24.05 -23.89
N HIS B 21 -26.56 23.11 -24.01
CA HIS B 21 -26.29 22.10 -22.98
C HIS B 21 -27.57 21.44 -22.46
N ARG B 22 -28.41 21.01 -23.39
CA ARG B 22 -29.65 20.32 -23.08
C ARG B 22 -29.63 18.91 -23.65
N GLY B 23 -30.37 18.01 -23.01
CA GLY B 23 -30.49 16.66 -23.51
C GLY B 23 -29.95 15.58 -22.60
N VAL B 24 -30.03 15.78 -21.29
CA VAL B 24 -29.58 14.80 -20.32
C VAL B 24 -30.76 13.97 -19.87
N TYR B 25 -30.47 12.79 -19.33
CA TYR B 25 -31.51 11.89 -18.84
C TYR B 25 -31.01 11.17 -17.60
N TYR B 26 -31.95 10.59 -16.85
CA TYR B 26 -31.61 9.86 -15.64
C TYR B 26 -30.88 8.58 -16.00
N PRO B 27 -29.66 8.35 -15.49
CA PRO B 27 -28.89 7.16 -15.88
C PRO B 27 -29.51 5.86 -15.37
N ASP B 28 -29.77 5.78 -14.07
CA ASP B 28 -30.27 4.57 -13.44
C ASP B 28 -31.47 4.88 -12.57
N ASP B 29 -32.14 3.82 -12.11
CA ASP B 29 -33.33 3.95 -11.29
C ASP B 29 -32.99 3.87 -9.80
N ILE B 30 -32.14 4.79 -9.37
CA ILE B 30 -31.69 4.88 -7.98
C ILE B 30 -31.86 6.31 -7.51
N PHE B 31 -32.49 6.48 -6.36
CA PHE B 31 -32.74 7.80 -5.80
C PHE B 31 -31.47 8.36 -5.18
N ARG B 32 -31.04 9.53 -5.64
CA ARG B 32 -29.88 10.22 -5.09
C ARG B 32 -30.22 11.70 -4.94
N SER B 33 -29.94 12.25 -3.77
CA SER B 33 -30.26 13.64 -3.46
C SER B 33 -29.06 14.32 -2.80
N ASN B 34 -28.86 15.59 -3.14
CA ASN B 34 -27.80 16.41 -2.57
C ASN B 34 -26.43 15.76 -2.76
N VAL B 35 -26.15 15.34 -3.98
CA VAL B 35 -24.89 14.69 -4.31
C VAL B 35 -24.56 14.98 -5.77
N LEU B 36 -23.27 15.18 -6.06
CA LEU B 36 -22.79 15.38 -7.41
C LEU B 36 -22.26 14.06 -7.94
N HIS B 37 -22.92 13.52 -8.97
CA HIS B 37 -22.62 12.20 -9.50
C HIS B 37 -21.91 12.32 -10.83
N LEU B 38 -20.89 11.50 -11.02
CA LEU B 38 -20.13 11.46 -12.27
C LEU B 38 -20.47 10.17 -13.01
N VAL B 39 -20.93 10.30 -14.26
CA VAL B 39 -21.37 9.16 -15.05
C VAL B 39 -20.67 9.21 -16.40
N GLN B 40 -20.62 8.04 -17.05
CA GLN B 40 -20.05 7.90 -18.38
C GLN B 40 -20.98 7.04 -19.22
N ASP B 41 -21.66 7.66 -20.18
CA ASP B 41 -22.63 6.99 -21.03
C ASP B 41 -22.74 7.78 -22.33
N HIS B 42 -23.68 7.39 -23.18
CA HIS B 42 -23.92 8.08 -24.44
C HIS B 42 -24.79 9.30 -24.18
N PHE B 43 -24.19 10.49 -24.27
CA PHE B 43 -24.89 11.74 -24.02
C PHE B 43 -24.74 12.66 -25.22
N LEU B 44 -25.64 13.63 -25.32
CA LEU B 44 -25.55 14.63 -26.37
C LEU B 44 -24.46 15.64 -26.03
N PRO B 45 -23.46 15.82 -26.87
CA PRO B 45 -22.37 16.76 -26.54
C PRO B 45 -22.89 18.18 -26.39
N PHE B 46 -22.29 18.92 -25.45
CA PHE B 46 -22.69 20.29 -25.20
C PHE B 46 -22.31 21.19 -26.38
N ASP B 47 -23.25 22.05 -26.77
CA ASP B 47 -23.05 22.98 -27.88
C ASP B 47 -22.68 22.24 -29.17
N SER B 48 -23.59 21.40 -29.63
CA SER B 48 -23.39 20.59 -30.81
C SER B 48 -24.40 20.97 -31.89
N ASN B 49 -24.10 20.56 -33.12
CA ASN B 49 -25.00 20.82 -34.24
C ASN B 49 -26.31 20.08 -34.07
N VAL B 50 -27.40 20.71 -34.50
CA VAL B 50 -28.72 20.07 -34.57
C VAL B 50 -29.34 20.43 -35.92
N THR B 51 -29.75 19.41 -36.67
CA THR B 51 -30.33 19.60 -37.99
C THR B 51 -31.83 19.79 -37.84
N ARG B 52 -32.33 20.95 -38.28
CA ARG B 52 -33.74 21.27 -38.17
C ARG B 52 -34.47 21.03 -39.48
N PHE B 53 -35.69 20.51 -39.38
CA PHE B 53 -36.58 20.32 -40.52
C PHE B 53 -37.88 21.03 -40.25
N ILE B 54 -38.30 21.88 -41.18
CA ILE B 54 -39.40 22.81 -40.98
C ILE B 54 -40.48 22.56 -42.02
N THR B 55 -41.73 22.58 -41.59
CA THR B 55 -42.89 22.41 -42.46
C THR B 55 -43.59 23.75 -42.66
N PHE B 56 -44.72 23.70 -43.38
CA PHE B 56 -45.60 24.83 -43.64
C PHE B 56 -45.00 25.81 -44.64
N GLY B 57 -43.71 25.63 -44.95
CA GLY B 57 -43.08 26.43 -45.98
C GLY B 57 -43.04 25.66 -47.29
N LEU B 58 -44.12 24.95 -47.58
CA LEU B 58 -44.24 24.02 -48.69
C LEU B 58 -43.23 22.87 -48.59
N ASN B 59 -42.59 22.71 -47.44
CA ASN B 59 -41.52 21.72 -47.25
C ASN B 59 -42.06 20.55 -46.43
N PHE B 60 -42.66 19.60 -47.14
CA PHE B 60 -43.04 18.32 -46.52
C PHE B 60 -41.85 17.38 -46.67
N ASP B 61 -40.94 17.46 -45.70
CA ASP B 61 -39.65 16.78 -45.80
C ASP B 61 -39.77 15.27 -45.63
N ASN B 62 -40.17 14.84 -44.43
CA ASN B 62 -40.29 13.45 -44.00
C ASN B 62 -39.22 12.49 -44.56
N PRO B 63 -37.93 12.89 -44.54
CA PRO B 63 -36.92 12.04 -45.17
C PRO B 63 -36.40 10.96 -44.22
N ILE B 64 -35.42 10.18 -44.68
CA ILE B 64 -34.78 9.18 -43.84
C ILE B 64 -33.52 9.81 -43.23
N ILE B 65 -33.34 9.59 -41.93
CA ILE B 65 -32.23 10.16 -41.17
C ILE B 65 -31.45 9.00 -40.57
N PRO B 66 -30.12 8.97 -40.70
CA PRO B 66 -29.36 7.86 -40.11
C PRO B 66 -29.51 7.82 -38.59
N PHE B 67 -29.47 6.60 -38.06
CA PHE B 67 -29.61 6.34 -36.62
C PHE B 67 -28.31 5.70 -36.16
N LYS B 68 -27.34 6.53 -35.80
CA LYS B 68 -26.03 6.08 -35.34
C LYS B 68 -25.90 6.35 -33.86
N ASP B 69 -25.82 5.28 -33.06
CA ASP B 69 -25.65 5.35 -31.61
C ASP B 69 -26.75 6.17 -30.94
N GLY B 70 -27.95 6.17 -31.50
CA GLY B 70 -29.07 6.89 -30.92
C GLY B 70 -29.17 8.32 -31.44
N ILE B 71 -30.36 8.90 -31.27
CA ILE B 71 -30.64 10.26 -31.68
C ILE B 71 -31.36 10.98 -30.56
N TYR B 72 -31.34 12.31 -30.63
CA TYR B 72 -32.08 13.17 -29.71
C TYR B 72 -33.11 13.92 -30.52
N PHE B 73 -34.39 13.58 -30.31
CA PHE B 73 -35.49 14.13 -31.10
C PHE B 73 -36.20 15.18 -30.26
N ALA B 74 -36.06 16.44 -30.64
CA ALA B 74 -36.74 17.55 -29.99
C ALA B 74 -37.62 18.25 -31.02
N ALA B 75 -38.94 18.23 -30.78
CA ALA B 75 -39.90 18.80 -31.70
C ALA B 75 -40.67 19.92 -31.01
N THR B 76 -40.71 21.08 -31.65
CA THR B 76 -41.48 22.23 -31.18
C THR B 76 -42.62 22.49 -32.16
N GLU B 77 -43.84 22.56 -31.64
CA GLU B 77 -45.02 22.71 -32.49
C GLU B 77 -46.19 23.17 -31.64
N LYS B 78 -46.91 24.18 -32.13
CA LYS B 78 -48.14 24.62 -31.49
C LYS B 78 -49.33 23.74 -31.84
N SER B 79 -49.22 22.94 -32.90
CA SER B 79 -50.27 22.01 -33.30
C SER B 79 -49.67 20.64 -33.52
N ASN B 80 -50.48 19.60 -33.34
CA ASN B 80 -50.03 18.22 -33.44
C ASN B 80 -49.84 17.87 -34.90
N VAL B 81 -48.62 18.11 -35.41
CA VAL B 81 -48.27 17.77 -36.78
C VAL B 81 -47.38 16.53 -36.84
N ILE B 82 -46.54 16.34 -35.83
CA ILE B 82 -45.68 15.16 -35.72
C ILE B 82 -46.33 14.21 -34.74
N ARG B 83 -46.54 12.96 -35.17
CA ARG B 83 -47.33 12.01 -34.39
C ARG B 83 -46.68 10.64 -34.27
N GLY B 84 -45.37 10.55 -34.41
CA GLY B 84 -44.67 9.30 -34.21
C GLY B 84 -43.50 9.16 -35.14
N TRP B 85 -42.90 7.96 -35.12
CA TRP B 85 -41.71 7.67 -35.91
C TRP B 85 -41.82 6.25 -36.44
N VAL B 86 -40.91 5.92 -37.36
CA VAL B 86 -40.73 4.57 -37.86
C VAL B 86 -39.24 4.25 -37.86
N PHE B 87 -38.88 3.12 -37.25
CA PHE B 87 -37.48 2.71 -37.13
C PHE B 87 -37.29 1.40 -37.88
N GLY B 88 -36.26 1.35 -38.72
CA GLY B 88 -36.00 0.15 -39.51
C GLY B 88 -34.61 0.21 -40.10
N SER B 89 -34.24 -0.90 -40.75
CA SER B 89 -32.91 -1.00 -41.37
C SER B 89 -32.96 -0.56 -42.83
N THR B 90 -33.80 -1.22 -43.64
CA THR B 90 -33.92 -0.91 -45.05
C THR B 90 -35.24 -0.25 -45.43
N MET B 91 -36.19 -0.18 -44.50
CA MET B 91 -37.51 0.42 -44.69
C MET B 91 -38.34 -0.28 -45.78
N ASN B 92 -37.90 -1.45 -46.24
CA ASN B 92 -38.66 -2.23 -47.19
C ASN B 92 -39.43 -3.32 -46.45
N ASN B 93 -40.05 -4.23 -47.19
CA ASN B 93 -40.72 -5.39 -46.59
C ASN B 93 -39.82 -6.60 -46.53
N LYS B 94 -38.51 -6.41 -46.60
CA LYS B 94 -37.54 -7.51 -46.46
C LYS B 94 -36.80 -7.45 -45.14
N SER B 95 -36.96 -6.38 -44.36
CA SER B 95 -36.35 -6.26 -43.05
C SER B 95 -37.38 -5.74 -42.06
N GLN B 96 -37.36 -6.29 -40.85
CA GLN B 96 -38.35 -5.91 -39.85
C GLN B 96 -38.15 -4.46 -39.41
N SER B 97 -39.26 -3.76 -39.21
CA SER B 97 -39.24 -2.38 -38.78
C SER B 97 -40.31 -2.19 -37.71
N VAL B 98 -40.01 -1.28 -36.76
CA VAL B 98 -40.91 -0.97 -35.65
C VAL B 98 -41.45 0.44 -35.85
N ILE B 99 -42.77 0.58 -35.79
CA ILE B 99 -43.44 1.86 -35.95
C ILE B 99 -44.16 2.21 -34.67
N ILE B 100 -44.18 3.50 -34.34
CA ILE B 100 -44.91 4.03 -33.19
C ILE B 100 -45.73 5.21 -33.69
N MET B 101 -47.05 5.08 -33.65
CA MET B 101 -47.95 6.11 -34.13
C MET B 101 -48.86 6.58 -33.00
N ASN B 102 -49.01 7.90 -32.89
CA ASN B 102 -49.92 8.50 -31.92
C ASN B 102 -51.29 8.75 -32.54
N ASN B 103 -51.88 7.74 -33.17
CA ASN B 103 -53.24 7.87 -33.65
C ASN B 103 -54.18 7.95 -32.45
N SER B 104 -55.20 8.79 -32.58
CA SER B 104 -56.05 9.16 -31.45
C SER B 104 -56.70 7.93 -30.82
N THR B 105 -57.15 8.12 -29.57
CA THR B 105 -57.85 7.15 -28.73
C THR B 105 -56.96 6.00 -28.26
N ASN B 106 -55.66 6.03 -28.54
CA ASN B 106 -54.71 5.04 -28.00
C ASN B 106 -53.31 5.46 -28.44
N LEU B 107 -52.34 4.60 -28.16
CA LEU B 107 -50.99 4.72 -28.70
C LEU B 107 -50.53 3.34 -29.13
N VAL B 108 -50.07 3.22 -30.38
CA VAL B 108 -49.81 1.93 -31.01
C VAL B 108 -48.31 1.76 -31.21
N ILE B 109 -47.78 0.63 -30.75
CA ILE B 109 -46.42 0.22 -31.02
C ILE B 109 -46.46 -1.15 -31.69
N ARG B 110 -45.92 -1.32 -32.85
CA ARG B 110 -46.05 -2.59 -33.47
C ARG B 110 -44.86 -2.83 -34.26
N ALA B 111 -44.43 -4.05 -34.43
CA ALA B 111 -43.21 -4.28 -35.12
C ALA B 111 -43.32 -5.42 -36.00
N CYS B 112 -43.16 -5.24 -37.27
CA CYS B 112 -43.38 -6.33 -38.14
C CYS B 112 -42.82 -5.99 -39.48
N ASN B 113 -42.82 -6.91 -40.41
CA ASN B 113 -42.29 -6.70 -41.76
C ASN B 113 -43.29 -5.84 -42.52
N PHE B 114 -43.10 -4.53 -42.46
CA PHE B 114 -44.10 -3.58 -42.95
C PHE B 114 -43.78 -3.16 -44.38
N GLU B 115 -44.82 -3.06 -45.19
CA GLU B 115 -44.71 -2.54 -46.55
C GLU B 115 -44.85 -1.02 -46.50
N LEU B 116 -43.71 -0.36 -46.30
CA LEU B 116 -43.71 1.10 -46.22
C LEU B 116 -44.13 1.70 -47.55
N CYS B 117 -44.95 2.74 -47.48
CA CYS B 117 -45.44 3.41 -48.67
C CYS B 117 -44.47 4.44 -49.22
N ASP B 118 -43.28 4.58 -48.62
CA ASP B 118 -42.21 5.45 -49.08
C ASP B 118 -42.57 6.91 -48.81
N ASN B 119 -43.80 7.16 -48.38
CA ASN B 119 -44.27 8.51 -48.07
C ASN B 119 -45.34 8.43 -47.00
N PRO B 120 -44.95 8.44 -45.72
CA PRO B 120 -45.93 8.35 -44.65
C PRO B 120 -46.91 9.52 -44.68
N PHE B 121 -48.14 9.26 -44.26
CA PHE B 121 -49.21 10.24 -44.39
C PHE B 121 -50.09 10.21 -43.16
N PHE B 122 -50.66 11.37 -42.84
CA PHE B 122 -51.64 11.52 -41.77
C PHE B 122 -52.51 12.71 -42.13
N VAL B 123 -53.71 12.43 -42.64
CA VAL B 123 -54.57 13.43 -43.26
C VAL B 123 -55.65 13.85 -42.27
N VAL B 124 -55.80 15.16 -42.11
CA VAL B 124 -56.89 15.74 -41.33
C VAL B 124 -57.28 17.05 -42.00
N LEU B 125 -58.58 17.25 -42.19
CA LEU B 125 -59.08 18.43 -42.89
C LEU B 125 -59.37 19.55 -41.90
N LYS B 126 -59.08 20.79 -42.33
CA LYS B 126 -59.25 21.94 -41.46
C LYS B 126 -60.69 22.43 -41.44
N SER B 127 -61.55 21.88 -42.31
CA SER B 127 -62.93 22.32 -42.36
C SER B 127 -63.69 21.94 -41.09
N ASN B 128 -63.58 20.68 -40.67
CA ASN B 128 -64.25 20.20 -39.48
C ASN B 128 -63.27 19.76 -38.39
N ASN B 129 -61.97 19.85 -38.64
CA ASN B 129 -60.93 19.46 -37.69
C ASN B 129 -61.12 18.01 -37.25
N THR B 130 -61.43 17.14 -38.21
CA THR B 130 -61.69 15.73 -37.96
C THR B 130 -60.69 14.88 -38.74
N GLN B 131 -60.15 13.87 -38.07
CA GLN B 131 -59.17 12.98 -38.70
C GLN B 131 -59.88 11.94 -39.57
N ILE B 132 -59.33 11.69 -40.75
CA ILE B 132 -59.87 10.70 -41.67
C ILE B 132 -58.78 9.66 -41.92
N PRO B 133 -59.14 8.42 -42.29
CA PRO B 133 -58.13 7.36 -42.42
C PRO B 133 -57.05 7.71 -43.43
N SER B 134 -55.82 7.29 -43.14
CA SER B 134 -54.66 7.47 -43.99
C SER B 134 -53.97 6.13 -44.22
N TYR B 135 -52.92 6.16 -45.03
CA TYR B 135 -52.18 4.95 -45.39
C TYR B 135 -50.71 5.14 -45.02
N ILE B 136 -50.18 4.34 -44.12
CA ILE B 136 -48.73 4.42 -43.87
C ILE B 136 -48.11 3.19 -44.46
N PHE B 137 -48.83 2.06 -44.41
CA PHE B 137 -48.33 0.82 -45.01
C PHE B 137 -49.41 0.01 -45.66
N ASN B 138 -49.03 -0.85 -46.57
CA ASN B 138 -49.98 -1.68 -47.30
C ASN B 138 -50.12 -3.18 -46.87
N ASN B 139 -49.15 -3.78 -46.19
CA ASN B 139 -49.28 -5.15 -45.73
C ASN B 139 -48.50 -5.34 -44.43
N ALA B 140 -48.54 -6.51 -43.78
CA ALA B 140 -47.87 -6.67 -42.49
C ALA B 140 -46.99 -7.85 -42.40
N PHE B 141 -47.35 -8.93 -43.04
CA PHE B 141 -46.46 -10.03 -43.09
C PHE B 141 -46.15 -10.48 -41.68
N ASN B 142 -44.93 -10.92 -41.39
CA ASN B 142 -44.54 -11.50 -40.10
C ASN B 142 -44.43 -10.60 -38.89
N CYS B 143 -45.07 -10.93 -37.79
CA CYS B 143 -45.10 -10.02 -36.63
C CYS B 143 -44.37 -10.48 -35.38
N THR B 144 -43.98 -9.57 -34.50
CA THR B 144 -43.22 -9.91 -33.36
C THR B 144 -43.35 -9.02 -32.17
N PHE B 145 -44.28 -8.08 -32.16
CA PHE B 145 -44.56 -7.18 -30.98
C PHE B 145 -45.83 -6.50 -31.18
N GLU B 146 -46.38 -5.98 -30.13
CA GLU B 146 -47.62 -5.28 -30.24
C GLU B 146 -47.96 -4.68 -28.94
N TYR B 147 -48.56 -3.54 -28.96
CA TYR B 147 -48.89 -2.85 -27.70
C TYR B 147 -49.87 -1.73 -28.00
N VAL B 148 -50.97 -1.70 -27.27
CA VAL B 148 -51.99 -0.65 -27.40
C VAL B 148 -52.19 -0.02 -26.03
N SER B 149 -52.09 1.31 -25.98
CA SER B 149 -52.15 2.04 -24.72
C SER B 149 -53.60 2.45 -24.42
N LYS B 150 -53.78 3.31 -23.42
CA LYS B 150 -55.10 3.77 -23.04
C LYS B 150 -55.57 4.89 -23.97
N ASP B 151 -56.83 5.28 -23.81
CA ASP B 151 -57.49 6.19 -24.73
C ASP B 151 -57.30 7.64 -24.31
N PHE B 152 -57.00 8.50 -25.28
CA PHE B 152 -56.94 9.94 -25.07
C PHE B 152 -57.23 10.64 -26.38
N ASN B 153 -57.62 11.91 -26.29
CA ASN B 153 -57.92 12.72 -27.46
C ASN B 153 -57.04 13.97 -27.45
N LEU B 154 -56.31 14.18 -28.52
CA LEU B 154 -55.45 15.35 -28.69
C LEU B 154 -56.13 16.33 -29.63
N ASP B 155 -56.02 17.62 -29.31
CA ASP B 155 -56.75 18.63 -30.07
C ASP B 155 -56.14 18.80 -31.47
N LEU B 156 -56.98 18.59 -32.49
CA LEU B 156 -56.56 18.79 -33.87
C LEU B 156 -56.85 20.19 -34.38
N GLY B 157 -57.46 21.04 -33.57
CA GLY B 157 -57.77 22.39 -34.01
C GLY B 157 -56.51 23.20 -34.26
N GLU B 158 -56.46 23.85 -35.42
CA GLU B 158 -55.31 24.65 -35.80
C GLU B 158 -55.19 25.88 -34.90
N LYS B 159 -53.96 26.23 -34.55
CA LYS B 159 -53.68 27.38 -33.70
C LYS B 159 -52.92 28.44 -34.50
N PRO B 160 -53.30 29.72 -34.36
CA PRO B 160 -52.63 30.76 -35.14
C PRO B 160 -51.38 31.31 -34.47
N GLY B 161 -51.22 31.05 -33.17
CA GLY B 161 -50.10 31.56 -32.42
C GLY B 161 -48.80 30.85 -32.75
N ASN B 162 -47.73 31.35 -32.15
CA ASN B 162 -46.41 30.75 -32.35
C ASN B 162 -46.33 29.41 -31.62
N PHE B 163 -45.15 28.79 -31.68
CA PHE B 163 -44.94 27.50 -31.04
C PHE B 163 -45.17 27.60 -29.53
N LYS B 164 -45.97 26.68 -28.99
CA LYS B 164 -46.43 26.77 -27.62
C LYS B 164 -45.83 25.73 -26.68
N ASP B 165 -45.36 24.60 -27.20
CA ASP B 165 -44.83 23.55 -26.34
C ASP B 165 -43.62 22.91 -27.00
N LEU B 166 -42.70 22.43 -26.16
CA LEU B 166 -41.50 21.72 -26.60
C LEU B 166 -41.54 20.31 -26.04
N ARG B 167 -41.41 19.32 -26.93
CA ARG B 167 -41.40 17.91 -26.54
C ARG B 167 -40.12 17.28 -27.09
N GLU B 168 -39.27 16.78 -26.19
CA GLU B 168 -37.98 16.21 -26.55
C GLU B 168 -37.93 14.75 -26.14
N PHE B 169 -37.34 13.92 -26.99
CA PHE B 169 -37.22 12.49 -26.75
C PHE B 169 -35.80 12.04 -27.03
N VAL B 170 -35.40 10.94 -26.40
CA VAL B 170 -34.10 10.33 -26.61
C VAL B 170 -34.30 8.84 -26.87
N PHE B 171 -33.76 8.34 -27.97
CA PHE B 171 -33.86 6.95 -28.35
C PHE B 171 -32.47 6.33 -28.38
N ARG B 172 -32.36 5.10 -27.88
CA ARG B 172 -31.09 4.39 -27.85
C ARG B 172 -31.34 2.90 -27.95
N ASN B 173 -30.59 2.23 -28.84
CA ASN B 173 -30.70 0.79 -29.03
C ASN B 173 -29.47 0.12 -28.44
N LYS B 174 -29.68 -0.71 -27.42
CA LYS B 174 -28.57 -1.38 -26.75
C LYS B 174 -29.04 -2.73 -26.24
N ASP B 175 -28.30 -3.79 -26.60
CA ASP B 175 -28.58 -5.15 -26.15
C ASP B 175 -30.01 -5.58 -26.52
N GLY B 176 -30.46 -5.17 -27.70
CA GLY B 176 -31.79 -5.53 -28.14
C GLY B 176 -32.93 -4.78 -27.48
N PHE B 177 -32.64 -3.71 -26.75
CA PHE B 177 -33.64 -2.91 -26.07
C PHE B 177 -33.59 -1.49 -26.61
N LEU B 178 -34.75 -0.92 -26.89
CA LEU B 178 -34.86 0.46 -27.37
C LEU B 178 -35.36 1.32 -26.22
N HIS B 179 -34.43 1.97 -25.52
CA HIS B 179 -34.78 2.83 -24.39
C HIS B 179 -35.31 4.16 -24.91
N VAL B 180 -36.43 4.60 -24.34
CA VAL B 180 -37.08 5.85 -24.73
C VAL B 180 -37.23 6.72 -23.49
N TYR B 181 -36.77 7.96 -23.57
CA TYR B 181 -36.92 8.95 -22.51
C TYR B 181 -37.72 10.12 -23.04
N SER B 182 -38.60 10.66 -22.20
CA SER B 182 -39.53 11.71 -22.61
C SER B 182 -39.44 12.90 -21.68
N GLY B 183 -39.72 14.08 -22.24
CA GLY B 183 -39.74 15.30 -21.48
C GLY B 183 -40.46 16.39 -22.24
N TYR B 184 -41.06 17.32 -21.49
CA TYR B 184 -41.86 18.38 -22.08
C TYR B 184 -41.79 19.62 -21.20
N GLN B 185 -41.72 20.79 -21.85
CA GLN B 185 -41.67 22.06 -21.15
C GLN B 185 -42.34 23.13 -22.00
N PRO B 186 -43.05 24.08 -21.40
CA PRO B 186 -43.65 25.16 -22.18
C PRO B 186 -42.60 26.08 -22.78
N ILE B 187 -42.96 26.70 -23.90
CA ILE B 187 -42.05 27.59 -24.62
C ILE B 187 -42.89 28.47 -25.53
N SER B 188 -42.43 29.71 -25.73
CA SER B 188 -43.11 30.66 -26.60
C SER B 188 -42.04 31.36 -27.47
N ALA B 189 -41.81 30.82 -28.66
CA ALA B 189 -40.83 31.40 -29.58
C ALA B 189 -41.11 30.88 -30.98
N ALA B 190 -40.36 31.40 -31.94
CA ALA B 190 -40.59 30.98 -33.29
C ALA B 190 -39.35 30.56 -33.98
N SER B 191 -38.29 30.31 -33.24
CA SER B 191 -37.03 30.01 -33.94
C SER B 191 -35.92 29.33 -33.14
N GLY B 192 -35.17 28.45 -33.80
CA GLY B 192 -34.07 27.79 -33.14
C GLY B 192 -34.61 26.97 -32.02
N LEU B 193 -33.78 26.61 -31.05
CA LEU B 193 -34.23 25.74 -30.01
C LEU B 193 -34.11 26.44 -28.75
N PRO B 194 -35.22 26.57 -28.10
CA PRO B 194 -35.19 27.24 -26.82
C PRO B 194 -33.97 26.95 -25.90
N THR B 195 -33.25 27.96 -25.42
CA THR B 195 -32.16 27.87 -24.46
C THR B 195 -32.73 27.55 -23.08
N GLY B 196 -32.16 26.54 -22.43
CA GLY B 196 -32.62 26.16 -21.10
C GLY B 196 -32.05 24.80 -20.73
N PHE B 197 -32.62 24.24 -19.66
CA PHE B 197 -32.22 22.94 -19.13
C PHE B 197 -33.46 22.12 -18.81
N ASN B 198 -33.39 20.82 -19.06
CA ASN B 198 -34.50 19.92 -18.79
C ASN B 198 -33.98 18.50 -18.66
N ALA B 199 -34.49 17.78 -17.67
CA ALA B 199 -34.12 16.40 -17.42
C ALA B 199 -35.18 15.47 -17.99
N LEU B 200 -34.73 14.42 -18.68
CA LEU B 200 -35.61 13.47 -19.33
C LEU B 200 -35.77 12.22 -18.47
N LYS B 201 -37.02 11.78 -18.28
CA LYS B 201 -37.35 10.63 -17.46
C LYS B 201 -37.58 9.40 -18.32
N PRO B 202 -37.21 8.21 -17.83
CA PRO B 202 -37.45 6.99 -18.59
C PRO B 202 -38.95 6.72 -18.76
N ILE B 203 -39.35 6.36 -19.97
CA ILE B 203 -40.74 6.08 -20.26
C ILE B 203 -40.97 4.75 -20.95
N PHE B 204 -39.98 4.15 -21.60
CA PHE B 204 -40.20 2.90 -22.32
C PHE B 204 -38.90 2.11 -22.39
N LYS B 205 -39.04 0.78 -22.46
CA LYS B 205 -37.93 -0.14 -22.75
C LYS B 205 -38.52 -1.24 -23.61
N LEU B 206 -38.45 -1.06 -24.93
CA LEU B 206 -39.11 -1.98 -25.85
C LEU B 206 -38.21 -3.16 -26.18
N PRO B 207 -38.62 -4.40 -25.90
CA PRO B 207 -37.81 -5.59 -26.19
C PRO B 207 -37.96 -6.10 -27.63
N LEU B 208 -37.32 -5.41 -28.56
CA LEU B 208 -37.33 -5.78 -29.97
C LEU B 208 -35.91 -5.86 -30.49
N GLY B 209 -35.58 -6.98 -31.14
CA GLY B 209 -34.26 -7.15 -31.72
C GLY B 209 -34.19 -6.76 -33.17
N ILE B 210 -33.75 -5.53 -33.45
CA ILE B 210 -33.66 -5.00 -34.80
C ILE B 210 -32.37 -4.21 -34.93
N ASN B 211 -31.67 -4.40 -36.05
CA ASN B 211 -30.49 -3.59 -36.35
C ASN B 211 -30.94 -2.21 -36.80
N ILE B 212 -31.44 -1.45 -35.82
CA ILE B 212 -31.98 -0.12 -36.10
C ILE B 212 -30.85 0.79 -36.53
N THR B 213 -30.90 1.23 -37.80
CA THR B 213 -29.87 2.11 -38.34
C THR B 213 -30.44 3.32 -39.08
N ASN B 214 -31.70 3.30 -39.48
CA ASN B 214 -32.34 4.43 -40.14
C ASN B 214 -33.65 4.74 -39.43
N PHE B 215 -34.02 6.02 -39.43
CA PHE B 215 -35.23 6.46 -38.77
C PHE B 215 -35.91 7.51 -39.62
N ARG B 216 -37.24 7.57 -39.52
CA ARG B 216 -38.01 8.55 -40.28
C ARG B 216 -39.24 8.92 -39.45
N THR B 217 -39.57 10.21 -39.45
CA THR B 217 -40.68 10.70 -38.66
C THR B 217 -41.99 10.60 -39.44
N LEU B 218 -43.09 10.73 -38.71
CA LEU B 218 -44.43 10.70 -39.29
C LEU B 218 -45.03 12.09 -39.14
N LEU B 219 -45.47 12.67 -40.26
CA LEU B 219 -46.01 14.02 -40.29
C LEU B 219 -47.50 13.99 -40.62
N THR B 220 -48.17 15.10 -40.29
CA THR B 220 -49.59 15.27 -40.54
C THR B 220 -49.78 16.41 -41.52
N ALA B 221 -50.56 16.16 -42.57
CA ALA B 221 -50.79 17.12 -43.64
C ALA B 221 -52.25 17.58 -43.63
N PHE B 222 -52.45 18.88 -43.85
CA PHE B 222 -53.78 19.44 -43.95
C PHE B 222 -54.08 19.76 -45.40
N PRO B 223 -55.01 19.04 -46.06
CA PRO B 223 -55.35 19.30 -47.46
C PRO B 223 -56.39 20.40 -47.62
N TRP B 229 -51.83 18.40 -49.95
CA TRP B 229 -50.58 19.14 -50.15
C TRP B 229 -50.55 20.37 -49.26
N GLY B 230 -49.52 20.47 -48.43
CA GLY B 230 -49.40 21.54 -47.47
C GLY B 230 -49.82 21.12 -46.07
N THR B 231 -49.28 21.81 -45.08
CA THR B 231 -49.53 21.49 -43.68
C THR B 231 -49.27 22.74 -42.85
N SER B 232 -49.32 22.58 -41.53
CA SER B 232 -49.11 23.68 -40.59
C SER B 232 -47.66 23.71 -40.12
N ALA B 233 -47.37 24.67 -39.25
CA ALA B 233 -45.99 24.93 -38.81
C ALA B 233 -45.58 23.93 -37.73
N ALA B 234 -44.44 23.28 -37.94
CA ALA B 234 -43.87 22.35 -36.98
C ALA B 234 -42.42 22.07 -37.31
N ALA B 235 -41.53 22.23 -36.34
CA ALA B 235 -40.10 22.01 -36.53
C ALA B 235 -39.60 21.00 -35.50
N TYR B 236 -38.80 20.04 -35.97
CA TYR B 236 -38.21 19.02 -35.11
C TYR B 236 -36.70 18.99 -35.36
N PHE B 237 -35.93 18.85 -34.29
CA PHE B 237 -34.48 18.88 -34.36
C PHE B 237 -33.93 17.49 -34.06
N VAL B 238 -32.86 17.11 -34.76
CA VAL B 238 -32.24 15.80 -34.60
C VAL B 238 -30.80 16.00 -34.14
N GLY B 239 -30.44 15.36 -33.03
CA GLY B 239 -29.08 15.45 -32.51
C GLY B 239 -28.52 14.10 -32.16
N TYR B 240 -27.30 13.81 -32.61
CA TYR B 240 -26.67 12.52 -32.39
C TYR B 240 -25.91 12.52 -31.06
N LEU B 241 -26.02 11.41 -30.33
CA LEU B 241 -25.29 11.24 -29.08
C LEU B 241 -23.95 10.58 -29.32
N LYS B 242 -23.00 10.90 -28.47
CA LYS B 242 -21.65 10.35 -28.54
C LYS B 242 -21.22 9.95 -27.13
N PRO B 243 -20.35 8.95 -27.02
CA PRO B 243 -19.86 8.55 -25.69
C PRO B 243 -19.03 9.64 -25.04
N THR B 244 -19.53 10.18 -23.93
CA THR B 244 -18.87 11.27 -23.24
C THR B 244 -18.94 10.99 -21.74
N THR B 245 -18.45 11.96 -20.95
CA THR B 245 -18.45 11.88 -19.50
C THR B 245 -19.14 13.12 -18.94
N PHE B 246 -20.11 12.91 -18.05
CA PHE B 246 -20.92 13.99 -17.52
C PHE B 246 -20.88 13.97 -16.00
N MET B 247 -21.21 15.13 -15.41
CA MET B 247 -21.42 15.27 -13.98
C MET B 247 -22.81 15.83 -13.76
N LEU B 248 -23.62 15.14 -12.95
CA LEU B 248 -24.99 15.54 -12.69
C LEU B 248 -25.12 16.03 -11.25
N LYS B 249 -26.01 17.01 -11.06
CA LYS B 249 -26.25 17.61 -9.75
C LYS B 249 -27.67 17.31 -9.31
N TYR B 250 -27.81 16.77 -8.11
CA TYR B 250 -29.11 16.49 -7.51
C TYR B 250 -29.36 17.45 -6.37
N ASP B 251 -30.55 18.06 -6.36
CA ASP B 251 -30.94 18.96 -5.29
C ASP B 251 -31.44 18.15 -4.10
N GLU B 252 -32.09 18.82 -3.14
CA GLU B 252 -32.65 18.11 -2.00
C GLU B 252 -33.73 17.12 -2.45
N ASN B 253 -34.43 17.43 -3.53
CA ASN B 253 -35.40 16.52 -4.12
C ASN B 253 -34.72 15.68 -5.18
N GLY B 254 -35.39 14.60 -5.58
CA GLY B 254 -34.83 13.69 -6.56
C GLY B 254 -34.97 14.17 -8.00
N THR B 255 -34.24 15.23 -8.35
CA THR B 255 -34.31 15.82 -9.68
C THR B 255 -32.92 16.26 -10.12
N ILE B 256 -32.75 16.39 -11.43
CA ILE B 256 -31.50 16.91 -11.98
C ILE B 256 -31.72 18.34 -12.45
N THR B 257 -30.91 19.27 -11.93
CA THR B 257 -31.08 20.68 -12.24
C THR B 257 -29.95 21.29 -13.07
N ASP B 258 -28.78 20.67 -13.10
CA ASP B 258 -27.67 21.20 -13.88
C ASP B 258 -26.68 20.08 -14.16
N ALA B 259 -25.89 20.27 -15.22
CA ALA B 259 -24.88 19.29 -15.60
C ALA B 259 -23.81 19.98 -16.43
N VAL B 260 -22.60 19.44 -16.35
CA VAL B 260 -21.45 19.96 -17.10
C VAL B 260 -20.88 18.84 -17.94
N ASP B 261 -20.16 19.21 -19.00
CA ASP B 261 -19.50 18.26 -19.87
C ASP B 261 -18.00 18.33 -19.64
N CYS B 262 -17.38 17.18 -19.41
CA CYS B 262 -15.96 17.11 -19.07
C CYS B 262 -15.05 17.29 -20.28
N SER B 263 -15.57 17.69 -21.43
CA SER B 263 -14.75 17.93 -22.60
C SER B 263 -15.13 19.17 -23.39
N GLN B 264 -16.11 19.96 -22.93
CA GLN B 264 -16.52 21.13 -23.68
C GLN B 264 -15.47 22.24 -23.60
N ASN B 265 -15.00 22.54 -22.39
CA ASN B 265 -14.05 23.62 -22.17
C ASN B 265 -13.03 23.16 -21.14
N PRO B 266 -11.82 23.73 -21.17
CA PRO B 266 -10.85 23.41 -20.12
C PRO B 266 -11.33 23.75 -18.72
N LEU B 267 -12.11 24.84 -18.57
CA LEU B 267 -12.70 25.15 -17.27
C LEU B 267 -13.66 24.05 -16.84
N ALA B 268 -14.46 23.54 -17.77
CA ALA B 268 -15.35 22.43 -17.45
C ALA B 268 -14.58 21.17 -17.11
N GLU B 269 -13.46 20.92 -17.79
CA GLU B 269 -12.62 19.78 -17.43
C GLU B 269 -12.06 19.92 -16.03
N LEU B 270 -11.61 21.13 -15.66
CA LEU B 270 -11.13 21.36 -14.31
C LEU B 270 -12.25 21.17 -13.28
N LYS B 271 -13.45 21.64 -13.60
CA LYS B 271 -14.59 21.45 -12.70
C LYS B 271 -14.90 19.96 -12.53
N CYS B 272 -14.77 19.19 -13.60
CA CYS B 272 -14.94 17.75 -13.50
C CYS B 272 -13.87 17.12 -12.62
N SER B 273 -12.62 17.60 -12.74
CA SER B 273 -11.54 17.03 -11.96
C SER B 273 -11.71 17.30 -10.47
N VAL B 274 -12.16 18.50 -10.12
CA VAL B 274 -12.32 18.87 -8.71
C VAL B 274 -13.68 18.50 -8.14
N LYS B 275 -14.64 18.12 -8.99
CA LYS B 275 -15.99 17.76 -8.57
C LYS B 275 -16.66 18.90 -7.80
N SER B 276 -16.77 20.04 -8.46
CA SER B 276 -17.42 21.21 -7.88
C SER B 276 -17.92 22.10 -9.01
N PHE B 277 -18.88 22.96 -8.67
CA PHE B 277 -19.44 23.89 -9.64
C PHE B 277 -18.90 25.30 -9.51
N GLU B 278 -18.19 25.61 -8.42
CA GLU B 278 -17.59 26.92 -8.21
C GLU B 278 -16.08 26.75 -8.04
N ILE B 279 -15.32 27.59 -8.72
CA ILE B 279 -13.86 27.53 -8.72
C ILE B 279 -13.32 28.87 -8.24
N ASP B 280 -12.45 28.83 -7.23
CA ASP B 280 -11.81 30.04 -6.73
C ASP B 280 -10.63 30.42 -7.63
N LYS B 281 -10.05 31.58 -7.33
CA LYS B 281 -8.93 32.08 -8.12
C LYS B 281 -7.69 31.22 -7.89
N GLY B 282 -6.82 31.20 -8.90
CA GLY B 282 -5.59 30.43 -8.83
C GLY B 282 -5.26 29.71 -10.12
N ILE B 283 -4.17 28.96 -10.13
CA ILE B 283 -3.75 28.19 -11.29
C ILE B 283 -3.80 26.71 -10.92
N TYR B 284 -4.54 25.94 -11.71
CA TYR B 284 -4.71 24.52 -11.48
C TYR B 284 -4.12 23.72 -12.63
N GLN B 285 -3.79 22.46 -12.33
CA GLN B 285 -3.20 21.55 -13.30
C GLN B 285 -4.23 20.51 -13.68
N THR B 286 -4.63 20.51 -14.95
CA THR B 286 -5.59 19.55 -15.48
C THR B 286 -4.85 18.42 -16.17
N SER B 287 -5.59 17.56 -16.87
CA SER B 287 -4.98 16.47 -17.61
C SER B 287 -4.17 17.02 -18.78
N ASN B 288 -3.16 16.26 -19.18
CA ASN B 288 -2.26 16.69 -20.24
C ASN B 288 -3.00 16.74 -21.58
N PHE B 289 -2.36 17.41 -22.55
CA PHE B 289 -2.97 17.56 -23.86
C PHE B 289 -3.06 16.22 -24.57
N ARG B 290 -4.27 15.88 -25.04
CA ARG B 290 -4.53 14.59 -25.66
C ARG B 290 -4.91 14.78 -27.12
N VAL B 291 -4.46 13.85 -27.96
CA VAL B 291 -4.79 13.85 -29.37
C VAL B 291 -5.64 12.63 -29.68
N ALA B 292 -6.64 12.81 -30.56
CA ALA B 292 -7.58 11.74 -30.85
C ALA B 292 -7.16 10.98 -32.11
N PRO B 293 -7.25 9.65 -32.10
CA PRO B 293 -6.91 8.88 -33.29
C PRO B 293 -7.89 9.16 -34.42
N SER B 294 -7.40 9.02 -35.65
CA SER B 294 -8.18 9.35 -36.84
C SER B 294 -8.40 8.16 -37.76
N LYS B 295 -7.34 7.48 -38.17
CA LYS B 295 -7.42 6.45 -39.20
C LYS B 295 -6.95 5.10 -38.66
N GLU B 296 -6.94 4.10 -39.53
CA GLU B 296 -6.53 2.75 -39.20
C GLU B 296 -5.43 2.31 -40.16
N VAL B 297 -4.40 1.65 -39.62
CA VAL B 297 -3.23 1.27 -40.41
C VAL B 297 -3.03 -0.25 -40.33
N VAL B 298 -4.14 -0.99 -40.34
CA VAL B 298 -4.07 -2.45 -40.30
C VAL B 298 -3.19 -2.95 -41.43
N ARG B 299 -2.19 -3.77 -41.07
CA ARG B 299 -1.21 -4.27 -42.03
C ARG B 299 -0.90 -5.72 -41.72
N PHE B 300 -1.14 -6.60 -42.70
CA PHE B 300 -0.95 -8.03 -42.58
C PHE B 300 -0.01 -8.52 -43.67
N PRO B 301 0.64 -9.69 -43.47
CA PRO B 301 1.59 -10.17 -44.47
C PRO B 301 0.95 -10.55 -45.80
N ASN B 302 1.78 -10.92 -46.78
CA ASN B 302 1.32 -11.25 -48.13
C ASN B 302 0.95 -12.73 -48.17
N ILE B 303 -0.23 -13.05 -47.65
CA ILE B 303 -0.74 -14.41 -47.66
C ILE B 303 -1.97 -14.47 -48.56
N THR B 304 -1.92 -15.33 -49.57
CA THR B 304 -3.01 -15.43 -50.53
C THR B 304 -3.53 -16.86 -50.70
N ASN B 305 -3.19 -17.78 -49.81
CA ASN B 305 -3.60 -19.16 -49.92
C ASN B 305 -4.44 -19.57 -48.72
N LEU B 306 -5.55 -20.25 -48.98
CA LEU B 306 -6.38 -20.76 -47.92
C LEU B 306 -5.67 -21.90 -47.19
N CYS B 307 -5.94 -22.00 -45.89
CA CYS B 307 -5.27 -23.02 -45.09
C CYS B 307 -5.80 -24.40 -45.43
N PRO B 308 -4.97 -25.44 -45.29
CA PRO B 308 -5.46 -26.80 -45.51
C PRO B 308 -6.45 -27.23 -44.46
N PHE B 309 -7.74 -27.22 -44.81
CA PHE B 309 -8.79 -27.70 -43.92
C PHE B 309 -9.40 -29.00 -44.41
N GLY B 310 -8.85 -29.59 -45.47
CA GLY B 310 -9.30 -30.89 -45.96
C GLY B 310 -8.27 -31.96 -45.71
N GLU B 311 -6.99 -31.59 -45.79
CA GLU B 311 -5.92 -32.53 -45.43
C GLU B 311 -6.03 -32.91 -43.95
N VAL B 312 -6.33 -31.93 -43.10
CA VAL B 312 -6.67 -32.20 -41.71
C VAL B 312 -8.18 -31.99 -41.59
N PHE B 313 -8.76 -32.62 -40.56
CA PHE B 313 -10.20 -32.61 -40.27
C PHE B 313 -10.99 -33.44 -41.26
N ASN B 314 -10.34 -33.90 -42.33
CA ASN B 314 -11.00 -34.76 -43.32
C ASN B 314 -10.00 -35.78 -43.88
N ALA B 315 -9.03 -36.18 -43.06
CA ALA B 315 -8.06 -37.17 -43.48
C ALA B 315 -8.71 -38.55 -43.55
N THR B 316 -8.31 -39.33 -44.57
CA THR B 316 -8.88 -40.67 -44.72
C THR B 316 -8.44 -41.59 -43.60
N THR B 317 -7.19 -41.47 -43.14
CA THR B 317 -6.67 -42.31 -42.07
C THR B 317 -6.19 -41.41 -40.93
N PHE B 318 -6.51 -41.81 -39.70
CA PHE B 318 -6.10 -41.08 -38.52
C PHE B 318 -5.25 -41.97 -37.63
N PRO B 319 -4.12 -41.48 -37.11
CA PRO B 319 -3.22 -42.33 -36.33
C PRO B 319 -3.79 -42.65 -34.96
N SER B 320 -3.15 -43.64 -34.31
CA SER B 320 -3.53 -44.00 -32.95
C SER B 320 -2.92 -43.03 -31.94
N VAL B 321 -3.36 -43.15 -30.69
CA VAL B 321 -2.91 -42.23 -29.65
C VAL B 321 -1.44 -42.46 -29.33
N TYR B 322 -1.03 -43.73 -29.22
CA TYR B 322 0.34 -44.02 -28.81
C TYR B 322 1.36 -43.55 -29.84
N ALA B 323 0.93 -43.41 -31.10
CA ALA B 323 1.80 -42.91 -32.17
C ALA B 323 1.03 -41.82 -32.92
N TRP B 324 1.11 -40.59 -32.43
CA TRP B 324 0.49 -39.46 -33.08
C TRP B 324 1.50 -38.72 -33.96
N GLU B 325 0.99 -37.92 -34.88
CA GLU B 325 1.82 -37.21 -35.85
C GLU B 325 1.64 -35.71 -35.69
N ARG B 326 2.56 -34.97 -36.30
CA ARG B 326 2.56 -33.52 -36.25
C ARG B 326 2.72 -32.96 -37.66
N LYS B 327 2.05 -31.84 -37.92
CA LYS B 327 2.11 -31.16 -39.20
C LYS B 327 2.37 -29.68 -38.98
N ARG B 328 3.27 -29.12 -39.78
CA ARG B 328 3.59 -27.70 -39.71
C ARG B 328 2.64 -26.91 -40.60
N ILE B 329 2.15 -25.78 -40.10
CA ILE B 329 1.18 -24.94 -40.80
C ILE B 329 1.82 -23.58 -41.06
N SER B 330 1.78 -23.14 -42.31
CA SER B 330 2.34 -21.85 -42.68
C SER B 330 1.65 -21.35 -43.94
N ASN B 331 1.69 -20.03 -44.14
CA ASN B 331 1.11 -19.37 -45.32
C ASN B 331 -0.37 -19.71 -45.46
N CYS B 332 -1.16 -19.27 -44.48
CA CYS B 332 -2.57 -19.60 -44.39
C CYS B 332 -3.40 -18.34 -44.16
N VAL B 333 -4.64 -18.39 -44.65
CA VAL B 333 -5.68 -17.45 -44.25
C VAL B 333 -6.68 -18.24 -43.42
N ALA B 334 -6.46 -18.28 -42.10
CA ALA B 334 -7.20 -19.16 -41.21
C ALA B 334 -8.60 -18.61 -41.00
N ASP B 335 -9.54 -19.04 -41.85
CA ASP B 335 -10.95 -18.72 -41.69
C ASP B 335 -11.69 -20.02 -41.39
N TYR B 336 -12.10 -20.18 -40.12
CA TYR B 336 -12.82 -21.39 -39.73
C TYR B 336 -14.26 -21.39 -40.19
N SER B 337 -14.69 -20.38 -40.95
CA SER B 337 -16.06 -20.35 -41.44
C SER B 337 -16.32 -21.45 -42.46
N VAL B 338 -15.27 -21.93 -43.13
CA VAL B 338 -15.42 -23.01 -44.10
C VAL B 338 -15.78 -24.32 -43.42
N LEU B 339 -15.43 -24.49 -42.14
CA LEU B 339 -15.77 -25.69 -41.40
C LEU B 339 -17.21 -25.69 -40.90
N TYR B 340 -17.93 -24.58 -41.03
CA TYR B 340 -19.32 -24.53 -40.60
C TYR B 340 -20.20 -25.43 -41.46
N ASN B 341 -19.82 -25.64 -42.72
CA ASN B 341 -20.68 -26.34 -43.66
C ASN B 341 -20.53 -27.86 -43.61
N SER B 342 -19.39 -28.37 -43.17
CA SER B 342 -19.09 -29.79 -43.25
C SER B 342 -18.99 -30.46 -41.88
N THR B 343 -18.11 -29.98 -41.01
CA THR B 343 -17.79 -30.67 -39.77
C THR B 343 -18.46 -30.00 -38.59
N SER B 344 -18.96 -30.82 -37.67
CA SER B 344 -19.55 -30.37 -36.41
C SER B 344 -18.70 -30.93 -35.27
N PHE B 345 -18.20 -30.04 -34.41
CA PHE B 345 -17.30 -30.41 -33.33
C PHE B 345 -18.10 -30.56 -32.04
N SER B 346 -18.01 -31.74 -31.42
CA SER B 346 -18.75 -31.97 -30.18
C SER B 346 -18.14 -31.21 -29.02
N THR B 347 -16.81 -31.03 -29.02
CA THR B 347 -16.12 -30.29 -27.97
C THR B 347 -15.09 -29.38 -28.62
N PHE B 348 -15.27 -28.07 -28.46
CA PHE B 348 -14.33 -27.07 -28.95
C PHE B 348 -14.11 -26.08 -27.81
N LYS B 349 -13.13 -26.40 -26.96
CA LYS B 349 -12.79 -25.57 -25.82
C LYS B 349 -11.28 -25.52 -25.69
N CYS B 350 -10.74 -24.31 -25.53
CA CYS B 350 -9.29 -24.18 -25.46
C CYS B 350 -8.82 -22.93 -24.73
N TYR B 351 -7.50 -22.79 -24.61
CA TYR B 351 -6.91 -21.93 -23.59
C TYR B 351 -5.86 -21.04 -24.21
N GLY B 352 -5.46 -20.01 -23.45
CA GLY B 352 -4.42 -19.09 -23.87
C GLY B 352 -4.87 -18.00 -24.80
N VAL B 353 -6.11 -18.07 -25.29
CA VAL B 353 -6.64 -17.08 -26.23
C VAL B 353 -8.16 -17.12 -26.16
N SER B 354 -8.78 -15.99 -26.45
CA SER B 354 -10.23 -15.90 -26.49
C SER B 354 -10.75 -16.40 -27.84
N ALA B 355 -11.89 -17.07 -27.81
CA ALA B 355 -12.45 -17.64 -29.03
C ALA B 355 -12.88 -16.56 -30.02
N THR B 356 -13.47 -15.47 -29.50
CA THR B 356 -13.98 -14.43 -30.39
C THR B 356 -12.87 -13.62 -31.04
N LYS B 357 -11.66 -13.62 -30.48
CA LYS B 357 -10.56 -12.83 -31.00
C LYS B 357 -9.70 -13.60 -32.00
N LEU B 358 -10.14 -14.79 -32.42
CA LEU B 358 -9.34 -15.62 -33.32
C LEU B 358 -9.31 -15.09 -34.75
N ASN B 359 -10.18 -14.14 -35.09
CA ASN B 359 -10.21 -13.60 -36.45
C ASN B 359 -9.29 -12.40 -36.65
N ASP B 360 -8.95 -11.69 -35.58
CA ASP B 360 -8.07 -10.53 -35.67
C ASP B 360 -6.62 -10.84 -35.34
N LEU B 361 -6.37 -11.88 -34.55
CA LEU B 361 -5.03 -12.17 -34.08
C LEU B 361 -4.22 -12.88 -35.17
N CYS B 362 -2.90 -12.86 -35.00
CA CYS B 362 -2.00 -13.52 -35.95
C CYS B 362 -1.05 -14.43 -35.18
N PHE B 363 -1.07 -15.71 -35.53
CA PHE B 363 -0.35 -16.76 -34.83
C PHE B 363 0.93 -17.12 -35.57
N SER B 364 1.89 -17.67 -34.83
CA SER B 364 3.15 -18.13 -35.40
C SER B 364 3.50 -19.49 -34.82
N ASN B 365 4.22 -20.28 -35.62
CA ASN B 365 4.65 -21.63 -35.23
C ASN B 365 3.44 -22.50 -34.86
N VAL B 366 2.60 -22.74 -35.87
CA VAL B 366 1.36 -23.50 -35.70
C VAL B 366 1.63 -24.95 -36.06
N TYR B 367 1.26 -25.86 -35.16
CA TYR B 367 1.39 -27.29 -35.39
C TYR B 367 0.07 -27.98 -35.03
N ALA B 368 -0.23 -29.06 -35.73
CA ALA B 368 -1.48 -29.78 -35.56
C ALA B 368 -1.20 -31.25 -35.29
N ASP B 369 -1.71 -31.75 -34.18
CA ASP B 369 -1.64 -33.17 -33.82
C ASP B 369 -2.97 -33.83 -34.12
N SER B 370 -2.95 -35.15 -34.28
CA SER B 370 -4.15 -35.89 -34.61
C SER B 370 -4.06 -37.32 -34.08
N PHE B 371 -5.14 -37.78 -33.46
CA PHE B 371 -5.22 -39.15 -32.96
C PHE B 371 -6.70 -39.49 -32.77
N VAL B 372 -6.97 -40.72 -32.36
CA VAL B 372 -8.33 -41.22 -32.16
C VAL B 372 -8.43 -41.85 -30.79
N VAL B 373 -9.40 -41.39 -29.99
CA VAL B 373 -9.62 -41.94 -28.66
C VAL B 373 -11.10 -42.30 -28.52
N LYS B 374 -11.47 -42.86 -27.37
CA LYS B 374 -12.85 -43.24 -27.09
C LYS B 374 -13.58 -42.08 -26.42
N GLY B 375 -14.85 -42.30 -26.09
CA GLY B 375 -15.65 -41.23 -25.51
C GLY B 375 -15.19 -40.82 -24.13
N ASP B 376 -14.90 -41.79 -23.27
CA ASP B 376 -14.49 -41.50 -21.90
C ASP B 376 -13.07 -40.95 -21.80
N ASP B 377 -12.24 -41.14 -22.83
CA ASP B 377 -10.86 -40.67 -22.81
C ASP B 377 -10.70 -39.33 -23.52
N VAL B 378 -11.79 -38.72 -23.97
CA VAL B 378 -11.71 -37.43 -24.63
C VAL B 378 -11.58 -36.27 -23.65
N ARG B 379 -11.91 -36.49 -22.38
CA ARG B 379 -11.75 -35.45 -21.36
C ARG B 379 -10.34 -35.40 -20.81
N GLN B 380 -9.51 -36.41 -21.08
CA GLN B 380 -8.15 -36.43 -20.55
C GLN B 380 -7.20 -35.53 -21.34
N ILE B 381 -7.58 -35.11 -22.54
CA ILE B 381 -6.75 -34.21 -23.32
C ILE B 381 -7.03 -32.80 -22.81
N ALA B 382 -6.24 -32.36 -21.83
CA ALA B 382 -6.39 -31.06 -21.19
C ALA B 382 -5.20 -30.84 -20.25
N PRO B 383 -4.78 -29.58 -20.05
CA PRO B 383 -3.64 -29.32 -19.15
C PRO B 383 -3.98 -29.68 -17.71
N GLY B 384 -3.19 -30.56 -17.12
CA GLY B 384 -3.38 -30.93 -15.73
C GLY B 384 -4.44 -31.98 -15.51
N GLN B 385 -4.31 -33.13 -16.18
CA GLN B 385 -5.24 -34.24 -16.02
C GLN B 385 -4.46 -35.54 -15.86
N THR B 386 -5.13 -36.54 -15.32
CA THR B 386 -4.53 -37.84 -15.08
C THR B 386 -5.37 -38.93 -15.74
N GLY B 387 -4.70 -40.00 -16.12
CA GLY B 387 -5.36 -41.11 -16.79
C GLY B 387 -4.38 -41.85 -17.68
N VAL B 388 -4.91 -42.88 -18.35
CA VAL B 388 -4.06 -43.68 -19.24
C VAL B 388 -3.57 -42.85 -20.41
N ILE B 389 -4.47 -42.06 -21.01
CA ILE B 389 -4.10 -41.26 -22.17
C ILE B 389 -3.19 -40.11 -21.75
N ALA B 390 -3.49 -39.47 -20.63
CA ALA B 390 -2.76 -38.28 -20.21
C ALA B 390 -1.42 -38.58 -19.55
N ASP B 391 -1.09 -39.86 -19.33
CA ASP B 391 0.16 -40.23 -18.68
C ASP B 391 1.12 -40.97 -19.61
N TYR B 392 0.66 -42.04 -20.25
CA TYR B 392 1.54 -42.90 -21.03
C TYR B 392 1.46 -42.66 -22.54
N ASN B 393 0.45 -41.92 -23.01
CA ASN B 393 0.25 -41.73 -24.45
C ASN B 393 0.46 -40.30 -24.89
N TYR B 394 -0.27 -39.35 -24.31
CA TYR B 394 -0.24 -37.97 -24.79
C TYR B 394 -0.49 -37.04 -23.61
N LYS B 395 0.53 -36.28 -23.22
CA LYS B 395 0.44 -35.33 -22.12
C LYS B 395 0.60 -33.92 -22.65
N LEU B 396 -0.34 -33.04 -22.27
CA LEU B 396 -0.32 -31.63 -22.63
C LEU B 396 0.43 -30.82 -21.60
N PRO B 397 1.16 -29.78 -22.00
CA PRO B 397 1.91 -28.97 -21.04
C PRO B 397 0.99 -28.23 -20.10
N ASP B 398 1.52 -27.92 -18.91
CA ASP B 398 0.73 -27.20 -17.91
C ASP B 398 0.32 -25.83 -18.43
N ASP B 399 1.26 -25.09 -19.01
CA ASP B 399 0.94 -23.87 -19.75
C ASP B 399 0.80 -24.23 -21.23
N PHE B 400 -0.30 -23.80 -21.84
CA PHE B 400 -0.64 -24.23 -23.18
C PHE B 400 -1.34 -23.09 -23.91
N THR B 401 -0.75 -22.66 -25.03
CA THR B 401 -1.34 -21.63 -25.90
C THR B 401 -1.69 -22.32 -27.21
N GLY B 402 -2.94 -22.73 -27.33
CA GLY B 402 -3.39 -23.42 -28.53
C GLY B 402 -4.87 -23.74 -28.43
N CYS B 403 -5.34 -24.55 -29.36
CA CYS B 403 -6.75 -24.91 -29.38
C CYS B 403 -6.93 -26.40 -29.64
N VAL B 404 -7.91 -27.00 -28.96
CA VAL B 404 -8.17 -28.43 -29.01
C VAL B 404 -9.55 -28.66 -29.61
N LEU B 405 -9.62 -29.56 -30.59
CA LEU B 405 -10.87 -29.88 -31.26
C LEU B 405 -11.08 -31.38 -31.27
N ALA B 406 -12.34 -31.80 -31.29
CA ALA B 406 -12.68 -33.22 -31.29
C ALA B 406 -14.12 -33.40 -31.75
N TRP B 407 -14.36 -34.43 -32.54
CA TRP B 407 -15.69 -34.77 -33.02
C TRP B 407 -15.86 -36.28 -33.03
N ASN B 408 -17.12 -36.71 -33.10
CA ASN B 408 -17.47 -38.13 -33.05
C ASN B 408 -17.52 -38.70 -34.46
N THR B 409 -16.86 -39.85 -34.65
CA THR B 409 -16.83 -40.55 -35.94
C THR B 409 -17.16 -42.02 -35.69
N ARG B 410 -18.44 -42.35 -35.68
CA ARG B 410 -18.88 -43.73 -35.54
C ARG B 410 -19.16 -44.40 -36.88
N ASN B 411 -19.70 -43.66 -37.85
CA ASN B 411 -20.01 -44.24 -39.15
C ASN B 411 -18.76 -44.56 -39.97
N ILE B 412 -17.60 -44.05 -39.56
CA ILE B 412 -16.37 -44.25 -40.31
C ILE B 412 -15.42 -45.22 -39.62
N ASP B 413 -15.26 -45.08 -38.30
CA ASP B 413 -14.28 -45.85 -37.54
C ASP B 413 -14.92 -46.96 -36.72
N ALA B 414 -16.00 -47.54 -37.23
CA ALA B 414 -16.66 -48.65 -36.54
C ALA B 414 -17.32 -49.56 -37.57
N THR B 415 -17.48 -50.82 -37.21
CA THR B 415 -18.09 -51.82 -38.07
C THR B 415 -18.96 -52.74 -37.23
N GLN B 416 -19.68 -53.64 -37.89
CA GLN B 416 -20.48 -54.63 -37.18
C GLN B 416 -19.60 -55.52 -36.30
N THR B 417 -18.45 -55.92 -36.83
CA THR B 417 -17.44 -56.61 -36.05
C THR B 417 -16.49 -55.58 -35.44
N GLY B 418 -15.52 -56.05 -34.66
CA GLY B 418 -14.58 -55.16 -34.02
C GLY B 418 -13.64 -54.51 -35.00
N ASN B 419 -13.27 -53.27 -34.71
CA ASN B 419 -12.31 -52.55 -35.54
C ASN B 419 -10.88 -53.02 -35.25
N TYR B 420 -10.44 -52.83 -34.01
CA TYR B 420 -9.16 -53.36 -33.52
C TYR B 420 -7.97 -52.84 -34.32
N ASN B 421 -8.11 -51.65 -34.91
CA ASN B 421 -7.02 -51.03 -35.66
C ASN B 421 -6.37 -49.88 -34.91
N TYR B 422 -6.93 -49.47 -33.76
CA TYR B 422 -6.38 -48.39 -32.97
C TYR B 422 -5.90 -48.93 -31.63
N LYS B 423 -4.68 -48.58 -31.26
CA LYS B 423 -4.05 -49.11 -30.06
C LYS B 423 -3.63 -47.98 -29.13
N TYR B 424 -3.35 -48.34 -27.88
CA TYR B 424 -2.93 -47.39 -26.87
C TYR B 424 -2.15 -48.12 -25.80
N ARG B 425 -1.23 -47.39 -25.15
CA ARG B 425 -0.45 -47.97 -24.07
C ARG B 425 -1.18 -47.86 -22.74
N SER B 426 -1.09 -48.91 -21.93
CA SER B 426 -1.62 -48.91 -20.58
C SER B 426 -0.60 -49.32 -19.53
N LEU B 427 0.56 -49.84 -19.93
CA LEU B 427 1.62 -50.22 -19.02
C LEU B 427 2.90 -49.51 -19.43
N ARG B 428 3.45 -48.72 -18.52
CA ARG B 428 4.67 -47.98 -18.80
C ARG B 428 5.34 -47.61 -17.49
N HIS B 429 6.64 -47.36 -17.56
CA HIS B 429 7.42 -46.92 -16.41
C HIS B 429 7.49 -45.40 -16.42
N GLY B 430 7.01 -44.77 -15.36
CA GLY B 430 7.02 -43.33 -15.28
C GLY B 430 5.89 -42.70 -16.09
N LYS B 431 6.03 -41.39 -16.28
CA LYS B 431 5.05 -40.61 -17.02
C LYS B 431 5.73 -39.83 -18.13
N LEU B 432 5.00 -39.60 -19.21
CA LEU B 432 5.54 -38.87 -20.35
C LEU B 432 5.70 -37.39 -20.04
N ARG B 433 6.74 -36.80 -20.61
CA ARG B 433 6.90 -35.35 -20.58
C ARG B 433 5.97 -34.71 -21.60
N PRO B 434 5.62 -33.44 -21.40
CA PRO B 434 4.68 -32.79 -22.32
C PRO B 434 5.17 -32.81 -23.76
N PHE B 435 4.27 -33.14 -24.68
CA PHE B 435 4.54 -33.19 -26.10
C PHE B 435 5.70 -34.14 -26.42
N GLU B 436 5.49 -35.42 -26.10
CA GLU B 436 6.47 -36.45 -26.37
C GLU B 436 5.77 -37.70 -26.87
N ARG B 437 6.55 -38.59 -27.48
CA ARG B 437 6.03 -39.78 -28.13
C ARG B 437 6.82 -41.01 -27.67
N ASP B 438 6.14 -42.15 -27.67
CA ASP B 438 6.76 -43.43 -27.30
C ASP B 438 6.12 -44.52 -28.17
N ILE B 439 6.81 -44.91 -29.24
CA ILE B 439 6.30 -45.89 -30.18
C ILE B 439 6.99 -47.24 -30.03
N SER B 440 7.80 -47.42 -28.99
CA SER B 440 8.48 -48.68 -28.78
C SER B 440 7.51 -49.76 -28.33
N ASN B 441 7.73 -50.98 -28.82
CA ASN B 441 6.89 -52.13 -28.48
C ASN B 441 7.80 -53.22 -27.91
N VAL B 442 7.97 -53.21 -26.59
CA VAL B 442 8.80 -54.19 -25.91
C VAL B 442 8.01 -54.77 -24.74
N PRO B 443 8.23 -56.03 -24.36
CA PRO B 443 7.50 -56.59 -23.21
C PRO B 443 7.79 -55.81 -21.94
N PHE B 444 6.76 -55.69 -21.10
CA PHE B 444 6.83 -54.91 -19.87
C PHE B 444 6.69 -55.83 -18.68
N SER B 445 7.54 -55.61 -17.67
CA SER B 445 7.49 -56.34 -16.41
C SER B 445 7.58 -55.37 -15.26
N PRO B 446 6.89 -55.65 -14.15
CA PRO B 446 6.95 -54.73 -13.00
C PRO B 446 8.34 -54.56 -12.44
N ASP B 447 9.17 -55.61 -12.45
CA ASP B 447 10.53 -55.50 -11.94
C ASP B 447 11.40 -54.68 -12.88
N GLY B 448 11.22 -54.83 -14.19
CA GLY B 448 12.01 -54.12 -15.18
C GLY B 448 12.96 -55.01 -15.96
N LYS B 449 13.13 -56.26 -15.56
CA LYS B 449 14.02 -57.15 -16.30
C LYS B 449 13.39 -57.55 -17.63
N PRO B 450 14.18 -57.63 -18.70
CA PRO B 450 13.64 -58.13 -19.97
C PRO B 450 13.15 -59.56 -19.83
N CYS B 451 12.05 -59.86 -20.51
CA CYS B 451 11.43 -61.18 -20.36
C CYS B 451 10.62 -61.49 -21.61
N THR B 452 10.32 -62.78 -21.77
CA THR B 452 9.44 -63.25 -22.82
C THR B 452 7.98 -63.04 -22.42
N PRO B 453 7.09 -62.84 -23.39
CA PRO B 453 5.67 -62.55 -23.06
C PRO B 453 4.94 -63.70 -22.38
N PRO B 454 5.23 -64.99 -22.63
CA PRO B 454 4.45 -66.02 -21.92
C PRO B 454 4.79 -66.13 -20.44
N ALA B 455 5.89 -65.55 -19.99
CA ALA B 455 6.29 -65.67 -18.59
C ALA B 455 5.37 -64.86 -17.69
N PHE B 456 5.38 -65.20 -16.41
CA PHE B 456 4.56 -64.49 -15.43
C PHE B 456 5.04 -63.06 -15.26
N ASN B 457 4.08 -62.17 -14.97
CA ASN B 457 4.36 -60.74 -14.80
C ASN B 457 5.04 -60.15 -16.03
N CYS B 458 4.58 -60.56 -17.21
CA CYS B 458 5.13 -60.08 -18.47
C CYS B 458 3.98 -59.91 -19.45
N TYR B 459 3.64 -58.66 -19.75
CA TYR B 459 2.51 -58.34 -20.62
C TYR B 459 2.98 -57.43 -21.76
N TRP B 460 2.18 -57.40 -22.81
CA TRP B 460 2.43 -56.47 -23.91
C TRP B 460 1.83 -55.11 -23.57
N PRO B 461 2.59 -54.02 -23.72
CA PRO B 461 2.11 -52.72 -23.24
C PRO B 461 1.00 -52.12 -24.10
N LEU B 462 0.75 -52.65 -25.29
CA LEU B 462 -0.22 -52.09 -26.20
C LEU B 462 -1.48 -52.95 -26.23
N ASN B 463 -2.63 -52.34 -25.97
CA ASN B 463 -3.92 -52.99 -26.09
C ASN B 463 -4.69 -52.41 -27.27
N ASP B 464 -5.76 -53.09 -27.65
CA ASP B 464 -6.54 -52.73 -28.83
C ASP B 464 -7.87 -52.11 -28.43
N TYR B 465 -8.21 -51.00 -29.08
CA TYR B 465 -9.52 -50.38 -28.89
C TYR B 465 -10.57 -51.18 -29.64
N GLY B 466 -11.54 -51.73 -28.91
CA GLY B 466 -12.61 -52.48 -29.52
C GLY B 466 -13.80 -51.60 -29.84
N PHE B 467 -13.90 -51.16 -31.09
CA PHE B 467 -14.96 -50.26 -31.53
C PHE B 467 -16.04 -51.05 -32.26
N TYR B 468 -17.26 -50.98 -31.76
CA TYR B 468 -18.41 -51.61 -32.38
C TYR B 468 -19.50 -50.57 -32.64
N ILE B 469 -20.36 -50.86 -33.60
CA ILE B 469 -21.48 -49.98 -33.87
C ILE B 469 -22.48 -50.01 -32.72
N THR B 470 -22.71 -51.19 -32.15
CA THR B 470 -23.65 -51.35 -31.04
C THR B 470 -22.97 -51.04 -29.71
N ASN B 471 -22.58 -49.77 -29.57
CA ASN B 471 -21.94 -49.29 -28.35
C ASN B 471 -22.57 -47.96 -27.96
N GLY B 472 -22.47 -47.63 -26.68
CA GLY B 472 -22.99 -46.38 -26.18
C GLY B 472 -22.11 -45.21 -26.61
N ILE B 473 -22.40 -44.04 -26.02
CA ILE B 473 -21.60 -42.85 -26.29
C ILE B 473 -20.16 -43.08 -25.87
N GLY B 474 -19.96 -43.68 -24.69
CA GLY B 474 -18.64 -44.14 -24.33
C GLY B 474 -18.22 -45.33 -25.17
N TYR B 475 -16.92 -45.56 -25.22
CA TYR B 475 -16.32 -46.62 -26.05
C TYR B 475 -16.66 -46.44 -27.53
N GLN B 476 -16.83 -45.20 -27.98
CA GLN B 476 -17.08 -44.86 -29.37
C GLN B 476 -15.93 -44.01 -29.91
N PRO B 477 -15.59 -44.16 -31.19
CA PRO B 477 -14.43 -43.42 -31.73
C PRO B 477 -14.65 -41.92 -31.70
N TYR B 478 -13.59 -41.19 -31.38
CA TYR B 478 -13.60 -39.73 -31.37
C TYR B 478 -12.27 -39.24 -31.95
N ARG B 479 -12.33 -38.60 -33.11
CA ARG B 479 -11.14 -38.03 -33.73
C ARG B 479 -10.82 -36.69 -33.07
N VAL B 480 -9.57 -36.53 -32.62
CA VAL B 480 -9.14 -35.36 -31.88
C VAL B 480 -8.01 -34.67 -32.65
N VAL B 481 -8.12 -33.36 -32.81
CA VAL B 481 -7.09 -32.55 -33.44
C VAL B 481 -6.72 -31.43 -32.49
N VAL B 482 -5.43 -31.32 -32.17
CA VAL B 482 -4.93 -30.34 -31.22
C VAL B 482 -4.02 -29.38 -31.97
N LEU B 483 -4.29 -28.09 -31.86
CA LEU B 483 -3.48 -27.04 -32.48
C LEU B 483 -2.75 -26.27 -31.41
N SER B 484 -1.49 -25.95 -31.67
CA SER B 484 -0.66 -25.16 -30.76
C SER B 484 0.05 -24.07 -31.54
N PHE B 485 0.13 -22.88 -30.96
CA PHE B 485 0.72 -21.74 -31.66
C PHE B 485 1.21 -20.71 -30.64
N GLU B 486 2.11 -19.85 -31.11
CA GLU B 486 2.64 -18.74 -30.32
C GLU B 486 2.39 -17.45 -31.08
N LEU B 487 1.93 -16.42 -30.37
CA LEU B 487 1.49 -15.19 -30.99
C LEU B 487 2.13 -13.98 -30.31
N LEU B 488 2.37 -12.93 -31.10
CA LEU B 488 2.91 -11.66 -30.61
C LEU B 488 4.28 -11.82 -29.98
N ASN B 489 5.05 -12.80 -30.42
CA ASN B 489 6.41 -13.02 -29.94
C ASN B 489 7.42 -13.12 -31.08
N ALA B 490 7.05 -13.73 -32.20
CA ALA B 490 7.92 -14.00 -33.32
C ALA B 490 7.22 -13.60 -34.61
N PRO B 491 7.97 -13.42 -35.70
CA PRO B 491 7.33 -13.14 -36.99
C PRO B 491 6.38 -14.27 -37.38
N ALA B 492 5.24 -13.89 -37.95
CA ALA B 492 4.15 -14.81 -38.24
C ALA B 492 3.85 -14.84 -39.73
N THR B 493 3.35 -15.98 -40.20
CA THR B 493 2.94 -16.15 -41.58
C THR B 493 1.56 -16.77 -41.73
N VAL B 494 0.75 -16.79 -40.67
CA VAL B 494 -0.55 -17.46 -40.69
C VAL B 494 -1.51 -16.72 -39.76
N CYS B 495 -2.63 -16.26 -40.31
CA CYS B 495 -3.72 -15.69 -39.52
C CYS B 495 -4.93 -15.47 -40.42
N GLY B 496 -5.98 -14.89 -39.83
CA GLY B 496 -7.29 -14.88 -40.45
C GLY B 496 -7.46 -13.76 -41.46
N PRO B 497 -8.67 -13.67 -42.00
CA PRO B 497 -8.93 -12.73 -43.09
C PRO B 497 -9.21 -11.31 -42.62
N LYS B 498 -8.16 -10.53 -42.41
CA LYS B 498 -8.29 -9.11 -42.13
C LYS B 498 -7.65 -8.32 -43.26
N LEU B 499 -8.44 -7.44 -43.89
CA LEU B 499 -7.97 -6.68 -45.04
C LEU B 499 -7.01 -5.59 -44.59
N SER B 500 -5.79 -5.63 -45.12
CA SER B 500 -4.79 -4.63 -44.76
C SER B 500 -5.11 -3.29 -45.43
N THR B 501 -4.54 -2.23 -44.87
CA THR B 501 -4.72 -0.87 -45.37
C THR B 501 -3.35 -0.28 -45.69
N ASP B 502 -3.36 0.99 -46.09
CA ASP B 502 -2.11 1.69 -46.42
C ASP B 502 -1.51 2.33 -45.18
N LEU B 503 -0.25 2.75 -45.32
CA LEU B 503 0.49 3.30 -44.20
C LEU B 503 0.17 4.78 -44.01
N ILE B 504 -0.11 5.16 -42.77
CA ILE B 504 -0.32 6.55 -42.37
C ILE B 504 0.77 6.91 -41.37
N LYS B 505 1.55 7.92 -41.69
CA LYS B 505 2.71 8.30 -40.89
C LYS B 505 2.55 9.70 -40.33
N ASN B 506 3.19 9.94 -39.18
CA ASN B 506 3.20 11.25 -38.52
C ASN B 506 1.78 11.72 -38.20
N GLN B 507 0.97 10.83 -37.64
CA GLN B 507 -0.40 11.16 -37.29
C GLN B 507 -0.92 10.12 -36.30
N CYS B 508 -1.69 10.58 -35.32
CA CYS B 508 -2.29 9.68 -34.32
C CYS B 508 -3.25 8.73 -35.02
N VAL B 509 -2.91 7.46 -35.06
CA VAL B 509 -3.66 6.46 -35.80
C VAL B 509 -3.84 5.22 -34.93
N ASN B 510 -4.85 4.41 -35.26
CA ASN B 510 -5.07 3.14 -34.59
C ASN B 510 -4.50 2.03 -35.46
N PHE B 511 -3.27 1.60 -35.15
CA PHE B 511 -2.55 0.62 -35.94
C PHE B 511 -2.93 -0.79 -35.51
N ASN B 512 -2.63 -1.76 -36.39
CA ASN B 512 -2.82 -3.18 -36.09
C ASN B 512 -1.75 -3.93 -36.89
N PHE B 513 -0.65 -4.26 -36.23
CA PHE B 513 0.49 -4.93 -36.84
C PHE B 513 0.53 -6.37 -36.38
N ASN B 514 0.06 -7.28 -37.24
CA ASN B 514 0.08 -8.72 -36.96
C ASN B 514 -0.64 -9.04 -35.65
N GLY B 515 -1.80 -8.40 -35.46
CA GLY B 515 -2.63 -8.63 -34.31
C GLY B 515 -2.36 -7.71 -33.13
N LEU B 516 -1.25 -6.98 -33.15
CA LEU B 516 -0.90 -6.06 -32.08
C LEU B 516 -1.65 -4.74 -32.29
N THR B 517 -2.62 -4.47 -31.42
CA THR B 517 -3.45 -3.27 -31.51
C THR B 517 -2.86 -2.17 -30.63
N GLY B 518 -3.38 -0.96 -30.80
CA GLY B 518 -2.92 0.17 -30.01
C GLY B 518 -3.06 1.45 -30.80
N THR B 519 -2.78 2.56 -30.11
CA THR B 519 -2.83 3.89 -30.70
C THR B 519 -1.48 4.56 -30.52
N GLY B 520 -0.98 5.16 -31.60
CA GLY B 520 0.31 5.82 -31.55
C GLY B 520 0.62 6.50 -32.86
N VAL B 521 1.78 7.15 -32.89
CA VAL B 521 2.25 7.87 -34.08
C VAL B 521 3.39 7.08 -34.70
N LEU B 522 3.25 6.74 -35.97
CA LEU B 522 4.25 5.96 -36.69
C LEU B 522 5.28 6.91 -37.31
N THR B 523 6.55 6.59 -37.11
CA THR B 523 7.65 7.42 -37.57
C THR B 523 8.74 6.52 -38.14
N PRO B 524 9.40 6.94 -39.22
CA PRO B 524 10.56 6.18 -39.72
C PRO B 524 11.65 6.09 -38.66
N SER B 525 12.32 4.95 -38.63
CA SER B 525 13.30 4.63 -37.60
C SER B 525 14.69 4.48 -38.22
N SER B 526 15.64 4.14 -37.36
CA SER B 526 17.02 3.86 -37.78
C SER B 526 17.57 2.58 -37.19
N LYS B 527 16.80 1.87 -36.38
CA LYS B 527 17.25 0.63 -35.78
C LYS B 527 17.35 -0.48 -36.83
N ARG B 528 18.28 -1.39 -36.62
CA ARG B 528 18.50 -2.53 -37.51
C ARG B 528 18.01 -3.79 -36.82
N PHE B 529 17.03 -4.47 -37.43
CA PHE B 529 16.43 -5.66 -36.85
C PHE B 529 17.06 -6.90 -37.47
N GLN B 530 17.47 -7.84 -36.61
CA GLN B 530 17.96 -9.12 -37.08
C GLN B 530 16.82 -9.93 -37.69
N PRO B 531 17.13 -10.85 -38.60
CA PRO B 531 16.05 -11.54 -39.34
C PRO B 531 15.19 -12.46 -38.50
N PHE B 532 15.47 -12.62 -37.20
CA PHE B 532 14.68 -13.51 -36.36
C PHE B 532 13.86 -12.76 -35.31
N GLN B 533 13.79 -11.43 -35.38
CA GLN B 533 13.01 -10.64 -34.44
C GLN B 533 12.08 -9.71 -35.20
N GLN B 534 10.90 -9.47 -34.64
CA GLN B 534 9.87 -8.64 -35.26
C GLN B 534 9.51 -7.42 -34.44
N PHE B 535 9.33 -7.57 -33.13
CA PHE B 535 8.93 -6.45 -32.29
C PHE B 535 10.11 -5.88 -31.53
N GLY B 536 9.89 -4.75 -30.86
CA GLY B 536 10.90 -4.15 -30.01
C GLY B 536 10.29 -3.73 -28.69
N ARG B 537 11.15 -3.51 -27.71
CA ARG B 537 10.71 -3.16 -26.36
C ARG B 537 11.66 -2.15 -25.76
N ASP B 538 11.16 -1.45 -24.74
CA ASP B 538 11.90 -0.41 -24.03
C ASP B 538 12.36 -0.91 -22.67
N VAL B 539 12.92 0.01 -21.88
CA VAL B 539 13.31 -0.29 -20.51
C VAL B 539 12.05 -0.57 -19.71
N SER B 540 10.94 0.04 -20.12
CA SER B 540 9.62 -0.33 -19.63
C SER B 540 8.87 -1.05 -20.75
N ASP B 541 8.26 -2.18 -20.43
CA ASP B 541 7.67 -3.05 -21.44
C ASP B 541 6.63 -2.31 -22.26
N PHE B 542 6.98 -2.00 -23.52
CA PHE B 542 6.12 -1.26 -24.43
C PHE B 542 6.75 -1.34 -25.82
N THR B 543 5.92 -1.60 -26.82
CA THR B 543 6.41 -1.79 -28.19
C THR B 543 6.69 -0.43 -28.81
N ASP B 544 7.95 -0.19 -29.17
CA ASP B 544 8.34 1.05 -29.83
C ASP B 544 8.75 0.87 -31.28
N SER B 545 9.25 -0.32 -31.66
CA SER B 545 9.69 -0.58 -33.02
C SER B 545 9.01 -1.85 -33.52
N VAL B 546 8.36 -1.75 -34.68
CA VAL B 546 7.66 -2.87 -35.29
C VAL B 546 8.06 -2.94 -36.75
N ARG B 547 8.48 -4.13 -37.19
CA ARG B 547 8.83 -4.33 -38.59
C ARG B 547 7.57 -4.49 -39.43
N ASP B 548 7.51 -3.78 -40.54
CA ASP B 548 6.34 -3.84 -41.41
C ASP B 548 6.28 -5.19 -42.11
N PRO B 549 5.14 -5.84 -41.97
CA PRO B 549 5.01 -7.13 -42.57
C PRO B 549 5.32 -7.02 -43.96
N LYS B 550 4.54 -6.27 -44.70
CA LYS B 550 4.82 -6.02 -46.09
C LYS B 550 5.98 -5.07 -46.09
N THR B 551 6.68 -4.88 -47.18
CA THR B 551 7.73 -3.87 -47.21
C THR B 551 8.59 -3.78 -45.99
N SER B 552 9.27 -4.83 -45.61
CA SER B 552 10.00 -4.76 -44.36
C SER B 552 10.71 -3.44 -44.23
N GLU B 553 10.50 -2.73 -43.16
CA GLU B 553 11.06 -1.43 -42.97
C GLU B 553 10.78 -1.21 -41.55
N ILE B 554 11.69 -0.71 -40.74
CA ILE B 554 11.43 -0.65 -39.30
C ILE B 554 10.77 0.64 -38.88
N LEU B 555 9.64 0.57 -38.23
CA LEU B 555 8.86 1.76 -37.91
C LEU B 555 8.90 2.02 -36.42
N ASP B 556 8.94 3.29 -36.04
CA ASP B 556 8.93 3.68 -34.63
C ASP B 556 7.52 4.04 -34.21
N ILE B 557 7.15 3.64 -32.99
CA ILE B 557 5.84 3.92 -32.41
C ILE B 557 6.04 4.82 -31.20
N SER B 558 5.33 5.94 -31.17
CA SER B 558 5.43 6.90 -30.09
C SER B 558 4.06 7.25 -29.55
N PRO B 559 3.95 7.62 -28.27
CA PRO B 559 2.65 8.00 -27.72
C PRO B 559 2.11 9.26 -28.38
N CYS B 560 0.78 9.32 -28.49
CA CYS B 560 0.14 10.46 -29.13
C CYS B 560 0.15 11.68 -28.23
N SER B 561 -0.15 11.50 -26.94
CA SER B 561 -0.24 12.60 -25.99
C SER B 561 1.10 12.88 -25.37
N PHE B 562 1.44 14.17 -25.26
CA PHE B 562 2.73 14.57 -24.72
C PHE B 562 2.73 16.05 -24.34
N GLY B 563 3.15 16.36 -23.12
CA GLY B 563 3.24 17.75 -22.69
C GLY B 563 2.52 18.01 -21.38
N GLY B 564 2.08 19.26 -21.18
CA GLY B 564 1.38 19.63 -19.98
C GLY B 564 0.60 20.91 -20.20
N VAL B 565 -0.54 21.02 -19.50
CA VAL B 565 -1.42 22.17 -19.64
C VAL B 565 -1.99 22.52 -18.27
N SER B 566 -1.99 23.82 -17.95
CA SER B 566 -2.54 24.33 -16.72
C SER B 566 -3.58 25.40 -17.04
N VAL B 567 -4.51 25.61 -16.11
CA VAL B 567 -5.63 26.53 -16.30
C VAL B 567 -5.54 27.62 -15.23
N ILE B 568 -5.58 28.87 -15.67
CA ILE B 568 -5.58 30.02 -14.77
C ILE B 568 -6.96 30.68 -14.84
N THR B 569 -7.60 30.83 -13.68
CA THR B 569 -8.94 31.39 -13.61
C THR B 569 -9.00 32.45 -12.52
N PRO B 570 -9.65 33.59 -12.77
CA PRO B 570 -9.78 34.61 -11.72
C PRO B 570 -10.78 34.23 -10.64
N GLY B 571 -11.53 33.15 -10.81
CA GLY B 571 -12.57 32.77 -9.86
C GLY B 571 -13.91 32.73 -10.56
N THR B 572 -14.67 31.67 -10.30
CA THR B 572 -15.96 31.48 -10.95
C THR B 572 -16.92 32.63 -10.61
N ASN B 573 -16.89 33.09 -9.35
CA ASN B 573 -17.79 34.17 -8.94
C ASN B 573 -17.52 35.44 -9.73
N THR B 574 -16.25 35.72 -10.05
CA THR B 574 -15.91 36.95 -10.75
C THR B 574 -16.19 36.85 -12.24
N SER B 575 -15.62 35.84 -12.90
CA SER B 575 -15.77 35.71 -14.34
C SER B 575 -15.59 34.25 -14.73
N SER B 576 -16.04 33.92 -15.95
CA SER B 576 -15.94 32.58 -16.48
C SER B 576 -14.80 32.41 -17.48
N GLU B 577 -14.02 33.46 -17.72
CA GLU B 577 -12.90 33.37 -18.64
C GLU B 577 -11.71 32.70 -17.95
N VAL B 578 -10.91 31.99 -18.74
CA VAL B 578 -9.74 31.26 -18.25
C VAL B 578 -8.57 31.50 -19.19
N ALA B 579 -7.37 31.29 -18.66
CA ALA B 579 -6.13 31.36 -19.43
C ALA B 579 -5.42 30.03 -19.34
N VAL B 580 -5.05 29.49 -20.50
CA VAL B 580 -4.45 28.16 -20.61
C VAL B 580 -2.96 28.33 -20.87
N LEU B 581 -2.14 27.61 -20.11
CA LEU B 581 -0.69 27.63 -20.26
C LEU B 581 -0.19 26.24 -20.60
N TYR B 582 0.41 26.11 -21.78
CA TYR B 582 0.96 24.85 -22.25
C TYR B 582 2.46 24.82 -21.97
N GLN B 583 2.91 23.75 -21.30
CA GLN B 583 4.29 23.70 -20.82
C GLN B 583 5.30 23.53 -21.94
N ASP B 584 5.06 22.60 -22.86
CA ASP B 584 6.07 22.25 -23.88
C ASP B 584 5.51 22.56 -25.27
N VAL B 585 5.60 23.84 -25.65
CA VAL B 585 5.24 24.30 -26.99
C VAL B 585 6.10 25.51 -27.31
N ASN B 586 6.40 25.70 -28.59
CA ASN B 586 7.04 26.93 -29.03
C ASN B 586 6.04 27.99 -29.46
N CYS B 587 4.96 27.59 -30.12
CA CYS B 587 3.88 28.50 -30.53
C CYS B 587 4.38 29.74 -31.25
N ASN B 611 -4.51 35.85 -28.06
CA ASN B 611 -3.40 36.67 -27.58
C ASN B 611 -2.32 35.81 -26.95
N VAL B 612 -1.55 35.12 -27.80
CA VAL B 612 -0.48 34.27 -27.30
C VAL B 612 0.65 35.13 -26.75
N PHE B 613 1.41 34.55 -25.82
CA PHE B 613 2.55 35.25 -25.22
C PHE B 613 3.47 34.20 -24.64
N GLN B 614 4.72 34.19 -25.10
CA GLN B 614 5.64 33.11 -24.76
C GLN B 614 6.38 33.41 -23.47
N THR B 615 6.40 32.44 -22.55
CA THR B 615 7.13 32.53 -21.31
C THR B 615 8.28 31.52 -21.32
N GLN B 616 9.04 31.52 -20.22
CA GLN B 616 10.04 30.46 -20.05
C GLN B 616 9.39 29.14 -19.67
N ALA B 617 8.21 29.19 -19.05
CA ALA B 617 7.47 27.97 -18.73
C ALA B 617 6.75 27.41 -19.95
N GLY B 618 6.32 28.28 -20.85
CA GLY B 618 5.62 27.83 -22.04
C GLY B 618 4.89 28.97 -22.71
N CYS B 619 3.98 28.61 -23.62
CA CYS B 619 3.16 29.59 -24.32
C CYS B 619 1.83 29.73 -23.60
N LEU B 620 1.54 30.94 -23.13
CA LEU B 620 0.31 31.22 -22.41
C LEU B 620 -0.66 31.97 -23.32
N ILE B 621 -1.89 31.46 -23.40
CA ILE B 621 -2.92 32.05 -24.25
C ILE B 621 -4.08 32.51 -23.38
N GLY B 622 -4.89 33.41 -23.93
CA GLY B 622 -6.04 33.93 -23.24
C GLY B 622 -5.80 35.16 -22.39
N ALA B 623 -4.56 35.62 -22.27
CA ALA B 623 -4.22 36.78 -21.46
C ALA B 623 -3.43 37.78 -22.29
N GLU B 624 -3.31 39.00 -21.75
CA GLU B 624 -2.63 40.09 -22.43
C GLU B 624 -1.34 40.44 -21.69
N HIS B 625 -0.33 40.85 -22.46
CA HIS B 625 0.96 41.21 -21.88
C HIS B 625 0.90 42.62 -21.31
N VAL B 626 1.56 42.81 -20.17
CA VAL B 626 1.64 44.09 -19.48
C VAL B 626 3.09 44.37 -19.14
N ASP B 627 3.56 45.57 -19.46
CA ASP B 627 4.97 45.92 -19.33
C ASP B 627 5.33 46.50 -17.97
N THR B 628 4.35 46.77 -17.10
CA THR B 628 4.62 47.25 -15.76
C THR B 628 4.52 46.08 -14.77
N SER B 629 5.26 46.19 -13.67
CA SER B 629 5.44 45.09 -12.73
C SER B 629 4.67 45.39 -11.45
N TYR B 630 3.73 44.51 -11.10
CA TYR B 630 3.05 44.53 -9.82
C TYR B 630 3.60 43.42 -8.93
N GLU B 631 2.97 43.21 -7.78
CA GLU B 631 3.27 42.05 -6.96
C GLU B 631 2.58 40.82 -7.55
N CYS B 632 2.96 39.65 -7.02
CA CYS B 632 2.46 38.39 -7.55
C CYS B 632 1.28 37.90 -6.72
N ASP B 633 0.19 37.55 -7.40
CA ASP B 633 -1.00 36.98 -6.78
C ASP B 633 -1.32 35.59 -7.29
N ILE B 634 -1.09 35.33 -8.58
CA ILE B 634 -1.22 34.00 -9.14
C ILE B 634 0.16 33.55 -9.61
N PRO B 635 0.84 32.70 -8.84
CA PRO B 635 2.25 32.41 -9.12
C PRO B 635 2.47 31.47 -10.30
N ILE B 636 2.50 32.03 -11.52
CA ILE B 636 2.94 31.25 -12.66
C ILE B 636 4.46 31.08 -12.59
N GLY B 637 4.95 29.97 -13.13
CA GLY B 637 6.36 29.68 -13.04
C GLY B 637 7.22 30.64 -13.82
N ALA B 638 8.52 30.63 -13.49
CA ALA B 638 9.54 31.39 -14.19
C ALA B 638 9.34 32.91 -14.08
N GLY B 639 8.87 33.37 -12.93
CA GLY B 639 8.81 34.79 -12.64
C GLY B 639 7.62 35.53 -13.22
N ILE B 640 6.76 34.87 -13.97
CA ILE B 640 5.59 35.50 -14.55
C ILE B 640 4.42 35.34 -13.59
N CYS B 641 3.54 36.33 -13.56
CA CYS B 641 2.37 36.31 -12.70
C CYS B 641 1.18 36.88 -13.45
N ALA B 642 -0.02 36.39 -13.10
CA ALA B 642 -1.25 36.80 -13.76
C ALA B 642 -2.22 37.35 -12.73
N SER B 643 -3.05 38.30 -13.17
CA SER B 643 -4.02 38.93 -12.30
C SER B 643 -5.17 39.48 -13.13
N TYR B 644 -6.28 39.78 -12.45
CA TYR B 644 -7.46 40.36 -13.08
C TYR B 644 -7.39 41.87 -12.93
N HIS B 645 -7.19 42.57 -14.05
CA HIS B 645 -7.02 44.01 -14.04
C HIS B 645 -7.97 44.66 -15.03
N THR B 646 -8.26 45.94 -14.80
CA THR B 646 -9.16 46.71 -15.66
C THR B 646 -8.36 47.25 -16.83
N VAL B 647 -8.40 46.54 -17.95
CA VAL B 647 -7.68 46.95 -19.14
C VAL B 647 -8.65 47.48 -20.19
N GLN B 655 -14.45 47.12 -18.48
CA GLN B 655 -14.23 45.68 -18.60
C GLN B 655 -12.88 45.28 -18.03
N LYS B 656 -12.76 44.00 -17.66
CA LYS B 656 -11.54 43.47 -17.07
C LYS B 656 -11.07 42.26 -17.88
N SER B 657 -9.80 41.91 -17.70
CA SER B 657 -9.20 40.78 -18.40
C SER B 657 -7.99 40.30 -17.60
N ILE B 658 -7.50 39.13 -17.97
CA ILE B 658 -6.32 38.55 -17.34
C ILE B 658 -5.08 39.14 -17.98
N VAL B 659 -4.16 39.64 -17.17
CA VAL B 659 -2.93 40.26 -17.64
C VAL B 659 -1.74 39.54 -17.02
N ALA B 660 -0.69 39.37 -17.81
CA ALA B 660 0.53 38.70 -17.38
C ALA B 660 1.66 39.71 -17.28
N TYR B 661 2.54 39.52 -16.29
CA TYR B 661 3.61 40.46 -16.05
C TYR B 661 4.71 39.76 -15.26
N THR B 662 5.86 40.42 -15.19
CA THR B 662 6.97 39.93 -14.37
C THR B 662 6.83 40.48 -12.96
N MET B 663 7.04 39.62 -11.96
CA MET B 663 6.87 40.03 -10.57
C MET B 663 7.94 41.03 -10.16
N SER B 664 7.55 41.95 -9.28
CA SER B 664 8.46 42.97 -8.77
C SER B 664 9.16 42.44 -7.53
N LEU B 665 10.49 42.39 -7.56
CA LEU B 665 11.25 41.85 -6.43
C LEU B 665 11.14 42.75 -5.21
N GLY B 666 11.22 44.06 -5.40
CA GLY B 666 11.12 44.97 -4.28
C GLY B 666 11.15 46.41 -4.73
N ALA B 667 11.36 47.30 -3.76
CA ALA B 667 11.42 48.74 -4.01
C ALA B 667 12.86 49.16 -4.21
N ASP B 668 13.12 49.85 -5.33
CA ASP B 668 14.47 50.30 -5.62
C ASP B 668 14.87 51.43 -4.68
N SER B 669 16.11 51.36 -4.19
CA SER B 669 16.62 52.38 -3.29
C SER B 669 18.14 52.37 -3.35
N SER B 670 18.73 53.55 -3.18
CA SER B 670 20.18 53.72 -3.21
C SER B 670 20.63 54.56 -2.02
N ILE B 671 21.75 54.17 -1.42
CA ILE B 671 22.32 54.87 -0.28
C ILE B 671 23.74 55.28 -0.63
N ALA B 672 24.05 56.56 -0.42
CA ALA B 672 25.37 57.08 -0.74
C ALA B 672 26.38 56.62 0.33
N TYR B 673 27.52 56.12 -0.12
CA TYR B 673 28.56 55.64 0.78
C TYR B 673 29.59 56.74 0.98
N SER B 674 29.83 57.12 2.24
CA SER B 674 30.81 58.13 2.60
C SER B 674 31.68 57.61 3.74
N ASN B 675 32.95 57.99 3.72
CA ASN B 675 33.91 57.53 4.71
C ASN B 675 33.98 58.42 5.94
N ASN B 676 33.28 59.56 5.95
CA ASN B 676 33.37 60.52 7.04
C ASN B 676 32.02 60.85 7.69
N THR B 677 30.92 60.38 7.14
CA THR B 677 29.59 60.74 7.63
C THR B 677 28.85 59.50 8.13
N ILE B 678 28.03 59.71 9.15
CA ILE B 678 27.19 58.66 9.72
C ILE B 678 25.78 59.21 9.90
N ALA B 679 24.82 58.30 10.08
CA ALA B 679 23.44 58.64 10.35
C ALA B 679 23.05 58.09 11.71
N ILE B 680 22.52 58.96 12.57
CA ILE B 680 22.13 58.61 13.93
C ILE B 680 20.67 58.94 14.11
N PRO B 681 19.85 58.02 14.59
CA PRO B 681 18.42 58.32 14.80
C PRO B 681 18.22 59.38 15.87
N THR B 682 17.15 60.15 15.71
CA THR B 682 16.79 61.18 16.67
C THR B 682 15.43 60.97 17.33
N ASN B 683 14.56 60.13 16.75
CA ASN B 683 13.27 59.85 17.33
C ASN B 683 12.99 58.36 17.16
N PHE B 684 12.09 57.84 17.99
CA PHE B 684 11.76 56.42 18.01
C PHE B 684 10.26 56.23 17.97
N SER B 685 9.85 55.00 17.69
CA SER B 685 8.45 54.61 17.68
C SER B 685 8.31 53.22 18.25
N ILE B 686 7.13 52.95 18.83
CA ILE B 686 6.81 51.66 19.44
C ILE B 686 5.85 50.94 18.51
N SER B 687 6.25 49.77 18.02
CA SER B 687 5.45 48.98 17.10
C SER B 687 5.14 47.62 17.72
N ILE B 688 3.90 47.18 17.53
CA ILE B 688 3.43 45.89 18.05
C ILE B 688 3.04 45.02 16.86
N THR B 689 3.67 43.86 16.73
CA THR B 689 3.41 42.93 15.66
C THR B 689 2.75 41.67 16.20
N THR B 690 2.18 40.89 15.29
CA THR B 690 1.49 39.66 15.63
C THR B 690 2.16 38.47 14.95
N GLU B 691 2.18 37.33 15.64
CA GLU B 691 2.73 36.10 15.09
C GLU B 691 1.81 34.94 15.46
N VAL B 692 1.44 34.15 14.46
CA VAL B 692 0.49 33.06 14.62
C VAL B 692 1.22 31.75 14.40
N MET B 693 1.16 30.86 15.39
CA MET B 693 1.84 29.57 15.34
C MET B 693 0.88 28.48 15.78
N PRO B 694 0.63 27.46 14.96
CA PRO B 694 -0.17 26.32 15.41
C PRO B 694 0.57 25.50 16.45
N VAL B 695 -0.20 24.89 17.35
CA VAL B 695 0.39 24.03 18.38
C VAL B 695 -0.17 22.61 18.38
N SER B 696 -1.39 22.38 17.87
CA SER B 696 -1.96 21.05 17.85
C SER B 696 -3.07 21.01 16.80
N MET B 697 -3.43 19.79 16.39
CA MET B 697 -4.48 19.59 15.41
C MET B 697 -5.62 18.79 16.03
N ALA B 698 -6.55 18.37 15.19
CA ALA B 698 -7.65 17.54 15.66
C ALA B 698 -7.14 16.17 16.08
N LYS B 699 -7.67 15.67 17.20
CA LYS B 699 -7.31 14.36 17.73
C LYS B 699 -8.40 13.37 17.34
N THR B 700 -8.04 12.36 16.57
CA THR B 700 -9.00 11.46 15.96
C THR B 700 -8.64 10.01 16.25
N SER B 701 -9.64 9.14 16.10
CA SER B 701 -9.47 7.71 16.22
C SER B 701 -10.45 7.02 15.27
N VAL B 702 -10.11 5.80 14.87
CA VAL B 702 -10.88 5.07 13.88
C VAL B 702 -11.19 3.67 14.41
N ASP B 703 -12.39 3.18 14.11
CA ASP B 703 -12.79 1.80 14.39
C ASP B 703 -12.83 1.07 13.05
N CYS B 704 -11.81 0.26 12.78
CA CYS B 704 -11.71 -0.41 11.49
C CYS B 704 -12.85 -1.41 11.29
N ASN B 705 -13.24 -2.12 12.34
CA ASN B 705 -14.26 -3.15 12.22
C ASN B 705 -15.60 -2.60 11.72
N MET B 706 -15.84 -1.29 11.87
CA MET B 706 -17.05 -0.67 11.35
C MET B 706 -16.83 0.05 10.03
N TYR B 707 -15.66 0.70 9.84
CA TYR B 707 -15.37 1.33 8.56
C TYR B 707 -15.32 0.28 7.47
N ILE B 708 -14.36 -0.64 7.58
CA ILE B 708 -14.37 -1.82 6.73
C ILE B 708 -15.27 -2.86 7.37
N CYS B 709 -15.88 -3.71 6.55
CA CYS B 709 -16.64 -4.85 7.04
C CYS B 709 -17.77 -4.42 7.98
N GLY B 710 -18.63 -3.52 7.50
CA GLY B 710 -19.64 -2.92 8.36
C GLY B 710 -20.86 -3.76 8.62
N ASP B 711 -20.98 -4.27 9.84
CA ASP B 711 -22.17 -4.98 10.32
C ASP B 711 -22.54 -6.19 9.47
N SER B 712 -21.54 -6.84 8.86
CA SER B 712 -21.84 -7.96 7.98
C SER B 712 -22.05 -9.25 8.75
N THR B 713 -21.33 -9.42 9.87
CA THR B 713 -21.37 -10.57 10.78
C THR B 713 -20.98 -11.85 10.05
N GLU B 714 -20.69 -11.75 8.76
CA GLU B 714 -20.11 -12.85 8.01
C GLU B 714 -18.76 -12.50 7.43
N CYS B 715 -18.60 -11.27 6.95
CA CYS B 715 -17.29 -10.79 6.54
C CYS B 715 -16.32 -10.71 7.72
N ALA B 716 -16.85 -10.44 8.92
CA ALA B 716 -15.99 -10.31 10.10
C ALA B 716 -15.17 -11.58 10.34
N ASN B 717 -15.67 -12.73 9.92
CA ASN B 717 -14.88 -13.96 10.00
C ASN B 717 -13.67 -13.89 9.08
N LEU B 718 -13.82 -13.31 7.89
CA LEU B 718 -12.68 -13.16 6.99
C LEU B 718 -11.73 -12.05 7.44
N LEU B 719 -12.23 -11.04 8.15
CA LEU B 719 -11.36 -9.98 8.64
C LEU B 719 -10.35 -10.49 9.65
N LEU B 720 -10.74 -11.49 10.45
CA LEU B 720 -9.80 -12.10 11.39
C LEU B 720 -8.69 -12.84 10.66
N GLN B 721 -9.00 -13.47 9.53
CA GLN B 721 -7.99 -14.21 8.77
C GLN B 721 -6.95 -13.30 8.15
N TYR B 722 -7.32 -12.05 7.85
CA TYR B 722 -6.36 -11.11 7.26
C TYR B 722 -5.28 -10.67 8.22
N GLY B 723 -5.44 -10.96 9.52
CA GLY B 723 -4.42 -10.64 10.50
C GLY B 723 -4.80 -9.44 11.35
N SER B 724 -3.93 -9.16 12.32
CA SER B 724 -4.12 -8.05 13.25
C SER B 724 -3.55 -6.75 12.65
N PHE B 725 -4.11 -6.38 11.50
CA PHE B 725 -3.71 -5.14 10.83
C PHE B 725 -4.28 -3.90 11.52
N CYS B 726 -5.25 -4.06 12.40
CA CYS B 726 -5.95 -2.94 13.03
C CYS B 726 -5.23 -2.42 14.27
N THR B 727 -4.61 -3.32 15.03
CA THR B 727 -3.92 -2.92 16.25
C THR B 727 -2.80 -1.94 15.95
N GLN B 728 -2.06 -2.17 14.86
CA GLN B 728 -0.98 -1.27 14.49
C GLN B 728 -1.51 0.12 14.16
N LEU B 729 -2.61 0.20 13.41
CA LEU B 729 -3.18 1.50 13.06
C LEU B 729 -3.68 2.24 14.31
N ASN B 730 -4.40 1.54 15.18
CA ASN B 730 -4.89 2.17 16.40
C ASN B 730 -3.75 2.61 17.32
N ARG B 731 -2.70 1.81 17.45
CA ARG B 731 -1.56 2.18 18.27
C ARG B 731 -0.83 3.38 17.67
N ALA B 732 -0.71 3.44 16.34
CA ALA B 732 -0.09 4.60 15.71
C ALA B 732 -0.92 5.86 15.92
N LEU B 733 -2.25 5.72 15.87
CA LEU B 733 -3.12 6.87 16.08
C LEU B 733 -3.16 7.35 17.53
N SER B 734 -3.00 6.43 18.49
CA SER B 734 -2.98 6.84 19.90
C SER B 734 -1.75 7.66 20.26
N GLY B 735 -0.60 7.37 19.64
CA GLY B 735 0.58 8.18 19.88
C GLY B 735 0.39 9.62 19.46
N ILE B 736 -0.25 9.85 18.32
CA ILE B 736 -0.56 11.22 17.90
C ILE B 736 -1.51 11.88 18.89
N ALA B 737 -2.48 11.13 19.40
CA ALA B 737 -3.41 11.69 20.38
C ALA B 737 -2.68 12.13 21.64
N VAL B 738 -1.71 11.34 22.09
CA VAL B 738 -0.94 11.72 23.27
C VAL B 738 -0.03 12.92 22.97
N GLU B 739 0.56 12.94 21.77
CA GLU B 739 1.51 13.98 21.43
C GLU B 739 0.83 15.34 21.27
N GLN B 740 -0.40 15.35 20.74
CA GLN B 740 -1.10 16.62 20.59
C GLN B 740 -1.53 17.23 21.91
N ASP B 741 -1.60 16.43 22.98
CA ASP B 741 -1.81 16.97 24.31
C ASP B 741 -0.49 17.37 24.97
N ARG B 742 0.57 16.59 24.72
CA ARG B 742 1.88 16.96 25.23
C ARG B 742 2.33 18.31 24.67
N ASN B 743 2.02 18.57 23.40
CA ASN B 743 2.39 19.84 22.79
C ASN B 743 1.72 21.01 23.50
N THR B 744 0.41 20.91 23.72
CA THR B 744 -0.32 21.98 24.40
C THR B 744 0.18 22.15 25.83
N ARG B 745 0.48 21.04 26.51
CA ARG B 745 1.01 21.14 27.87
C ARG B 745 2.36 21.86 27.89
N GLU B 746 3.22 21.56 26.91
CA GLU B 746 4.55 22.16 26.89
C GLU B 746 4.49 23.64 26.53
N VAL B 747 3.61 24.01 25.59
CA VAL B 747 3.60 25.39 25.10
C VAL B 747 3.09 26.35 26.17
N PHE B 748 1.98 26.01 26.82
CA PHE B 748 1.32 26.92 27.75
C PHE B 748 1.73 26.71 29.20
N ALA B 749 1.69 25.47 29.69
CA ALA B 749 1.97 25.19 31.10
C ALA B 749 3.47 25.29 31.36
N GLN B 750 3.93 26.55 31.44
CA GLN B 750 5.32 26.85 31.76
C GLN B 750 5.49 27.49 33.11
N VAL B 751 4.52 28.25 33.58
CA VAL B 751 4.57 28.86 34.90
C VAL B 751 3.88 27.93 35.89
N LYS B 752 4.51 27.76 37.05
CA LYS B 752 3.96 26.91 38.10
C LYS B 752 3.00 27.65 39.03
N GLN B 753 3.26 28.93 39.33
CA GLN B 753 2.33 29.75 40.09
C GLN B 753 1.30 30.31 39.15
N MET B 754 0.03 30.26 39.54
CA MET B 754 -1.06 30.85 38.79
C MET B 754 -1.42 32.20 39.41
N TYR B 755 -0.80 33.25 38.88
CA TYR B 755 -1.00 34.58 39.42
C TYR B 755 -2.40 35.11 39.08
N LYS B 756 -2.93 35.92 39.99
CA LYS B 756 -4.26 36.47 39.81
C LYS B 756 -4.22 37.74 38.94
N THR B 757 -5.40 38.18 38.54
CA THR B 757 -5.50 39.43 37.79
C THR B 757 -5.19 40.61 38.69
N PRO B 758 -4.34 41.54 38.27
CA PRO B 758 -3.96 42.66 39.15
C PRO B 758 -5.08 43.65 39.44
N THR B 759 -6.24 43.49 38.80
CA THR B 759 -7.47 44.26 39.02
C THR B 759 -7.26 45.77 38.90
N LEU B 760 -6.08 46.18 38.43
CA LEU B 760 -5.78 47.59 38.18
C LEU B 760 -5.81 47.92 36.70
N LYS B 761 -5.09 47.16 35.88
CA LYS B 761 -5.11 47.27 34.42
C LYS B 761 -4.65 48.63 33.93
N ASP B 762 -3.87 49.36 34.73
CA ASP B 762 -3.30 50.63 34.32
C ASP B 762 -2.05 50.88 35.17
N PHE B 763 -0.88 50.61 34.59
CA PHE B 763 0.39 50.73 35.30
C PHE B 763 1.21 51.82 34.62
N GLY B 764 1.31 52.97 35.28
CA GLY B 764 2.12 54.06 34.76
C GLY B 764 1.65 54.60 33.43
N GLY B 765 0.35 54.58 33.18
CA GLY B 765 -0.20 55.06 31.92
C GLY B 765 -0.28 54.02 30.82
N PHE B 766 0.32 52.85 31.01
CA PHE B 766 0.28 51.78 30.01
C PHE B 766 -1.02 50.99 30.22
N ASN B 767 -1.99 51.23 29.35
CA ASN B 767 -3.29 50.58 29.46
C ASN B 767 -3.16 49.10 29.12
N PHE B 768 -3.32 48.24 30.12
CA PHE B 768 -3.23 46.80 29.93
C PHE B 768 -4.60 46.15 29.69
N SER B 769 -5.66 46.95 29.58
CA SER B 769 -6.97 46.40 29.28
C SER B 769 -7.00 45.82 27.88
N GLN B 770 -8.08 45.08 27.59
CA GLN B 770 -8.32 44.37 26.33
C GLN B 770 -7.36 43.21 26.12
N ILE B 771 -6.41 42.99 27.02
CA ILE B 771 -5.50 41.85 26.95
C ILE B 771 -5.74 40.89 28.10
N LEU B 772 -5.93 41.41 29.32
CA LEU B 772 -6.28 40.68 30.53
C LEU B 772 -7.79 40.50 30.64
N PRO B 773 -8.24 39.43 31.30
CA PRO B 773 -9.68 39.21 31.42
C PRO B 773 -10.36 40.27 32.26
N ASP B 774 -11.64 40.48 31.98
CA ASP B 774 -12.46 41.43 32.72
C ASP B 774 -13.42 40.66 33.62
N PRO B 775 -13.40 40.89 34.95
CA PRO B 775 -14.30 40.13 35.83
C PRO B 775 -15.78 40.32 35.51
N LEU B 776 -16.17 41.52 35.09
CA LEU B 776 -17.57 41.80 34.76
C LEU B 776 -17.83 41.52 33.27
N LYS B 777 -17.51 40.28 32.89
CA LYS B 777 -17.66 39.81 31.52
C LYS B 777 -18.06 38.35 31.58
N PRO B 778 -19.05 37.92 30.76
CA PRO B 778 -19.49 36.52 30.81
C PRO B 778 -18.36 35.52 30.57
N THR B 779 -17.68 35.65 29.44
CA THR B 779 -16.58 34.75 29.14
C THR B 779 -15.36 35.08 29.99
N LYS B 780 -14.51 34.07 30.20
CA LYS B 780 -13.29 34.22 30.98
C LYS B 780 -12.10 34.65 30.13
N ARG B 781 -12.33 34.93 28.84
CA ARG B 781 -11.29 35.39 27.94
C ARG B 781 -11.41 36.91 27.75
N SER B 782 -10.29 37.53 27.39
CA SER B 782 -10.29 38.96 27.15
C SER B 782 -10.88 39.27 25.78
N PHE B 783 -10.87 40.56 25.41
CA PHE B 783 -11.50 40.98 24.17
C PHE B 783 -10.74 40.47 22.95
N ILE B 784 -9.41 40.51 23.00
CA ILE B 784 -8.60 40.09 21.85
C ILE B 784 -8.75 38.59 21.62
N GLU B 785 -8.73 37.80 22.69
CA GLU B 785 -8.87 36.35 22.54
C GLU B 785 -10.24 35.99 21.98
N ASP B 786 -11.29 36.72 22.39
CA ASP B 786 -12.61 36.48 21.83
C ASP B 786 -12.63 36.78 20.33
N LEU B 787 -11.97 37.86 19.92
CA LEU B 787 -11.87 38.18 18.50
C LEU B 787 -11.12 37.09 17.74
N LEU B 788 -10.05 36.56 18.32
CA LEU B 788 -9.31 35.48 17.69
C LEU B 788 -10.17 34.23 17.56
N PHE B 789 -10.94 33.91 18.60
CA PHE B 789 -11.81 32.74 18.54
C PHE B 789 -12.95 32.94 17.55
N ASN B 790 -13.35 34.18 17.30
CA ASN B 790 -14.43 34.43 16.36
C ASN B 790 -13.98 34.33 14.90
N LYS B 791 -12.68 34.51 14.62
CA LYS B 791 -12.21 34.46 13.24
C LYS B 791 -12.22 33.04 12.70
N VAL B 792 -11.75 32.08 13.49
CA VAL B 792 -11.66 30.70 13.03
C VAL B 792 -13.05 30.08 12.99
N THR B 793 -13.42 29.53 11.84
CA THR B 793 -14.71 28.88 11.65
C THR B 793 -14.48 27.37 11.77
N LEU B 794 -14.54 26.88 13.00
CA LEU B 794 -14.34 25.47 13.27
C LEU B 794 -15.51 24.66 12.71
N ALA B 795 -15.23 23.40 12.37
CA ALA B 795 -16.29 22.50 11.93
C ALA B 795 -17.29 22.21 13.04
N ASP B 796 -16.95 22.54 14.28
CA ASP B 796 -17.83 22.42 15.44
C ASP B 796 -18.25 20.97 15.67
N ALA B 797 -17.24 20.13 15.91
CA ALA B 797 -17.49 18.77 16.38
C ALA B 797 -17.95 18.85 17.83
N GLY B 798 -19.26 18.71 18.05
CA GLY B 798 -19.82 18.91 19.38
C GLY B 798 -19.33 17.94 20.44
N PHE B 799 -18.62 16.88 20.03
CA PHE B 799 -18.04 15.90 20.94
C PHE B 799 -19.14 15.08 21.63
N MET B 800 -20.40 15.46 21.42
CA MET B 800 -21.56 14.68 21.85
C MET B 800 -22.58 14.73 20.72
N LYS B 801 -22.44 13.80 19.77
CA LYS B 801 -23.41 13.63 18.69
C LYS B 801 -24.19 12.37 19.00
N GLN B 802 -25.37 12.54 19.61
CA GLN B 802 -26.13 11.39 20.09
C GLN B 802 -26.85 10.70 18.94
N TYR B 803 -27.31 9.48 19.22
CA TYR B 803 -28.02 8.70 18.21
C TYR B 803 -29.30 9.38 17.75
N GLY B 804 -29.94 10.15 18.62
CA GLY B 804 -31.15 10.87 18.26
C GLY B 804 -30.92 11.95 17.22
N GLU B 805 -29.76 12.59 17.28
CA GLU B 805 -29.47 13.68 16.34
C GLU B 805 -29.12 13.14 14.96
N CYS B 806 -28.41 12.01 14.90
CA CYS B 806 -28.03 11.41 13.63
C CYS B 806 -29.12 10.52 13.04
N LEU B 807 -30.15 10.18 13.82
CA LEU B 807 -31.27 9.41 13.32
C LEU B 807 -32.40 10.28 12.80
N GLY B 808 -32.54 11.51 13.30
CA GLY B 808 -33.50 12.46 12.79
C GLY B 808 -32.81 13.57 12.01
N ASP B 809 -33.61 14.36 11.31
CA ASP B 809 -33.12 15.46 10.49
C ASP B 809 -32.07 14.97 9.49
N ILE B 810 -32.33 13.81 8.89
CA ILE B 810 -31.38 13.22 7.96
C ILE B 810 -31.28 14.02 6.66
N ASN B 811 -32.28 14.84 6.36
CA ASN B 811 -32.25 15.63 5.14
C ASN B 811 -31.10 16.64 5.12
N ALA B 812 -30.59 17.03 6.29
CA ALA B 812 -29.46 17.94 6.33
C ALA B 812 -28.19 17.30 5.79
N ARG B 813 -28.07 15.97 5.90
CA ARG B 813 -26.91 15.22 5.41
C ARG B 813 -25.62 15.77 6.01
N ASP B 814 -25.60 15.87 7.34
CA ASP B 814 -24.42 16.37 8.04
C ASP B 814 -23.24 15.43 7.83
N LEU B 815 -22.06 16.02 7.60
CA LEU B 815 -20.87 15.22 7.36
C LEU B 815 -20.45 14.44 8.60
N ILE B 816 -20.57 15.06 9.78
CA ILE B 816 -20.12 14.43 11.01
C ILE B 816 -20.95 13.18 11.31
N CYS B 817 -22.27 13.28 11.11
CA CYS B 817 -23.14 12.11 11.30
C CYS B 817 -22.78 10.99 10.34
N ALA B 818 -22.30 11.34 9.14
CA ALA B 818 -21.85 10.32 8.19
C ALA B 818 -20.53 9.69 8.59
N GLN B 819 -19.63 10.44 9.23
CA GLN B 819 -18.36 9.90 9.69
C GLN B 819 -18.51 9.01 10.91
N LYS B 820 -19.35 9.42 11.88
CA LYS B 820 -19.50 8.63 13.09
C LYS B 820 -20.25 7.33 12.82
N PHE B 821 -21.00 7.26 11.72
CA PHE B 821 -21.65 6.00 11.37
C PHE B 821 -20.65 4.96 10.85
N ASN B 822 -19.47 5.42 10.40
CA ASN B 822 -18.45 4.54 9.85
C ASN B 822 -17.29 4.31 10.81
N GLY B 823 -17.46 4.63 12.09
CA GLY B 823 -16.43 4.38 13.07
C GLY B 823 -15.34 5.43 13.16
N LEU B 824 -15.49 6.56 12.49
CA LEU B 824 -14.52 7.65 12.55
C LEU B 824 -14.98 8.67 13.58
N THR B 825 -14.22 8.82 14.66
CA THR B 825 -14.58 9.72 15.75
C THR B 825 -13.43 10.68 16.02
N VAL B 826 -13.77 11.80 16.64
CA VAL B 826 -12.79 12.83 17.02
C VAL B 826 -12.84 12.96 18.54
N LEU B 827 -11.71 12.70 19.19
CA LEU B 827 -11.63 12.78 20.64
C LEU B 827 -11.48 14.24 21.09
N PRO B 828 -11.97 14.58 22.28
CA PRO B 828 -11.83 15.95 22.76
C PRO B 828 -10.49 16.17 23.42
N PRO B 829 -9.94 17.38 23.32
CA PRO B 829 -8.65 17.64 23.95
C PRO B 829 -8.73 17.62 25.47
N LEU B 830 -7.60 17.32 26.10
CA LEU B 830 -7.55 17.24 27.56
C LEU B 830 -7.74 18.62 28.18
N LEU B 831 -7.04 19.62 27.66
CA LEU B 831 -7.10 20.98 28.19
C LEU B 831 -8.20 21.75 27.46
N THR B 832 -9.20 22.19 28.22
CA THR B 832 -10.30 22.95 27.63
C THR B 832 -9.83 24.37 27.29
N ASP B 833 -10.69 25.10 26.59
CA ASP B 833 -10.34 26.46 26.17
C ASP B 833 -10.29 27.42 27.35
N ASP B 834 -11.01 27.12 28.43
CA ASP B 834 -10.97 27.99 29.59
C ASP B 834 -9.64 27.90 30.32
N MET B 835 -9.07 26.70 30.42
CA MET B 835 -7.79 26.54 31.12
C MET B 835 -6.65 27.19 30.35
N ILE B 836 -6.67 27.09 29.01
CA ILE B 836 -5.66 27.76 28.21
C ILE B 836 -5.76 29.28 28.38
N ALA B 837 -6.99 29.80 28.40
CA ALA B 837 -7.19 31.23 28.62
C ALA B 837 -6.68 31.64 29.99
N ALA B 838 -6.92 30.82 31.01
CA ALA B 838 -6.41 31.12 32.34
C ALA B 838 -4.88 31.11 32.36
N TYR B 839 -4.27 30.17 31.64
CA TYR B 839 -2.81 30.12 31.56
C TYR B 839 -2.26 31.39 30.92
N THR B 840 -2.85 31.81 29.80
CA THR B 840 -2.39 33.04 29.15
C THR B 840 -2.63 34.26 30.04
N ALA B 841 -3.76 34.32 30.74
CA ALA B 841 -4.01 35.43 31.66
C ALA B 841 -2.98 35.49 32.77
N ALA B 842 -2.64 34.32 33.34
CA ALA B 842 -1.62 34.28 34.37
C ALA B 842 -0.26 34.71 33.83
N LEU B 843 0.08 34.29 32.62
CA LEU B 843 1.34 34.71 32.01
C LEU B 843 1.39 36.23 31.81
N VAL B 844 0.30 36.80 31.30
CA VAL B 844 0.26 38.25 31.09
C VAL B 844 0.33 38.99 32.42
N SER B 845 -0.38 38.50 33.44
CA SER B 845 -0.33 39.15 34.74
C SER B 845 1.07 39.09 35.34
N GLY B 846 1.73 37.94 35.23
CA GLY B 846 3.10 37.83 35.73
C GLY B 846 4.06 38.75 34.98
N THR B 847 3.89 38.86 33.67
CA THR B 847 4.73 39.78 32.90
C THR B 847 4.49 41.23 33.32
N ALA B 848 3.23 41.59 33.56
CA ALA B 848 2.91 42.96 33.94
C ALA B 848 3.44 43.30 35.33
N THR B 849 3.30 42.38 36.28
CA THR B 849 3.67 42.65 37.67
C THR B 849 5.10 42.22 37.98
N ALA B 850 5.41 40.94 37.83
CA ALA B 850 6.73 40.45 38.18
C ALA B 850 7.79 40.95 37.21
N GLY B 851 7.52 40.85 35.91
CA GLY B 851 8.48 41.27 34.91
C GLY B 851 9.28 40.13 34.33
N TRP B 852 10.60 40.31 34.23
CA TRP B 852 11.47 39.26 33.72
C TRP B 852 11.93 38.30 34.82
N THR B 853 11.61 38.60 36.07
CA THR B 853 12.15 37.82 37.18
C THR B 853 11.48 36.45 37.31
N PHE B 854 10.22 36.34 36.91
CA PHE B 854 9.49 35.09 37.07
C PHE B 854 9.91 34.00 36.09
N GLY B 855 10.87 34.29 35.20
CA GLY B 855 11.43 33.24 34.38
C GLY B 855 12.12 32.17 35.19
N ALA B 856 12.72 32.55 36.31
CA ALA B 856 13.30 31.61 37.26
C ALA B 856 12.19 31.08 38.18
N GLY B 857 12.58 30.43 39.27
CA GLY B 857 11.59 29.86 40.17
C GLY B 857 10.76 30.93 40.87
N ALA B 858 11.41 31.99 41.35
CA ALA B 858 10.73 33.03 42.09
C ALA B 858 10.37 34.20 41.19
N ALA B 859 9.51 35.07 41.71
CA ALA B 859 9.06 36.26 41.00
C ALA B 859 9.24 37.47 41.91
N LEU B 860 9.87 38.52 41.40
CA LEU B 860 10.15 39.73 42.15
C LEU B 860 9.21 40.84 41.70
N GLN B 861 8.54 41.47 42.65
CA GLN B 861 7.62 42.55 42.34
C GLN B 861 8.37 43.80 41.90
N ILE B 862 7.86 44.45 40.86
CA ILE B 862 8.44 45.70 40.37
C ILE B 862 7.38 46.46 39.60
N PRO B 863 7.33 47.79 39.70
CA PRO B 863 6.38 48.54 38.88
C PRO B 863 6.76 48.50 37.41
N PHE B 864 5.76 48.75 36.56
CA PHE B 864 5.97 48.68 35.11
C PHE B 864 6.90 49.78 34.62
N ALA B 865 7.18 50.77 35.46
CA ALA B 865 8.04 51.88 35.04
C ALA B 865 9.48 51.43 34.89
N MET B 866 10.12 51.03 36.00
CA MET B 866 11.53 50.66 35.93
C MET B 866 11.74 49.33 35.24
N GLN B 867 10.70 48.51 35.13
CA GLN B 867 10.79 47.32 34.29
C GLN B 867 11.01 47.72 32.83
N MET B 868 10.20 48.65 32.33
CA MET B 868 10.41 49.17 30.99
C MET B 868 11.74 49.91 30.89
N ALA B 869 12.17 50.56 31.97
CA ALA B 869 13.47 51.23 31.96
C ALA B 869 14.61 50.22 31.80
N TYR B 870 14.52 49.09 32.51
CA TYR B 870 15.52 48.03 32.36
C TYR B 870 15.48 47.44 30.97
N ARG B 871 14.28 47.24 30.42
CA ARG B 871 14.18 46.77 29.04
C ARG B 871 14.82 47.76 28.07
N PHE B 872 14.67 49.05 28.31
CA PHE B 872 15.34 50.08 27.53
C PHE B 872 16.84 50.15 27.83
N ASN B 873 17.29 49.57 28.93
CA ASN B 873 18.72 49.55 29.24
C ASN B 873 19.47 48.46 28.49
N GLY B 874 18.87 47.29 28.31
CA GLY B 874 19.48 46.21 27.57
C GLY B 874 19.37 46.32 26.07
N ILE B 875 18.68 47.33 25.56
CA ILE B 875 18.53 47.49 24.13
C ILE B 875 19.67 48.32 23.53
N GLY B 876 20.32 49.15 24.34
CA GLY B 876 21.39 49.99 23.85
C GLY B 876 21.27 51.44 24.29
N VAL B 877 20.04 51.93 24.40
CA VAL B 877 19.80 53.30 24.83
C VAL B 877 19.87 53.36 26.36
N THR B 878 19.92 54.57 26.90
CA THR B 878 20.01 54.75 28.34
C THR B 878 18.61 54.79 28.95
N GLN B 879 18.55 54.93 30.27
CA GLN B 879 17.28 55.03 30.99
C GLN B 879 16.68 56.43 30.94
N ASN B 880 17.38 57.39 30.33
CA ASN B 880 16.90 58.76 30.33
C ASN B 880 15.68 58.94 29.43
N VAL B 881 15.61 58.18 28.34
CA VAL B 881 14.55 58.40 27.35
C VAL B 881 13.18 58.08 27.92
N LEU B 882 13.06 56.97 28.65
CA LEU B 882 11.75 56.57 29.17
C LEU B 882 11.27 57.53 30.25
N TYR B 883 12.12 57.84 31.23
CA TYR B 883 11.69 58.70 32.31
C TYR B 883 11.43 60.12 31.85
N GLU B 884 11.78 60.44 30.61
CA GLU B 884 11.54 61.76 30.05
C GLU B 884 10.41 61.79 29.04
N ASN B 885 10.07 60.65 28.42
CA ASN B 885 9.06 60.59 27.37
C ASN B 885 8.07 59.46 27.63
N GLN B 886 7.82 59.17 28.92
CA GLN B 886 6.85 58.14 29.28
C GLN B 886 5.48 58.39 28.65
N LYS B 887 5.06 59.65 28.56
CA LYS B 887 3.73 59.94 28.03
C LYS B 887 3.63 59.52 26.57
N GLN B 888 4.63 59.88 25.75
CA GLN B 888 4.61 59.52 24.34
C GLN B 888 4.66 58.01 24.16
N ILE B 889 5.48 57.32 24.95
CA ILE B 889 5.60 55.88 24.83
C ILE B 889 4.29 55.20 25.19
N ALA B 890 3.64 55.66 26.28
CA ALA B 890 2.35 55.08 26.65
C ALA B 890 1.29 55.33 25.60
N ASN B 891 1.26 56.54 25.04
CA ASN B 891 0.31 56.85 23.98
C ASN B 891 0.53 55.96 22.76
N GLN B 892 1.79 55.77 22.38
CA GLN B 892 2.10 54.91 21.23
C GLN B 892 1.72 53.46 21.51
N PHE B 893 1.94 52.99 22.74
CA PHE B 893 1.57 51.63 23.11
C PHE B 893 0.05 51.44 23.00
N ASN B 894 -0.71 52.39 23.54
CA ASN B 894 -2.17 52.28 23.47
C ASN B 894 -2.66 52.36 22.03
N LYS B 895 -2.07 53.24 21.23
CA LYS B 895 -2.48 53.34 19.83
C LYS B 895 -2.14 52.08 19.06
N ALA B 896 -0.99 51.46 19.35
CA ALA B 896 -0.63 50.21 18.69
C ALA B 896 -1.58 49.09 19.08
N ILE B 897 -1.98 49.04 20.35
CA ILE B 897 -2.95 48.03 20.77
C ILE B 897 -4.28 48.24 20.05
N SER B 898 -4.73 49.49 19.95
CA SER B 898 -5.97 49.78 19.26
C SER B 898 -5.89 49.40 17.78
N GLN B 899 -4.75 49.69 17.14
CA GLN B 899 -4.58 49.34 15.74
C GLN B 899 -4.55 47.83 15.54
N ILE B 900 -3.95 47.10 16.48
CA ILE B 900 -3.98 45.65 16.41
C ILE B 900 -5.41 45.14 16.50
N GLN B 901 -6.20 45.73 17.41
CA GLN B 901 -7.60 45.35 17.53
C GLN B 901 -8.36 45.60 16.24
N GLU B 902 -8.17 46.79 15.64
CA GLU B 902 -8.87 47.12 14.40
C GLU B 902 -8.45 46.19 13.26
N SER B 903 -7.16 45.85 13.19
CA SER B 903 -6.70 44.92 12.17
C SER B 903 -7.31 43.54 12.37
N LEU B 904 -7.42 43.10 13.63
CA LEU B 904 -8.04 41.81 13.91
C LEU B 904 -9.51 41.80 13.52
N THR B 905 -10.21 42.90 13.75
CA THR B 905 -11.64 42.95 13.44
C THR B 905 -11.89 43.08 11.95
N THR B 906 -10.96 43.69 11.21
CA THR B 906 -11.20 44.04 9.82
C THR B 906 -10.65 42.98 8.86
N THR B 907 -9.41 42.55 9.06
CA THR B 907 -8.77 41.64 8.11
C THR B 907 -9.52 40.32 8.03
N SER B 908 -9.62 39.79 6.80
CA SER B 908 -10.34 38.55 6.55
C SER B 908 -9.44 37.32 6.71
N THR B 909 -8.25 37.35 6.12
CA THR B 909 -7.31 36.24 6.17
C THR B 909 -6.17 36.60 7.13
N ALA B 910 -6.39 36.34 8.41
CA ALA B 910 -5.39 36.55 9.45
C ALA B 910 -4.94 35.26 10.11
N LEU B 911 -5.88 34.44 10.58
CA LEU B 911 -5.56 33.13 11.15
C LEU B 911 -5.66 32.03 10.09
N GLY B 912 -5.03 32.28 8.95
CA GLY B 912 -5.06 31.29 7.87
C GLY B 912 -4.32 30.02 8.20
N LYS B 913 -3.17 30.13 8.87
CA LYS B 913 -2.43 28.93 9.25
C LYS B 913 -3.21 28.07 10.23
N LEU B 914 -4.02 28.68 11.10
CA LEU B 914 -4.86 27.91 12.00
C LEU B 914 -6.08 27.34 11.29
N GLN B 915 -6.66 28.08 10.34
CA GLN B 915 -7.82 27.57 9.62
C GLN B 915 -7.44 26.42 8.70
N ASP B 916 -6.22 26.44 8.15
CA ASP B 916 -5.79 25.38 7.25
C ASP B 916 -5.75 24.03 7.96
N VAL B 917 -5.38 24.03 9.23
CA VAL B 917 -5.31 22.79 9.98
C VAL B 917 -6.68 22.11 10.03
N VAL B 918 -7.72 22.89 10.38
CA VAL B 918 -9.07 22.36 10.40
C VAL B 918 -9.52 21.94 9.01
N ASN B 919 -9.18 22.76 8.01
CA ASN B 919 -9.61 22.46 6.64
C ASN B 919 -9.03 21.15 6.12
N GLN B 920 -7.78 20.82 6.44
CA GLN B 920 -7.23 19.53 6.05
C GLN B 920 -7.70 18.39 6.94
N ASN B 921 -7.87 18.62 8.25
CA ASN B 921 -8.31 17.55 9.13
C ASN B 921 -9.73 17.10 8.81
N ALA B 922 -10.61 18.03 8.42
CA ALA B 922 -11.95 17.63 8.00
C ALA B 922 -11.94 17.03 6.60
N GLN B 923 -11.09 17.55 5.72
CA GLN B 923 -11.04 17.05 4.35
C GLN B 923 -10.56 15.60 4.30
N ALA B 924 -9.58 15.25 5.13
CA ALA B 924 -9.11 13.87 5.17
C ALA B 924 -10.21 12.91 5.57
N LEU B 925 -10.97 13.25 6.61
CA LEU B 925 -12.07 12.40 7.05
C LEU B 925 -13.16 12.31 5.99
N ASN B 926 -13.49 13.43 5.35
CA ASN B 926 -14.49 13.39 4.29
C ASN B 926 -14.04 12.53 3.12
N THR B 927 -12.76 12.62 2.74
CA THR B 927 -12.24 11.77 1.67
C THR B 927 -12.30 10.30 2.06
N LEU B 928 -11.94 9.99 3.31
CA LEU B 928 -12.04 8.60 3.77
C LEU B 928 -13.47 8.10 3.74
N VAL B 929 -14.44 8.97 4.07
CA VAL B 929 -15.84 8.56 4.02
C VAL B 929 -16.27 8.30 2.58
N LYS B 930 -15.94 9.20 1.66
CA LYS B 930 -16.37 9.05 0.29
C LYS B 930 -15.60 7.98 -0.48
N GLN B 931 -14.53 7.43 0.10
CA GLN B 931 -13.78 6.36 -0.53
C GLN B 931 -14.39 4.99 -0.32
N LEU B 932 -15.57 4.92 0.29
CA LEU B 932 -16.24 3.65 0.56
C LEU B 932 -17.09 3.16 -0.60
N SER B 933 -17.14 3.90 -1.71
CA SER B 933 -17.95 3.54 -2.87
C SER B 933 -17.10 3.19 -4.08
N SER B 934 -16.01 2.47 -3.87
CA SER B 934 -15.08 2.09 -4.93
C SER B 934 -15.05 0.57 -5.06
N ASN B 935 -15.17 0.08 -6.29
CA ASN B 935 -15.11 -1.35 -6.57
C ASN B 935 -13.64 -1.73 -6.71
N PHE B 936 -13.06 -2.32 -5.67
CA PHE B 936 -11.66 -2.74 -5.69
C PHE B 936 -11.51 -4.08 -6.43
N GLY B 937 -11.91 -4.06 -7.70
CA GLY B 937 -11.89 -5.25 -8.52
C GLY B 937 -13.08 -6.17 -8.34
N ALA B 938 -14.05 -5.80 -7.51
CA ALA B 938 -15.23 -6.62 -7.26
C ALA B 938 -16.38 -6.21 -8.17
N ILE B 939 -17.47 -6.97 -8.09
CA ILE B 939 -18.64 -6.69 -8.92
C ILE B 939 -19.34 -5.43 -8.45
N SER B 940 -19.42 -5.22 -7.14
CA SER B 940 -20.09 -4.05 -6.59
C SER B 940 -19.30 -3.55 -5.39
N SER B 941 -19.45 -2.25 -5.11
CA SER B 941 -18.77 -1.61 -3.99
C SER B 941 -19.55 -1.69 -2.68
N VAL B 942 -20.79 -2.17 -2.72
CA VAL B 942 -21.66 -2.21 -1.54
C VAL B 942 -21.92 -3.67 -1.20
N LEU B 943 -21.59 -4.07 0.02
CA LEU B 943 -21.86 -5.42 0.48
C LEU B 943 -23.34 -5.55 0.83
N ASN B 944 -23.72 -6.77 1.25
CA ASN B 944 -25.11 -7.19 1.40
C ASN B 944 -25.79 -7.26 0.03
N ASP B 945 -25.05 -6.90 -1.02
CA ASP B 945 -25.44 -7.13 -2.40
C ASP B 945 -24.66 -8.29 -3.02
N ILE B 946 -23.35 -8.35 -2.79
CA ILE B 946 -22.58 -9.53 -3.18
C ILE B 946 -22.99 -10.75 -2.37
N LEU B 947 -23.29 -10.57 -1.08
CA LEU B 947 -23.71 -11.68 -0.22
C LEU B 947 -25.11 -12.15 -0.52
N SER B 948 -25.93 -11.34 -1.19
CA SER B 948 -27.31 -11.72 -1.50
C SER B 948 -27.44 -12.38 -2.87
N ARG B 949 -26.52 -12.12 -3.80
CA ARG B 949 -26.59 -12.69 -5.13
C ARG B 949 -25.64 -13.87 -5.33
N LEU B 950 -24.67 -14.06 -4.44
CA LEU B 950 -23.68 -15.10 -4.58
C LEU B 950 -23.64 -15.95 -3.32
N ASP B 951 -23.20 -17.20 -3.47
CA ASP B 951 -23.10 -18.11 -2.33
C ASP B 951 -21.87 -17.76 -1.49
N LYS B 952 -21.60 -18.59 -0.48
CA LYS B 952 -20.52 -18.30 0.46
C LYS B 952 -19.16 -18.34 -0.23
N VAL B 953 -18.93 -19.35 -1.08
CA VAL B 953 -17.60 -19.54 -1.66
C VAL B 953 -17.30 -18.43 -2.66
N GLU B 954 -18.27 -18.10 -3.53
CA GLU B 954 -18.00 -17.14 -4.60
C GLU B 954 -17.87 -15.72 -4.07
N ALA B 955 -18.65 -15.35 -3.06
CA ALA B 955 -18.63 -13.97 -2.57
C ALA B 955 -17.38 -13.67 -1.74
N GLU B 956 -16.69 -14.71 -1.27
CA GLU B 956 -15.52 -14.50 -0.42
C GLU B 956 -14.41 -13.77 -1.16
N VAL B 957 -14.26 -14.05 -2.46
CA VAL B 957 -13.21 -13.38 -3.25
C VAL B 957 -13.47 -11.88 -3.31
N GLN B 958 -14.71 -11.50 -3.62
CA GLN B 958 -15.05 -10.07 -3.69
C GLN B 958 -14.94 -9.41 -2.33
N ILE B 959 -15.34 -10.13 -1.27
CA ILE B 959 -15.22 -9.57 0.08
C ILE B 959 -13.76 -9.32 0.42
N ASP B 960 -12.88 -10.27 0.08
CA ASP B 960 -11.46 -10.09 0.33
C ASP B 960 -10.89 -8.92 -0.46
N ARG B 961 -11.31 -8.77 -1.71
CA ARG B 961 -10.86 -7.63 -2.51
C ARG B 961 -11.26 -6.31 -1.86
N LEU B 962 -12.53 -6.21 -1.43
CA LEU B 962 -12.98 -4.98 -0.79
C LEU B 962 -12.23 -4.73 0.51
N ILE B 963 -11.98 -5.78 1.30
CA ILE B 963 -11.24 -5.62 2.54
C ILE B 963 -9.84 -5.10 2.27
N THR B 964 -9.17 -5.67 1.25
CA THR B 964 -7.82 -5.22 0.91
C THR B 964 -7.81 -3.75 0.50
N GLY B 965 -8.75 -3.36 -0.36
CA GLY B 965 -8.79 -1.97 -0.79
C GLY B 965 -9.03 -1.01 0.36
N ARG B 966 -10.00 -1.32 1.22
CA ARG B 966 -10.33 -0.42 2.32
C ARG B 966 -9.20 -0.38 3.35
N LEU B 967 -8.51 -1.51 3.57
CA LEU B 967 -7.37 -1.50 4.47
C LEU B 967 -6.24 -0.64 3.92
N GLN B 968 -6.02 -0.71 2.60
CA GLN B 968 -5.02 0.17 1.98
C GLN B 968 -5.39 1.63 2.17
N SER B 969 -6.67 1.97 2.00
CA SER B 969 -7.12 3.34 2.23
C SER B 969 -6.85 3.79 3.66
N LEU B 970 -7.16 2.92 4.63
CA LEU B 970 -6.91 3.27 6.03
C LEU B 970 -5.43 3.47 6.31
N GLN B 971 -4.58 2.61 5.76
CA GLN B 971 -3.14 2.75 5.95
C GLN B 971 -2.63 4.06 5.36
N THR B 972 -3.12 4.42 4.17
CA THR B 972 -2.73 5.69 3.57
C THR B 972 -3.13 6.87 4.45
N TYR B 973 -4.36 6.83 4.98
CA TYR B 973 -4.81 7.89 5.87
C TYR B 973 -3.92 8.01 7.10
N VAL B 974 -3.58 6.87 7.71
CA VAL B 974 -2.74 6.89 8.90
C VAL B 974 -1.36 7.46 8.58
N THR B 975 -0.80 7.08 7.43
CA THR B 975 0.52 7.58 7.05
C THR B 975 0.50 9.10 6.86
N GLN B 976 -0.52 9.61 6.17
CA GLN B 976 -0.62 11.06 5.98
C GLN B 976 -0.80 11.77 7.32
N GLN B 977 -1.58 11.18 8.23
CA GLN B 977 -1.76 11.80 9.54
C GLN B 977 -0.45 11.87 10.31
N LEU B 978 0.36 10.80 10.24
CA LEU B 978 1.67 10.82 10.90
C LEU B 978 2.58 11.89 10.30
N ILE B 979 2.59 12.00 8.97
CA ILE B 979 3.43 12.99 8.31
C ILE B 979 3.02 14.40 8.74
N ARG B 980 1.71 14.65 8.85
CA ARG B 980 1.24 15.94 9.31
C ARG B 980 1.60 16.18 10.78
N ALA B 981 1.52 15.13 11.60
CA ALA B 981 1.83 15.26 13.01
C ALA B 981 3.29 15.63 13.23
N ALA B 982 4.18 15.16 12.37
CA ALA B 982 5.59 15.55 12.49
C ALA B 982 5.75 17.07 12.39
N GLU B 983 5.16 17.67 11.35
CA GLU B 983 5.25 19.11 11.16
C GLU B 983 4.55 19.85 12.30
N ILE B 984 3.41 19.34 12.76
CA ILE B 984 2.71 20.00 13.87
C ILE B 984 3.58 20.00 15.12
N ARG B 985 4.26 18.88 15.38
CA ARG B 985 5.16 18.80 16.54
C ARG B 985 6.32 19.79 16.41
N ALA B 986 6.88 19.90 15.20
CA ALA B 986 7.96 20.87 15.00
C ALA B 986 7.47 22.29 15.26
N SER B 987 6.28 22.64 14.76
CA SER B 987 5.73 23.97 15.00
C SER B 987 5.47 24.21 16.48
N ALA B 988 4.98 23.18 17.19
CA ALA B 988 4.74 23.32 18.62
C ALA B 988 6.04 23.54 19.39
N ASN B 989 7.10 22.83 19.00
CA ASN B 989 8.39 23.04 19.63
C ASN B 989 8.90 24.45 19.40
N LEU B 990 8.77 24.95 18.16
CA LEU B 990 9.19 26.33 17.89
C LEU B 990 8.38 27.33 18.70
N ALA B 991 7.07 27.10 18.82
CA ALA B 991 6.23 28.00 19.60
C ALA B 991 6.61 27.99 21.07
N ALA B 992 6.90 26.80 21.62
CA ALA B 992 7.32 26.72 23.01
C ALA B 992 8.64 27.44 23.25
N THR B 993 9.60 27.28 22.33
CA THR B 993 10.87 27.98 22.46
C THR B 993 10.67 29.49 22.40
N LYS B 994 9.88 29.97 21.44
CA LYS B 994 9.63 31.40 21.34
C LYS B 994 8.93 31.94 22.57
N MET B 995 7.97 31.19 23.13
CA MET B 995 7.35 31.61 24.38
C MET B 995 8.39 31.73 25.48
N SER B 996 9.17 30.67 25.70
CA SER B 996 10.12 30.67 26.81
C SER B 996 11.15 31.78 26.67
N GLU B 997 11.48 32.18 25.44
CA GLU B 997 12.49 33.22 25.25
C GLU B 997 11.88 34.63 25.28
N CYS B 998 10.95 34.91 24.36
CA CYS B 998 10.44 36.27 24.25
C CYS B 998 9.49 36.63 25.38
N VAL B 999 8.62 35.70 25.78
CA VAL B 999 7.59 36.04 26.78
C VAL B 999 8.20 36.15 28.17
N LEU B 1000 9.09 35.22 28.52
CA LEU B 1000 9.66 35.16 29.86
C LEU B 1000 10.99 35.89 29.98
N GLY B 1001 11.36 36.69 28.99
CA GLY B 1001 12.60 37.44 29.08
C GLY B 1001 12.82 38.26 27.83
N GLN B 1002 13.89 39.03 27.84
CA GLN B 1002 14.27 39.87 26.71
C GLN B 1002 15.31 39.14 25.87
N SER B 1003 15.03 38.97 24.58
CA SER B 1003 15.89 38.24 23.67
C SER B 1003 16.72 39.21 22.83
N LYS B 1004 18.00 38.89 22.69
CA LYS B 1004 18.92 39.67 21.87
C LYS B 1004 19.21 39.02 20.52
N ARG B 1005 18.26 38.22 20.02
CA ARG B 1005 18.41 37.54 18.74
C ARG B 1005 17.73 38.36 17.66
N VAL B 1006 18.42 38.56 16.54
CA VAL B 1006 17.93 39.44 15.49
C VAL B 1006 16.77 38.78 14.77
N ASP B 1007 15.65 39.51 14.67
CA ASP B 1007 14.47 39.08 13.92
C ASP B 1007 13.91 37.76 14.42
N PHE B 1008 14.07 37.48 15.72
CA PHE B 1008 13.51 36.27 16.32
C PHE B 1008 12.12 36.53 16.89
N CYS B 1009 12.03 37.45 17.84
CA CYS B 1009 10.75 37.76 18.47
C CYS B 1009 9.90 38.65 17.56
N GLY B 1010 10.40 39.85 17.25
CA GLY B 1010 9.69 40.76 16.38
C GLY B 1010 10.66 41.49 15.46
N LYS B 1011 10.08 42.11 14.43
CA LYS B 1011 10.85 42.85 13.45
C LYS B 1011 11.34 44.15 14.10
N GLY B 1012 12.61 44.17 14.51
CA GLY B 1012 13.17 45.32 15.17
C GLY B 1012 13.94 44.94 16.41
N TYR B 1013 13.90 45.81 17.43
CA TYR B 1013 14.57 45.56 18.70
C TYR B 1013 13.53 45.12 19.72
N HIS B 1014 13.73 43.93 20.29
CA HIS B 1014 12.73 43.34 21.18
C HIS B 1014 12.71 44.07 22.52
N LEU B 1015 11.49 44.29 23.03
CA LEU B 1015 11.29 44.86 24.36
C LEU B 1015 10.53 43.90 25.28
N MET B 1016 9.38 43.41 24.84
CA MET B 1016 8.58 42.48 25.63
C MET B 1016 7.58 41.81 24.70
N SER B 1017 6.85 40.83 25.23
CA SER B 1017 5.89 40.08 24.43
C SER B 1017 4.72 39.67 25.32
N PHE B 1018 3.58 39.42 24.68
CA PHE B 1018 2.36 39.01 25.37
C PHE B 1018 1.74 37.84 24.62
N PRO B 1019 1.50 36.72 25.29
CA PRO B 1019 0.86 35.58 24.62
C PRO B 1019 -0.66 35.64 24.70
N GLN B 1020 -1.29 35.18 23.62
CA GLN B 1020 -2.74 35.14 23.53
C GLN B 1020 -3.17 33.78 22.97
N ALA B 1021 -4.28 33.27 23.48
CA ALA B 1021 -4.78 31.97 23.05
C ALA B 1021 -5.48 32.10 21.71
N ALA B 1022 -5.57 30.98 20.99
CA ALA B 1022 -6.21 30.92 19.69
C ALA B 1022 -6.64 29.49 19.44
N PRO B 1023 -7.66 29.27 18.59
CA PRO B 1023 -8.09 27.90 18.28
C PRO B 1023 -6.99 27.07 17.66
N HIS B 1024 -6.53 26.04 18.38
CA HIS B 1024 -5.48 25.14 17.92
C HIS B 1024 -4.19 25.90 17.59
N GLY B 1025 -3.86 26.88 18.42
CA GLY B 1025 -2.66 27.66 18.19
C GLY B 1025 -2.49 28.70 19.27
N VAL B 1026 -1.47 29.54 19.07
CA VAL B 1026 -1.14 30.62 19.98
C VAL B 1026 -0.71 31.83 19.17
N VAL B 1027 -1.08 33.01 19.66
CA VAL B 1027 -0.77 34.28 18.99
C VAL B 1027 0.10 35.10 19.91
N PHE B 1028 1.24 35.57 19.39
CA PHE B 1028 2.18 36.38 20.15
C PHE B 1028 2.07 37.83 19.72
N LEU B 1029 2.08 38.74 20.71
CA LEU B 1029 2.08 40.17 20.46
C LEU B 1029 3.44 40.72 20.90
N HIS B 1030 4.29 41.06 19.95
CA HIS B 1030 5.65 41.48 20.22
C HIS B 1030 5.74 43.01 20.24
N VAL B 1031 6.18 43.56 21.35
CA VAL B 1031 6.40 44.99 21.50
C VAL B 1031 7.86 45.26 21.15
N THR B 1032 8.09 46.11 20.14
CA THR B 1032 9.43 46.34 19.62
C THR B 1032 9.73 47.83 19.63
N TYR B 1033 11.00 48.14 19.38
CA TYR B 1033 11.51 49.51 19.34
C TYR B 1033 12.11 49.77 17.96
N VAL B 1034 11.64 50.82 17.28
CA VAL B 1034 12.04 51.11 15.92
C VAL B 1034 12.47 52.57 15.82
N PRO B 1035 13.72 52.87 15.46
CA PRO B 1035 14.11 54.26 15.19
C PRO B 1035 13.37 54.79 13.97
N SER B 1036 13.06 56.09 14.00
CA SER B 1036 12.22 56.69 12.97
C SER B 1036 12.96 57.75 12.16
N GLN B 1037 13.51 58.79 12.80
CA GLN B 1037 14.02 59.95 12.09
C GLN B 1037 15.54 59.96 12.12
N GLU B 1038 16.15 60.20 10.96
CA GLU B 1038 17.60 60.22 10.82
C GLU B 1038 18.13 61.66 10.82
N ARG B 1039 19.45 61.78 10.92
CA ARG B 1039 20.11 63.08 10.89
C ARG B 1039 21.56 62.86 10.46
N ASN B 1040 22.04 63.69 9.54
CA ASN B 1040 23.41 63.55 9.05
C ASN B 1040 24.41 64.10 10.04
N PHE B 1041 25.55 63.41 10.16
CA PHE B 1041 26.65 63.85 11.00
C PHE B 1041 27.96 63.38 10.41
N THR B 1042 28.91 64.31 10.28
CA THR B 1042 30.28 63.97 9.91
C THR B 1042 31.06 63.64 11.18
N THR B 1043 31.96 62.66 11.06
CA THR B 1043 32.59 62.08 12.24
C THR B 1043 34.05 61.74 11.95
N ALA B 1044 34.76 61.37 13.00
CA ALA B 1044 36.16 60.99 12.94
C ALA B 1044 36.38 59.77 13.82
N PRO B 1045 37.31 58.89 13.45
CA PRO B 1045 37.57 57.70 14.27
C PRO B 1045 38.10 58.02 15.67
N ALA B 1046 38.88 59.08 15.83
CA ALA B 1046 39.47 59.40 17.13
C ALA B 1046 39.85 60.87 17.15
N ILE B 1047 40.29 61.32 18.33
CA ILE B 1047 40.69 62.70 18.56
C ILE B 1047 42.08 62.72 19.19
N CYS B 1048 42.93 63.62 18.72
CA CYS B 1048 44.24 63.86 19.30
C CYS B 1048 44.16 65.06 20.23
N HIS B 1049 44.54 64.87 21.49
CA HIS B 1049 44.48 65.93 22.49
C HIS B 1049 45.83 66.60 22.71
N GLU B 1050 46.84 65.83 23.07
CA GLU B 1050 48.19 66.37 23.29
C GLU B 1050 49.26 65.55 22.59
N GLY B 1051 48.88 64.60 21.73
CA GLY B 1051 49.84 63.77 21.04
C GLY B 1051 49.54 62.29 21.17
N LYS B 1052 48.53 61.97 21.98
CA LYS B 1052 48.11 60.59 22.20
C LYS B 1052 46.67 60.41 21.74
N ALA B 1053 46.37 59.25 21.16
CA ALA B 1053 45.04 59.00 20.64
C ALA B 1053 44.05 58.78 21.78
N TYR B 1054 42.83 59.25 21.58
CA TYR B 1054 41.74 59.11 22.55
C TYR B 1054 40.60 58.36 21.86
N PHE B 1055 40.62 57.04 21.97
CA PHE B 1055 39.61 56.22 21.32
C PHE B 1055 38.31 56.21 22.12
N PRO B 1056 37.17 55.99 21.47
CA PRO B 1056 35.89 56.03 22.18
C PRO B 1056 35.78 54.89 23.19
N ARG B 1057 35.08 55.17 24.29
CA ARG B 1057 34.73 54.13 25.24
C ARG B 1057 33.59 53.28 24.70
N GLU B 1058 32.45 53.91 24.42
CA GLU B 1058 31.34 53.25 23.76
C GLU B 1058 30.50 54.30 23.05
N GLY B 1059 30.41 54.18 21.74
CA GLY B 1059 29.73 55.17 20.91
C GLY B 1059 30.66 55.69 19.83
N VAL B 1060 30.19 56.75 19.17
CA VAL B 1060 30.93 57.38 18.08
C VAL B 1060 30.89 58.89 18.24
N PHE B 1061 32.03 59.53 18.03
CA PHE B 1061 32.10 60.98 18.04
C PHE B 1061 31.34 61.54 16.85
N VAL B 1062 30.76 62.72 17.03
CA VAL B 1062 30.00 63.38 15.98
C VAL B 1062 30.36 64.86 15.95
N PHE B 1063 30.12 65.48 14.79
CA PHE B 1063 30.28 66.93 14.63
C PHE B 1063 28.88 67.53 14.62
N ASN B 1064 28.44 67.96 15.81
CA ASN B 1064 27.09 68.51 15.95
C ASN B 1064 26.91 69.77 15.13
N GLY B 1065 28.01 70.49 14.87
CA GLY B 1065 27.95 71.70 14.07
C GLY B 1065 28.84 72.80 14.61
N THR B 1066 29.02 72.82 15.93
CA THR B 1066 29.88 73.83 16.54
C THR B 1066 31.16 73.21 17.07
N SER B 1067 31.07 72.03 17.69
CA SER B 1067 32.23 71.36 18.25
C SER B 1067 32.03 69.85 18.09
N TRP B 1068 32.87 69.08 18.76
CA TRP B 1068 32.83 67.62 18.71
C TRP B 1068 32.15 67.08 19.96
N PHE B 1069 31.28 66.09 19.78
CA PHE B 1069 30.57 65.46 20.89
C PHE B 1069 30.52 63.96 20.67
N ILE B 1070 30.30 63.22 21.74
CA ILE B 1070 30.21 61.76 21.70
C ILE B 1070 28.78 61.36 22.07
N THR B 1071 28.22 60.43 21.30
CA THR B 1071 26.85 60.00 21.52
C THR B 1071 26.71 58.53 21.12
N GLN B 1072 25.62 57.92 21.57
CA GLN B 1072 25.35 56.52 21.29
C GLN B 1072 24.87 56.34 19.85
N ARG B 1073 24.83 55.08 19.43
CA ARG B 1073 24.45 54.73 18.06
C ARG B 1073 22.94 54.62 17.86
N ASN B 1074 22.15 54.59 18.93
CA ASN B 1074 20.72 54.40 18.82
C ASN B 1074 19.90 55.65 19.11
N PHE B 1075 20.51 56.69 19.68
CA PHE B 1075 19.79 57.92 19.99
C PHE B 1075 20.79 59.06 20.04
N PHE B 1076 20.45 60.17 19.41
CA PHE B 1076 21.33 61.34 19.38
C PHE B 1076 21.22 62.06 20.74
N SER B 1077 22.22 61.84 21.59
CA SER B 1077 22.32 62.50 22.89
C SER B 1077 23.70 63.13 22.97
N PRO B 1078 23.85 64.39 22.58
CA PRO B 1078 25.18 65.02 22.61
C PRO B 1078 25.74 65.06 24.03
N GLN B 1079 27.03 64.76 24.14
CA GLN B 1079 27.73 64.78 25.42
C GLN B 1079 29.11 65.38 25.22
N ILE B 1080 29.56 66.18 26.18
CA ILE B 1080 30.89 66.76 26.11
C ILE B 1080 31.94 65.67 26.27
N ILE B 1081 33.00 65.76 25.48
CA ILE B 1081 34.06 64.75 25.53
C ILE B 1081 34.92 65.01 26.75
N THR B 1082 35.05 63.99 27.61
CA THR B 1082 35.86 64.08 28.81
C THR B 1082 36.65 62.78 28.95
N THR B 1083 37.47 62.70 30.00
CA THR B 1083 38.28 61.52 30.22
C THR B 1083 37.46 60.30 30.60
N ASP B 1084 36.20 60.49 31.02
CA ASP B 1084 35.38 59.36 31.43
C ASP B 1084 34.88 58.54 30.25
N ASN B 1085 34.47 59.22 29.17
CA ASN B 1085 33.86 58.55 28.02
C ASN B 1085 34.85 58.20 26.93
N THR B 1086 36.15 58.19 27.23
CA THR B 1086 37.16 57.78 26.26
C THR B 1086 38.33 57.17 27.00
N PHE B 1087 39.07 56.31 26.30
CA PHE B 1087 40.24 55.64 26.85
C PHE B 1087 41.44 55.89 25.93
N VAL B 1088 42.59 56.13 26.54
CA VAL B 1088 43.80 56.52 25.83
C VAL B 1088 44.62 55.28 25.50
N SER B 1089 45.10 55.20 24.26
CA SER B 1089 45.92 54.08 23.83
C SER B 1089 46.69 54.48 22.58
N GLY B 1090 48.00 54.25 22.59
CA GLY B 1090 48.82 54.53 21.44
C GLY B 1090 49.08 56.01 21.24
N SER B 1091 49.54 56.33 20.03
CA SER B 1091 49.84 57.70 19.63
C SER B 1091 48.99 58.08 18.41
N CYS B 1092 49.18 59.30 17.95
CA CYS B 1092 48.40 59.85 16.83
C CYS B 1092 49.12 59.67 15.51
N ASP B 1093 49.58 58.46 15.22
CA ASP B 1093 50.27 58.19 13.96
C ASP B 1093 49.71 57.00 13.22
N VAL B 1094 49.25 55.96 13.92
CA VAL B 1094 48.79 54.75 13.26
C VAL B 1094 47.34 54.90 12.81
N VAL B 1095 46.48 55.44 13.67
CA VAL B 1095 45.07 55.59 13.34
C VAL B 1095 44.92 56.65 12.25
N ILE B 1096 44.01 56.40 11.32
CA ILE B 1096 43.78 57.28 10.18
C ILE B 1096 42.50 58.08 10.42
N GLY B 1097 42.61 59.40 10.29
CA GLY B 1097 41.47 60.27 10.47
C GLY B 1097 41.36 60.95 11.82
N ILE B 1098 42.47 61.14 12.52
CA ILE B 1098 42.44 61.77 13.84
C ILE B 1098 42.27 63.27 13.67
N ILE B 1099 41.13 63.79 14.14
CA ILE B 1099 40.86 65.23 14.12
C ILE B 1099 41.07 65.78 15.52
N ASN B 1100 41.88 66.83 15.62
CA ASN B 1100 42.25 67.38 16.92
C ASN B 1100 41.09 68.13 17.56
N ASN B 1101 41.00 68.00 18.87
CA ASN B 1101 39.98 68.68 19.68
C ASN B 1101 40.47 68.66 21.13
N THR B 1102 39.59 69.02 22.06
CA THR B 1102 39.92 69.06 23.47
C THR B 1102 38.96 68.17 24.26
N VAL B 1103 39.45 67.70 25.41
CA VAL B 1103 38.65 66.86 26.30
C VAL B 1103 38.35 67.60 27.59
N CYS C 3 28.39 -51.80 -41.75
CA CYS C 3 29.10 -52.78 -40.92
C CYS C 3 30.59 -52.48 -40.88
N LEU C 4 31.02 -51.77 -39.84
CA LEU C 4 32.43 -51.44 -39.67
C LEU C 4 32.71 -51.24 -38.19
N ASP C 5 33.98 -51.39 -37.82
CA ASP C 5 34.40 -51.25 -36.44
C ASP C 5 35.91 -51.00 -36.41
N PHE C 6 36.40 -50.66 -35.23
CA PHE C 6 37.82 -50.41 -35.01
C PHE C 6 38.35 -51.37 -33.95
N ASP C 7 39.42 -52.09 -34.27
CA ASP C 7 40.03 -53.01 -33.32
C ASP C 7 41.11 -52.33 -32.48
N ASP C 8 41.97 -51.52 -33.11
CA ASP C 8 42.96 -50.76 -32.38
C ASP C 8 42.27 -49.63 -31.62
N ARG C 9 42.56 -49.53 -30.32
CA ARG C 9 41.88 -48.57 -29.46
C ARG C 9 42.90 -47.77 -28.67
N THR C 10 42.49 -46.58 -28.25
CA THR C 10 43.31 -45.70 -27.42
C THR C 10 42.41 -45.12 -26.33
N PRO C 11 42.85 -45.14 -25.07
CA PRO C 11 42.01 -44.65 -23.98
C PRO C 11 41.66 -43.18 -24.16
N PRO C 12 40.43 -42.79 -23.84
CA PRO C 12 40.04 -41.37 -23.96
C PRO C 12 40.85 -40.50 -23.01
N ALA C 13 41.19 -39.30 -23.48
CA ALA C 13 41.94 -38.36 -22.66
C ALA C 13 41.08 -37.82 -21.52
N ASN C 14 39.87 -37.37 -21.84
CA ASN C 14 38.93 -36.80 -20.87
C ASN C 14 39.59 -35.67 -20.07
N THR C 15 40.23 -34.76 -20.81
CA THR C 15 40.90 -33.61 -20.21
C THR C 15 39.87 -32.54 -19.85
N GLN C 16 39.96 -32.02 -18.63
CA GLN C 16 39.04 -31.01 -18.13
C GLN C 16 39.72 -29.65 -18.19
N PHE C 17 39.01 -28.66 -18.71
CA PHE C 17 39.50 -27.29 -18.82
C PHE C 17 38.46 -26.34 -18.24
N LEU C 18 38.71 -25.04 -18.41
CA LEU C 18 37.85 -23.99 -17.89
C LEU C 18 37.33 -23.11 -19.04
N SER C 19 36.10 -22.65 -18.88
CA SER C 19 35.46 -21.76 -19.86
C SER C 19 35.45 -20.34 -19.30
N SER C 20 35.96 -19.40 -20.10
CA SER C 20 36.08 -18.00 -19.67
C SER C 20 34.78 -17.26 -19.96
N HIS C 21 33.76 -17.58 -19.14
CA HIS C 21 32.45 -16.92 -19.18
C HIS C 21 31.90 -16.80 -20.60
N ARG C 22 31.94 -17.91 -21.34
CA ARG C 22 31.41 -17.98 -22.69
C ARG C 22 30.27 -18.98 -22.76
N GLY C 23 29.37 -18.76 -23.70
CA GLY C 23 28.28 -19.70 -23.92
C GLY C 23 26.89 -19.15 -23.67
N VAL C 24 26.69 -17.86 -23.93
CA VAL C 24 25.38 -17.24 -23.77
C VAL C 24 24.68 -17.22 -25.12
N TYR C 25 23.35 -17.09 -25.08
CA TYR C 25 22.54 -17.04 -26.29
C TYR C 25 21.39 -16.06 -26.09
N TYR C 26 20.79 -15.66 -27.20
CA TYR C 26 19.67 -14.72 -27.16
C TYR C 26 18.45 -15.42 -26.55
N PRO C 27 17.87 -14.88 -25.47
CA PRO C 27 16.75 -15.56 -24.82
C PRO C 27 15.48 -15.58 -25.67
N ASP C 28 15.04 -14.42 -26.14
CA ASP C 28 13.80 -14.30 -26.88
C ASP C 28 14.03 -13.51 -28.16
N ASP C 29 13.02 -13.51 -29.02
CA ASP C 29 13.09 -12.83 -30.31
C ASP C 29 12.48 -11.43 -30.22
N ILE C 30 13.06 -10.61 -29.33
CA ILE C 30 12.63 -9.25 -29.10
C ILE C 30 13.84 -8.34 -29.16
N PHE C 31 13.76 -7.26 -29.94
CA PHE C 31 14.86 -6.33 -30.10
C PHE C 31 14.95 -5.43 -28.88
N ARG C 32 16.12 -5.42 -28.24
CA ARG C 32 16.39 -4.55 -27.10
C ARG C 32 17.78 -3.96 -27.25
N SER C 33 17.88 -2.63 -27.10
CA SER C 33 19.13 -1.91 -27.28
C SER C 33 19.34 -0.95 -26.13
N ASN C 34 20.61 -0.81 -25.71
CA ASN C 34 21.01 0.12 -24.65
C ASN C 34 20.22 -0.13 -23.37
N VAL C 35 20.16 -1.40 -22.96
CA VAL C 35 19.43 -1.79 -21.76
C VAL C 35 20.11 -3.02 -21.16
N LEU C 36 20.15 -3.07 -19.83
CA LEU C 36 20.68 -4.22 -19.11
C LEU C 36 19.52 -5.11 -18.69
N HIS C 37 19.47 -6.33 -19.23
CA HIS C 37 18.34 -7.22 -19.04
C HIS C 37 18.75 -8.36 -18.11
N LEU C 38 17.87 -8.71 -17.18
CA LEU C 38 18.09 -9.81 -16.26
C LEU C 38 17.17 -10.96 -16.64
N VAL C 39 17.76 -12.14 -16.87
CA VAL C 39 17.03 -13.31 -17.31
C VAL C 39 17.37 -14.49 -16.42
N GLN C 40 16.48 -15.48 -16.42
CA GLN C 40 16.67 -16.71 -15.67
C GLN C 40 16.30 -17.88 -16.55
N ASP C 41 17.29 -18.64 -16.98
CA ASP C 41 17.10 -19.77 -17.89
C ASP C 41 18.27 -20.73 -17.68
N HIS C 42 18.34 -21.76 -18.53
CA HIS C 42 19.42 -22.73 -18.47
C HIS C 42 20.62 -22.17 -19.20
N PHE C 43 21.66 -21.80 -18.44
CA PHE C 43 22.87 -21.22 -19.00
C PHE C 43 24.07 -22.02 -18.54
N LEU C 44 25.17 -21.88 -19.28
CA LEU C 44 26.42 -22.52 -18.90
C LEU C 44 27.06 -21.74 -17.76
N PRO C 45 27.32 -22.37 -16.61
CA PRO C 45 27.90 -21.63 -15.48
C PRO C 45 29.27 -21.07 -15.83
N PHE C 46 29.55 -19.88 -15.29
CA PHE C 46 30.82 -19.23 -15.54
C PHE C 46 31.96 -19.99 -14.87
N ASP C 47 33.06 -20.16 -15.61
CA ASP C 47 34.25 -20.87 -15.12
C ASP C 47 33.89 -22.28 -14.64
N SER C 48 33.41 -23.09 -15.58
CA SER C 48 32.99 -24.46 -15.30
C SER C 48 33.85 -25.44 -16.07
N ASN C 49 33.81 -26.69 -15.63
CA ASN C 49 34.56 -27.76 -16.29
C ASN C 49 34.05 -27.98 -17.71
N VAL C 50 34.96 -28.29 -18.62
CA VAL C 50 34.63 -28.72 -19.97
C VAL C 50 35.49 -29.91 -20.32
N THR C 51 34.85 -31.00 -20.74
CA THR C 51 35.55 -32.24 -21.07
C THR C 51 35.94 -32.21 -22.54
N ARG C 52 37.24 -32.29 -22.81
CA ARG C 52 37.76 -32.21 -24.17
C ARG C 52 38.07 -33.61 -24.70
N PHE C 53 37.77 -33.82 -25.97
CA PHE C 53 38.10 -35.05 -26.68
C PHE C 53 38.92 -34.69 -27.91
N ILE C 54 40.07 -35.33 -28.06
CA ILE C 54 41.07 -34.94 -29.05
C ILE C 54 41.35 -36.13 -29.98
N THR C 55 41.46 -35.85 -31.26
CA THR C 55 41.77 -36.85 -32.29
C THR C 55 43.21 -36.65 -32.76
N PHE C 56 43.58 -37.47 -33.76
CA PHE C 56 44.88 -37.43 -34.44
C PHE C 56 46.01 -37.97 -33.55
N GLY C 57 45.71 -38.18 -32.27
CA GLY C 57 46.67 -38.81 -31.39
C GLY C 57 46.36 -40.28 -31.24
N LEU C 58 45.97 -40.91 -32.35
CA LEU C 58 45.47 -42.28 -32.40
C LEU C 58 44.19 -42.46 -31.58
N ASN C 59 43.56 -41.36 -31.16
CA ASN C 59 42.40 -41.40 -30.28
C ASN C 59 41.14 -41.10 -31.08
N PHE C 60 40.57 -42.14 -31.69
CA PHE C 60 39.26 -42.03 -32.32
C PHE C 60 38.23 -42.35 -31.25
N ASP C 61 37.83 -41.32 -30.51
CA ASP C 61 37.01 -41.51 -29.31
C ASP C 61 35.57 -41.86 -29.65
N ASN C 62 34.85 -40.93 -30.31
CA ASN C 62 33.43 -41.01 -30.67
C ASN C 62 32.55 -41.73 -29.66
N PRO C 63 32.67 -41.44 -28.35
CA PRO C 63 31.90 -42.21 -27.37
C PRO C 63 30.51 -41.63 -27.15
N ILE C 64 29.75 -42.21 -26.23
CA ILE C 64 28.45 -41.69 -25.85
C ILE C 64 28.61 -40.77 -24.64
N ILE C 65 27.97 -39.61 -24.70
CA ILE C 65 28.06 -38.59 -23.66
C ILE C 65 26.66 -38.33 -23.15
N PRO C 66 26.43 -38.33 -21.83
CA PRO C 66 25.09 -38.06 -21.32
C PRO C 66 24.60 -36.67 -21.71
N PHE C 67 23.29 -36.58 -21.93
CA PHE C 67 22.62 -35.33 -22.32
C PHE C 67 21.65 -34.97 -21.21
N LYS C 68 22.13 -34.25 -20.21
CA LYS C 68 21.34 -33.85 -19.05
C LYS C 68 21.10 -32.33 -19.14
N ASP C 69 19.85 -31.95 -19.32
CA ASP C 69 19.43 -30.55 -19.38
C ASP C 69 20.16 -29.76 -20.45
N GLY C 70 20.55 -30.42 -21.54
CA GLY C 70 21.24 -29.75 -22.62
C GLY C 70 22.76 -29.77 -22.46
N ILE C 71 23.45 -29.54 -23.58
CA ILE C 71 24.90 -29.51 -23.60
C ILE C 71 25.35 -28.29 -24.39
N TYR C 72 26.61 -27.91 -24.18
CA TYR C 72 27.25 -26.84 -24.95
C TYR C 72 28.39 -27.45 -25.73
N PHE C 73 28.23 -27.52 -27.06
CA PHE C 73 29.19 -28.19 -27.93
C PHE C 73 30.02 -27.13 -28.64
N ALA C 74 31.30 -27.05 -28.27
CA ALA C 74 32.25 -26.13 -28.89
C ALA C 74 33.37 -26.97 -29.49
N ALA C 75 33.52 -26.89 -30.82
CA ALA C 75 34.50 -27.66 -31.55
C ALA C 75 35.47 -26.72 -32.26
N THR C 76 36.77 -26.94 -32.04
CA THR C 76 37.81 -26.19 -32.73
C THR C 76 38.56 -27.15 -33.65
N GLU C 77 38.69 -26.77 -34.92
CA GLU C 77 39.30 -27.64 -35.91
C GLU C 77 39.66 -26.82 -37.14
N LYS C 78 40.89 -27.01 -37.64
CA LYS C 78 41.31 -26.39 -38.89
C LYS C 78 40.83 -27.15 -40.11
N SER C 79 40.38 -28.40 -39.94
CA SER C 79 39.83 -29.19 -41.02
C SER C 79 38.51 -29.80 -40.56
N ASN C 80 37.63 -30.05 -41.53
CA ASN C 80 36.29 -30.57 -41.25
C ASN C 80 36.39 -32.04 -40.88
N VAL C 81 36.55 -32.30 -39.59
CA VAL C 81 36.61 -33.66 -39.06
C VAL C 81 35.32 -34.03 -38.34
N ILE C 82 34.67 -33.07 -37.70
CA ILE C 82 33.38 -33.27 -37.04
C ILE C 82 32.30 -32.74 -37.96
N ARG C 83 31.30 -33.57 -38.26
CA ARG C 83 30.32 -33.24 -39.28
C ARG C 83 28.89 -33.53 -38.83
N GLY C 84 28.62 -33.54 -37.54
CA GLY C 84 27.27 -33.69 -37.06
C GLY C 84 27.22 -34.49 -35.78
N TRP C 85 26.00 -34.80 -35.36
CA TRP C 85 25.76 -35.52 -34.11
C TRP C 85 24.63 -36.51 -34.31
N VAL C 86 24.45 -37.38 -33.31
CA VAL C 86 23.30 -38.28 -33.24
C VAL C 86 22.74 -38.23 -31.82
N PHE C 87 21.44 -37.99 -31.71
CA PHE C 87 20.77 -37.88 -30.42
C PHE C 87 19.76 -38.99 -30.29
N GLY C 88 19.79 -39.70 -29.15
CA GLY C 88 18.88 -40.79 -28.92
C GLY C 88 18.86 -41.18 -27.46
N SER C 89 17.97 -42.12 -27.14
CA SER C 89 17.84 -42.59 -25.76
C SER C 89 18.72 -43.82 -25.52
N THR C 90 18.50 -44.88 -26.29
CA THR C 90 19.26 -46.12 -26.14
C THR C 90 20.21 -46.39 -27.29
N MET C 91 20.15 -45.59 -28.36
CA MET C 91 21.02 -45.72 -29.54
C MET C 91 20.85 -47.06 -30.27
N ASN C 92 19.83 -47.84 -29.92
CA ASN C 92 19.52 -49.08 -30.61
C ASN C 92 18.41 -48.83 -31.63
N ASN C 93 17.90 -49.89 -32.25
CA ASN C 93 16.76 -49.79 -33.14
C ASN C 93 15.44 -50.05 -32.43
N LYS C 94 15.40 -49.91 -31.11
CA LYS C 94 14.18 -50.04 -30.33
C LYS C 94 13.69 -48.70 -29.80
N SER C 95 14.46 -47.64 -29.95
CA SER C 95 14.06 -46.30 -29.53
C SER C 95 14.42 -45.31 -30.64
N GLN C 96 13.52 -44.36 -30.88
CA GLN C 96 13.73 -43.39 -31.96
C GLN C 96 14.90 -42.47 -31.65
N SER C 97 15.70 -42.19 -32.68
CA SER C 97 16.85 -41.30 -32.55
C SER C 97 16.88 -40.35 -33.73
N VAL C 98 17.38 -39.14 -33.48
CA VAL C 98 17.47 -38.09 -34.49
C VAL C 98 18.94 -37.87 -34.80
N ILE C 99 19.29 -37.90 -36.08
CA ILE C 99 20.66 -37.69 -36.54
C ILE C 99 20.71 -36.45 -37.42
N ILE C 100 21.81 -35.71 -37.32
CA ILE C 100 22.07 -34.54 -38.13
C ILE C 100 23.47 -34.70 -38.70
N MET C 101 23.56 -34.84 -40.02
CA MET C 101 24.84 -35.05 -40.69
C MET C 101 25.09 -33.93 -41.69
N ASN C 102 26.30 -33.40 -41.69
CA ASN C 102 26.72 -32.39 -42.67
C ASN C 102 27.40 -33.03 -43.87
N ASN C 103 26.76 -34.03 -44.47
CA ASN C 103 27.26 -34.58 -45.72
C ASN C 103 27.14 -33.53 -46.82
N SER C 104 28.14 -33.48 -47.69
CA SER C 104 28.27 -32.39 -48.64
C SER C 104 27.05 -32.28 -49.55
N THR C 105 26.90 -31.10 -50.16
CA THR C 105 25.86 -30.70 -51.10
C THR C 105 24.49 -30.55 -50.47
N ASN C 106 24.36 -30.67 -49.15
CA ASN C 106 23.12 -30.40 -48.43
C ASN C 106 23.40 -30.51 -46.93
N LEU C 107 22.33 -30.43 -46.14
CA LEU C 107 22.38 -30.76 -44.71
C LEU C 107 21.14 -31.58 -44.38
N VAL C 108 21.35 -32.73 -43.74
CA VAL C 108 20.30 -33.72 -43.56
C VAL C 108 19.94 -33.81 -42.08
N ILE C 109 18.64 -33.71 -41.79
CA ILE C 109 18.10 -33.95 -40.45
C ILE C 109 17.03 -35.03 -40.58
N ARG C 110 17.16 -36.12 -39.89
CA ARG C 110 16.19 -37.14 -40.07
C ARG C 110 16.00 -37.83 -38.82
N ALA C 111 14.84 -38.36 -38.53
CA ALA C 111 14.63 -38.95 -37.26
C ALA C 111 13.87 -40.17 -37.37
N CYS C 112 14.39 -41.28 -37.00
CA CYS C 112 13.69 -42.49 -37.22
C CYS C 112 14.32 -43.57 -36.41
N ASN C 113 13.76 -44.74 -36.38
CA ASN C 113 14.28 -45.88 -35.61
C ASN C 113 15.50 -46.41 -36.37
N PHE C 114 16.68 -45.89 -36.02
CA PHE C 114 17.89 -46.13 -36.78
C PHE C 114 18.67 -47.29 -36.20
N GLU C 115 19.21 -48.14 -37.08
CA GLU C 115 20.10 -49.23 -36.67
C GLU C 115 21.52 -48.68 -36.62
N LEU C 116 21.87 -48.15 -35.46
CA LEU C 116 23.21 -47.59 -35.27
C LEU C 116 24.27 -48.67 -35.40
N CYS C 117 25.37 -48.35 -36.07
CA CYS C 117 26.45 -49.29 -36.28
C CYS C 117 27.41 -49.36 -35.10
N ASP C 118 27.13 -48.62 -34.02
CA ASP C 118 27.91 -48.64 -32.78
C ASP C 118 29.25 -47.94 -32.98
N ASN C 119 29.57 -47.59 -34.23
CA ASN C 119 30.82 -46.90 -34.55
C ASN C 119 30.60 -46.04 -35.79
N PRO C 120 30.13 -44.80 -35.60
CA PRO C 120 29.88 -43.93 -36.75
C PRO C 120 31.15 -43.67 -37.54
N PHE C 121 30.99 -43.50 -38.85
CA PHE C 121 32.13 -43.41 -39.75
C PHE C 121 31.88 -42.35 -40.82
N PHE C 122 32.96 -41.72 -41.27
CA PHE C 122 32.94 -40.79 -42.39
C PHE C 122 34.30 -40.82 -43.03
N VAL C 123 34.42 -41.52 -44.16
CA VAL C 123 35.70 -41.85 -44.76
C VAL C 123 35.98 -40.90 -45.91
N VAL C 124 37.17 -40.32 -45.92
CA VAL C 124 37.66 -39.53 -47.04
C VAL C 124 39.16 -39.75 -47.15
N LEU C 125 39.64 -40.00 -48.36
CA LEU C 125 41.04 -40.32 -48.58
C LEU C 125 41.83 -39.05 -48.87
N LYS C 126 43.07 -39.00 -48.35
CA LYS C 126 43.90 -37.82 -48.52
C LYS C 126 44.60 -37.80 -49.87
N SER C 127 44.52 -38.88 -50.64
CA SER C 127 45.19 -38.93 -51.94
C SER C 127 44.57 -37.94 -52.92
N ASN C 128 43.24 -37.98 -53.04
CA ASN C 128 42.53 -37.09 -53.95
C ASN C 128 41.61 -36.12 -53.23
N ASN C 129 41.55 -36.18 -51.90
CA ASN C 129 40.69 -35.31 -51.08
C ASN C 129 39.23 -35.38 -51.53
N THR C 130 38.79 -36.62 -51.79
CA THR C 130 37.44 -36.88 -52.27
C THR C 130 36.71 -37.78 -51.28
N GLN C 131 35.46 -37.45 -50.99
CA GLN C 131 34.67 -38.24 -50.06
C GLN C 131 34.09 -39.46 -50.74
N ILE C 132 34.13 -40.60 -50.04
CA ILE C 132 33.59 -41.85 -50.55
C ILE C 132 32.50 -42.32 -49.59
N PRO C 133 31.53 -43.12 -50.04
CA PRO C 133 30.40 -43.48 -49.17
C PRO C 133 30.86 -44.20 -47.90
N SER C 134 30.16 -43.93 -46.82
CA SER C 134 30.40 -44.54 -45.51
C SER C 134 29.08 -45.13 -44.98
N TYR C 135 29.18 -45.77 -43.82
CA TYR C 135 28.03 -46.44 -43.20
C TYR C 135 27.84 -45.87 -41.80
N ILE C 136 26.72 -45.23 -41.51
CA ILE C 136 26.46 -44.81 -40.13
C ILE C 136 25.39 -45.71 -39.59
N PHE C 137 24.45 -46.12 -40.44
CA PHE C 137 23.39 -47.04 -40.03
C PHE C 137 23.02 -48.05 -41.09
N ASN C 138 22.44 -49.15 -40.67
CA ASN C 138 22.07 -50.20 -41.60
C ASN C 138 20.56 -50.31 -42.01
N ASN C 139 19.61 -49.78 -41.25
CA ASN C 139 18.21 -49.83 -41.63
C ASN C 139 17.49 -48.59 -41.10
N ALA C 140 16.20 -48.37 -41.39
CA ALA C 140 15.53 -47.14 -40.96
C ALA C 140 14.24 -47.37 -40.27
N PHE C 141 13.49 -48.37 -40.66
CA PHE C 141 12.34 -48.68 -39.92
C PHE C 141 11.42 -47.48 -39.90
N ASN C 142 10.69 -47.23 -38.81
CA ASN C 142 9.69 -46.17 -38.71
C ASN C 142 10.12 -44.73 -38.68
N CYS C 143 9.58 -43.87 -39.53
CA CYS C 143 10.07 -42.48 -39.62
C CYS C 143 9.13 -41.39 -39.16
N THR C 144 9.62 -40.21 -38.81
CA THR C 144 8.82 -39.19 -38.28
C THR C 144 9.29 -37.80 -38.49
N PHE C 145 10.34 -37.56 -39.29
CA PHE C 145 10.85 -36.19 -39.62
C PHE C 145 11.77 -36.29 -40.75
N GLU C 146 12.03 -35.18 -41.37
CA GLU C 146 12.93 -35.18 -42.48
C GLU C 146 13.14 -33.81 -42.95
N TYR C 147 14.32 -33.51 -43.38
CA TYR C 147 14.62 -32.14 -43.81
C TYR C 147 15.94 -32.15 -44.56
N VAL C 148 15.94 -31.56 -45.77
CA VAL C 148 17.13 -31.44 -46.60
C VAL C 148 17.33 -29.97 -46.93
N SER C 149 18.53 -29.47 -46.67
CA SER C 149 18.82 -28.05 -46.84
C SER C 149 19.38 -27.79 -48.25
N LYS C 150 19.89 -26.59 -48.47
CA LYS C 150 20.43 -26.22 -49.77
C LYS C 150 21.85 -26.77 -49.93
N ASP C 151 22.39 -26.62 -51.13
CA ASP C 151 23.65 -27.25 -51.52
C ASP C 151 24.83 -26.34 -51.20
N PHE C 152 25.88 -26.93 -50.65
CA PHE C 152 27.15 -26.24 -50.43
C PHE C 152 28.27 -27.27 -50.41
N ASN C 153 29.49 -26.80 -50.64
CA ASN C 153 30.67 -27.66 -50.64
C ASN C 153 31.68 -27.13 -49.64
N LEU C 154 32.09 -27.99 -48.71
CA LEU C 154 33.08 -27.67 -47.69
C LEU C 154 34.41 -28.29 -48.07
N ASP C 155 35.48 -27.55 -47.86
CA ASP C 155 36.80 -27.99 -48.31
C ASP C 155 37.29 -29.17 -47.48
N LEU C 156 37.55 -30.30 -48.16
CA LEU C 156 38.11 -31.48 -47.51
C LEU C 156 39.63 -31.52 -47.52
N GLY C 157 40.28 -30.53 -48.14
CA GLY C 157 41.73 -30.54 -48.19
C GLY C 157 42.33 -30.37 -46.81
N GLU C 158 43.30 -31.23 -46.49
CA GLU C 158 43.96 -31.18 -45.20
C GLU C 158 44.81 -29.93 -45.08
N LYS C 159 44.81 -29.34 -43.87
CA LYS C 159 45.57 -28.15 -43.59
C LYS C 159 46.67 -28.45 -42.58
N PRO C 160 47.88 -27.92 -42.80
CA PRO C 160 48.99 -28.23 -41.88
C PRO C 160 49.06 -27.29 -40.70
N GLY C 161 48.39 -26.15 -40.79
CA GLY C 161 48.44 -25.16 -39.74
C GLY C 161 47.63 -25.56 -38.52
N ASN C 162 47.72 -24.71 -37.49
CA ASN C 162 47.00 -24.95 -36.25
C ASN C 162 45.50 -24.71 -36.46
N PHE C 163 44.75 -24.86 -35.38
CA PHE C 163 43.30 -24.66 -35.45
C PHE C 163 42.97 -23.25 -35.89
N LYS C 164 42.07 -23.14 -36.88
CA LYS C 164 41.82 -21.87 -37.53
C LYS C 164 40.44 -21.28 -37.23
N ASP C 165 39.46 -22.10 -36.84
CA ASP C 165 38.12 -21.58 -36.60
C ASP C 165 37.52 -22.28 -35.39
N LEU C 166 36.64 -21.56 -34.69
CA LEU C 166 35.91 -22.08 -33.55
C LEU C 166 34.42 -22.03 -33.85
N ARG C 167 33.76 -23.18 -33.71
CA ARG C 167 32.32 -23.28 -33.94
C ARG C 167 31.68 -23.87 -32.69
N GLU C 168 30.78 -23.10 -32.07
CA GLU C 168 30.13 -23.50 -30.83
C GLU C 168 28.63 -23.59 -31.04
N PHE C 169 28.02 -24.61 -30.43
CA PHE C 169 26.59 -24.84 -30.53
C PHE C 169 26.02 -25.11 -29.15
N VAL C 170 24.71 -24.85 -29.01
CA VAL C 170 23.98 -25.11 -27.78
C VAL C 170 22.71 -25.87 -28.14
N PHE C 171 22.50 -27.01 -27.49
CA PHE C 171 21.33 -27.84 -27.71
C PHE C 171 20.52 -27.93 -26.43
N ARG C 172 19.19 -27.87 -26.57
CA ARG C 172 18.31 -27.93 -25.42
C ARG C 172 16.98 -28.55 -25.84
N ASN C 173 16.51 -29.52 -25.07
CA ASN C 173 15.25 -30.20 -25.32
C ASN C 173 14.22 -29.73 -24.30
N LYS C 174 13.16 -29.09 -24.77
CA LYS C 174 12.13 -28.56 -23.89
C LYS C 174 10.78 -28.59 -24.61
N ASP C 175 9.79 -29.20 -23.97
CA ASP C 175 8.43 -29.27 -24.49
C ASP C 175 8.40 -29.91 -25.88
N GLY C 176 9.23 -30.93 -26.09
CA GLY C 176 9.26 -31.61 -27.35
C GLY C 176 9.95 -30.87 -28.47
N PHE C 177 10.67 -29.79 -28.16
CA PHE C 177 11.38 -28.99 -29.15
C PHE C 177 12.87 -29.01 -28.83
N LEU C 178 13.69 -29.21 -29.85
CA LEU C 178 15.15 -29.20 -29.71
C LEU C 178 15.69 -27.90 -30.27
N HIS C 179 15.89 -26.92 -29.39
CA HIS C 179 16.40 -25.62 -29.79
C HIS C 179 17.91 -25.71 -30.06
N VAL C 180 18.34 -25.15 -31.17
CA VAL C 180 19.74 -25.17 -31.58
C VAL C 180 20.19 -23.73 -31.82
N TYR C 181 21.29 -23.34 -31.19
CA TYR C 181 21.90 -22.03 -31.38
C TYR C 181 23.30 -22.22 -31.93
N SER C 182 23.71 -21.36 -32.86
CA SER C 182 24.97 -21.49 -33.56
C SER C 182 25.78 -20.20 -33.46
N GLY C 183 27.10 -20.37 -33.50
CA GLY C 183 28.01 -19.24 -33.47
C GLY C 183 29.39 -19.66 -33.92
N TYR C 184 30.12 -18.72 -34.49
CA TYR C 184 31.44 -19.00 -35.05
C TYR C 184 32.30 -17.76 -34.95
N GLN C 185 33.59 -17.96 -34.63
CA GLN C 185 34.55 -16.88 -34.53
C GLN C 185 35.94 -17.39 -34.90
N PRO C 186 36.75 -16.58 -35.57
CA PRO C 186 38.11 -17.02 -35.90
C PRO C 186 38.97 -17.16 -34.66
N ILE C 187 39.97 -18.03 -34.74
CA ILE C 187 40.86 -18.31 -33.63
C ILE C 187 42.11 -18.96 -34.18
N SER C 188 43.25 -18.69 -33.54
CA SER C 188 44.54 -19.26 -33.93
C SER C 188 45.27 -19.71 -32.67
N ALA C 189 45.10 -20.99 -32.32
CA ALA C 189 45.75 -21.55 -31.14
C ALA C 189 45.76 -23.06 -31.26
N ALA C 190 46.41 -23.71 -30.31
CA ALA C 190 46.49 -25.14 -30.38
C ALA C 190 46.09 -25.80 -29.10
N SER C 191 45.44 -25.08 -28.21
CA SER C 191 45.16 -25.68 -26.91
C SER C 191 44.09 -25.05 -26.03
N GLY C 192 43.34 -25.88 -25.31
CA GLY C 192 42.32 -25.36 -24.43
C GLY C 192 41.29 -24.64 -25.25
N LEU C 193 40.51 -23.78 -24.63
CA LEU C 193 39.46 -23.14 -25.35
C LEU C 193 39.69 -21.71 -25.36
N PRO C 194 39.80 -21.17 -26.52
CA PRO C 194 40.02 -19.75 -26.61
C PRO C 194 39.24 -18.86 -25.60
N THR C 195 39.92 -18.00 -24.84
CA THR C 195 39.33 -17.00 -23.94
C THR C 195 38.71 -15.88 -24.76
N GLY C 196 37.46 -15.56 -24.43
CA GLY C 196 36.76 -14.49 -25.14
C GLY C 196 35.28 -14.54 -24.84
N PHE C 197 34.53 -13.78 -25.62
CA PHE C 197 33.07 -13.69 -25.49
C PHE C 197 32.43 -13.79 -26.87
N ASN C 198 31.27 -14.45 -26.92
CA ASN C 198 30.55 -14.61 -28.17
C ASN C 198 29.09 -14.92 -27.86
N ALA C 199 28.20 -14.28 -28.62
CA ALA C 199 26.77 -14.48 -28.47
C ALA C 199 26.26 -15.43 -29.54
N LEU C 200 25.42 -16.38 -29.13
CA LEU C 200 24.89 -17.41 -30.01
C LEU C 200 23.49 -17.03 -30.47
N LYS C 201 23.25 -17.13 -31.79
CA LYS C 201 21.97 -16.79 -32.38
C LYS C 201 21.13 -18.03 -32.63
N PRO C 202 19.80 -17.93 -32.51
CA PRO C 202 18.94 -19.09 -32.79
C PRO C 202 19.01 -19.48 -34.26
N ILE C 203 19.12 -20.79 -34.50
CA ILE C 203 19.20 -21.31 -35.86
C ILE C 203 18.20 -22.42 -36.15
N PHE C 204 17.68 -23.12 -35.15
CA PHE C 204 16.77 -24.24 -35.41
C PHE C 204 15.84 -24.43 -34.23
N LYS C 205 14.65 -24.95 -34.53
CA LYS C 205 13.68 -25.41 -33.52
C LYS C 205 13.02 -26.66 -34.11
N LEU C 206 13.58 -27.82 -33.80
CA LEU C 206 13.15 -29.06 -34.43
C LEU C 206 11.98 -29.66 -33.64
N PRO C 207 10.82 -29.86 -34.26
CA PRO C 207 9.65 -30.45 -33.56
C PRO C 207 9.65 -31.97 -33.56
N LEU C 208 10.47 -32.55 -32.68
CA LEU C 208 10.57 -34.00 -32.53
C LEU C 208 10.41 -34.36 -31.06
N GLY C 209 9.53 -35.31 -30.78
CA GLY C 209 9.31 -35.76 -29.41
C GLY C 209 10.11 -36.99 -29.07
N ILE C 210 11.26 -36.79 -28.43
CA ILE C 210 12.16 -37.87 -28.06
C ILE C 210 12.73 -37.58 -26.67
N ASN C 211 12.77 -38.61 -25.83
CA ASN C 211 13.42 -38.50 -24.52
C ASN C 211 14.93 -38.50 -24.71
N ILE C 212 15.42 -37.39 -25.26
CA ILE C 212 16.83 -37.26 -25.57
C ILE C 212 17.63 -37.25 -24.28
N THR C 213 18.45 -38.28 -24.07
CA THR C 213 19.25 -38.40 -22.86
C THR C 213 20.71 -38.73 -23.13
N ASN C 214 21.04 -39.25 -24.32
CA ASN C 214 22.41 -39.56 -24.69
C ASN C 214 22.71 -38.93 -26.04
N PHE C 215 23.97 -38.54 -26.23
CA PHE C 215 24.38 -37.91 -27.48
C PHE C 215 25.76 -38.42 -27.85
N ARG C 216 26.02 -38.46 -29.16
CA ARG C 216 27.29 -38.92 -29.68
C ARG C 216 27.60 -38.15 -30.95
N THR C 217 28.86 -37.75 -31.10
CA THR C 217 29.27 -36.96 -32.26
C THR C 217 29.66 -37.88 -33.43
N LEU C 218 29.73 -37.27 -34.61
CA LEU C 218 30.13 -37.96 -35.83
C LEU C 218 31.49 -37.42 -36.26
N LEU C 219 32.45 -38.32 -36.43
CA LEU C 219 33.81 -37.95 -36.77
C LEU C 219 34.16 -38.43 -38.19
N THR C 220 35.20 -37.82 -38.75
CA THR C 220 35.69 -38.15 -40.08
C THR C 220 37.10 -38.71 -39.97
N ALA C 221 37.32 -39.87 -40.60
CA ALA C 221 38.60 -40.56 -40.52
C ALA C 221 39.28 -40.57 -41.89
N PHE C 222 40.60 -40.35 -41.88
CA PHE C 222 41.38 -40.40 -43.10
C PHE C 222 42.20 -41.68 -43.11
N PRO C 223 41.90 -42.64 -44.01
CA PRO C 223 42.63 -43.90 -44.08
C PRO C 223 43.89 -43.80 -44.94
N TRP C 229 41.96 -46.16 -40.36
CA TRP C 229 42.49 -45.97 -39.02
C TRP C 229 43.36 -44.71 -38.96
N GLY C 230 43.00 -43.79 -38.08
CA GLY C 230 43.68 -42.52 -37.96
C GLY C 230 42.93 -41.40 -38.67
N THR C 231 43.17 -40.18 -38.19
CA THR C 231 42.47 -39.00 -38.71
C THR C 231 43.33 -37.78 -38.42
N SER C 232 42.78 -36.59 -38.70
CA SER C 232 43.47 -35.33 -38.50
C SER C 232 43.09 -34.72 -37.16
N ALA C 233 43.66 -33.55 -36.88
CA ALA C 233 43.52 -32.92 -35.58
C ALA C 233 42.19 -32.20 -35.47
N ALA C 234 41.44 -32.49 -34.40
CA ALA C 234 40.17 -31.84 -34.12
C ALA C 234 39.76 -32.09 -32.68
N ALA C 235 39.44 -31.03 -31.95
CA ALA C 235 39.05 -31.11 -30.55
C ALA C 235 37.70 -30.44 -30.35
N TYR C 236 36.81 -31.12 -29.63
CA TYR C 236 35.49 -30.59 -29.31
C TYR C 236 35.27 -30.69 -27.81
N PHE C 237 34.68 -29.64 -27.24
CA PHE C 237 34.45 -29.53 -25.80
C PHE C 237 32.97 -29.67 -25.51
N VAL C 238 32.64 -30.32 -24.39
CA VAL C 238 31.27 -30.55 -23.97
C VAL C 238 31.07 -29.90 -22.61
N GLY C 239 30.05 -29.04 -22.53
CA GLY C 239 29.73 -28.38 -21.28
C GLY C 239 28.25 -28.44 -20.95
N TYR C 240 27.91 -28.83 -19.73
CA TYR C 240 26.53 -28.98 -19.31
C TYR C 240 25.98 -27.67 -18.78
N LEU C 241 24.74 -27.36 -19.14
CA LEU C 241 24.06 -26.17 -18.67
C LEU C 241 23.28 -26.47 -17.39
N LYS C 242 23.14 -25.46 -16.55
CA LYS C 242 22.42 -25.56 -15.30
C LYS C 242 21.53 -24.34 -15.15
N PRO C 243 20.41 -24.47 -14.45
CA PRO C 243 19.53 -23.31 -14.24
C PRO C 243 20.20 -22.25 -13.38
N THR C 244 20.44 -21.09 -13.97
CA THR C 244 21.12 -19.99 -13.30
C THR C 244 20.41 -18.69 -13.64
N THR C 245 20.97 -17.59 -13.15
CA THR C 245 20.44 -16.26 -13.40
C THR C 245 21.55 -15.39 -14.00
N PHE C 246 21.24 -14.73 -15.12
CA PHE C 246 22.23 -13.96 -15.86
C PHE C 246 21.74 -12.53 -16.07
N MET C 247 22.68 -11.64 -16.33
CA MET C 247 22.39 -10.27 -16.75
C MET C 247 23.10 -10.02 -18.08
N LEU C 248 22.34 -9.59 -19.07
CA LEU C 248 22.88 -9.35 -20.41
C LEU C 248 22.91 -7.85 -20.70
N LYS C 249 23.90 -7.44 -21.47
CA LYS C 249 24.10 -6.05 -21.83
C LYS C 249 23.93 -5.89 -23.34
N TYR C 250 23.08 -4.95 -23.74
CA TYR C 250 22.86 -4.63 -25.14
C TYR C 250 23.45 -3.26 -25.44
N ASP C 251 24.22 -3.18 -26.53
CA ASP C 251 24.79 -1.92 -26.96
C ASP C 251 23.75 -1.13 -27.75
N GLU C 252 24.18 -0.08 -28.45
CA GLU C 252 23.26 0.70 -29.27
C GLU C 252 22.67 -0.17 -30.38
N ASN C 253 23.43 -1.15 -30.86
CA ASN C 253 22.93 -2.12 -31.82
C ASN C 253 22.35 -3.33 -31.11
N GLY C 254 21.59 -4.13 -31.84
CA GLY C 254 20.96 -5.30 -31.26
C GLY C 254 21.88 -6.48 -31.10
N THR C 255 22.86 -6.39 -30.20
CA THR C 255 23.83 -7.44 -29.96
C THR C 255 24.13 -7.56 -28.48
N ILE C 256 24.64 -8.72 -28.08
CA ILE C 256 25.08 -8.94 -26.70
C ILE C 256 26.60 -8.92 -26.66
N THR C 257 27.16 -8.03 -25.84
CA THR C 257 28.61 -7.86 -25.77
C THR C 257 29.23 -8.30 -24.46
N ASP C 258 28.45 -8.42 -23.38
CA ASP C 258 29.00 -8.85 -22.10
C ASP C 258 27.86 -9.38 -21.23
N ALA C 259 28.23 -10.23 -20.27
CA ALA C 259 27.27 -10.81 -19.35
C ALA C 259 27.98 -11.24 -18.08
N VAL C 260 27.25 -11.21 -16.97
CA VAL C 260 27.77 -11.62 -15.67
C VAL C 260 26.88 -12.72 -15.11
N ASP C 261 27.43 -13.51 -14.20
CA ASP C 261 26.70 -14.58 -13.54
C ASP C 261 26.43 -14.17 -12.09
N CYS C 262 25.18 -14.27 -11.68
CA CYS C 262 24.76 -13.82 -10.35
C CYS C 262 25.14 -14.80 -9.24
N SER C 263 25.98 -15.80 -9.52
CA SER C 263 26.41 -16.73 -8.49
C SER C 263 27.88 -17.09 -8.58
N GLN C 264 28.65 -16.50 -9.50
CA GLN C 264 30.06 -16.86 -9.64
C GLN C 264 30.88 -16.30 -8.48
N ASN C 265 30.69 -15.03 -8.17
CA ASN C 265 31.46 -14.34 -7.14
C ASN C 265 30.54 -13.42 -6.36
N PRO C 266 30.87 -13.13 -5.10
CA PRO C 266 30.07 -12.14 -4.35
C PRO C 266 30.03 -10.78 -5.01
N LEU C 267 31.13 -10.35 -5.65
CA LEU C 267 31.11 -9.11 -6.39
C LEU C 267 30.13 -9.16 -7.55
N ALA C 268 30.08 -10.30 -8.25
CA ALA C 268 29.10 -10.46 -9.32
C ALA C 268 27.68 -10.48 -8.78
N GLU C 269 27.47 -11.08 -7.61
CA GLU C 269 26.15 -11.05 -6.98
C GLU C 269 25.73 -9.62 -6.65
N LEU C 270 26.66 -8.83 -6.12
CA LEU C 270 26.37 -7.43 -5.82
C LEU C 270 26.08 -6.65 -7.10
N LYS C 271 26.83 -6.92 -8.17
CA LYS C 271 26.56 -6.26 -9.45
C LYS C 271 25.18 -6.63 -9.97
N CYS C 272 24.77 -7.89 -9.78
CA CYS C 272 23.42 -8.30 -10.16
C CYS C 272 22.37 -7.56 -9.33
N SER C 273 22.64 -7.39 -8.03
CA SER C 273 21.67 -6.73 -7.16
C SER C 273 21.49 -5.26 -7.54
N VAL C 274 22.57 -4.57 -7.88
CA VAL C 274 22.51 -3.15 -8.21
C VAL C 274 22.21 -2.90 -9.67
N LYS C 275 22.30 -3.91 -10.53
CA LYS C 275 22.07 -3.79 -11.97
C LYS C 275 23.01 -2.75 -12.59
N SER C 276 24.30 -3.00 -12.45
CA SER C 276 25.32 -2.14 -13.03
C SER C 276 26.60 -2.95 -13.21
N PHE C 277 27.47 -2.45 -14.09
CA PHE C 277 28.74 -3.11 -14.37
C PHE C 277 29.92 -2.45 -13.68
N GLU C 278 29.74 -1.26 -13.11
CA GLU C 278 30.78 -0.55 -12.39
C GLU C 278 30.31 -0.29 -10.96
N ILE C 279 31.18 -0.56 -9.99
CA ILE C 279 30.86 -0.42 -8.58
C ILE C 279 31.86 0.53 -7.95
N ASP C 280 31.36 1.55 -7.26
CA ASP C 280 32.22 2.49 -6.56
C ASP C 280 32.65 1.92 -5.21
N LYS C 281 33.54 2.65 -4.54
CA LYS C 281 34.05 2.19 -3.26
C LYS C 281 32.96 2.25 -2.18
N GLY C 282 33.11 1.39 -1.18
CA GLY C 282 32.15 1.34 -0.09
C GLY C 282 31.83 -0.08 0.34
N ILE C 283 30.93 -0.22 1.31
CA ILE C 283 30.51 -1.52 1.82
C ILE C 283 29.02 -1.68 1.52
N TYR C 284 28.68 -2.75 0.81
CA TYR C 284 27.30 -3.02 0.41
C TYR C 284 26.81 -4.31 1.08
N GLN C 285 25.49 -4.42 1.19
CA GLN C 285 24.84 -5.57 1.81
C GLN C 285 24.17 -6.39 0.71
N THR C 286 24.64 -7.61 0.52
CA THR C 286 24.08 -8.53 -0.45
C THR C 286 23.11 -9.48 0.24
N SER C 287 22.66 -10.50 -0.49
CA SER C 287 21.78 -11.50 0.08
C SER C 287 22.51 -12.32 1.13
N ASN C 288 21.74 -12.84 2.08
CA ASN C 288 22.33 -13.60 3.18
C ASN C 288 22.92 -14.91 2.69
N PHE C 289 23.73 -15.53 3.54
CA PHE C 289 24.40 -16.77 3.19
C PHE C 289 23.39 -17.89 3.04
N ARG C 290 23.42 -18.57 1.88
CA ARG C 290 22.46 -19.61 1.56
C ARG C 290 23.16 -20.95 1.45
N VAL C 291 22.48 -22.01 1.89
CA VAL C 291 22.99 -23.36 1.79
C VAL C 291 22.08 -24.15 0.85
N ALA C 292 22.70 -25.02 0.03
CA ALA C 292 21.97 -25.76 -0.97
C ALA C 292 21.58 -27.14 -0.47
N PRO C 293 20.35 -27.58 -0.72
CA PRO C 293 19.94 -28.93 -0.32
C PRO C 293 20.74 -30.00 -1.05
N SER C 294 20.91 -31.14 -0.39
CA SER C 294 21.72 -32.22 -0.93
C SER C 294 20.94 -33.51 -1.16
N LYS C 295 20.25 -34.02 -0.14
CA LYS C 295 19.62 -35.33 -0.19
C LYS C 295 18.11 -35.22 0.02
N GLU C 296 17.45 -36.37 0.04
CA GLU C 296 16.01 -36.47 0.21
C GLU C 296 15.71 -37.39 1.38
N VAL C 297 14.75 -37.00 2.21
CA VAL C 297 14.43 -37.75 3.44
C VAL C 297 12.96 -38.16 3.41
N VAL C 298 12.47 -38.54 2.23
CA VAL C 298 11.08 -38.98 2.11
C VAL C 298 10.81 -40.10 3.09
N ARG C 299 9.75 -39.94 3.90
CA ARG C 299 9.42 -40.90 4.95
C ARG C 299 7.91 -41.07 4.99
N PHE C 300 7.44 -42.30 4.81
CA PHE C 300 6.04 -42.64 4.79
C PHE C 300 5.75 -43.73 5.82
N PRO C 301 4.49 -43.87 6.26
CA PRO C 301 4.18 -44.86 7.30
C PRO C 301 4.37 -46.30 6.83
N ASN C 302 4.18 -47.25 7.76
CA ASN C 302 4.38 -48.67 7.48
C ASN C 302 3.07 -49.25 6.92
N ILE C 303 2.82 -49.00 5.65
CA ILE C 303 1.63 -49.52 4.97
C ILE C 303 2.08 -50.51 3.90
N THR C 304 1.59 -51.74 4.00
CA THR C 304 1.98 -52.79 3.06
C THR C 304 0.80 -53.48 2.40
N ASN C 305 -0.40 -52.92 2.48
CA ASN C 305 -1.60 -53.54 1.91
C ASN C 305 -2.19 -52.64 0.85
N LEU C 306 -2.55 -53.23 -0.28
CA LEU C 306 -3.22 -52.49 -1.34
C LEU C 306 -4.63 -52.11 -0.91
N CYS C 307 -5.09 -50.97 -1.40
CA CYS C 307 -6.40 -50.48 -1.01
C CYS C 307 -7.49 -51.33 -1.65
N PRO C 308 -8.65 -51.45 -0.99
CA PRO C 308 -9.77 -52.17 -1.61
C PRO C 308 -10.32 -51.43 -2.81
N PHE C 309 -9.98 -51.89 -4.01
CA PHE C 309 -10.51 -51.34 -5.24
C PHE C 309 -11.47 -52.30 -5.93
N GLY C 310 -11.79 -53.42 -5.30
CA GLY C 310 -12.76 -54.37 -5.84
C GLY C 310 -14.02 -54.38 -5.00
N GLU C 311 -13.88 -54.19 -3.70
CA GLU C 311 -15.05 -54.06 -2.83
C GLU C 311 -15.85 -52.82 -3.22
N VAL C 312 -15.16 -51.72 -3.51
CA VAL C 312 -15.78 -50.55 -4.11
C VAL C 312 -15.37 -50.52 -5.58
N PHE C 313 -16.17 -49.84 -6.40
CA PHE C 313 -16.00 -49.71 -7.84
C PHE C 313 -16.32 -51.01 -8.56
N ASN C 314 -16.52 -52.09 -7.82
CA ASN C 314 -16.91 -53.38 -8.41
C ASN C 314 -17.86 -54.13 -7.49
N ALA C 315 -18.66 -53.40 -6.72
CA ALA C 315 -19.62 -54.03 -5.83
C ALA C 315 -20.78 -54.62 -6.63
N THR C 316 -21.25 -55.79 -6.20
CA THR C 316 -22.35 -56.44 -6.89
C THR C 316 -23.65 -55.65 -6.77
N THR C 317 -23.89 -55.04 -5.61
CA THR C 317 -25.10 -54.27 -5.37
C THR C 317 -24.71 -52.85 -4.97
N PHE C 318 -25.41 -51.87 -5.53
CA PHE C 318 -25.18 -50.47 -5.22
C PHE C 318 -26.43 -49.84 -4.65
N PRO C 319 -26.33 -49.07 -3.56
CA PRO C 319 -27.53 -48.53 -2.93
C PRO C 319 -28.17 -47.41 -3.74
N SER C 320 -29.39 -47.07 -3.34
CA SER C 320 -30.10 -45.96 -3.97
C SER C 320 -29.61 -44.63 -3.41
N VAL C 321 -30.04 -43.55 -4.05
CA VAL C 321 -29.59 -42.22 -3.66
C VAL C 321 -30.15 -41.84 -2.30
N TYR C 322 -31.45 -42.11 -2.09
CA TYR C 322 -32.10 -41.67 -0.85
C TYR C 322 -31.51 -42.38 0.37
N ALA C 323 -30.91 -43.56 0.18
CA ALA C 323 -30.26 -44.30 1.26
C ALA C 323 -28.88 -44.72 0.77
N TRP C 324 -27.89 -43.83 0.93
CA TRP C 324 -26.52 -44.14 0.57
C TRP C 324 -25.74 -44.59 1.80
N GLU C 325 -24.61 -45.25 1.55
CA GLU C 325 -23.80 -45.82 2.61
C GLU C 325 -22.41 -45.19 2.60
N ARG C 326 -21.68 -45.42 3.69
CA ARG C 326 -20.35 -44.89 3.88
C ARG C 326 -19.41 -45.99 4.33
N LYS C 327 -18.17 -45.94 3.86
CA LYS C 327 -17.15 -46.91 4.21
C LYS C 327 -15.88 -46.18 4.63
N ARG C 328 -15.26 -46.64 5.72
CA ARG C 328 -14.01 -46.06 6.19
C ARG C 328 -12.83 -46.74 5.52
N ILE C 329 -11.85 -45.94 5.12
CA ILE C 329 -10.68 -46.42 4.39
C ILE C 329 -9.44 -46.14 5.22
N SER C 330 -8.62 -47.17 5.44
CA SER C 330 -7.40 -47.02 6.21
C SER C 330 -6.42 -48.11 5.81
N ASN C 331 -5.14 -47.84 6.05
CA ASN C 331 -4.06 -48.78 5.76
C ASN C 331 -4.07 -49.19 4.28
N CYS C 332 -3.83 -48.21 3.42
CA CYS C 332 -3.91 -48.39 1.98
C CYS C 332 -2.65 -47.85 1.30
N VAL C 333 -2.33 -48.45 0.16
CA VAL C 333 -1.40 -47.88 -0.81
C VAL C 333 -2.22 -47.46 -2.02
N ALA C 334 -2.70 -46.23 -2.01
CA ALA C 334 -3.69 -45.76 -3.00
C ALA C 334 -2.98 -45.54 -4.33
N ASP C 335 -2.96 -46.57 -5.17
CA ASP C 335 -2.46 -46.46 -6.54
C ASP C 335 -3.64 -46.70 -7.48
N TYR C 336 -4.11 -45.61 -8.10
CA TYR C 336 -5.24 -45.73 -9.02
C TYR C 336 -4.84 -46.32 -10.37
N SER C 337 -3.58 -46.73 -10.53
CA SER C 337 -3.16 -47.34 -11.80
C SER C 337 -3.83 -48.68 -12.02
N VAL C 338 -4.24 -49.36 -10.95
CA VAL C 338 -4.92 -50.64 -11.10
C VAL C 338 -6.30 -50.48 -11.72
N LEU C 339 -6.90 -49.31 -11.60
CA LEU C 339 -8.21 -49.06 -12.21
C LEU C 339 -8.12 -48.75 -13.70
N TYR C 340 -6.90 -48.56 -14.24
CA TYR C 340 -6.75 -48.30 -15.66
C TYR C 340 -7.16 -49.50 -16.51
N ASN C 341 -7.04 -50.70 -15.96
CA ASN C 341 -7.25 -51.92 -16.75
C ASN C 341 -8.70 -52.36 -16.81
N SER C 342 -9.52 -51.99 -15.82
CA SER C 342 -10.88 -52.52 -15.71
C SER C 342 -11.95 -51.45 -15.91
N THR C 343 -11.91 -50.38 -15.13
CA THR C 343 -13.00 -49.41 -15.10
C THR C 343 -12.64 -48.15 -15.86
N SER C 344 -13.61 -47.63 -16.61
CA SER C 344 -13.48 -46.35 -17.31
C SER C 344 -14.50 -45.38 -16.74
N PHE C 345 -14.03 -44.23 -16.27
CA PHE C 345 -14.88 -43.25 -15.61
C PHE C 345 -15.28 -42.17 -16.62
N SER C 346 -16.59 -41.97 -16.79
CA SER C 346 -17.07 -40.98 -17.73
C SER C 346 -16.82 -39.56 -17.23
N THR C 347 -16.89 -39.36 -15.91
CA THR C 347 -16.65 -38.06 -15.30
C THR C 347 -15.78 -38.25 -14.06
N PHE C 348 -14.58 -37.68 -14.10
CA PHE C 348 -13.65 -37.70 -12.97
C PHE C 348 -13.13 -36.29 -12.79
N LYS C 349 -13.86 -35.48 -12.02
CA LYS C 349 -13.51 -34.10 -11.77
C LYS C 349 -13.76 -33.81 -10.29
N CYS C 350 -12.79 -33.19 -9.64
CA CYS C 350 -12.95 -32.93 -8.22
C CYS C 350 -12.09 -31.78 -7.71
N TYR C 351 -12.22 -31.47 -6.42
CA TYR C 351 -11.85 -30.17 -5.88
C TYR C 351 -11.00 -30.34 -4.64
N GLY C 352 -10.36 -29.24 -4.23
CA GLY C 352 -9.55 -29.21 -3.03
C GLY C 352 -8.15 -29.77 -3.18
N VAL C 353 -7.85 -30.39 -4.32
CA VAL C 353 -6.54 -30.98 -4.56
C VAL C 353 -6.33 -31.10 -6.06
N SER C 354 -5.07 -31.06 -6.48
CA SER C 354 -4.72 -31.22 -7.88
C SER C 354 -4.67 -32.70 -8.24
N ALA C 355 -5.10 -33.02 -9.46
CA ALA C 355 -5.16 -34.42 -9.88
C ALA C 355 -3.77 -35.03 -10.01
N THR C 356 -2.82 -34.25 -10.51
CA THR C 356 -1.48 -34.77 -10.74
C THR C 356 -0.70 -35.00 -9.44
N LYS C 357 -1.09 -34.34 -8.35
CA LYS C 357 -0.39 -34.45 -7.08
C LYS C 357 -0.95 -35.55 -6.18
N LEU C 358 -1.85 -36.39 -6.70
CA LEU C 358 -2.48 -37.42 -5.89
C LEU C 358 -1.53 -38.58 -5.56
N ASN C 359 -0.38 -38.68 -6.23
CA ASN C 359 0.54 -39.77 -5.98
C ASN C 359 1.56 -39.45 -4.88
N ASP C 360 1.83 -38.18 -4.63
CA ASP C 360 2.79 -37.78 -3.61
C ASP C 360 2.14 -37.42 -2.28
N LEU C 361 0.88 -37.00 -2.29
CA LEU C 361 0.22 -36.52 -1.09
C LEU C 361 -0.24 -37.68 -0.23
N CYS C 362 -0.51 -37.38 1.05
CA CYS C 362 -0.98 -38.38 1.99
C CYS C 362 -2.24 -37.87 2.67
N PHE C 363 -3.33 -38.63 2.54
CA PHE C 363 -4.65 -38.25 3.00
C PHE C 363 -4.98 -38.93 4.33
N SER C 364 -5.89 -38.32 5.07
CA SER C 364 -6.36 -38.87 6.34
C SER C 364 -7.87 -38.74 6.41
N ASN C 365 -8.49 -39.68 7.14
CA ASN C 365 -9.95 -39.72 7.32
C ASN C 365 -10.66 -39.80 5.97
N VAL C 366 -10.42 -40.91 5.27
CA VAL C 366 -10.96 -41.14 3.93
C VAL C 366 -12.26 -41.94 4.07
N TYR C 367 -13.31 -41.44 3.43
CA TYR C 367 -14.61 -42.12 3.41
C TYR C 367 -15.12 -42.16 1.98
N ALA C 368 -15.86 -43.20 1.66
CA ALA C 368 -16.36 -43.42 0.31
C ALA C 368 -17.87 -43.63 0.34
N ASP C 369 -18.61 -42.81 -0.40
CA ASP C 369 -20.04 -42.94 -0.57
C ASP C 369 -20.33 -43.59 -1.92
N SER C 370 -21.52 -44.18 -2.04
CA SER C 370 -21.90 -44.87 -3.27
C SER C 370 -23.42 -44.84 -3.44
N PHE C 371 -23.85 -44.53 -4.66
CA PHE C 371 -25.26 -44.53 -5.00
C PHE C 371 -25.38 -44.62 -6.53
N VAL C 372 -26.62 -44.68 -7.01
CA VAL C 372 -26.91 -44.81 -8.43
C VAL C 372 -27.91 -43.74 -8.83
N VAL C 373 -27.56 -42.95 -9.84
CA VAL C 373 -28.45 -41.90 -10.36
C VAL C 373 -28.57 -42.06 -11.87
N LYS C 374 -29.39 -41.21 -12.49
CA LYS C 374 -29.58 -41.23 -13.93
C LYS C 374 -28.58 -40.29 -14.59
N GLY C 375 -28.67 -40.19 -15.92
CA GLY C 375 -27.71 -39.38 -16.66
C GLY C 375 -27.84 -37.90 -16.37
N ASP C 376 -29.07 -37.38 -16.35
CA ASP C 376 -29.30 -35.96 -16.13
C ASP C 376 -29.07 -35.52 -14.69
N ASP C 377 -29.07 -36.47 -13.74
CA ASP C 377 -28.88 -36.15 -12.33
C ASP C 377 -27.43 -36.34 -11.88
N VAL C 378 -26.53 -36.68 -12.80
CA VAL C 378 -25.13 -36.85 -12.44
C VAL C 378 -24.39 -35.53 -12.31
N ARG C 379 -24.93 -34.45 -12.87
CA ARG C 379 -24.32 -33.13 -12.74
C ARG C 379 -24.68 -32.45 -11.44
N GLN C 380 -25.69 -32.94 -10.72
CA GLN C 380 -26.11 -32.32 -9.48
C GLN C 380 -25.20 -32.65 -8.30
N ILE C 381 -24.36 -33.67 -8.44
CA ILE C 381 -23.41 -34.01 -7.38
C ILE C 381 -22.20 -33.09 -7.55
N ALA C 382 -22.24 -31.94 -6.88
CA ALA C 382 -21.21 -30.92 -6.94
C ALA C 382 -21.50 -29.85 -5.91
N PRO C 383 -20.47 -29.19 -5.36
CA PRO C 383 -20.72 -28.14 -4.36
C PRO C 383 -21.43 -26.95 -4.98
N GLY C 384 -22.59 -26.61 -4.40
CA GLY C 384 -23.34 -25.45 -4.86
C GLY C 384 -24.20 -25.71 -6.07
N GLN C 385 -25.08 -26.71 -5.99
CA GLN C 385 -26.00 -27.02 -7.07
C GLN C 385 -27.39 -27.23 -6.49
N THR C 386 -28.40 -27.12 -7.37
CA THR C 386 -29.79 -27.27 -6.99
C THR C 386 -30.44 -28.36 -7.85
N GLY C 387 -31.44 -29.00 -7.28
CA GLY C 387 -32.15 -30.06 -7.96
C GLY C 387 -32.73 -31.04 -6.96
N VAL C 388 -33.38 -32.07 -7.50
CA VAL C 388 -34.00 -33.07 -6.64
C VAL C 388 -32.94 -33.84 -5.87
N ILE C 389 -31.87 -34.24 -6.54
CA ILE C 389 -30.82 -35.02 -5.89
C ILE C 389 -30.04 -34.14 -4.91
N ALA C 390 -29.75 -32.91 -5.31
CA ALA C 390 -28.90 -32.04 -4.50
C ALA C 390 -29.62 -31.37 -3.34
N ASP C 391 -30.93 -31.56 -3.21
CA ASP C 391 -31.70 -30.95 -2.15
C ASP C 391 -32.27 -31.96 -1.15
N TYR C 392 -32.98 -32.98 -1.64
CA TYR C 392 -33.70 -33.89 -0.77
C TYR C 392 -32.99 -35.23 -0.58
N ASN C 393 -31.97 -35.54 -1.39
CA ASN C 393 -31.32 -36.84 -1.33
C ASN C 393 -29.87 -36.75 -0.87
N TYR C 394 -29.04 -35.96 -1.55
CA TYR C 394 -27.60 -35.95 -1.27
C TYR C 394 -27.07 -34.56 -1.58
N LYS C 395 -26.65 -33.83 -0.54
CA LYS C 395 -26.11 -32.49 -0.68
C LYS C 395 -24.64 -32.50 -0.26
N LEU C 396 -23.79 -31.95 -1.11
CA LEU C 396 -22.35 -31.81 -0.87
C LEU C 396 -22.06 -30.49 -0.18
N PRO C 397 -21.08 -30.45 0.73
CA PRO C 397 -20.77 -29.19 1.42
C PRO C 397 -20.20 -28.16 0.47
N ASP C 398 -20.38 -26.89 0.84
CA ASP C 398 -19.88 -25.80 0.00
C ASP C 398 -18.37 -25.87 -0.14
N ASP C 399 -17.66 -26.07 0.97
CA ASP C 399 -16.25 -26.38 0.94
C ASP C 399 -16.09 -27.90 0.98
N PHE C 400 -15.31 -28.45 0.06
CA PHE C 400 -15.22 -29.89 -0.12
C PHE C 400 -13.81 -30.26 -0.53
N THR C 401 -13.16 -31.09 0.27
CA THR C 401 -11.83 -31.62 -0.03
C THR C 401 -11.99 -33.13 -0.26
N GLY C 402 -12.12 -33.51 -1.52
CA GLY C 402 -12.31 -34.91 -1.85
C GLY C 402 -12.37 -35.09 -3.35
N CYS C 403 -12.76 -36.29 -3.77
CA CYS C 403 -12.85 -36.57 -5.20
C CYS C 403 -14.12 -37.33 -5.52
N VAL C 404 -14.71 -37.00 -6.67
CA VAL C 404 -16.00 -37.55 -7.11
C VAL C 404 -15.78 -38.34 -8.39
N LEU C 405 -16.29 -39.57 -8.42
CA LEU C 405 -16.16 -40.44 -9.58
C LEU C 405 -17.52 -40.97 -9.97
N ALA C 406 -17.68 -41.26 -11.27
CA ALA C 406 -18.96 -41.78 -11.78
C ALA C 406 -18.72 -42.42 -13.14
N TRP C 407 -19.39 -43.55 -13.39
CA TRP C 407 -19.32 -44.25 -14.65
C TRP C 407 -20.69 -44.78 -15.02
N ASN C 408 -20.86 -45.13 -16.30
CA ASN C 408 -22.13 -45.59 -16.84
C ASN C 408 -22.22 -47.11 -16.73
N THR C 409 -23.34 -47.60 -16.20
CA THR C 409 -23.60 -49.03 -16.06
C THR C 409 -24.99 -49.33 -16.61
N ARG C 410 -25.07 -49.57 -17.92
CA ARG C 410 -26.33 -49.95 -18.55
C ARG C 410 -26.48 -51.46 -18.70
N ASN C 411 -25.40 -52.18 -18.98
CA ASN C 411 -25.47 -53.61 -19.15
C ASN C 411 -25.74 -54.35 -17.84
N ILE C 412 -25.60 -53.68 -16.71
CA ILE C 412 -25.76 -54.31 -15.40
C ILE C 412 -27.05 -53.89 -14.71
N ASP C 413 -27.36 -52.59 -14.75
CA ASP C 413 -28.49 -52.03 -14.00
C ASP C 413 -29.67 -51.71 -14.91
N ALA C 414 -29.86 -52.49 -15.97
CA ALA C 414 -31.00 -52.30 -16.86
C ALA C 414 -31.40 -53.64 -17.46
N THR C 415 -32.67 -53.73 -17.84
CA THR C 415 -33.22 -54.94 -18.43
C THR C 415 -34.20 -54.55 -19.53
N GLN C 416 -34.70 -55.55 -20.25
CA GLN C 416 -35.70 -55.30 -21.28
C GLN C 416 -36.96 -54.69 -20.67
N THR C 417 -37.38 -55.20 -19.51
CA THR C 417 -38.44 -54.58 -18.75
C THR C 417 -37.84 -53.57 -17.77
N GLY C 418 -38.70 -52.89 -17.01
CA GLY C 418 -38.23 -51.88 -16.08
C GLY C 418 -37.48 -52.49 -14.91
N ASN C 419 -36.47 -51.76 -14.44
CA ASN C 419 -35.71 -52.19 -13.27
C ASN C 419 -36.49 -51.92 -11.99
N TYR C 420 -36.78 -50.65 -11.72
CA TYR C 420 -37.66 -50.23 -10.62
C TYR C 420 -37.13 -50.68 -9.26
N ASN C 421 -35.82 -50.85 -9.14
CA ASN C 421 -35.19 -51.23 -7.89
C ASN C 421 -34.47 -50.07 -7.21
N TYR C 422 -34.35 -48.93 -7.89
CA TYR C 422 -33.69 -47.76 -7.34
C TYR C 422 -34.69 -46.64 -7.15
N LYS C 423 -34.69 -46.04 -5.97
CA LYS C 423 -35.68 -45.03 -5.62
C LYS C 423 -34.99 -43.73 -5.20
N TYR C 424 -35.77 -42.66 -5.17
CA TYR C 424 -35.26 -41.35 -4.80
C TYR C 424 -36.42 -40.50 -4.31
N ARG C 425 -36.11 -39.55 -3.41
CA ARG C 425 -37.12 -38.65 -2.89
C ARG C 425 -37.31 -37.45 -3.81
N SER C 426 -38.57 -37.04 -3.98
CA SER C 426 -38.89 -35.83 -4.72
C SER C 426 -39.78 -34.87 -3.94
N LEU C 427 -40.34 -35.30 -2.81
CA LEU C 427 -41.18 -34.45 -1.97
C LEU C 427 -40.61 -34.46 -0.56
N ARG C 428 -40.26 -33.29 -0.06
CA ARG C 428 -39.69 -33.17 1.28
C ARG C 428 -39.87 -31.74 1.76
N HIS C 429 -39.85 -31.59 3.08
CA HIS C 429 -39.93 -30.29 3.73
C HIS C 429 -38.52 -29.78 4.00
N GLY C 430 -38.19 -28.62 3.44
CA GLY C 430 -36.87 -28.06 3.61
C GLY C 430 -35.83 -28.73 2.73
N LYS C 431 -34.56 -28.46 3.06
CA LYS C 431 -33.44 -28.99 2.32
C LYS C 431 -32.48 -29.70 3.28
N LEU C 432 -31.79 -30.71 2.76
CA LEU C 432 -30.86 -31.48 3.57
C LEU C 432 -29.61 -30.67 3.87
N ARG C 433 -29.04 -30.90 5.05
CA ARG C 433 -27.74 -30.36 5.39
C ARG C 433 -26.66 -31.20 4.73
N PRO C 434 -25.47 -30.63 4.51
CA PRO C 434 -24.41 -31.37 3.83
C PRO C 434 -24.06 -32.67 4.54
N PHE C 435 -23.93 -33.74 3.76
CA PHE C 435 -23.58 -35.07 4.25
C PHE C 435 -24.57 -35.56 5.31
N GLU C 436 -25.82 -35.71 4.88
CA GLU C 436 -26.88 -36.20 5.75
C GLU C 436 -27.76 -37.16 4.98
N ARG C 437 -28.53 -37.95 5.72
CA ARG C 437 -29.36 -39.01 5.16
C ARG C 437 -30.77 -38.91 5.70
N ASP C 438 -31.73 -39.36 4.89
CA ASP C 438 -33.14 -39.38 5.27
C ASP C 438 -33.78 -40.62 4.64
N ILE C 439 -33.92 -41.68 5.43
CA ILE C 439 -34.46 -42.95 4.96
C ILE C 439 -35.89 -43.18 5.43
N SER C 440 -36.52 -42.18 6.03
CA SER C 440 -37.88 -42.33 6.51
C SER C 440 -38.86 -42.38 5.33
N ASN C 441 -39.88 -43.22 5.47
CA ASN C 441 -40.92 -43.38 4.45
C ASN C 441 -42.27 -43.12 5.10
N VAL C 442 -42.70 -41.86 5.07
CA VAL C 442 -43.98 -41.47 5.63
C VAL C 442 -44.75 -40.65 4.59
N PRO C 443 -46.08 -40.69 4.59
CA PRO C 443 -46.84 -39.88 3.62
C PRO C 443 -46.56 -38.39 3.80
N PHE C 444 -46.53 -37.68 2.68
CA PHE C 444 -46.20 -36.27 2.65
C PHE C 444 -47.41 -35.47 2.21
N SER C 445 -47.67 -34.36 2.90
CA SER C 445 -48.74 -33.43 2.56
C SER C 445 -48.21 -32.01 2.59
N PRO C 446 -48.69 -31.15 1.69
CA PRO C 446 -48.21 -29.75 1.70
C PRO C 446 -48.48 -29.02 3.00
N ASP C 447 -49.60 -29.30 3.67
CA ASP C 447 -49.89 -28.64 4.94
C ASP C 447 -48.98 -29.15 6.05
N GLY C 448 -48.68 -30.44 6.05
CA GLY C 448 -47.85 -31.05 7.08
C GLY C 448 -48.59 -31.98 8.01
N LYS C 449 -49.92 -32.00 7.95
CA LYS C 449 -50.67 -32.90 8.83
C LYS C 449 -50.52 -34.34 8.37
N PRO C 450 -50.39 -35.29 9.31
CA PRO C 450 -50.36 -36.70 8.90
C PRO C 450 -51.66 -37.11 8.22
N CYS C 451 -51.54 -37.96 7.22
CA CYS C 451 -52.70 -38.33 6.41
C CYS C 451 -52.47 -39.69 5.77
N THR C 452 -53.56 -40.30 5.33
CA THR C 452 -53.51 -41.53 4.58
C THR C 452 -53.19 -41.26 3.12
N PRO C 453 -52.54 -42.19 2.43
CA PRO C 453 -52.13 -41.94 1.03
C PRO C 453 -53.28 -41.76 0.05
N PRO C 454 -54.46 -42.39 0.20
CA PRO C 454 -55.50 -42.16 -0.80
C PRO C 454 -56.14 -40.77 -0.72
N ALA C 455 -55.93 -40.04 0.36
CA ALA C 455 -56.55 -38.72 0.52
C ALA C 455 -55.91 -37.71 -0.43
N PHE C 456 -56.63 -36.63 -0.67
CA PHE C 456 -56.13 -35.57 -1.53
C PHE C 456 -54.94 -34.86 -0.90
N ASN C 457 -54.02 -34.40 -1.76
CA ASN C 457 -52.80 -33.73 -1.34
C ASN C 457 -51.98 -34.61 -0.40
N CYS C 458 -51.91 -35.91 -0.71
CA CYS C 458 -51.17 -36.87 0.09
C CYS C 458 -50.49 -37.84 -0.86
N TYR C 459 -49.17 -37.75 -0.98
CA TYR C 459 -48.40 -38.57 -1.90
C TYR C 459 -47.29 -39.29 -1.14
N TRP C 460 -46.78 -40.35 -1.76
CA TRP C 460 -45.61 -41.05 -1.22
C TRP C 460 -44.34 -40.33 -1.67
N PRO C 461 -43.42 -40.01 -0.76
CA PRO C 461 -42.26 -39.19 -1.14
C PRO C 461 -41.25 -39.91 -2.01
N LEU C 462 -41.33 -41.23 -2.14
CA LEU C 462 -40.33 -42.01 -2.87
C LEU C 462 -40.92 -42.45 -4.21
N ASN C 463 -40.23 -42.12 -5.29
CA ASN C 463 -40.57 -42.60 -6.62
C ASN C 463 -39.52 -43.59 -7.11
N ASP C 464 -39.84 -44.29 -8.19
CA ASP C 464 -39.01 -45.36 -8.72
C ASP C 464 -38.32 -44.91 -10.00
N TYR C 465 -37.02 -45.18 -10.09
CA TYR C 465 -36.27 -44.95 -11.32
C TYR C 465 -36.60 -46.02 -12.33
N GLY C 466 -37.17 -45.63 -13.47
CA GLY C 466 -37.48 -46.57 -14.52
C GLY C 466 -36.36 -46.70 -15.52
N PHE C 467 -35.53 -47.73 -15.35
CA PHE C 467 -34.37 -47.95 -16.20
C PHE C 467 -34.68 -49.02 -17.24
N TYR C 468 -34.57 -48.66 -18.51
CA TYR C 468 -34.76 -49.58 -19.62
C TYR C 468 -33.52 -49.58 -20.51
N ILE C 469 -33.33 -50.68 -21.23
CA ILE C 469 -32.22 -50.76 -22.18
C ILE C 469 -32.44 -49.79 -23.35
N THR C 470 -33.69 -49.69 -23.82
CA THR C 470 -34.02 -48.80 -24.93
C THR C 470 -34.26 -47.38 -24.43
N ASN C 471 -33.19 -46.78 -23.91
CA ASN C 471 -33.23 -45.41 -23.42
C ASN C 471 -32.01 -44.66 -23.93
N GLY C 472 -32.12 -43.34 -23.98
CA GLY C 472 -31.02 -42.52 -24.40
C GLY C 472 -29.95 -42.42 -23.32
N ILE C 473 -28.99 -41.51 -23.56
CA ILE C 473 -27.93 -41.29 -22.57
C ILE C 473 -28.54 -40.82 -21.25
N GLY C 474 -29.49 -39.89 -21.33
CA GLY C 474 -30.27 -39.56 -20.15
C GLY C 474 -31.19 -40.70 -19.76
N TYR C 475 -31.63 -40.70 -18.50
CA TYR C 475 -32.45 -41.76 -17.93
C TYR C 475 -31.77 -43.12 -18.00
N GLN C 476 -30.44 -43.14 -17.94
CA GLN C 476 -29.65 -44.35 -17.91
C GLN C 476 -28.88 -44.45 -16.59
N PRO C 477 -28.67 -45.66 -16.08
CA PRO C 477 -28.02 -45.79 -14.76
C PRO C 477 -26.58 -45.29 -14.79
N TYR C 478 -26.20 -44.64 -13.69
CA TYR C 478 -24.84 -44.14 -13.52
C TYR C 478 -24.43 -44.36 -12.06
N ARG C 479 -23.46 -45.25 -11.85
CA ARG C 479 -22.94 -45.51 -10.52
C ARG C 479 -21.95 -44.41 -10.13
N VAL C 480 -22.16 -43.81 -8.96
CA VAL C 480 -21.38 -42.67 -8.50
C VAL C 480 -20.71 -43.04 -7.20
N VAL C 481 -19.41 -42.76 -7.10
CA VAL C 481 -18.63 -42.97 -5.88
C VAL C 481 -17.94 -41.66 -5.53
N VAL C 482 -18.17 -41.18 -4.31
CA VAL C 482 -17.64 -39.91 -3.84
C VAL C 482 -16.67 -40.20 -2.70
N LEU C 483 -15.46 -39.69 -2.81
CA LEU C 483 -14.43 -39.84 -1.80
C LEU C 483 -14.17 -38.49 -1.14
N SER C 484 -14.01 -38.50 0.18
CA SER C 484 -13.71 -37.29 0.94
C SER C 484 -12.57 -37.58 1.92
N PHE C 485 -11.65 -36.63 2.05
CA PHE C 485 -10.47 -36.84 2.88
C PHE C 485 -9.93 -35.49 3.35
N GLU C 486 -9.13 -35.54 4.41
CA GLU C 486 -8.44 -34.37 4.94
C GLU C 486 -6.95 -34.67 5.00
N LEU C 487 -6.13 -33.72 4.57
CA LEU C 487 -4.71 -33.94 4.40
C LEU C 487 -3.91 -32.82 5.07
N LEU C 488 -2.73 -33.18 5.57
CA LEU C 488 -1.78 -32.25 6.19
C LEU C 488 -2.38 -31.55 7.40
N ASN C 489 -3.29 -32.22 8.10
CA ASN C 489 -3.88 -31.70 9.33
C ASN C 489 -3.80 -32.69 10.49
N ALA C 490 -3.95 -33.98 10.21
CA ALA C 490 -4.00 -35.03 11.22
C ALA C 490 -3.10 -36.18 10.79
N PRO C 491 -2.72 -37.06 11.72
CA PRO C 491 -1.93 -38.24 11.33
C PRO C 491 -2.71 -39.08 10.32
N ALA C 492 -1.97 -39.61 9.34
CA ALA C 492 -2.56 -40.31 8.21
C ALA C 492 -2.05 -41.74 8.14
N THR C 493 -2.89 -42.62 7.58
CA THR C 493 -2.54 -44.02 7.38
C THR C 493 -2.83 -44.52 5.97
N VAL C 494 -3.04 -43.62 5.01
CA VAL C 494 -3.42 -44.00 3.65
C VAL C 494 -2.86 -42.98 2.66
N CYS C 495 -2.06 -43.45 1.71
CA CYS C 495 -1.59 -42.65 0.58
C CYS C 495 -0.87 -43.55 -0.42
N GLY C 496 -0.34 -42.92 -1.47
CA GLY C 496 0.09 -43.63 -2.65
C GLY C 496 1.48 -44.22 -2.50
N PRO C 497 1.95 -44.83 -3.60
CA PRO C 497 3.22 -45.56 -3.56
C PRO C 497 4.44 -44.67 -3.72
N LYS C 498 4.92 -44.09 -2.62
CA LYS C 498 6.19 -43.37 -2.61
C LYS C 498 7.16 -44.10 -1.70
N LEU C 499 8.31 -44.47 -2.25
CA LEU C 499 9.30 -45.25 -1.51
C LEU C 499 10.00 -44.36 -0.50
N SER C 500 9.93 -44.74 0.77
CA SER C 500 10.57 -43.97 1.83
C SER C 500 12.09 -44.18 1.79
N THR C 501 12.80 -43.23 2.40
CA THR C 501 14.25 -43.26 2.49
C THR C 501 14.67 -43.21 3.95
N ASP C 502 15.97 -43.17 4.19
CA ASP C 502 16.51 -43.11 5.52
C ASP C 502 16.61 -41.67 6.02
N LEU C 503 16.82 -41.52 7.32
CA LEU C 503 16.87 -40.21 7.94
C LEU C 503 18.24 -39.57 7.78
N ILE C 504 18.25 -38.31 7.36
CA ILE C 504 19.46 -37.51 7.28
C ILE C 504 19.29 -36.33 8.22
N LYS C 505 20.20 -36.20 9.18
CA LYS C 505 20.10 -35.20 10.24
C LYS C 505 21.26 -34.22 10.18
N ASN C 506 21.00 -33.00 10.66
CA ASN C 506 22.01 -31.94 10.72
C ASN C 506 22.61 -31.64 9.35
N GLN C 507 21.74 -31.50 8.35
CA GLN C 507 22.18 -31.21 7.00
C GLN C 507 21.00 -30.68 6.20
N CYS C 508 21.25 -29.69 5.34
CA CYS C 508 20.22 -29.13 4.49
C CYS C 508 19.72 -30.20 3.53
N VAL C 509 18.47 -30.63 3.71
CA VAL C 509 17.90 -31.73 2.95
C VAL C 509 16.51 -31.36 2.48
N ASN C 510 16.03 -32.04 1.44
CA ASN C 510 14.67 -31.87 0.95
C ASN C 510 13.81 -32.99 1.51
N PHE C 511 13.11 -32.72 2.60
CA PHE C 511 12.31 -33.71 3.30
C PHE C 511 10.92 -33.82 2.67
N ASN C 512 10.24 -34.93 2.98
CA ASN C 512 8.86 -35.16 2.57
C ASN C 512 8.22 -36.03 3.64
N PHE C 513 7.51 -35.40 4.56
CA PHE C 513 6.88 -36.08 5.69
C PHE C 513 5.37 -36.12 5.46
N ASN C 514 4.88 -37.28 5.03
CA ASN C 514 3.45 -37.51 4.81
C ASN C 514 2.86 -36.46 3.86
N GLY C 515 3.60 -36.20 2.78
CA GLY C 515 3.17 -35.29 1.75
C GLY C 515 3.62 -33.85 1.95
N LEU C 516 4.11 -33.50 3.13
CA LEU C 516 4.57 -32.15 3.42
C LEU C 516 6.00 -31.99 2.90
N THR C 517 6.15 -31.19 1.85
CA THR C 517 7.44 -30.95 1.22
C THR C 517 8.09 -29.71 1.80
N GLY C 518 9.36 -29.51 1.47
CA GLY C 518 10.08 -28.34 1.93
C GLY C 518 11.55 -28.67 2.10
N THR C 519 12.32 -27.63 2.39
CA THR C 519 13.76 -27.74 2.62
C THR C 519 14.09 -27.20 4.00
N GLY C 520 14.90 -27.95 4.74
CA GLY C 520 15.28 -27.54 6.08
C GLY C 520 16.27 -28.51 6.68
N VAL C 521 16.68 -28.20 7.90
CA VAL C 521 17.64 -29.02 8.65
C VAL C 521 16.90 -29.74 9.77
N LEU C 522 17.00 -31.06 9.78
CA LEU C 522 16.33 -31.89 10.77
C LEU C 522 17.22 -32.04 12.00
N THR C 523 16.64 -31.82 13.18
CA THR C 523 17.36 -31.86 14.43
C THR C 523 16.52 -32.57 15.48
N PRO C 524 17.13 -33.37 16.34
CA PRO C 524 16.38 -33.97 17.46
C PRO C 524 15.77 -32.89 18.34
N SER C 525 14.57 -33.18 18.85
CA SER C 525 13.79 -32.22 19.60
C SER C 525 13.59 -32.69 21.03
N SER C 526 12.83 -31.90 21.79
CA SER C 526 12.47 -32.24 23.16
C SER C 526 10.99 -32.06 23.44
N LYS C 527 10.20 -31.62 22.46
CA LYS C 527 8.78 -31.43 22.66
C LYS C 527 8.07 -32.78 22.77
N ARG C 528 6.97 -32.78 23.53
CA ARG C 528 6.15 -33.97 23.73
C ARG C 528 4.84 -33.79 22.98
N PHE C 529 4.58 -34.70 22.03
CA PHE C 529 3.40 -34.62 21.20
C PHE C 529 2.32 -35.55 21.74
N GLN C 530 1.11 -35.02 21.89
CA GLN C 530 -0.03 -35.83 22.28
C GLN C 530 -0.39 -36.79 21.15
N PRO C 531 -1.02 -37.92 21.48
CA PRO C 531 -1.24 -38.97 20.46
C PRO C 531 -2.22 -38.58 19.35
N PHE C 532 -2.82 -37.38 19.40
CA PHE C 532 -3.78 -36.98 18.37
C PHE C 532 -3.26 -35.83 17.51
N GLN C 533 -1.98 -35.46 17.63
CA GLN C 533 -1.40 -34.40 16.81
C GLN C 533 -0.14 -34.90 16.14
N GLN C 534 0.12 -34.42 14.93
CA GLN C 534 1.26 -34.84 14.13
C GLN C 534 2.22 -33.70 13.81
N PHE C 535 1.70 -32.54 13.41
CA PHE C 535 2.55 -31.42 13.01
C PHE C 535 2.62 -30.39 14.14
N GLY C 536 3.51 -29.41 13.96
CA GLY C 536 3.63 -28.31 14.89
C GLY C 536 3.71 -27.00 14.14
N ARG C 537 3.46 -25.91 14.86
CA ARG C 537 3.44 -24.58 14.26
C ARG C 537 4.03 -23.57 15.22
N ASP C 538 4.44 -22.44 14.65
CA ASP C 538 5.06 -21.35 15.41
C ASP C 538 4.09 -20.19 15.58
N VAL C 539 4.61 -19.09 16.12
CA VAL C 539 3.83 -17.86 16.24
C VAL C 539 3.53 -17.34 14.84
N SER C 540 4.43 -17.65 13.91
CA SER C 540 4.16 -17.45 12.49
C SER C 540 3.97 -18.82 11.84
N ASP C 541 2.92 -18.96 11.04
CA ASP C 541 2.54 -20.27 10.52
C ASP C 541 3.67 -20.90 9.73
N PHE C 542 4.29 -21.93 10.30
CA PHE C 542 5.42 -22.63 9.71
C PHE C 542 5.66 -23.89 10.54
N THR C 543 5.88 -25.01 9.85
CA THR C 543 6.05 -26.29 10.51
C THR C 543 7.47 -26.38 11.07
N ASP C 544 7.58 -26.51 12.40
CA ASP C 544 8.87 -26.67 13.05
C ASP C 544 9.08 -28.06 13.65
N SER C 545 8.01 -28.74 14.04
CA SER C 545 8.11 -30.05 14.65
C SER C 545 7.21 -31.03 13.91
N VAL C 546 7.78 -32.15 13.47
CA VAL C 546 7.05 -33.16 12.73
C VAL C 546 7.37 -34.53 13.34
N ARG C 547 6.33 -35.29 13.67
CA ARG C 547 6.51 -36.62 14.21
C ARG C 547 6.84 -37.59 13.09
N ASP C 548 7.88 -38.40 13.30
CA ASP C 548 8.29 -39.36 12.28
C ASP C 548 7.26 -40.48 12.16
N PRO C 549 6.82 -40.68 10.94
CA PRO C 549 5.82 -41.69 10.74
C PRO C 549 6.31 -42.93 11.28
N LYS C 550 7.38 -43.45 10.73
CA LYS C 550 8.01 -44.64 11.26
C LYS C 550 8.68 -44.19 12.52
N THR C 551 9.08 -45.08 13.40
CA THR C 551 9.84 -44.65 14.56
C THR C 551 9.40 -43.38 15.21
N SER C 552 8.17 -43.31 15.68
CA SER C 552 7.72 -42.04 16.22
C SER C 552 8.78 -41.41 17.06
N GLU C 553 9.15 -40.18 16.77
CA GLU C 553 10.20 -39.51 17.48
C GLU C 553 10.01 -38.13 16.99
N ILE C 554 10.06 -37.12 17.83
CA ILE C 554 9.71 -35.78 17.35
C ILE C 554 10.90 -35.02 16.81
N LEU C 555 10.84 -34.56 15.58
CA LEU C 555 11.98 -33.94 14.93
C LEU C 555 11.74 -32.45 14.77
N ASP C 556 12.80 -31.66 14.91
CA ASP C 556 12.73 -30.22 14.73
C ASP C 556 13.17 -29.86 13.32
N ILE C 557 12.49 -28.89 12.72
CA ILE C 557 12.80 -28.39 11.38
C ILE C 557 13.22 -26.93 11.50
N SER C 558 14.39 -26.61 10.95
CA SER C 558 14.92 -25.27 11.01
C SER C 558 15.33 -24.79 9.62
N PRO C 559 15.28 -23.49 9.36
CA PRO C 559 15.69 -22.98 8.04
C PRO C 559 17.17 -23.24 7.79
N CYS C 560 17.49 -23.47 6.51
CA CYS C 560 18.88 -23.75 6.13
C CYS C 560 19.74 -22.48 6.15
N SER C 561 19.22 -21.38 5.64
CA SER C 561 19.96 -20.14 5.54
C SER C 561 19.79 -19.32 6.80
N PHE C 562 20.89 -18.74 7.28
CA PHE C 562 20.87 -17.96 8.51
C PHE C 562 22.13 -17.12 8.63
N GLY C 563 21.97 -15.82 8.90
CA GLY C 563 23.11 -14.94 9.09
C GLY C 563 23.07 -13.71 8.22
N GLY C 564 24.24 -13.15 7.93
CA GLY C 564 24.34 -11.97 7.08
C GLY C 564 25.74 -11.83 6.53
N VAL C 565 25.83 -11.27 5.33
CA VAL C 565 27.10 -11.11 4.64
C VAL C 565 27.10 -9.77 3.91
N SER C 566 28.21 -9.03 4.03
CA SER C 566 28.40 -7.77 3.35
C SER C 566 29.67 -7.83 2.52
N VAL C 567 29.74 -6.98 1.49
CA VAL C 567 30.86 -6.97 0.56
C VAL C 567 31.52 -5.60 0.62
N ILE C 568 32.84 -5.58 0.80
CA ILE C 568 33.63 -4.37 0.82
C ILE C 568 34.51 -4.36 -0.43
N THR C 569 34.39 -3.29 -1.24
CA THR C 569 35.13 -3.18 -2.48
C THR C 569 35.79 -1.81 -2.57
N PRO C 570 37.05 -1.73 -3.01
CA PRO C 570 37.70 -0.42 -3.18
C PRO C 570 37.18 0.36 -4.38
N GLY C 571 36.35 -0.25 -5.23
CA GLY C 571 35.88 0.40 -6.45
C GLY C 571 36.30 -0.41 -7.65
N THR C 572 35.36 -0.60 -8.58
CA THR C 572 35.62 -1.41 -9.76
C THR C 572 36.75 -0.81 -10.60
N ASN C 573 36.78 0.52 -10.72
CA ASN C 573 37.81 1.17 -11.51
C ASN C 573 39.20 0.89 -10.96
N THR C 574 39.34 0.82 -9.64
CA THR C 574 40.65 0.62 -9.03
C THR C 574 41.07 -0.85 -9.08
N SER C 575 40.24 -1.74 -8.55
CA SER C 575 40.58 -3.15 -8.48
C SER C 575 39.33 -3.99 -8.44
N SER C 576 39.48 -5.28 -8.73
CA SER C 576 38.37 -6.23 -8.72
C SER C 576 38.33 -7.09 -7.46
N GLU C 577 39.25 -6.88 -6.53
CA GLU C 577 39.25 -7.65 -5.28
C GLU C 577 38.20 -7.10 -4.33
N VAL C 578 37.64 -7.99 -3.51
CA VAL C 578 36.61 -7.64 -2.55
C VAL C 578 36.91 -8.32 -1.21
N ALA C 579 36.35 -7.76 -0.15
CA ALA C 579 36.44 -8.33 1.19
C ALA C 579 35.04 -8.62 1.71
N VAL C 580 34.84 -9.86 2.17
CA VAL C 580 33.52 -10.32 2.61
C VAL C 580 33.50 -10.36 4.13
N LEU C 581 32.45 -9.80 4.71
CA LEU C 581 32.26 -9.77 6.16
C LEU C 581 30.98 -10.51 6.51
N TYR C 582 31.12 -11.60 7.28
CA TYR C 582 30.00 -12.40 7.74
C TYR C 582 29.62 -11.97 9.14
N GLN C 583 28.33 -11.67 9.35
CA GLN C 583 27.90 -11.08 10.60
C GLN C 583 27.91 -12.08 11.75
N ASP C 584 27.37 -13.28 11.55
CA ASP C 584 27.19 -14.24 12.64
C ASP C 584 28.02 -15.50 12.36
N VAL C 585 29.31 -15.42 12.67
CA VAL C 585 30.22 -16.55 12.60
C VAL C 585 31.30 -16.36 13.65
N ASN C 586 31.83 -17.47 14.17
CA ASN C 586 33.00 -17.39 15.03
C ASN C 586 34.30 -17.54 14.25
N CYS C 587 34.33 -18.41 13.25
CA CYS C 587 35.48 -18.61 12.37
C CYS C 587 36.78 -18.81 13.15
N ASN C 611 43.05 -14.73 4.74
CA ASN C 611 43.47 -13.89 5.85
C ASN C 611 42.28 -13.48 6.70
N VAL C 612 41.76 -14.42 7.50
CA VAL C 612 40.63 -14.12 8.36
C VAL C 612 41.05 -13.19 9.49
N PHE C 613 40.10 -12.44 10.01
CA PHE C 613 40.36 -11.52 11.11
C PHE C 613 39.03 -11.23 11.79
N GLN C 614 38.95 -11.53 13.09
CA GLN C 614 37.67 -11.48 13.79
C GLN C 614 37.42 -10.08 14.35
N THR C 615 36.23 -9.56 14.10
CA THR C 615 35.78 -8.27 14.63
C THR C 615 34.64 -8.50 15.60
N GLN C 616 34.16 -7.40 16.18
CA GLN C 616 32.95 -7.48 17.00
C GLN C 616 31.71 -7.64 16.13
N ALA C 617 31.77 -7.17 14.88
CA ALA C 617 30.65 -7.36 13.95
C ALA C 617 30.65 -8.76 13.36
N GLY C 618 31.83 -9.36 13.20
CA GLY C 618 31.90 -10.70 12.65
C GLY C 618 33.30 -11.02 12.18
N CYS C 619 33.40 -12.09 11.40
CA CYS C 619 34.68 -12.52 10.82
C CYS C 619 34.82 -11.93 9.43
N LEU C 620 35.85 -11.12 9.23
CA LEU C 620 36.10 -10.48 7.95
C LEU C 620 37.26 -11.18 7.25
N ILE C 621 37.03 -11.56 5.98
CA ILE C 621 38.04 -12.27 5.19
C ILE C 621 38.39 -11.42 3.98
N GLY C 622 39.55 -11.73 3.39
CA GLY C 622 40.02 -11.03 2.22
C GLY C 622 40.85 -9.79 2.47
N ALA C 623 41.02 -9.40 3.74
CA ALA C 623 41.80 -8.21 4.09
C ALA C 623 42.85 -8.57 5.13
N GLU C 624 43.79 -7.65 5.32
CA GLU C 624 44.91 -7.83 6.23
C GLU C 624 44.78 -6.89 7.43
N HIS C 625 45.22 -7.36 8.59
CA HIS C 625 45.14 -6.57 9.81
C HIS C 625 46.29 -5.56 9.85
N VAL C 626 45.99 -4.36 10.34
CA VAL C 626 46.97 -3.28 10.46
C VAL C 626 46.86 -2.72 11.87
N ASP C 627 48.00 -2.56 12.54
CA ASP C 627 48.04 -2.16 13.94
C ASP C 627 48.09 -0.66 14.16
N THR C 628 48.24 0.13 13.10
CA THR C 628 48.22 1.58 13.21
C THR C 628 46.84 2.10 12.79
N SER C 629 46.46 3.24 13.37
CA SER C 629 45.11 3.78 13.24
C SER C 629 45.12 5.00 12.33
N TYR C 630 44.35 4.92 11.25
CA TYR C 630 44.09 6.06 10.37
C TYR C 630 42.68 6.57 10.62
N GLU C 631 42.24 7.52 9.79
CA GLU C 631 40.85 7.92 9.80
C GLU C 631 40.00 6.90 9.06
N CYS C 632 38.68 7.03 9.20
CA CYS C 632 37.75 6.07 8.63
C CYS C 632 37.25 6.55 7.28
N ASP C 633 37.33 5.68 6.28
CA ASP C 633 36.81 5.94 4.94
C ASP C 633 35.73 4.96 4.52
N ILE C 634 35.84 3.70 4.91
CA ILE C 634 34.80 2.70 4.71
C ILE C 634 34.29 2.27 6.08
N PRO C 635 33.14 2.78 6.51
CA PRO C 635 32.70 2.58 7.89
C PRO C 635 32.16 1.18 8.17
N ILE C 636 33.05 0.22 8.46
CA ILE C 636 32.62 -1.06 8.97
C ILE C 636 32.16 -0.89 10.42
N GLY C 637 31.22 -1.72 10.85
CA GLY C 637 30.65 -1.58 12.18
C GLY C 637 31.66 -1.89 13.27
N ALA C 638 31.32 -1.44 14.48
CA ALA C 638 32.07 -1.74 15.70
C ALA C 638 33.48 -1.16 15.68
N GLY C 639 33.64 0.04 15.10
CA GLY C 639 34.87 0.77 15.18
C GLY C 639 35.96 0.35 14.21
N ILE C 640 35.72 -0.67 13.39
CA ILE C 640 36.71 -1.12 12.42
C ILE C 640 36.47 -0.40 11.11
N CYS C 641 37.54 -0.13 10.37
CA CYS C 641 37.45 0.54 9.09
C CYS C 641 38.42 -0.10 8.11
N ALA C 642 38.07 -0.07 6.83
CA ALA C 642 38.88 -0.68 5.78
C ALA C 642 39.24 0.37 4.73
N SER C 643 40.40 0.18 4.12
CA SER C 643 40.89 1.10 3.10
C SER C 643 41.86 0.38 2.18
N TYR C 644 42.12 1.00 1.04
CA TYR C 644 43.07 0.47 0.06
C TYR C 644 44.42 1.14 0.30
N HIS C 645 45.39 0.35 0.76
CA HIS C 645 46.70 0.86 1.12
C HIS C 645 47.79 0.03 0.43
N THR C 646 48.96 0.65 0.28
CA THR C 646 50.11 0.01 -0.37
C THR C 646 50.84 -0.81 0.68
N VAL C 647 50.53 -2.11 0.73
CA VAL C 647 51.17 -3.01 1.67
C VAL C 647 52.16 -3.92 0.95
N GLN C 655 52.30 -3.06 -5.03
CA GLN C 655 50.96 -3.63 -5.00
C GLN C 655 50.17 -3.08 -3.82
N LYS C 656 48.84 -3.15 -3.92
CA LYS C 656 47.94 -2.66 -2.89
C LYS C 656 46.98 -3.76 -2.46
N SER C 657 46.38 -3.57 -1.29
CA SER C 657 45.44 -4.53 -0.75
C SER C 657 44.53 -3.82 0.25
N ILE C 658 43.46 -4.52 0.63
CA ILE C 658 42.52 -3.98 1.61
C ILE C 658 43.05 -4.27 3.01
N VAL C 659 43.11 -3.23 3.84
CA VAL C 659 43.62 -3.33 5.21
C VAL C 659 42.54 -2.86 6.17
N ALA C 660 42.44 -3.56 7.31
CA ALA C 660 41.47 -3.24 8.34
C ALA C 660 42.19 -2.69 9.56
N TYR C 661 41.55 -1.73 10.24
CA TYR C 661 42.15 -1.07 11.38
C TYR C 661 41.06 -0.45 12.23
N THR C 662 41.44 -0.04 13.44
CA THR C 662 40.54 0.68 14.32
C THR C 662 40.64 2.17 14.03
N MET C 663 39.48 2.84 13.97
CA MET C 663 39.46 4.25 13.64
C MET C 663 40.08 5.09 14.75
N SER C 664 40.72 6.18 14.35
CA SER C 664 41.35 7.10 15.29
C SER C 664 40.34 8.16 15.70
N LEU C 665 40.07 8.26 17.02
CA LEU C 665 39.09 9.22 17.50
C LEU C 665 39.56 10.65 17.31
N GLY C 666 40.83 10.91 17.60
CA GLY C 666 41.34 12.26 17.45
C GLY C 666 42.83 12.32 17.73
N ALA C 667 43.31 13.55 17.90
CA ALA C 667 44.71 13.81 18.18
C ALA C 667 44.93 13.91 19.68
N ASP C 668 45.87 13.13 20.20
CA ASP C 668 46.15 13.15 21.63
C ASP C 668 46.84 14.45 22.02
N SER C 669 46.40 15.03 23.14
CA SER C 669 46.99 16.26 23.63
C SER C 669 46.73 16.37 25.13
N SER C 670 47.67 16.99 25.84
CA SER C 670 47.57 17.17 27.28
C SER C 670 47.91 18.61 27.64
N ILE C 671 47.17 19.16 28.59
CA ILE C 671 47.36 20.53 29.06
C ILE C 671 47.61 20.49 30.56
N ALA C 672 48.67 21.13 31.00
CA ALA C 672 49.03 21.17 32.41
C ALA C 672 48.09 22.12 33.16
N TYR C 673 47.56 21.65 34.29
CA TYR C 673 46.65 22.45 35.10
C TYR C 673 47.43 23.12 36.22
N SER C 674 47.34 24.44 36.31
CA SER C 674 48.00 25.22 37.34
C SER C 674 47.01 26.21 37.93
N ASN C 675 47.15 26.46 39.24
CA ASN C 675 46.24 27.33 39.95
C ASN C 675 46.68 28.79 39.95
N ASN C 676 47.85 29.11 39.40
CA ASN C 676 48.39 30.46 39.44
C ASN C 676 48.73 31.02 38.08
N THR C 677 48.66 30.23 37.00
CA THR C 677 49.08 30.68 35.68
C THR C 677 47.89 30.65 34.72
N ILE C 678 47.91 31.58 33.77
CA ILE C 678 46.90 31.68 32.72
C ILE C 678 47.61 31.88 31.40
N ALA C 679 46.86 31.64 30.31
CA ALA C 679 47.35 31.86 28.95
C ALA C 679 46.47 32.91 28.29
N ILE C 680 47.11 33.95 27.75
CA ILE C 680 46.42 35.06 27.11
C ILE C 680 46.93 35.18 25.69
N PRO C 681 46.05 35.23 24.68
CA PRO C 681 46.53 35.38 23.30
C PRO C 681 47.22 36.72 23.07
N THR C 682 48.18 36.71 22.14
CA THR C 682 48.90 37.91 21.78
C THR C 682 48.73 38.31 20.31
N ASN C 683 48.29 37.40 19.45
CA ASN C 683 48.07 37.70 18.05
C ASN C 683 46.78 37.01 17.60
N PHE C 684 46.19 37.52 16.53
CA PHE C 684 44.93 37.03 16.02
C PHE C 684 45.02 36.76 14.52
N SER C 685 44.03 36.05 14.01
CA SER C 685 43.92 35.75 12.59
C SER C 685 42.47 35.82 12.17
N ILE C 686 42.24 36.14 10.90
CA ILE C 686 40.90 36.24 10.33
C ILE C 686 40.69 35.03 9.43
N SER C 687 39.68 34.22 9.76
CA SER C 687 39.37 33.01 9.02
C SER C 687 37.98 33.10 8.44
N ILE C 688 37.83 32.64 7.19
CA ILE C 688 36.55 32.64 6.50
C ILE C 688 36.19 31.20 6.17
N THR C 689 35.03 30.76 6.66
CA THR C 689 34.54 29.41 6.46
C THR C 689 33.32 29.43 5.55
N THR C 690 32.96 28.24 5.04
CA THR C 690 31.83 28.08 4.15
C THR C 690 30.83 27.12 4.76
N GLU C 691 29.55 27.38 4.52
CA GLU C 691 28.47 26.52 4.99
C GLU C 691 27.44 26.37 3.88
N VAL C 692 27.07 25.13 3.57
CA VAL C 692 26.17 24.82 2.47
C VAL C 692 24.88 24.26 3.05
N MET C 693 23.75 24.88 2.72
CA MET C 693 22.45 24.47 3.22
C MET C 693 21.46 24.41 2.06
N PRO C 694 20.81 23.27 1.82
CA PRO C 694 19.75 23.23 0.81
C PRO C 694 18.53 24.00 1.28
N VAL C 695 17.81 24.56 0.30
CA VAL C 695 16.58 25.30 0.59
C VAL C 695 15.36 24.77 -0.14
N SER C 696 15.52 24.08 -1.28
CA SER C 696 14.38 23.55 -2.02
C SER C 696 14.86 22.44 -2.94
N MET C 697 13.92 21.62 -3.38
CA MET C 697 14.23 20.51 -4.27
C MET C 697 13.49 20.70 -5.59
N ALA C 698 13.52 19.68 -6.43
CA ALA C 698 12.80 19.71 -7.69
C ALA C 698 11.29 19.70 -7.44
N LYS C 699 10.57 20.53 -8.20
CA LYS C 699 9.13 20.63 -8.11
C LYS C 699 8.51 19.82 -9.24
N THR C 700 7.74 18.79 -8.89
CA THR C 700 7.26 17.81 -9.85
C THR C 700 5.75 17.64 -9.73
N SER C 701 5.18 17.10 -10.81
CA SER C 701 3.77 16.75 -10.84
C SER C 701 3.60 15.53 -11.74
N VAL C 702 2.52 14.79 -11.50
CA VAL C 702 2.28 13.52 -12.21
C VAL C 702 0.87 13.52 -12.76
N ASP C 703 0.71 12.95 -13.96
CA ASP C 703 -0.59 12.71 -14.57
C ASP C 703 -0.83 11.20 -14.49
N CYS C 704 -1.70 10.79 -13.56
CA CYS C 704 -1.93 9.37 -13.35
C CYS C 704 -2.59 8.72 -14.55
N ASN C 705 -3.53 9.42 -15.20
CA ASN C 705 -4.27 8.85 -16.33
C ASN C 705 -3.36 8.44 -17.48
N MET C 706 -2.15 8.98 -17.56
CA MET C 706 -1.18 8.57 -18.58
C MET C 706 -0.14 7.61 -18.06
N TYR C 707 0.31 7.76 -16.82
CA TYR C 707 1.26 6.82 -16.24
C TYR C 707 0.61 5.44 -16.14
N ILE C 708 -0.44 5.34 -15.35
CA ILE C 708 -1.28 4.15 -15.37
C ILE C 708 -2.30 4.31 -16.50
N CYS C 709 -2.72 3.18 -17.08
CA CYS C 709 -3.81 3.18 -18.05
C CYS C 709 -3.50 4.08 -19.23
N GLY C 710 -2.36 3.85 -19.89
CA GLY C 710 -1.89 4.74 -20.92
C GLY C 710 -2.54 4.56 -22.28
N ASP C 711 -3.39 5.53 -22.67
CA ASP C 711 -3.98 5.62 -24.00
C ASP C 711 -4.78 4.37 -24.37
N SER C 712 -5.38 3.69 -23.39
CA SER C 712 -6.09 2.46 -23.69
C SER C 712 -7.50 2.73 -24.18
N THR C 713 -8.14 3.80 -23.68
CA THR C 713 -9.49 4.25 -24.03
C THR C 713 -10.53 3.19 -23.69
N GLU C 714 -10.09 2.04 -23.19
CA GLU C 714 -10.98 1.03 -22.65
C GLU C 714 -10.70 0.75 -21.18
N CYS C 715 -9.43 0.74 -20.78
CA CYS C 715 -9.08 0.66 -19.38
C CYS C 715 -9.54 1.89 -18.61
N ALA C 716 -9.58 3.05 -19.28
CA ALA C 716 -9.98 4.28 -18.62
C ALA C 716 -11.38 4.18 -18.01
N ASN C 717 -12.23 3.34 -18.59
CA ASN C 717 -13.54 3.09 -18.00
C ASN C 717 -13.41 2.38 -16.64
N LEU C 718 -12.46 1.45 -16.52
CA LEU C 718 -12.24 0.78 -15.25
C LEU C 718 -11.51 1.66 -14.24
N LEU C 719 -10.71 2.62 -14.72
CA LEU C 719 -10.03 3.52 -13.81
C LEU C 719 -11.00 4.40 -13.05
N LEU C 720 -12.12 4.78 -13.69
CA LEU C 720 -13.14 5.55 -13.00
C LEU C 720 -13.80 4.74 -11.88
N GLN C 721 -13.98 3.44 -12.10
CA GLN C 721 -14.61 2.59 -11.08
C GLN C 721 -13.74 2.42 -9.84
N TYR C 722 -12.42 2.51 -9.99
CA TYR C 722 -11.54 2.38 -8.84
C TYR C 722 -11.61 3.56 -7.88
N GLY C 723 -12.26 4.66 -8.27
CA GLY C 723 -12.45 5.80 -7.40
C GLY C 723 -11.53 6.95 -7.75
N SER C 724 -11.73 8.05 -7.01
CA SER C 724 -10.94 9.26 -7.20
C SER C 724 -9.65 9.20 -6.38
N PHE C 725 -8.84 8.19 -6.70
CA PHE C 725 -7.55 8.03 -6.04
C PHE C 725 -6.51 9.02 -6.53
N CYS C 726 -6.76 9.69 -7.65
CA CYS C 726 -5.78 10.57 -8.28
C CYS C 726 -5.82 11.98 -7.71
N THR C 727 -7.01 12.46 -7.35
CA THR C 727 -7.13 13.81 -6.82
C THR C 727 -6.33 13.98 -5.54
N GLN C 728 -6.34 12.96 -4.67
CA GLN C 728 -5.56 13.03 -3.44
C GLN C 728 -4.06 13.14 -3.72
N LEU C 729 -3.56 12.34 -4.67
CA LEU C 729 -2.14 12.40 -5.00
C LEU C 729 -1.76 13.75 -5.59
N ASN C 730 -2.55 14.26 -6.53
CA ASN C 730 -2.26 15.56 -7.12
C ASN C 730 -2.34 16.69 -6.10
N ARG C 731 -3.32 16.65 -5.20
CA ARG C 731 -3.42 17.67 -4.15
C ARG C 731 -2.24 17.59 -3.19
N ALA C 732 -1.79 16.38 -2.85
CA ALA C 732 -0.63 16.24 -1.99
C ALA C 732 0.63 16.77 -2.67
N LEU C 733 0.76 16.54 -3.99
CA LEU C 733 1.92 17.02 -4.71
C LEU C 733 1.90 18.53 -4.92
N SER C 734 0.72 19.15 -5.04
CA SER C 734 0.65 20.60 -5.20
C SER C 734 1.10 21.35 -3.94
N GLY C 735 0.81 20.80 -2.76
CA GLY C 735 1.29 21.42 -1.53
C GLY C 735 2.80 21.49 -1.46
N ILE C 736 3.49 20.42 -1.89
CA ILE C 736 4.95 20.45 -1.93
C ILE C 736 5.42 21.51 -2.93
N ALA C 737 4.73 21.63 -4.06
CA ALA C 737 5.10 22.63 -5.06
C ALA C 737 5.00 24.03 -4.48
N VAL C 738 3.95 24.30 -3.71
CA VAL C 738 3.79 25.62 -3.09
C VAL C 738 4.84 25.82 -2.00
N GLU C 739 5.14 24.78 -1.23
CA GLU C 739 6.06 24.91 -0.11
C GLU C 739 7.49 25.14 -0.58
N GLN C 740 7.88 24.52 -1.69
CA GLN C 740 9.25 24.72 -2.19
C GLN C 740 9.47 26.13 -2.74
N ASP C 741 8.40 26.84 -3.08
CA ASP C 741 8.52 28.26 -3.42
C ASP C 741 8.46 29.15 -2.19
N ARG C 742 7.63 28.76 -1.21
CA ARG C 742 7.58 29.51 0.05
C ARG C 742 8.93 29.48 0.74
N ASN C 743 9.63 28.35 0.68
CA ASN C 743 10.94 28.24 1.31
C ASN C 743 11.92 29.23 0.69
N THR C 744 11.99 29.26 -0.65
CA THR C 744 12.90 30.17 -1.32
C THR C 744 12.53 31.62 -1.05
N ARG C 745 11.23 31.92 -1.00
CA ARG C 745 10.80 33.29 -0.69
C ARG C 745 11.23 33.69 0.73
N GLU C 746 11.11 32.76 1.68
CA GLU C 746 11.44 33.09 3.07
C GLU C 746 12.95 33.24 3.26
N VAL C 747 13.74 32.39 2.60
CA VAL C 747 15.18 32.38 2.84
C VAL C 747 15.82 33.66 2.30
N PHE C 748 15.50 34.04 1.06
CA PHE C 748 16.18 35.14 0.39
C PHE C 748 15.46 36.47 0.53
N ALA C 749 14.15 36.51 0.25
CA ALA C 749 13.39 37.75 0.26
C ALA C 749 13.15 38.20 1.71
N GLN C 750 14.20 38.75 2.30
CA GLN C 750 14.15 39.29 3.66
C GLN C 750 14.29 40.80 3.70
N VAL C 751 15.03 41.39 2.77
CA VAL C 751 15.18 42.83 2.68
C VAL C 751 14.12 43.38 1.73
N LYS C 752 13.47 44.47 2.14
CA LYS C 752 12.45 45.11 1.32
C LYS C 752 13.02 46.12 0.34
N GLN C 753 14.07 46.85 0.72
CA GLN C 753 14.76 47.75 -0.21
C GLN C 753 15.77 46.94 -1.00
N MET C 754 15.82 47.16 -2.31
CA MET C 754 16.80 46.53 -3.19
C MET C 754 17.93 47.53 -3.45
N TYR C 755 18.97 47.45 -2.63
CA TYR C 755 20.07 48.39 -2.74
C TYR C 755 20.91 48.10 -3.98
N LYS C 756 21.48 49.16 -4.53
CA LYS C 756 22.30 49.03 -5.74
C LYS C 756 23.72 48.65 -5.39
N THR C 757 24.48 48.29 -6.42
CA THR C 757 25.90 47.99 -6.24
C THR C 757 26.65 49.27 -5.92
N PRO C 758 27.52 49.28 -4.91
CA PRO C 758 28.21 50.52 -4.52
C PRO C 758 29.24 51.00 -5.54
N THR C 759 29.50 50.22 -6.60
CA THR C 759 30.37 50.56 -7.73
C THR C 759 31.77 50.97 -7.31
N LEU C 760 32.10 50.79 -6.03
CA LEU C 760 33.44 51.06 -5.52
C LEU C 760 34.23 49.79 -5.26
N LYS C 761 33.64 48.84 -4.52
CA LYS C 761 34.20 47.51 -4.29
C LYS C 761 35.55 47.56 -3.58
N ASP C 762 35.83 48.64 -2.87
CA ASP C 762 37.06 48.73 -2.07
C ASP C 762 36.79 49.74 -0.96
N PHE C 763 36.52 49.25 0.25
CA PHE C 763 36.18 50.08 1.39
C PHE C 763 37.26 49.91 2.45
N GLY C 764 38.13 50.92 2.59
CA GLY C 764 39.16 50.89 3.61
C GLY C 764 40.17 49.77 3.43
N GLY C 765 40.45 49.38 2.19
CA GLY C 765 41.39 48.31 1.92
C GLY C 765 40.78 46.92 1.89
N PHE C 766 39.52 46.78 2.29
CA PHE C 766 38.84 45.49 2.26
C PHE C 766 38.28 45.27 0.86
N ASN C 767 38.94 44.42 0.08
CA ASN C 767 38.52 44.18 -1.30
C ASN C 767 37.23 43.37 -1.31
N PHE C 768 36.14 44.00 -1.73
CA PHE C 768 34.84 43.34 -1.81
C PHE C 768 34.56 42.77 -3.19
N SER C 769 35.52 42.80 -4.11
CA SER C 769 35.34 42.22 -5.42
C SER C 769 35.23 40.69 -5.30
N GLN C 770 34.82 40.07 -6.40
CA GLN C 770 34.60 38.63 -6.53
C GLN C 770 33.41 38.14 -5.72
N ILE C 771 32.76 39.01 -4.95
CA ILE C 771 31.56 38.67 -4.20
C ILE C 771 30.34 39.40 -4.74
N LEU C 772 30.49 40.69 -5.06
CA LEU C 772 29.47 41.53 -5.68
C LEU C 772 29.54 41.42 -7.20
N PRO C 773 28.41 41.62 -7.89
CA PRO C 773 28.42 41.50 -9.35
C PRO C 773 29.26 42.59 -10.00
N ASP C 774 29.78 42.26 -11.19
CA ASP C 774 30.58 43.18 -11.98
C ASP C 774 29.76 43.66 -13.17
N PRO C 775 29.54 44.97 -13.32
CA PRO C 775 28.71 45.44 -14.45
C PRO C 775 29.26 45.06 -15.82
N LEU C 776 30.57 45.03 -15.98
CA LEU C 776 31.18 44.66 -17.26
C LEU C 776 31.43 43.15 -17.31
N LYS C 777 30.34 42.40 -17.09
CA LYS C 777 30.36 40.96 -17.10
C LYS C 777 29.05 40.47 -17.70
N PRO C 778 29.07 39.46 -18.58
CA PRO C 778 27.83 38.99 -19.21
C PRO C 778 26.77 38.54 -18.20
N THR C 779 27.13 37.61 -17.33
CA THR C 779 26.19 37.14 -16.33
C THR C 779 26.02 38.18 -15.23
N LYS C 780 24.87 38.13 -14.55
CA LYS C 780 24.55 39.04 -13.47
C LYS C 780 25.00 38.51 -12.11
N ARG C 781 25.70 37.37 -12.08
CA ARG C 781 26.24 36.81 -10.87
C ARG C 781 27.73 37.12 -10.76
N SER C 782 28.23 37.10 -9.53
CA SER C 782 29.64 37.36 -9.30
C SER C 782 30.46 36.13 -9.62
N PHE C 783 31.77 36.21 -9.37
CA PHE C 783 32.68 35.12 -9.74
C PHE C 783 32.44 33.89 -8.87
N ILE C 784 32.24 34.10 -7.57
CA ILE C 784 32.06 32.97 -6.65
C ILE C 784 30.76 32.23 -6.96
N GLU C 785 29.68 32.97 -7.21
CA GLU C 785 28.41 32.33 -7.52
C GLU C 785 28.48 31.54 -8.82
N ASP C 786 29.21 32.06 -9.81
CA ASP C 786 29.41 31.30 -11.04
C ASP C 786 30.16 30.00 -10.79
N LEU C 787 31.18 30.05 -9.93
CA LEU C 787 31.90 28.84 -9.57
C LEU C 787 30.99 27.84 -8.87
N LEU C 788 30.13 28.33 -7.97
CA LEU C 788 29.19 27.44 -7.28
C LEU C 788 28.22 26.81 -8.27
N PHE C 789 27.73 27.60 -9.23
CA PHE C 789 26.81 27.06 -10.22
C PHE C 789 27.50 26.08 -11.16
N ASN C 790 28.81 26.22 -11.36
CA ASN C 790 29.54 25.30 -12.22
C ASN C 790 29.82 23.95 -11.56
N LYS C 791 29.84 23.89 -10.23
CA LYS C 791 30.15 22.64 -9.55
C LYS C 791 28.99 21.65 -9.67
N VAL C 792 27.76 22.12 -9.45
CA VAL C 792 26.60 21.23 -9.48
C VAL C 792 26.29 20.84 -10.91
N THR C 793 26.21 19.53 -11.15
CA THR C 793 25.87 19.00 -12.48
C THR C 793 24.39 18.64 -12.47
N LEU C 794 23.56 19.63 -12.78
CA LEU C 794 22.12 19.42 -12.82
C LEU C 794 21.74 18.51 -13.98
N ALA C 795 20.63 17.79 -13.82
CA ALA C 795 20.11 16.96 -14.90
C ALA C 795 19.67 17.80 -16.09
N ASP C 796 19.53 19.11 -15.91
CA ASP C 796 19.21 20.06 -16.98
C ASP C 796 17.86 19.74 -17.62
N ALA C 797 16.82 19.78 -16.78
CA ALA C 797 15.45 19.74 -17.27
C ALA C 797 15.14 21.08 -17.94
N GLY C 798 15.17 21.10 -19.27
CA GLY C 798 15.05 22.35 -20.01
C GLY C 798 13.73 23.07 -19.83
N PHE C 799 12.74 22.42 -19.21
CA PHE C 799 11.43 22.99 -18.92
C PHE C 799 10.64 23.26 -20.20
N MET C 800 11.29 23.04 -21.36
CA MET C 800 10.63 23.05 -22.66
C MET C 800 11.21 21.91 -23.47
N LYS C 801 10.62 20.73 -23.32
CA LYS C 801 10.97 19.56 -24.11
C LYS C 801 9.83 19.34 -25.08
N GLN C 802 10.00 19.83 -26.31
CA GLN C 802 8.92 19.82 -27.28
C GLN C 802 8.75 18.44 -27.89
N TYR C 803 7.61 18.23 -28.55
CA TYR C 803 7.33 16.95 -29.19
C TYR C 803 8.33 16.62 -30.28
N GLY C 804 8.89 17.62 -30.94
CA GLY C 804 9.88 17.38 -31.98
C GLY C 804 11.18 16.80 -31.44
N GLU C 805 11.56 17.21 -30.23
CA GLU C 805 12.81 16.72 -29.66
C GLU C 805 12.68 15.28 -29.17
N CYS C 806 11.53 14.93 -28.60
CA CYS C 806 11.30 13.58 -28.11
C CYS C 806 10.85 12.61 -29.20
N LEU C 807 10.46 13.12 -30.38
CA LEU C 807 10.10 12.26 -31.49
C LEU C 807 11.27 11.94 -32.41
N GLY C 808 12.29 12.81 -32.45
CA GLY C 808 13.50 12.55 -33.20
C GLY C 808 14.66 12.27 -32.25
N ASP C 809 15.76 11.78 -32.82
CA ASP C 809 16.96 11.44 -32.06
C ASP C 809 16.64 10.46 -30.94
N ILE C 810 15.78 9.48 -31.25
CA ILE C 810 15.35 8.50 -30.25
C ILE C 810 16.49 7.59 -29.84
N ASN C 811 17.53 7.46 -30.67
CA ASN C 811 18.65 6.58 -30.33
C ASN C 811 19.38 7.03 -29.08
N ALA C 812 19.29 8.31 -28.71
CA ALA C 812 19.93 8.78 -27.49
C ALA C 812 19.28 8.18 -26.25
N ARG C 813 17.99 7.86 -26.32
CA ARG C 813 17.24 7.28 -25.21
C ARG C 813 17.33 8.16 -23.97
N ASP C 814 17.00 9.44 -24.15
CA ASP C 814 17.05 10.39 -23.04
C ASP C 814 16.02 10.01 -21.97
N LEU C 815 16.44 10.11 -20.71
CA LEU C 815 15.55 9.74 -19.61
C LEU C 815 14.37 10.69 -19.50
N ILE C 816 14.60 11.99 -19.73
CA ILE C 816 13.54 12.98 -19.56
C ILE C 816 12.44 12.75 -20.59
N CYS C 817 12.82 12.46 -21.84
CA CYS C 817 11.82 12.16 -22.86
C CYS C 817 11.01 10.92 -22.50
N ALA C 818 11.63 9.97 -21.80
CA ALA C 818 10.90 8.79 -21.34
C ALA C 818 9.95 9.09 -20.19
N GLN C 819 10.30 10.04 -19.33
CA GLN C 819 9.42 10.41 -18.22
C GLN C 819 8.24 11.25 -18.68
N LYS C 820 8.47 12.20 -19.60
CA LYS C 820 7.37 13.05 -20.04
C LYS C 820 6.37 12.29 -20.91
N PHE C 821 6.78 11.15 -21.47
CA PHE C 821 5.84 10.33 -22.22
C PHE C 821 4.86 9.61 -21.29
N ASN C 822 5.21 9.47 -20.01
CA ASN C 822 4.39 8.76 -19.04
C ASN C 822 3.67 9.71 -18.08
N GLY C 823 3.59 11.00 -18.41
CA GLY C 823 2.87 11.94 -17.58
C GLY C 823 3.62 12.49 -16.40
N LEU C 824 4.93 12.23 -16.29
CA LEU C 824 5.74 12.76 -15.21
C LEU C 824 6.47 14.01 -15.69
N THR C 825 6.14 15.16 -15.10
CA THR C 825 6.69 16.44 -15.51
C THR C 825 7.30 17.13 -14.30
N VAL C 826 8.21 18.06 -14.58
CA VAL C 826 8.87 18.87 -13.55
C VAL C 826 8.53 20.32 -13.82
N LEU C 827 7.88 20.96 -12.86
CA LEU C 827 7.48 22.36 -13.01
C LEU C 827 8.68 23.28 -12.74
N PRO C 828 8.72 24.45 -13.36
CA PRO C 828 9.82 25.39 -13.12
C PRO C 828 9.59 26.21 -11.88
N PRO C 829 10.64 26.60 -11.18
CA PRO C 829 10.46 27.41 -9.97
C PRO C 829 9.98 28.80 -10.30
N LEU C 830 9.30 29.41 -9.33
CA LEU C 830 8.77 30.76 -9.52
C LEU C 830 9.89 31.79 -9.62
N LEU C 831 10.87 31.71 -8.73
CA LEU C 831 11.97 32.66 -8.69
C LEU C 831 13.11 32.11 -9.55
N THR C 832 13.47 32.86 -10.59
CA THR C 832 14.56 32.45 -11.47
C THR C 832 15.90 32.66 -10.78
N ASP C 833 16.96 32.15 -11.42
CA ASP C 833 18.29 32.25 -10.83
C ASP C 833 18.81 33.69 -10.84
N ASP C 834 18.32 34.52 -11.75
CA ASP C 834 18.76 35.91 -11.79
C ASP C 834 18.21 36.70 -10.61
N MET C 835 16.96 36.45 -10.23
CA MET C 835 16.37 37.18 -9.12
C MET C 835 17.01 36.80 -7.79
N ILE C 836 17.35 35.52 -7.61
CA ILE C 836 18.05 35.10 -6.40
C ILE C 836 19.42 35.76 -6.34
N ALA C 837 20.12 35.82 -7.47
CA ALA C 837 21.42 36.49 -7.51
C ALA C 837 21.29 37.96 -7.18
N ALA C 838 20.23 38.61 -7.68
CA ALA C 838 20.01 40.01 -7.35
C ALA C 838 19.73 40.19 -5.86
N TYR C 839 18.97 39.26 -5.27
CA TYR C 839 18.70 39.34 -3.84
C TYR C 839 19.99 39.22 -3.03
N THR C 840 20.84 38.26 -3.37
CA THR C 840 22.10 38.11 -2.66
C THR C 840 23.01 39.32 -2.87
N ALA C 841 23.03 39.88 -4.09
CA ALA C 841 23.83 41.07 -4.34
C ALA C 841 23.34 42.25 -3.50
N ALA C 842 22.03 42.43 -3.41
CA ALA C 842 21.48 43.49 -2.57
C ALA C 842 21.81 43.27 -1.11
N LEU C 843 21.74 42.03 -0.63
CA LEU C 843 22.10 41.75 0.76
C LEU C 843 23.57 42.08 1.03
N VAL C 844 24.46 41.67 0.12
CA VAL C 844 25.89 41.95 0.31
C VAL C 844 26.15 43.45 0.26
N SER C 845 25.50 44.17 -0.66
CA SER C 845 25.69 45.61 -0.74
C SER C 845 25.19 46.31 0.53
N GLY C 846 24.04 45.88 1.05
CA GLY C 846 23.55 46.46 2.29
C GLY C 846 24.46 46.17 3.46
N THR C 847 25.01 44.96 3.53
CA THR C 847 25.96 44.63 4.58
C THR C 847 27.21 45.49 4.47
N ALA C 848 27.71 45.70 3.25
CA ALA C 848 28.93 46.49 3.06
C ALA C 848 28.70 47.95 3.41
N THR C 849 27.58 48.51 2.99
CA THR C 849 27.32 49.94 3.16
C THR C 849 26.57 50.25 4.46
N ALA C 850 25.37 49.70 4.62
CA ALA C 850 24.57 50.03 5.80
C ALA C 850 25.16 49.39 7.06
N GLY C 851 25.52 48.10 6.98
CA GLY C 851 26.06 47.42 8.13
C GLY C 851 25.04 46.58 8.86
N TRP C 852 25.00 46.69 10.18
CA TRP C 852 24.03 45.95 10.98
C TRP C 852 22.72 46.71 11.13
N THR C 853 22.65 47.95 10.66
CA THR C 853 21.48 48.79 10.91
C THR C 853 20.29 48.38 10.06
N PHE C 854 20.53 47.82 8.88
CA PHE C 854 19.44 47.48 7.97
C PHE C 854 18.66 46.24 8.40
N GLY C 855 19.03 45.62 9.52
CA GLY C 855 18.22 44.55 10.06
C GLY C 855 16.84 45.03 10.46
N ALA C 856 16.74 46.27 10.92
CA ALA C 856 15.46 46.91 11.21
C ALA C 856 14.89 47.47 9.92
N GLY C 857 13.86 48.31 10.04
CA GLY C 857 13.22 48.86 8.85
C GLY C 857 14.14 49.78 8.06
N ALA C 858 14.86 50.65 8.76
CA ALA C 858 15.72 51.63 8.12
C ALA C 858 17.16 51.14 8.05
N ALA C 859 17.96 51.82 7.25
CA ALA C 859 19.37 51.51 7.08
C ALA C 859 20.19 52.78 7.27
N LEU C 860 21.21 52.72 8.12
CA LEU C 860 22.05 53.86 8.41
C LEU C 860 23.40 53.71 7.72
N GLN C 861 23.80 54.74 6.99
CA GLN C 861 25.07 54.71 6.27
C GLN C 861 26.24 54.80 7.25
N ILE C 862 27.26 53.99 6.99
CA ILE C 862 28.48 54.01 7.81
C ILE C 862 29.63 53.43 6.99
N PRO C 863 30.84 53.96 7.10
CA PRO C 863 31.98 53.35 6.40
C PRO C 863 32.32 52.00 7.01
N PHE C 864 33.00 51.18 6.20
CA PHE C 864 33.35 49.82 6.62
C PHE C 864 34.37 49.82 7.75
N ALA C 865 34.98 50.97 8.03
CA ALA C 865 35.99 51.05 9.08
C ALA C 865 35.37 50.91 10.45
N MET C 866 34.54 51.88 10.85
CA MET C 866 33.97 51.85 12.19
C MET C 866 32.90 50.78 12.33
N GLN C 867 32.36 50.29 11.22
CA GLN C 867 31.50 49.11 11.29
C GLN C 867 32.29 47.91 11.79
N MET C 868 33.46 47.66 11.19
CA MET C 868 34.33 46.60 11.69
C MET C 868 34.81 46.91 13.09
N ALA C 869 35.00 48.18 13.43
CA ALA C 869 35.39 48.53 14.80
C ALA C 869 34.31 48.17 15.81
N TYR C 870 33.05 48.44 15.46
CA TYR C 870 31.93 48.06 16.32
C TYR C 870 31.81 46.54 16.42
N ARG C 871 32.02 45.84 15.31
CA ARG C 871 32.03 44.38 15.37
C ARG C 871 33.14 43.87 16.28
N PHE C 872 34.31 44.52 16.25
CA PHE C 872 35.39 44.21 17.17
C PHE C 872 35.10 44.67 18.60
N ASN C 873 34.12 45.55 18.80
CA ASN C 873 33.76 45.99 20.15
C ASN C 873 32.85 45.00 20.86
N GLY C 874 31.93 44.38 20.13
CA GLY C 874 31.04 43.39 20.72
C GLY C 874 31.63 42.01 20.86
N ILE C 875 32.85 41.80 20.40
CA ILE C 875 33.48 40.49 20.51
C ILE C 875 34.24 40.34 21.82
N GLY C 876 34.65 41.44 22.44
CA GLY C 876 35.39 41.38 23.68
C GLY C 876 36.63 42.25 23.67
N VAL C 877 37.27 42.40 22.51
CA VAL C 877 38.46 43.23 22.40
C VAL C 877 38.02 44.67 22.23
N THR C 878 38.97 45.61 22.35
CA THR C 878 38.67 47.02 22.23
C THR C 878 38.76 47.46 20.77
N GLN C 879 38.50 48.74 20.52
CA GLN C 879 38.58 49.30 19.18
C GLN C 879 40.01 49.66 18.78
N ASN C 880 40.97 49.49 19.68
CA ASN C 880 42.34 49.90 19.39
C ASN C 880 42.99 48.98 18.36
N VAL C 881 42.64 47.70 18.37
CA VAL C 881 43.34 46.73 17.53
C VAL C 881 43.11 47.01 16.05
N LEU C 882 41.86 47.31 15.67
CA LEU C 882 41.56 47.52 14.25
C LEU C 882 42.20 48.80 13.73
N TYR C 883 42.04 49.91 14.45
CA TYR C 883 42.56 51.18 13.97
C TYR C 883 44.10 51.18 13.98
N GLU C 884 44.71 50.17 14.57
CA GLU C 884 46.17 50.07 14.59
C GLU C 884 46.71 49.01 13.64
N ASN C 885 45.90 48.01 13.27
CA ASN C 885 46.36 46.90 12.43
C ASN C 885 45.40 46.66 11.27
N GLN C 886 44.76 47.74 10.79
CA GLN C 886 43.85 47.63 9.65
C GLN C 886 44.52 46.98 8.44
N LYS C 887 45.80 47.27 8.20
CA LYS C 887 46.48 46.72 7.03
C LYS C 887 46.56 45.20 7.11
N GLN C 888 46.98 44.67 8.26
CA GLN C 888 47.09 43.23 8.41
C GLN C 888 45.73 42.55 8.30
N ILE C 889 44.69 43.16 8.89
CA ILE C 889 43.36 42.57 8.84
C ILE C 889 42.84 42.54 7.40
N ALA C 890 43.04 43.63 6.65
CA ALA C 890 42.61 43.66 5.26
C ALA C 890 43.37 42.64 4.42
N ASN C 891 44.68 42.52 4.65
CA ASN C 891 45.46 41.53 3.91
C ASN C 891 44.98 40.12 4.22
N GLN C 892 44.69 39.83 5.49
CA GLN C 892 44.20 38.50 5.85
C GLN C 892 42.83 38.24 5.25
N PHE C 893 41.96 39.26 5.21
CA PHE C 893 40.65 39.10 4.60
C PHE C 893 40.76 38.78 3.12
N ASN C 894 41.61 39.52 2.40
CA ASN C 894 41.80 39.26 0.98
C ASN C 894 42.40 37.88 0.73
N LYS C 895 43.38 37.48 1.55
CA LYS C 895 43.98 36.17 1.40
C LYS C 895 42.99 35.06 1.68
N ALA C 896 42.12 35.26 2.68
CA ALA C 896 41.09 34.26 2.97
C ALA C 896 40.09 34.14 1.83
N ILE C 897 39.71 35.27 1.23
CA ILE C 897 38.81 35.23 0.08
C ILE C 897 39.46 34.47 -1.08
N SER C 898 40.75 34.76 -1.32
CA SER C 898 41.45 34.07 -2.41
C SER C 898 41.55 32.57 -2.13
N GLN C 899 41.83 32.19 -0.88
CA GLN C 899 41.90 30.78 -0.53
C GLN C 899 40.56 30.09 -0.68
N ILE C 900 39.48 30.78 -0.33
CA ILE C 900 38.14 30.23 -0.53
C ILE C 900 37.89 30.00 -2.02
N GLN C 901 38.29 30.95 -2.86
CA GLN C 901 38.15 30.79 -4.30
C GLN C 901 38.93 29.57 -4.80
N GLU C 902 40.18 29.45 -4.37
CA GLU C 902 41.00 28.33 -4.81
C GLU C 902 40.42 26.99 -4.34
N SER C 903 39.90 26.95 -3.11
CA SER C 903 39.27 25.72 -2.62
C SER C 903 38.02 25.39 -3.43
N LEU C 904 37.24 26.41 -3.80
CA LEU C 904 36.06 26.17 -4.61
C LEU C 904 36.43 25.64 -5.99
N THR C 905 37.52 26.15 -6.57
CA THR C 905 37.90 25.73 -7.91
C THR C 905 38.55 24.34 -7.90
N THR C 906 39.18 23.96 -6.80
CA THR C 906 39.97 22.74 -6.77
C THR C 906 39.21 21.55 -6.21
N THR C 907 38.51 21.73 -5.09
CA THR C 907 37.85 20.61 -4.43
C THR C 907 36.77 20.00 -5.31
N SER C 908 36.68 18.67 -5.29
CA SER C 908 35.73 17.95 -6.12
C SER C 908 34.38 17.78 -5.43
N THR C 909 34.38 17.36 -4.17
CA THR C 909 33.16 17.13 -3.39
C THR C 909 33.00 18.28 -2.39
N ALA C 910 32.40 19.36 -2.85
CA ALA C 910 32.08 20.52 -1.99
C ALA C 910 30.59 20.74 -1.84
N LEU C 911 29.85 20.82 -2.93
CA LEU C 911 28.39 20.95 -2.88
C LEU C 911 27.71 19.58 -2.96
N GLY C 912 28.19 18.65 -2.13
CA GLY C 912 27.62 17.32 -2.12
C GLY C 912 26.20 17.27 -1.61
N LYS C 913 25.89 18.06 -0.58
CA LYS C 913 24.52 18.10 -0.07
C LYS C 913 23.54 18.63 -1.10
N LEU C 914 23.98 19.56 -1.94
CA LEU C 914 23.13 20.06 -3.02
C LEU C 914 23.03 19.08 -4.18
N GLN C 915 24.13 18.38 -4.50
CA GLN C 915 24.09 17.40 -5.58
C GLN C 915 23.23 16.20 -5.21
N ASP C 916 23.21 15.82 -3.93
CA ASP C 916 22.42 14.67 -3.50
C ASP C 916 20.95 14.88 -3.75
N VAL C 917 20.47 16.12 -3.60
CA VAL C 917 19.05 16.41 -3.82
C VAL C 917 18.66 16.08 -5.25
N VAL C 918 19.45 16.56 -6.21
CA VAL C 918 19.18 16.26 -7.62
C VAL C 918 19.32 14.76 -7.88
N ASN C 919 20.34 14.13 -7.29
CA ASN C 919 20.57 12.71 -7.52
C ASN C 919 19.41 11.85 -7.05
N GLN C 920 18.78 12.18 -5.92
CA GLN C 920 17.60 11.44 -5.49
C GLN C 920 16.34 11.83 -6.25
N ASN C 921 16.18 13.12 -6.58
CA ASN C 921 14.97 13.54 -7.29
C ASN C 921 14.90 12.93 -8.69
N ALA C 922 16.04 12.79 -9.37
CA ALA C 922 16.03 12.12 -10.66
C ALA C 922 15.92 10.61 -10.51
N GLN C 923 16.53 10.04 -9.47
CA GLN C 923 16.49 8.60 -9.27
C GLN C 923 15.07 8.12 -8.98
N ALA C 924 14.30 8.89 -8.21
CA ALA C 924 12.93 8.51 -7.92
C ALA C 924 12.09 8.45 -9.19
N LEU C 925 12.22 9.45 -10.06
CA LEU C 925 11.48 9.46 -11.32
C LEU C 925 11.91 8.32 -12.22
N ASN C 926 13.22 8.06 -12.29
CA ASN C 926 13.70 6.95 -13.12
C ASN C 926 13.17 5.61 -12.60
N THR C 927 13.16 5.42 -11.28
CA THR C 927 12.61 4.20 -10.71
C THR C 927 11.13 4.07 -11.02
N LEU C 928 10.38 5.17 -10.91
CA LEU C 928 8.96 5.13 -11.26
C LEU C 928 8.75 4.77 -12.72
N VAL C 929 9.62 5.26 -13.61
CA VAL C 929 9.51 4.93 -15.02
C VAL C 929 9.79 3.45 -15.26
N LYS C 930 10.86 2.94 -14.66
CA LYS C 930 11.24 1.54 -14.90
C LYS C 930 10.34 0.55 -14.15
N GLN C 931 9.47 1.03 -13.27
CA GLN C 931 8.53 0.16 -12.56
C GLN C 931 7.29 -0.18 -13.39
N LEU C 932 7.23 0.24 -14.65
CA LEU C 932 6.08 0.01 -15.51
C LEU C 932 6.14 -1.34 -16.22
N SER C 933 7.19 -2.13 -15.99
CA SER C 933 7.35 -3.42 -16.65
C SER C 933 7.27 -4.58 -15.67
N SER C 934 6.33 -4.50 -14.73
CA SER C 934 6.15 -5.53 -13.71
C SER C 934 4.77 -6.15 -13.85
N ASN C 935 4.72 -7.49 -13.84
CA ASN C 935 3.46 -8.22 -13.92
C ASN C 935 2.89 -8.33 -12.51
N PHE C 936 1.90 -7.49 -12.18
CA PHE C 936 1.27 -7.49 -10.87
C PHE C 936 0.24 -8.62 -10.78
N GLY C 937 0.72 -9.85 -10.97
CA GLY C 937 -0.13 -11.01 -10.97
C GLY C 937 -0.84 -11.27 -12.29
N ALA C 938 -0.58 -10.49 -13.31
CA ALA C 938 -1.22 -10.65 -14.62
C ALA C 938 -0.34 -11.49 -15.54
N ILE C 939 -0.90 -11.79 -16.72
CA ILE C 939 -0.17 -12.59 -17.69
C ILE C 939 0.99 -11.81 -18.29
N SER C 940 0.79 -10.52 -18.56
CA SER C 940 1.82 -9.67 -19.15
C SER C 940 1.77 -8.30 -18.50
N SER C 941 2.92 -7.62 -18.53
CA SER C 941 3.04 -6.29 -17.96
C SER C 941 2.70 -5.18 -18.93
N VAL C 942 2.49 -5.50 -20.20
CA VAL C 942 2.23 -4.52 -21.24
C VAL C 942 0.81 -4.71 -21.75
N LEU C 943 -0.01 -3.66 -21.66
CA LEU C 943 -1.36 -3.72 -22.18
C LEU C 943 -1.34 -3.60 -23.71
N ASN C 944 -2.54 -3.64 -24.30
CA ASN C 944 -2.74 -3.80 -25.74
C ASN C 944 -2.25 -5.17 -26.19
N ASP C 945 -1.71 -5.96 -25.26
CA ASP C 945 -1.44 -7.37 -25.45
C ASP C 945 -2.45 -8.25 -24.75
N ILE C 946 -2.81 -7.91 -23.51
CA ILE C 946 -3.92 -8.59 -22.84
C ILE C 946 -5.24 -8.29 -23.53
N LEU C 947 -5.44 -7.05 -24.01
CA LEU C 947 -6.66 -6.67 -24.69
C LEU C 947 -6.76 -7.26 -26.10
N SER C 948 -5.65 -7.69 -26.68
CA SER C 948 -5.66 -8.26 -28.02
C SER C 948 -5.83 -9.77 -28.02
N ARG C 949 -5.46 -10.45 -26.94
CA ARG C 949 -5.56 -11.91 -26.87
C ARG C 949 -6.76 -12.39 -26.06
N LEU C 950 -7.39 -11.52 -25.28
CA LEU C 950 -8.50 -11.90 -24.42
C LEU C 950 -9.69 -10.99 -24.69
N ASP C 951 -10.88 -11.50 -24.40
CA ASP C 951 -12.10 -10.73 -24.61
C ASP C 951 -12.26 -9.69 -23.50
N LYS C 952 -13.40 -9.00 -23.50
CA LYS C 952 -13.61 -7.91 -22.56
C LYS C 952 -13.67 -8.41 -21.13
N VAL C 953 -14.39 -9.52 -20.89
CA VAL C 953 -14.60 -9.99 -19.53
C VAL C 953 -13.32 -10.53 -18.93
N GLU C 954 -12.57 -11.32 -19.69
CA GLU C 954 -11.39 -11.98 -19.13
C GLU C 954 -10.25 -11.00 -18.90
N ALA C 955 -10.08 -10.01 -19.78
CA ALA C 955 -8.96 -9.08 -19.65
C ALA C 955 -9.16 -8.08 -18.54
N GLU C 956 -10.40 -7.91 -18.05
CA GLU C 956 -10.67 -6.91 -17.02
C GLU C 956 -9.95 -7.25 -15.72
N VAL C 957 -9.82 -8.54 -15.40
CA VAL C 957 -9.15 -8.94 -14.17
C VAL C 957 -7.68 -8.52 -14.21
N GLN C 958 -7.01 -8.81 -15.33
CA GLN C 958 -5.60 -8.45 -15.46
C GLN C 958 -5.42 -6.93 -15.49
N ILE C 959 -6.35 -6.22 -16.14
CA ILE C 959 -6.28 -4.76 -16.17
C ILE C 959 -6.41 -4.20 -14.76
N ASP C 960 -7.34 -4.76 -13.97
CA ASP C 960 -7.51 -4.30 -12.60
C ASP C 960 -6.27 -4.58 -11.76
N ARG C 961 -5.66 -5.75 -11.95
CA ARG C 961 -4.43 -6.07 -11.23
C ARG C 961 -3.32 -5.07 -11.56
N LEU C 962 -3.14 -4.77 -12.84
CA LEU C 962 -2.13 -3.80 -13.25
C LEU C 962 -2.42 -2.42 -12.67
N ILE C 963 -3.69 -2.01 -12.69
CA ILE C 963 -4.07 -0.71 -12.14
C ILE C 963 -3.75 -0.65 -10.66
N THR C 964 -4.07 -1.71 -9.92
CA THR C 964 -3.78 -1.73 -8.49
C THR C 964 -2.29 -1.62 -8.22
N GLY C 965 -1.49 -2.40 -8.95
CA GLY C 965 -0.05 -2.34 -8.75
C GLY C 965 0.54 -0.97 -9.04
N ARG C 966 0.14 -0.37 -10.16
CA ARG C 966 0.70 0.92 -10.53
C ARG C 966 0.22 2.02 -9.59
N LEU C 967 -1.03 1.93 -9.10
CA LEU C 967 -1.51 2.90 -8.12
C LEU C 967 -0.73 2.77 -6.81
N GLN C 968 -0.42 1.55 -6.40
CA GLN C 968 0.42 1.38 -5.21
C GLN C 968 1.79 2.01 -5.42
N SER C 969 2.38 1.83 -6.60
CA SER C 969 3.67 2.44 -6.89
C SER C 969 3.59 3.96 -6.78
N LEU C 970 2.53 4.55 -7.36
CA LEU C 970 2.37 6.00 -7.30
C LEU C 970 2.21 6.49 -5.87
N GLN C 971 1.42 5.77 -5.06
CA GLN C 971 1.25 6.16 -3.66
C GLN C 971 2.57 6.10 -2.90
N THR C 972 3.37 5.05 -3.15
CA THR C 972 4.67 4.96 -2.50
C THR C 972 5.56 6.13 -2.89
N TYR C 973 5.57 6.49 -4.17
CA TYR C 973 6.37 7.62 -4.61
C TYR C 973 5.94 8.92 -3.93
N VAL C 974 4.61 9.13 -3.84
CA VAL C 974 4.12 10.35 -3.20
C VAL C 974 4.50 10.39 -1.72
N THR C 975 4.41 9.24 -1.04
CA THR C 975 4.77 9.20 0.38
C THR C 975 6.25 9.52 0.59
N GLN C 976 7.12 8.93 -0.24
CA GLN C 976 8.55 9.24 -0.12
C GLN C 976 8.83 10.71 -0.41
N GLN C 977 8.13 11.28 -1.39
CA GLN C 977 8.32 12.70 -1.70
C GLN C 977 7.91 13.58 -0.53
N LEU C 978 6.80 13.25 0.13
CA LEU C 978 6.38 14.01 1.30
C LEU C 978 7.40 13.90 2.43
N ILE C 979 7.92 12.69 2.66
CA ILE C 979 8.91 12.51 3.73
C ILE C 979 10.16 13.32 3.44
N ARG C 980 10.58 13.37 2.17
CA ARG C 980 11.74 14.19 1.81
C ARG C 980 11.43 15.68 1.96
N ALA C 981 10.21 16.09 1.61
CA ALA C 981 9.83 17.50 1.71
C ALA C 981 9.86 17.98 3.15
N ALA C 982 9.52 17.11 4.10
CA ALA C 982 9.61 17.50 5.51
C ALA C 982 11.03 17.93 5.88
N GLU C 983 12.01 17.10 5.53
CA GLU C 983 13.40 17.42 5.86
C GLU C 983 13.87 18.65 5.09
N ILE C 984 13.45 18.79 3.83
CA ILE C 984 13.83 19.98 3.05
C ILE C 984 13.28 21.24 3.70
N ARG C 985 12.03 21.19 4.19
CA ARG C 985 11.45 22.34 4.87
C ARG C 985 12.20 22.67 6.14
N ALA C 986 12.58 21.64 6.91
CA ALA C 986 13.37 21.89 8.12
C ALA C 986 14.70 22.56 7.79
N SER C 987 15.38 22.08 6.75
CA SER C 987 16.65 22.69 6.35
C SER C 987 16.45 24.13 5.89
N ALA C 988 15.36 24.39 5.17
CA ALA C 988 15.08 25.76 4.72
C ALA C 988 14.82 26.69 5.89
N ASN C 989 14.10 26.20 6.91
CA ASN C 989 13.86 27.00 8.10
C ASN C 989 15.17 27.31 8.82
N LEU C 990 16.04 26.31 8.95
CA LEU C 990 17.33 26.55 9.58
C LEU C 990 18.15 27.57 8.80
N ALA C 991 18.14 27.47 7.46
CA ALA C 991 18.88 28.41 6.63
C ALA C 991 18.34 29.82 6.78
N ALA C 992 17.01 29.96 6.81
CA ALA C 992 16.42 31.29 6.99
C ALA C 992 16.79 31.88 8.34
N THR C 993 16.76 31.08 9.40
CA THR C 993 17.14 31.56 10.72
C THR C 993 18.61 32.00 10.74
N LYS C 994 19.50 31.18 10.17
CA LYS C 994 20.91 31.53 10.14
C LYS C 994 21.15 32.79 9.32
N MET C 995 20.45 32.96 8.20
CA MET C 995 20.56 34.20 7.44
C MET C 995 20.14 35.39 8.30
N SER C 996 18.95 35.32 8.89
CA SER C 996 18.42 36.46 9.64
C SER C 996 19.32 36.82 10.82
N GLU C 997 20.02 35.83 11.39
CA GLU C 997 20.87 36.12 12.54
C GLU C 997 22.28 36.55 12.14
N CYS C 998 23.00 35.69 11.40
CA CYS C 998 24.40 35.97 11.10
C CYS C 998 24.54 37.06 10.03
N VAL C 999 23.71 37.02 8.99
CA VAL C 999 23.88 37.95 7.88
C VAL C 999 23.45 39.36 8.27
N LEU C 1000 22.32 39.48 8.96
CA LEU C 1000 21.74 40.78 9.30
C LEU C 1000 22.15 41.28 10.67
N GLY C 1001 23.14 40.66 11.30
CA GLY C 1001 23.59 41.12 12.60
C GLY C 1001 24.71 40.25 13.11
N GLN C 1002 25.23 40.64 14.27
CA GLN C 1002 26.31 39.89 14.92
C GLN C 1002 25.70 38.98 15.99
N SER C 1003 26.01 37.68 15.89
CA SER C 1003 25.46 36.68 16.78
C SER C 1003 26.47 36.31 17.84
N LYS C 1004 26.00 36.19 19.09
CA LYS C 1004 26.83 35.80 20.22
C LYS C 1004 26.58 34.35 20.63
N ARG C 1005 26.17 33.51 19.69
CA ARG C 1005 25.91 32.10 19.94
C ARG C 1005 27.14 31.29 19.55
N VAL C 1006 27.55 30.38 20.44
CA VAL C 1006 28.79 29.64 20.24
C VAL C 1006 28.60 28.62 19.13
N ASP C 1007 29.51 28.65 18.14
CA ASP C 1007 29.56 27.68 17.05
C ASP C 1007 28.26 27.65 16.25
N PHE C 1008 27.57 28.79 16.17
CA PHE C 1008 26.35 28.88 15.37
C PHE C 1008 26.65 29.36 13.95
N CYS C 1009 27.23 30.55 13.82
CA CYS C 1009 27.54 31.09 12.51
C CYS C 1009 28.81 30.45 11.95
N GLY C 1010 29.93 30.62 12.65
CA GLY C 1010 31.18 30.05 12.20
C GLY C 1010 31.98 29.52 13.38
N LYS C 1011 32.97 28.70 13.07
CA LYS C 1011 33.86 28.12 14.08
C LYS C 1011 34.77 29.21 14.63
N GLY C 1012 34.44 29.73 15.80
CA GLY C 1012 35.21 30.80 16.40
C GLY C 1012 34.34 31.93 16.91
N TYR C 1013 34.83 33.15 16.81
CA TYR C 1013 34.08 34.34 17.24
C TYR C 1013 33.52 35.03 16.00
N HIS C 1014 32.20 35.19 15.96
CA HIS C 1014 31.55 35.72 14.76
C HIS C 1014 31.82 37.21 14.61
N LEU C 1015 32.08 37.64 13.37
CA LEU C 1015 32.23 39.05 13.04
C LEU C 1015 31.18 39.50 12.03
N MET C 1016 31.06 38.81 10.90
CA MET C 1016 30.08 39.14 9.87
C MET C 1016 29.92 37.93 8.96
N SER C 1017 28.97 38.03 8.03
CA SER C 1017 28.70 36.94 7.11
C SER C 1017 28.24 37.51 5.77
N PHE C 1018 28.41 36.69 4.72
CA PHE C 1018 28.02 37.08 3.38
C PHE C 1018 27.28 35.92 2.73
N PRO C 1019 26.05 36.14 2.24
CA PRO C 1019 25.32 35.06 1.57
C PRO C 1019 25.62 35.00 0.08
N GLN C 1020 25.64 33.77 -0.42
CA GLN C 1020 25.88 33.50 -1.84
C GLN C 1020 24.87 32.48 -2.34
N ALA C 1021 24.42 32.67 -3.57
CA ALA C 1021 23.45 31.78 -4.17
C ALA C 1021 24.11 30.48 -4.63
N ALA C 1022 23.29 29.44 -4.74
CA ALA C 1022 23.75 28.13 -5.16
C ALA C 1022 22.57 27.36 -5.74
N PRO C 1023 22.82 26.40 -6.63
CA PRO C 1023 21.71 25.60 -7.18
C PRO C 1023 20.93 24.86 -6.10
N HIS C 1024 19.67 25.23 -5.92
CA HIS C 1024 18.79 24.60 -4.93
C HIS C 1024 19.38 24.69 -3.53
N GLY C 1025 19.97 25.83 -3.20
CA GLY C 1025 20.56 26.02 -1.89
C GLY C 1025 21.17 27.39 -1.76
N VAL C 1026 21.83 27.59 -0.62
CA VAL C 1026 22.49 28.85 -0.29
C VAL C 1026 23.81 28.54 0.42
N VAL C 1027 24.83 29.35 0.13
CA VAL C 1027 26.16 29.18 0.70
C VAL C 1027 26.49 30.41 1.52
N PHE C 1028 26.88 30.21 2.77
CA PHE C 1028 27.23 31.29 3.69
C PHE C 1028 28.75 31.36 3.83
N LEU C 1029 29.28 32.59 3.80
CA LEU C 1029 30.69 32.84 4.04
C LEU C 1029 30.82 33.58 5.36
N HIS C 1030 31.31 32.89 6.39
CA HIS C 1030 31.36 33.43 7.74
C HIS C 1030 32.76 33.97 8.01
N VAL C 1031 32.85 35.25 8.34
CA VAL C 1031 34.11 35.89 8.73
C VAL C 1031 34.22 35.81 10.25
N THR C 1032 35.28 35.18 10.74
CA THR C 1032 35.42 34.91 12.16
C THR C 1032 36.76 35.45 12.66
N TYR C 1033 36.91 35.45 13.97
CA TYR C 1033 38.11 35.93 14.66
C TYR C 1033 38.67 34.79 15.50
N VAL C 1034 39.94 34.46 15.29
CA VAL C 1034 40.57 33.32 15.93
C VAL C 1034 41.89 33.76 16.56
N PRO C 1035 42.05 33.66 17.87
CA PRO C 1035 43.37 33.92 18.47
C PRO C 1035 44.39 32.87 18.02
N SER C 1036 45.64 33.31 17.88
CA SER C 1036 46.68 32.45 17.31
C SER C 1036 47.80 32.13 18.30
N GLN C 1037 48.46 33.13 18.86
CA GLN C 1037 49.67 32.92 19.64
C GLN C 1037 49.41 33.11 21.12
N GLU C 1038 49.90 32.17 21.93
CA GLU C 1038 49.70 32.20 23.38
C GLU C 1038 50.94 32.75 24.08
N ARG C 1039 50.79 33.00 25.37
CA ARG C 1039 51.90 33.48 26.20
C ARG C 1039 51.57 33.18 27.65
N ASN C 1040 52.55 32.64 28.38
CA ASN C 1040 52.34 32.28 29.77
C ASN C 1040 52.36 33.51 30.67
N PHE C 1041 51.48 33.50 31.68
CA PHE C 1041 51.43 34.56 32.67
C PHE C 1041 50.95 33.99 34.00
N THR C 1042 51.69 34.29 35.06
CA THR C 1042 51.25 33.97 36.42
C THR C 1042 50.41 35.12 36.94
N THR C 1043 49.37 34.79 37.71
CA THR C 1043 48.35 35.76 38.07
C THR C 1043 47.87 35.53 39.48
N ALA C 1044 47.07 36.47 39.98
CA ALA C 1044 46.48 36.44 41.30
C ALA C 1044 45.02 36.87 41.22
N PRO C 1045 44.16 36.33 42.07
CA PRO C 1045 42.75 36.74 42.04
C PRO C 1045 42.52 38.21 42.37
N ALA C 1046 43.32 38.80 43.25
CA ALA C 1046 43.11 40.18 43.67
C ALA C 1046 44.41 40.74 44.23
N ILE C 1047 44.37 42.03 44.53
CA ILE C 1047 45.52 42.75 45.07
C ILE C 1047 45.09 43.50 46.32
N CYS C 1048 45.94 43.45 47.35
CA CYS C 1048 45.75 44.22 48.57
C CYS C 1048 46.59 45.48 48.50
N HIS C 1049 45.95 46.64 48.65
CA HIS C 1049 46.64 47.93 48.56
C HIS C 1049 46.97 48.50 49.94
N GLU C 1050 45.94 48.70 50.77
CA GLU C 1050 46.14 49.23 52.12
C GLU C 1050 45.40 48.41 53.18
N GLY C 1051 44.86 47.25 52.82
CA GLY C 1051 44.13 46.42 53.77
C GLY C 1051 42.77 46.02 53.25
N LYS C 1052 42.38 46.55 52.09
CA LYS C 1052 41.10 46.25 51.47
C LYS C 1052 41.34 45.61 50.11
N ALA C 1053 40.49 44.64 49.76
CA ALA C 1053 40.65 43.92 48.51
C ALA C 1053 40.26 44.81 47.33
N TYR C 1054 40.99 44.65 46.22
CA TYR C 1054 40.74 45.40 44.98
C TYR C 1054 40.46 44.39 43.88
N PHE C 1055 39.19 44.04 43.71
CA PHE C 1055 38.78 43.05 42.72
C PHE C 1055 38.76 43.66 41.32
N PRO C 1056 38.97 42.85 40.28
CA PRO C 1056 39.00 43.40 38.92
C PRO C 1056 37.65 43.94 38.50
N ARG C 1057 37.69 45.00 37.68
CA ARG C 1057 36.47 45.50 37.05
C ARG C 1057 36.05 44.59 35.90
N GLU C 1058 36.92 44.41 34.92
CA GLU C 1058 36.71 43.45 33.85
C GLU C 1058 38.06 43.05 33.28
N GLY C 1059 38.38 41.77 33.37
CA GLY C 1059 39.68 41.25 32.99
C GLY C 1059 40.35 40.52 34.13
N VAL C 1060 41.62 40.20 33.92
CA VAL C 1060 42.42 39.48 34.90
C VAL C 1060 43.78 40.13 35.02
N PHE C 1061 44.24 40.27 36.27
CA PHE C 1061 45.59 40.77 36.52
C PHE C 1061 46.62 39.76 36.04
N VAL C 1062 47.77 40.26 35.59
CA VAL C 1062 48.85 39.42 35.10
C VAL C 1062 50.17 39.92 35.64
N PHE C 1063 51.16 39.03 35.69
CA PHE C 1063 52.53 39.37 36.06
C PHE C 1063 53.34 39.42 34.77
N ASN C 1064 53.45 40.63 34.20
CA ASN C 1064 54.15 40.79 32.93
C ASN C 1064 55.63 40.44 33.05
N GLY C 1065 56.18 40.55 34.26
CA GLY C 1065 57.57 40.20 34.48
C GLY C 1065 58.27 41.17 35.41
N THR C 1066 57.84 42.43 35.38
CA THR C 1066 58.44 43.44 36.26
C THR C 1066 57.47 43.86 37.36
N SER C 1067 56.20 44.04 37.00
CA SER C 1067 55.18 44.46 37.97
C SER C 1067 53.87 43.79 37.60
N TRP C 1068 52.78 44.25 38.21
CA TRP C 1068 51.45 43.70 37.99
C TRP C 1068 50.67 44.62 37.06
N PHE C 1069 49.96 44.03 36.10
CA PHE C 1069 49.15 44.78 35.15
C PHE C 1069 47.83 44.05 34.94
N ILE C 1070 46.83 44.80 34.46
CA ILE C 1070 45.51 44.26 34.18
C ILE C 1070 45.26 44.31 32.68
N THR C 1071 44.74 43.22 32.13
CA THR C 1071 44.51 43.13 30.69
C THR C 1071 43.29 42.25 30.43
N GLN C 1072 42.77 42.36 29.22
CA GLN C 1072 41.59 41.60 28.80
C GLN C 1072 41.96 40.14 28.54
N ARG C 1073 40.93 39.30 28.41
CA ARG C 1073 41.10 37.87 28.21
C ARG C 1073 41.33 37.48 26.76
N ASN C 1074 41.10 38.39 25.81
CA ASN C 1074 41.21 38.07 24.40
C ASN C 1074 42.42 38.68 23.71
N PHE C 1075 43.10 39.62 24.36
CA PHE C 1075 44.28 40.25 23.76
C PHE C 1075 45.15 40.79 24.87
N PHE C 1076 46.46 40.53 24.79
CA PHE C 1076 47.40 41.00 25.80
C PHE C 1076 47.66 42.48 25.57
N SER C 1077 47.01 43.32 26.39
CA SER C 1077 47.22 44.77 26.37
C SER C 1077 47.52 45.20 27.79
N PRO C 1078 48.80 45.28 28.17
CA PRO C 1078 49.14 45.66 29.54
C PRO C 1078 48.63 47.06 29.87
N GLN C 1079 48.09 47.20 31.08
CA GLN C 1079 47.60 48.48 31.56
C GLN C 1079 47.97 48.64 33.03
N ILE C 1080 48.33 49.87 33.41
CA ILE C 1080 48.67 50.13 34.81
C ILE C 1080 47.42 50.03 35.66
N ILE C 1081 47.56 49.44 36.84
CA ILE C 1081 46.42 49.25 37.73
C ILE C 1081 46.11 50.57 38.42
N THR C 1082 44.88 51.05 38.27
CA THR C 1082 44.44 52.29 38.89
C THR C 1082 43.04 52.07 39.46
N THR C 1083 42.50 53.13 40.08
CA THR C 1083 41.18 53.02 40.69
C THR C 1083 40.07 52.88 39.67
N ASP C 1084 40.34 53.19 38.40
CA ASP C 1084 39.30 53.12 37.38
C ASP C 1084 39.00 51.68 36.97
N ASN C 1085 40.04 50.85 36.83
CA ASN C 1085 39.88 49.49 36.33
C ASN C 1085 39.73 48.45 37.43
N THR C 1086 39.40 48.87 38.65
CA THR C 1086 39.13 47.94 39.73
C THR C 1086 38.13 48.55 40.69
N PHE C 1087 37.42 47.69 41.41
CA PHE C 1087 36.41 48.10 42.38
C PHE C 1087 36.72 47.45 43.73
N VAL C 1088 36.55 48.23 44.80
CA VAL C 1088 36.93 47.82 46.14
C VAL C 1088 35.73 47.18 46.82
N SER C 1089 35.96 46.05 47.48
CA SER C 1089 34.91 45.36 48.21
C SER C 1089 35.53 44.41 49.21
N GLY C 1090 35.09 44.49 50.47
CA GLY C 1090 35.56 43.59 51.49
C GLY C 1090 36.96 43.92 51.97
N SER C 1091 37.56 42.95 52.64
CA SER C 1091 38.91 43.06 53.19
C SER C 1091 39.79 41.96 52.61
N CYS C 1092 41.05 41.96 53.02
CA CYS C 1092 42.04 41.01 52.50
C CYS C 1092 42.17 39.78 53.40
N ASP C 1093 41.04 39.17 53.74
CA ASP C 1093 41.06 37.97 54.58
C ASP C 1093 40.29 36.81 53.99
N VAL C 1094 39.18 37.07 53.30
CA VAL C 1094 38.34 36.01 52.79
C VAL C 1094 38.87 35.48 51.46
N VAL C 1095 39.26 36.38 50.55
CA VAL C 1095 39.76 35.96 49.25
C VAL C 1095 41.11 35.28 49.42
N ILE C 1096 41.33 34.22 48.64
CA ILE C 1096 42.55 33.43 48.71
C ILE C 1096 43.44 33.78 47.53
N GLY C 1097 44.69 34.13 47.82
CA GLY C 1097 45.66 34.45 46.79
C GLY C 1097 45.89 35.93 46.56
N ILE C 1098 45.66 36.78 47.55
CA ILE C 1098 45.82 38.22 47.40
C ILE C 1098 47.31 38.54 47.46
N ILE C 1099 47.85 39.04 46.35
CA ILE C 1099 49.24 39.47 46.26
C ILE C 1099 49.28 40.99 46.32
N ASN C 1100 50.09 41.53 47.23
CA ASN C 1100 50.14 42.95 47.47
C ASN C 1100 50.83 43.68 46.33
N ASN C 1101 50.32 44.86 46.00
CA ASN C 1101 50.88 45.73 44.98
C ASN C 1101 50.32 47.13 45.22
N THR C 1102 50.51 48.03 44.26
CA THR C 1102 50.05 49.40 44.36
C THR C 1102 49.14 49.74 43.18
N VAL C 1103 48.25 50.71 43.41
CA VAL C 1103 47.34 51.18 42.38
C VAL C 1103 47.67 52.60 41.98
#